data_8P1F
#
_entry.id   8P1F
#
_cell.length_a   116.710
_cell.length_b   140.710
_cell.length_c   147.170
_cell.angle_alpha   90.00
_cell.angle_beta   109.68
_cell.angle_gamma   90.00
#
_symmetry.space_group_name_H-M   'P 1 21 1'
#
loop_
_entity.id
_entity.type
_entity.pdbx_description
1 polymer 'Acetylcholine-binding protein'
2 non-polymer 2-acetamido-2-deoxy-beta-D-glucopyranose
3 non-polymer '4-azanyl-1-phenyl-piperidine-4-carboxylic acid'
4 water water
#
_entity_poly.entity_id   1
_entity_poly.type   'polypeptide(L)'
_entity_poly.pdbx_seq_one_letter_code
;MRRNIFCLACLWIVQACLSLDRADILYNIRQTSRPDVIPTQRDRPVAVSVSLKFINILEVNEITNEVDVVFWQQTTWSDR
TLAWNSSHSPDQVSVPISSLWVPDLAAYNAISKPEVLTPQLARVVSDGEVLYMPSIRQRFSCDVSGVDTESGATCRIKIG
SWTHHSREISVDPTTENSDDSEYFSQYSRFEILDVTQKKNSVTYSCCPEAYEDVEVSLNFRKKGRSEILGSHHHHHH
;
_entity_poly.pdbx_strand_id   A,B,C,D,E,F,G,H,I,J,K,L,M,N,O,P,Q,R,S,T
#
loop_
_chem_comp.id
_chem_comp.type
_chem_comp.name
_chem_comp.formula
NAG D-saccharide, beta linking 2-acetamido-2-deoxy-beta-D-glucopyranose 'C8 H15 N O6'
WCW non-polymer '4-azanyl-1-phenyl-piperidine-4-carboxylic acid' 'C12 H16 N2 O2'
#
# COMPACT_ATOMS: atom_id res chain seq x y z
N LEU A 20 46.77 22.93 20.17
CA LEU A 20 46.45 21.66 19.48
C LEU A 20 47.69 21.22 18.72
N ASP A 21 47.96 19.90 18.69
CA ASP A 21 49.05 19.34 17.83
C ASP A 21 48.42 18.69 16.59
N ARG A 22 49.26 18.27 15.65
CA ARG A 22 48.84 17.69 14.35
C ARG A 22 47.95 16.47 14.60
N ALA A 23 48.34 15.60 15.54
CA ALA A 23 47.63 14.35 15.84
C ALA A 23 46.17 14.65 16.21
N ASP A 24 45.93 15.66 17.04
CA ASP A 24 44.58 16.05 17.53
C ASP A 24 43.76 16.61 16.35
N ILE A 25 44.35 17.49 15.55
CA ILE A 25 43.66 18.12 14.39
C ILE A 25 43.23 17.02 13.41
N LEU A 26 44.14 16.09 13.09
CA LEU A 26 43.88 15.01 12.11
C LEU A 26 42.88 14.02 12.69
N TYR A 27 42.91 13.77 14.00
CA TYR A 27 41.89 12.94 14.70
C TYR A 27 40.52 13.60 14.52
N ASN A 28 40.42 14.89 14.85
CA ASN A 28 39.14 15.66 14.78
C ASN A 28 38.59 15.61 13.34
N ILE A 29 39.44 15.87 12.35
CA ILE A 29 39.04 15.85 10.93
C ILE A 29 38.57 14.44 10.56
N ARG A 30 39.33 13.41 10.88
CA ARG A 30 38.97 12.00 10.53
C ARG A 30 37.63 11.65 11.18
N GLN A 31 37.39 12.06 12.41
CA GLN A 31 36.18 11.62 13.18
C GLN A 31 34.91 12.35 12.72
N THR A 32 35.01 13.59 12.22
N THR A 32 35.01 13.59 12.22
CA THR A 32 33.83 14.47 11.97
CA THR A 32 33.83 14.47 11.99
C THR A 32 33.70 14.86 10.48
C THR A 32 33.73 14.92 10.53
N SER A 33 34.72 14.52 9.69
N SER A 33 34.70 14.59 9.67
CA SER A 33 34.72 14.22 8.25
CA SER A 33 34.81 15.31 8.35
C SER A 33 33.43 13.52 7.94
C SER A 33 33.59 15.25 7.37
N ARG A 34 32.63 14.30 7.25
N ARG A 34 32.78 14.17 7.32
CA ARG A 34 31.51 13.89 6.40
CA ARG A 34 31.59 13.94 6.43
C ARG A 34 31.94 14.13 4.95
C ARG A 34 31.95 14.14 4.96
N PRO A 35 32.77 13.25 4.37
CA PRO A 35 33.25 13.41 3.00
C PRO A 35 32.17 13.45 1.92
N ASP A 36 30.97 12.94 2.23
CA ASP A 36 29.84 12.88 1.26
C ASP A 36 29.02 14.17 1.33
N VAL A 37 29.33 15.09 2.26
CA VAL A 37 28.48 16.29 2.54
C VAL A 37 29.18 17.56 2.03
N ILE A 38 28.65 18.12 0.95
CA ILE A 38 29.10 19.43 0.41
C ILE A 38 28.96 20.46 1.55
N PRO A 39 30.03 21.20 1.88
CA PRO A 39 29.98 22.14 3.00
C PRO A 39 29.36 23.51 2.63
N THR A 40 28.12 23.52 2.16
CA THR A 40 27.37 24.78 1.86
C THR A 40 27.16 25.53 3.17
N GLN A 41 27.32 26.85 3.15
CA GLN A 41 27.03 27.74 4.30
C GLN A 41 25.76 28.54 3.97
N ARG A 42 24.79 28.51 4.88
CA ARG A 42 23.46 29.15 4.74
C ARG A 42 22.97 29.09 3.30
N ASP A 43 22.98 27.91 2.66
CA ASP A 43 22.36 27.66 1.33
C ASP A 43 23.02 28.53 0.24
N ARG A 44 24.27 28.98 0.45
CA ARG A 44 25.06 29.71 -0.57
C ARG A 44 26.07 28.72 -1.15
N PRO A 45 26.43 28.84 -2.44
CA PRO A 45 27.19 27.80 -3.09
C PRO A 45 28.59 27.72 -2.49
N VAL A 46 29.22 26.53 -2.56
CA VAL A 46 30.65 26.39 -2.24
C VAL A 46 31.41 26.94 -3.46
N ALA A 47 32.25 27.94 -3.22
CA ALA A 47 33.07 28.60 -4.24
C ALA A 47 34.32 27.76 -4.42
N VAL A 48 34.44 27.09 -5.56
CA VAL A 48 35.61 26.25 -5.91
C VAL A 48 36.45 27.02 -6.92
N SER A 49 37.71 27.30 -6.61
CA SER A 49 38.69 27.90 -7.53
C SER A 49 39.46 26.77 -8.21
N VAL A 50 39.56 26.85 -9.54
CA VAL A 50 40.27 25.85 -10.39
C VAL A 50 41.21 26.60 -11.32
N SER A 51 42.46 26.15 -11.37
CA SER A 51 43.47 26.63 -12.33
C SER A 51 44.34 25.45 -12.75
N LEU A 52 44.42 25.16 -14.05
CA LEU A 52 45.31 24.11 -14.60
C LEU A 52 46.69 24.72 -14.87
N LYS A 53 47.74 24.09 -14.33
CA LYS A 53 49.15 24.36 -14.65
C LYS A 53 49.61 23.23 -15.56
N PHE A 54 49.79 23.49 -16.85
CA PHE A 54 50.21 22.46 -17.82
C PHE A 54 51.69 22.15 -17.57
N ILE A 55 52.00 20.85 -17.49
CA ILE A 55 53.38 20.36 -17.23
C ILE A 55 53.92 19.74 -18.51
N ASN A 56 53.07 19.06 -19.28
CA ASN A 56 53.54 18.35 -20.48
C ASN A 56 52.36 18.12 -21.43
N ILE A 57 52.68 18.09 -22.72
CA ILE A 57 51.80 17.61 -23.82
C ILE A 57 52.53 16.42 -24.43
N LEU A 58 51.98 15.21 -24.25
CA LEU A 58 52.69 13.93 -24.51
C LEU A 58 52.40 13.44 -25.93
N GLU A 59 51.16 13.62 -26.37
CA GLU A 59 50.67 13.05 -27.65
C GLU A 59 49.55 13.93 -28.18
N VAL A 60 49.55 14.14 -29.48
CA VAL A 60 48.61 15.03 -30.20
C VAL A 60 48.29 14.33 -31.51
N ASN A 61 47.02 14.31 -31.92
CA ASN A 61 46.60 13.65 -33.17
C ASN A 61 45.64 14.60 -33.88
N GLU A 62 46.12 15.23 -34.97
CA GLU A 62 45.38 16.25 -35.75
C GLU A 62 44.22 15.56 -36.50
N ILE A 63 44.38 14.28 -36.84
CA ILE A 63 43.36 13.47 -37.55
C ILE A 63 42.17 13.23 -36.61
N THR A 64 42.41 12.71 -35.40
CA THR A 64 41.36 12.29 -34.42
C THR A 64 40.94 13.45 -33.52
N ASN A 65 41.71 14.55 -33.49
CA ASN A 65 41.46 15.72 -32.60
C ASN A 65 41.48 15.24 -31.14
N GLU A 66 42.57 14.58 -30.76
CA GLU A 66 42.81 14.05 -29.39
C GLU A 66 44.16 14.56 -28.89
N VAL A 67 44.22 14.97 -27.64
CA VAL A 67 45.49 15.35 -26.94
C VAL A 67 45.60 14.52 -25.66
N ASP A 68 46.84 14.17 -25.30
CA ASP A 68 47.23 13.51 -24.05
C ASP A 68 48.11 14.50 -23.30
N VAL A 69 47.66 14.97 -22.14
CA VAL A 69 48.29 16.10 -21.41
C VAL A 69 48.48 15.74 -19.93
N VAL A 70 49.50 16.33 -19.30
CA VAL A 70 49.75 16.29 -17.85
C VAL A 70 49.62 17.71 -17.33
N PHE A 71 48.80 17.92 -16.31
CA PHE A 71 48.58 19.24 -15.66
C PHE A 71 48.40 19.06 -14.15
N TRP A 72 48.77 20.09 -13.40
CA TRP A 72 48.42 20.24 -11.96
C TRP A 72 47.10 20.98 -11.89
N GLN A 73 46.09 20.34 -11.29
CA GLN A 73 44.72 20.89 -11.16
C GLN A 73 44.62 21.57 -9.80
N GLN A 74 45.13 22.80 -9.70
CA GLN A 74 45.08 23.62 -8.46
C GLN A 74 43.60 23.89 -8.13
N THR A 75 43.14 23.34 -7.00
CA THR A 75 41.73 23.37 -6.57
C THR A 75 41.69 23.88 -5.13
N THR A 76 40.88 24.90 -4.86
CA THR A 76 40.72 25.49 -3.51
C THR A 76 39.24 25.72 -3.24
N TRP A 77 38.86 25.56 -1.98
CA TRP A 77 37.51 25.82 -1.48
C TRP A 77 37.59 25.89 0.03
N SER A 78 36.52 26.30 0.68
CA SER A 78 36.44 26.45 2.14
C SER A 78 35.49 25.38 2.68
N ASP A 79 35.91 24.71 3.75
CA ASP A 79 35.04 23.81 4.56
C ASP A 79 35.26 24.20 6.03
N ARG A 80 34.33 24.98 6.59
CA ARG A 80 34.44 25.56 7.95
C ARG A 80 34.41 24.45 9.00
N THR A 81 33.87 23.27 8.68
CA THR A 81 33.80 22.13 9.65
C THR A 81 35.22 21.60 9.93
N LEU A 82 36.21 21.92 9.09
CA LEU A 82 37.62 21.49 9.27
C LEU A 82 38.40 22.47 10.16
N ALA A 83 37.86 23.67 10.41
CA ALA A 83 38.60 24.81 11.01
C ALA A 83 38.98 24.48 12.44
N TRP A 84 40.13 25.00 12.90
CA TRP A 84 40.57 24.90 14.31
C TRP A 84 41.21 26.23 14.73
N ASN A 85 41.34 26.45 16.04
CA ASN A 85 42.02 27.62 16.65
C ASN A 85 43.54 27.50 16.40
N SER A 86 44.11 28.39 15.59
CA SER A 86 45.53 28.35 15.15
C SER A 86 46.49 28.79 16.27
N SER A 87 45.99 29.42 17.34
CA SER A 87 46.83 29.86 18.49
C SER A 87 47.55 28.64 19.09
N HIS A 88 48.87 28.67 19.12
CA HIS A 88 49.78 27.59 19.62
C HIS A 88 49.47 26.27 18.89
N SER A 89 49.16 26.32 17.59
CA SER A 89 48.83 25.14 16.75
C SER A 89 49.45 25.32 15.37
N PRO A 90 49.59 24.24 14.58
CA PRO A 90 49.95 24.37 13.16
C PRO A 90 48.95 25.27 12.41
N ASP A 91 49.42 25.99 11.41
CA ASP A 91 48.57 26.80 10.50
C ASP A 91 47.94 25.88 9.44
N GLN A 92 48.59 24.75 9.12
CA GLN A 92 48.16 23.84 8.03
C GLN A 92 48.49 22.38 8.39
N VAL A 93 47.71 21.43 7.88
CA VAL A 93 48.02 19.98 7.95
C VAL A 93 47.77 19.34 6.59
N SER A 94 48.44 18.22 6.33
CA SER A 94 48.22 17.35 5.15
C SER A 94 47.18 16.28 5.53
N VAL A 95 46.12 16.17 4.74
CA VAL A 95 44.97 15.27 5.01
C VAL A 95 44.72 14.42 3.77
N PRO A 96 44.55 13.09 3.91
CA PRO A 96 44.16 12.26 2.78
C PRO A 96 42.77 12.72 2.31
N ILE A 97 42.55 12.80 1.00
CA ILE A 97 41.27 13.34 0.43
C ILE A 97 40.12 12.39 0.78
N SER A 98 40.39 11.12 1.08
CA SER A 98 39.35 10.16 1.54
C SER A 98 38.73 10.64 2.86
N SER A 99 39.41 11.51 3.60
CA SER A 99 38.89 12.09 4.88
C SER A 99 38.22 13.46 4.67
N LEU A 100 38.04 13.93 3.44
CA LEU A 100 37.47 15.30 3.17
C LEU A 100 36.37 15.20 2.12
N TRP A 101 35.41 16.11 2.17
CA TRP A 101 34.60 16.42 0.96
C TRP A 101 35.52 17.05 -0.06
N VAL A 102 35.43 16.59 -1.31
CA VAL A 102 36.19 17.11 -2.46
C VAL A 102 35.17 17.39 -3.57
N PRO A 103 35.33 18.49 -4.33
CA PRO A 103 34.44 18.77 -5.45
C PRO A 103 34.42 17.61 -6.45
N ASP A 104 33.24 17.23 -6.93
CA ASP A 104 33.06 16.17 -7.97
C ASP A 104 33.36 16.76 -9.35
N LEU A 105 34.56 17.33 -9.55
CA LEU A 105 34.96 17.95 -10.83
C LEU A 105 35.15 16.85 -11.87
N ALA A 106 34.74 17.14 -13.10
CA ALA A 106 34.97 16.31 -14.29
C ALA A 106 35.29 17.22 -15.46
N ALA A 107 36.15 16.74 -16.36
CA ALA A 107 36.40 17.36 -17.68
C ALA A 107 35.31 16.85 -18.63
N TYR A 108 34.43 17.74 -19.10
CA TYR A 108 33.24 17.39 -19.91
C TYR A 108 33.67 16.77 -21.25
N ASN A 109 34.87 17.09 -21.74
CA ASN A 109 35.39 16.58 -23.04
C ASN A 109 36.56 15.61 -22.83
N ALA A 110 36.70 15.01 -21.64
CA ALA A 110 37.70 13.95 -21.37
C ALA A 110 37.27 12.68 -22.09
N ILE A 111 38.22 11.93 -22.63
CA ILE A 111 37.97 10.61 -23.27
C ILE A 111 38.75 9.52 -22.55
N SER A 112 39.38 9.83 -21.41
CA SER A 112 40.02 8.86 -20.50
C SER A 112 39.74 9.26 -19.05
N LYS A 113 39.83 8.31 -18.12
CA LYS A 113 39.74 8.58 -16.67
C LYS A 113 40.92 9.45 -16.29
N PRO A 114 40.77 10.44 -15.38
CA PRO A 114 41.93 11.17 -14.87
C PRO A 114 42.86 10.18 -14.17
N GLU A 115 44.12 10.10 -14.61
CA GLU A 115 45.19 9.29 -13.98
C GLU A 115 45.93 10.22 -13.01
N VAL A 116 45.70 10.07 -11.72
CA VAL A 116 46.34 10.92 -10.66
C VAL A 116 47.73 10.35 -10.40
N LEU A 117 48.77 11.17 -10.60
CA LEU A 117 50.19 10.73 -10.58
C LEU A 117 50.79 10.97 -9.19
N THR A 118 50.10 11.70 -8.31
CA THR A 118 50.65 12.23 -7.06
C THR A 118 49.91 11.67 -5.86
N PRO A 119 50.52 11.69 -4.66
CA PRO A 119 49.84 11.27 -3.44
C PRO A 119 48.53 12.04 -3.25
N GLN A 120 47.46 11.33 -2.89
CA GLN A 120 46.09 11.88 -2.80
C GLN A 120 45.91 12.55 -1.43
N LEU A 121 46.68 13.59 -1.17
CA LEU A 121 46.64 14.42 0.07
C LEU A 121 46.27 15.83 -0.34
N ALA A 122 45.50 16.52 0.50
CA ALA A 122 45.22 17.96 0.37
C ALA A 122 45.85 18.66 1.58
N ARG A 123 46.07 19.96 1.43
CA ARG A 123 46.49 20.87 2.53
C ARG A 123 45.22 21.51 3.10
N VAL A 124 45.02 21.42 4.41
CA VAL A 124 43.92 22.12 5.11
C VAL A 124 44.52 23.22 5.99
N VAL A 125 44.09 24.45 5.80
CA VAL A 125 44.50 25.64 6.60
C VAL A 125 43.55 25.72 7.81
N SER A 126 44.01 26.31 8.92
CA SER A 126 43.28 26.40 10.20
C SER A 126 41.92 27.07 10.05
N ASP A 127 41.75 27.92 9.02
CA ASP A 127 40.46 28.62 8.75
C ASP A 127 39.51 27.74 7.92
N GLY A 128 39.95 26.53 7.51
CA GLY A 128 39.09 25.56 6.81
C GLY A 128 39.23 25.67 5.30
N GLU A 129 40.17 26.48 4.81
CA GLU A 129 40.54 26.49 3.38
C GLU A 129 41.25 25.19 3.05
N VAL A 130 40.85 24.55 1.96
CA VAL A 130 41.47 23.30 1.43
C VAL A 130 42.19 23.64 0.12
N LEU A 131 43.44 23.20 0.01
CA LEU A 131 44.25 23.28 -1.24
C LEU A 131 44.55 21.85 -1.69
N TYR A 132 43.95 21.44 -2.80
CA TYR A 132 44.16 20.11 -3.40
C TYR A 132 44.70 20.36 -4.81
N MET A 133 45.90 19.87 -5.10
CA MET A 133 46.56 20.07 -6.41
C MET A 133 47.15 18.75 -6.89
N PRO A 134 46.31 17.84 -7.43
CA PRO A 134 46.82 16.62 -8.03
C PRO A 134 47.51 16.92 -9.36
N SER A 135 48.55 16.16 -9.68
CA SER A 135 49.07 16.01 -11.05
C SER A 135 48.24 14.95 -11.76
N ILE A 136 47.62 15.33 -12.87
CA ILE A 136 46.68 14.47 -13.64
C ILE A 136 47.21 14.33 -15.06
N ARG A 137 47.26 13.08 -15.53
CA ARG A 137 47.40 12.76 -16.96
C ARG A 137 46.03 12.35 -17.48
N GLN A 138 45.57 12.99 -18.55
CA GLN A 138 44.22 12.74 -19.12
C GLN A 138 44.22 13.05 -20.62
N ARG A 139 43.37 12.33 -21.37
CA ARG A 139 43.22 12.50 -22.84
C ARG A 139 41.91 13.27 -23.08
N PHE A 140 41.91 14.19 -24.04
CA PHE A 140 40.74 15.04 -24.36
C PHE A 140 40.45 15.01 -25.87
N SER A 141 39.17 15.17 -26.21
CA SER A 141 38.64 15.52 -27.55
C SER A 141 38.56 17.04 -27.62
N CYS A 142 39.39 17.64 -28.47
CA CYS A 142 39.45 19.13 -28.64
C CYS A 142 40.10 19.49 -29.99
N ASP A 143 40.05 20.76 -30.35
CA ASP A 143 40.52 21.29 -31.66
C ASP A 143 42.06 21.26 -31.70
N VAL A 144 42.61 20.28 -32.43
CA VAL A 144 44.08 20.12 -32.62
C VAL A 144 44.51 20.78 -33.95
N SER A 145 43.57 21.25 -34.76
CA SER A 145 43.86 21.87 -36.09
C SER A 145 44.81 23.05 -35.90
N GLY A 146 45.88 23.10 -36.70
CA GLY A 146 46.84 24.22 -36.75
C GLY A 146 47.98 24.03 -35.76
N VAL A 147 48.17 22.81 -35.25
CA VAL A 147 49.22 22.49 -34.23
C VAL A 147 50.62 22.72 -34.84
N ASP A 148 50.77 22.51 -36.16
CA ASP A 148 52.06 22.60 -36.87
C ASP A 148 52.30 24.01 -37.44
N THR A 149 51.37 24.94 -37.22
CA THR A 149 51.46 26.34 -37.70
C THR A 149 52.06 27.21 -36.59
N GLU A 150 52.29 28.49 -36.89
CA GLU A 150 52.90 29.48 -35.96
C GLU A 150 51.84 29.96 -34.97
N SER A 151 50.60 30.13 -35.42
CA SER A 151 49.43 30.48 -34.57
C SER A 151 49.12 29.33 -33.59
N GLY A 152 49.38 28.09 -34.00
CA GLY A 152 49.22 26.87 -33.17
C GLY A 152 47.76 26.44 -33.07
N ALA A 153 47.51 25.32 -32.39
CA ALA A 153 46.15 24.82 -32.05
C ALA A 153 45.66 25.51 -30.78
N THR A 154 44.34 25.67 -30.66
CA THR A 154 43.67 26.07 -29.40
C THR A 154 42.75 24.91 -28.98
N CYS A 155 43.18 24.17 -27.95
CA CYS A 155 42.45 23.02 -27.36
C CYS A 155 41.72 23.50 -26.10
N ARG A 156 40.38 23.46 -26.12
CA ARG A 156 39.52 23.92 -25.02
C ARG A 156 39.16 22.71 -24.14
N ILE A 157 39.47 22.80 -22.84
CA ILE A 157 39.15 21.78 -21.80
C ILE A 157 38.14 22.42 -20.85
N LYS A 158 36.98 21.80 -20.68
CA LYS A 158 35.88 22.32 -19.82
C LYS A 158 35.80 21.48 -18.54
N ILE A 159 35.97 22.09 -17.37
CA ILE A 159 35.98 21.40 -16.06
C ILE A 159 34.93 22.03 -15.15
N GLY A 160 33.99 21.22 -14.67
CA GLY A 160 32.96 21.65 -13.69
C GLY A 160 32.47 20.49 -12.85
N SER A 161 31.60 20.78 -11.90
CA SER A 161 30.95 19.76 -11.04
C SER A 161 30.12 18.85 -11.94
N TRP A 162 30.19 17.53 -11.70
CA TRP A 162 29.38 16.56 -12.47
C TRP A 162 27.92 16.60 -11.99
N THR A 163 27.65 16.80 -10.70
CA THR A 163 26.28 16.64 -10.14
C THR A 163 25.79 17.86 -9.38
N HIS A 164 26.63 18.84 -9.09
CA HIS A 164 26.23 20.05 -8.33
C HIS A 164 26.05 21.22 -9.29
N HIS A 165 24.85 21.82 -9.33
CA HIS A 165 24.52 22.98 -10.19
C HIS A 165 24.94 24.27 -9.49
N SER A 166 24.73 25.41 -10.15
CA SER A 166 25.26 26.76 -9.77
C SER A 166 24.84 27.16 -8.34
N ARG A 167 23.72 26.65 -7.85
CA ARG A 167 23.23 27.01 -6.49
C ARG A 167 24.02 26.24 -5.41
N GLU A 168 24.79 25.22 -5.77
CA GLU A 168 25.51 24.37 -4.77
C GLU A 168 27.02 24.53 -4.92
N ILE A 169 27.51 24.55 -6.16
CA ILE A 169 28.95 24.81 -6.48
C ILE A 169 29.04 25.91 -7.52
N SER A 170 29.90 26.90 -7.29
CA SER A 170 30.38 27.85 -8.31
C SER A 170 31.84 27.53 -8.59
N VAL A 171 32.26 27.68 -9.86
CA VAL A 171 33.65 27.42 -10.28
C VAL A 171 34.21 28.78 -10.73
N ASP A 172 35.31 29.21 -10.14
CA ASP A 172 35.95 30.48 -10.54
C ASP A 172 37.38 30.16 -10.95
N PRO A 173 37.86 30.70 -12.09
CA PRO A 173 39.28 30.57 -12.43
C PRO A 173 40.08 31.51 -11.51
N THR A 174 41.33 31.18 -11.19
CA THR A 174 42.28 32.08 -10.45
C THR A 174 42.44 33.50 -11.08
N ASP A 179 52.41 34.20 -15.97
CA ASP A 179 52.90 33.11 -15.10
C ASP A 179 52.79 31.78 -15.86
N ASP A 180 52.09 31.76 -17.02
CA ASP A 180 51.92 30.53 -17.84
C ASP A 180 53.29 30.10 -18.37
N SER A 181 53.58 28.80 -18.27
CA SER A 181 54.84 28.16 -18.72
C SER A 181 55.94 28.28 -17.67
N GLU A 182 55.65 28.75 -16.45
CA GLU A 182 56.57 28.53 -15.30
C GLU A 182 56.76 27.03 -15.00
N TYR A 183 55.76 26.22 -15.28
CA TYR A 183 55.59 24.80 -14.89
C TYR A 183 55.86 23.85 -16.07
N PHE A 184 55.83 24.35 -17.31
CA PHE A 184 55.81 23.52 -18.52
C PHE A 184 57.21 22.93 -18.74
N SER A 185 57.27 21.66 -19.13
CA SER A 185 58.53 20.93 -19.37
C SER A 185 59.26 21.54 -20.57
N GLN A 186 60.52 21.91 -20.39
CA GLN A 186 61.40 22.40 -21.49
C GLN A 186 61.65 21.27 -22.50
N TYR A 187 61.41 20.01 -22.13
CA TYR A 187 61.78 18.83 -22.96
C TYR A 187 60.60 18.34 -23.80
N SER A 188 59.43 18.96 -23.67
CA SER A 188 58.25 18.67 -24.54
C SER A 188 58.59 18.95 -26.00
N ARG A 189 58.05 18.16 -26.94
CA ARG A 189 58.06 18.45 -28.39
C ARG A 189 57.23 19.69 -28.68
N PHE A 190 56.34 20.08 -27.75
CA PHE A 190 55.41 21.20 -27.92
C PHE A 190 55.84 22.37 -27.03
N GLU A 191 55.31 23.55 -27.34
CA GLU A 191 55.49 24.76 -26.50
C GLU A 191 54.13 25.43 -26.37
N ILE A 192 53.95 26.13 -25.26
CA ILE A 192 52.68 26.83 -24.93
C ILE A 192 52.82 28.28 -25.37
N LEU A 193 51.90 28.74 -26.21
CA LEU A 193 51.81 30.15 -26.67
C LEU A 193 50.97 30.93 -25.65
N ASP A 194 49.85 30.37 -25.22
CA ASP A 194 48.95 31.05 -24.25
C ASP A 194 48.01 30.04 -23.59
N VAL A 195 47.67 30.30 -22.33
CA VAL A 195 46.60 29.58 -21.58
C VAL A 195 45.65 30.64 -21.03
N THR A 196 44.39 30.61 -21.44
CA THR A 196 43.34 31.47 -20.87
C THR A 196 42.32 30.56 -20.19
N GLN A 197 41.85 30.99 -19.01
CA GLN A 197 40.92 30.22 -18.15
C GLN A 197 39.76 31.18 -17.86
N LYS A 198 38.57 30.88 -18.38
CA LYS A 198 37.39 31.75 -18.27
C LYS A 198 36.23 30.94 -17.69
N LYS A 199 35.41 31.59 -16.87
CA LYS A 199 34.15 31.02 -16.33
C LYS A 199 33.17 30.87 -17.50
N ASN A 200 32.42 29.77 -17.51
CA ASN A 200 31.28 29.57 -18.43
C ASN A 200 30.19 28.81 -17.65
N SER A 201 29.07 28.57 -18.28
CA SER A 201 27.91 27.80 -17.76
C SER A 201 27.40 26.93 -18.90
N VAL A 202 27.08 25.68 -18.61
CA VAL A 202 26.47 24.75 -19.61
C VAL A 202 25.09 24.33 -19.07
N THR A 203 24.10 24.40 -19.95
CA THR A 203 22.72 23.91 -19.75
C THR A 203 22.46 22.92 -20.89
N TYR A 204 21.88 21.76 -20.58
CA TYR A 204 21.45 20.74 -21.56
C TYR A 204 19.94 20.62 -21.47
N SER A 205 19.28 20.19 -22.57
CA SER A 205 17.82 19.98 -22.68
C SER A 205 17.33 18.94 -21.64
N CYS A 206 18.19 17.99 -21.23
CA CYS A 206 17.85 16.90 -20.26
C CYS A 206 17.45 17.52 -18.91
N CYS A 207 18.13 18.60 -18.52
CA CYS A 207 18.37 18.97 -17.11
C CYS A 207 18.17 20.47 -16.93
N PRO A 208 17.17 20.91 -16.14
CA PRO A 208 16.78 22.33 -16.08
C PRO A 208 17.81 23.27 -15.43
N GLU A 209 18.83 22.73 -14.78
CA GLU A 209 19.82 23.52 -13.99
C GLU A 209 21.03 23.86 -14.86
N ALA A 210 21.67 24.98 -14.54
CA ALA A 210 22.95 25.44 -15.13
C ALA A 210 24.11 24.89 -14.29
N TYR A 211 25.14 24.36 -14.96
CA TYR A 211 26.39 23.83 -14.36
C TYR A 211 27.53 24.78 -14.71
N GLU A 212 28.15 25.37 -13.68
CA GLU A 212 29.31 26.26 -13.87
C GLU A 212 30.53 25.41 -14.22
N ASP A 213 31.32 25.91 -15.16
CA ASP A 213 32.61 25.27 -15.54
C ASP A 213 33.66 26.37 -15.69
N VAL A 214 34.92 25.95 -15.68
CA VAL A 214 36.07 26.76 -16.14
C VAL A 214 36.45 26.20 -17.51
N GLU A 215 36.49 27.06 -18.51
CA GLU A 215 36.94 26.75 -19.88
C GLU A 215 38.42 27.13 -19.97
N VAL A 216 39.28 26.15 -20.21
CA VAL A 216 40.75 26.34 -20.29
C VAL A 216 41.12 26.23 -21.76
N SER A 217 41.58 27.34 -22.35
CA SER A 217 42.03 27.38 -23.76
C SER A 217 43.54 27.24 -23.79
N LEU A 218 44.01 26.08 -24.24
CA LEU A 218 45.45 25.75 -24.34
C LEU A 218 45.87 26.04 -25.79
N ASN A 219 46.51 27.20 -26.01
CA ASN A 219 47.08 27.60 -27.31
C ASN A 219 48.53 27.14 -27.32
N PHE A 220 48.84 26.13 -28.14
CA PHE A 220 50.15 25.45 -28.16
C PHE A 220 50.49 25.06 -29.61
N ARG A 221 51.76 24.74 -29.88
CA ARG A 221 52.21 24.29 -31.22
C ARG A 221 53.41 23.36 -31.09
N LYS A 222 53.66 22.54 -32.12
CA LYS A 222 54.89 21.72 -32.24
C LYS A 222 56.08 22.68 -32.38
N LYS A 223 57.24 22.31 -31.83
CA LYS A 223 58.51 23.07 -31.99
C LYS A 223 59.11 22.71 -33.34
N LEU B 20 15.14 19.47 7.41
CA LEU B 20 16.31 18.58 7.28
C LEU B 20 17.38 19.29 6.45
N ASP B 21 18.65 19.11 6.79
CA ASP B 21 19.78 19.62 5.96
C ASP B 21 20.40 18.43 5.19
N ARG B 22 21.33 18.74 4.29
CA ARG B 22 22.00 17.76 3.40
C ARG B 22 22.66 16.67 4.24
N ALA B 23 23.37 17.05 5.31
CA ALA B 23 24.14 16.13 6.16
C ALA B 23 23.20 15.06 6.72
N ASP B 24 22.01 15.45 7.20
CA ASP B 24 21.02 14.53 7.82
C ASP B 24 20.47 13.57 6.75
N ILE B 25 20.09 14.10 5.59
CA ILE B 25 19.51 13.29 4.48
C ILE B 25 20.53 12.24 4.05
N LEU B 26 21.79 12.66 3.85
CA LEU B 26 22.87 11.75 3.38
C LEU B 26 23.22 10.73 4.45
N TYR B 27 23.16 11.13 5.73
CA TYR B 27 23.35 10.20 6.87
C TYR B 27 22.24 9.13 6.82
N ASN B 28 20.98 9.56 6.72
CA ASN B 28 19.80 8.66 6.71
C ASN B 28 19.92 7.68 5.54
N ILE B 29 20.26 8.17 4.35
CA ILE B 29 20.41 7.31 3.15
C ILE B 29 21.56 6.31 3.39
N ARG B 30 22.72 6.77 3.84
CA ARG B 30 23.90 5.89 4.07
C ARG B 30 23.52 4.80 5.10
N GLN B 31 22.77 5.14 6.14
CA GLN B 31 22.49 4.21 7.28
C GLN B 31 21.43 3.17 6.93
N THR B 32 20.49 3.48 6.02
N THR B 32 20.49 3.48 6.02
CA THR B 32 19.29 2.64 5.76
CA THR B 32 19.28 2.64 5.77
C THR B 32 19.22 2.13 4.30
C THR B 32 19.22 2.13 4.32
N SER B 33 20.13 2.62 3.45
N SER B 33 20.09 2.65 3.48
CA SER B 33 20.38 2.24 2.02
CA SER B 33 20.64 2.07 2.24
C SER B 33 19.67 0.96 1.48
C SER B 33 20.78 0.56 2.39
N ARG B 34 20.14 -0.22 1.90
N ARG B 34 19.92 -0.12 1.63
CA ARG B 34 19.97 -1.58 1.29
CA ARG B 34 19.96 -1.55 1.29
C ARG B 34 20.29 -1.61 -0.20
C ARG B 34 20.30 -1.63 -0.20
N PRO B 35 21.57 -1.41 -0.58
CA PRO B 35 21.96 -1.36 -1.99
C PRO B 35 21.74 -2.67 -2.77
N ASP B 36 21.57 -3.79 -2.08
CA ASP B 36 21.37 -5.13 -2.67
C ASP B 36 19.89 -5.39 -2.88
N VAL B 37 19.00 -4.50 -2.44
CA VAL B 37 17.52 -4.72 -2.44
C VAL B 37 16.85 -3.87 -3.53
N ILE B 38 16.42 -4.53 -4.61
CA ILE B 38 15.61 -3.89 -5.68
C ILE B 38 14.38 -3.30 -5.01
N PRO B 39 14.08 -2.00 -5.21
CA PRO B 39 12.96 -1.36 -4.53
C PRO B 39 11.61 -1.57 -5.23
N THR B 40 11.19 -2.82 -5.40
CA THR B 40 9.86 -3.17 -5.99
C THR B 40 8.78 -2.66 -5.05
N GLN B 41 7.70 -2.10 -5.59
CA GLN B 41 6.51 -1.66 -4.82
C GLN B 41 5.38 -2.64 -5.15
N ARG B 42 4.73 -3.18 -4.12
CA ARG B 42 3.56 -4.08 -4.23
C ARG B 42 3.71 -5.01 -5.44
N ASP B 43 4.85 -5.70 -5.57
CA ASP B 43 5.08 -6.78 -6.57
C ASP B 43 4.95 -6.24 -8.00
N ARG B 44 5.15 -4.93 -8.22
CA ARG B 44 5.17 -4.30 -9.56
C ARG B 44 6.63 -4.04 -9.90
N PRO B 45 7.02 -4.07 -11.19
CA PRO B 45 8.43 -3.97 -11.54
C PRO B 45 8.94 -2.57 -11.21
N VAL B 46 10.25 -2.44 -10.99
CA VAL B 46 10.94 -1.12 -10.98
C VAL B 46 11.05 -0.69 -12.43
N ALA B 47 10.46 0.47 -12.75
CA ALA B 47 10.52 1.07 -14.09
C ALA B 47 11.84 1.83 -14.20
N VAL B 48 12.76 1.32 -15.01
CA VAL B 48 14.09 1.95 -15.27
C VAL B 48 14.04 2.61 -16.64
N SER B 49 14.26 3.92 -16.72
CA SER B 49 14.39 4.66 -17.99
C SER B 49 15.87 4.75 -18.34
N VAL B 50 16.21 4.43 -19.59
CA VAL B 50 17.60 4.44 -20.11
C VAL B 50 17.61 5.20 -21.42
N SER B 51 18.53 6.15 -21.56
CA SER B 51 18.77 6.93 -22.79
C SER B 51 20.25 7.21 -22.92
N LEU B 52 20.88 6.79 -24.02
CA LEU B 52 22.31 7.08 -24.30
C LEU B 52 22.40 8.43 -25.02
N LYS B 53 23.21 9.34 -24.50
CA LYS B 53 23.63 10.60 -25.17
C LYS B 53 25.05 10.37 -25.66
N PHE B 54 25.23 10.20 -26.98
CA PHE B 54 26.56 9.92 -27.57
C PHE B 54 27.36 11.22 -27.50
N ILE B 55 28.60 11.12 -27.03
CA ILE B 55 29.53 12.27 -26.89
C ILE B 55 30.62 12.15 -27.95
N ASN B 56 31.07 10.93 -28.22
CA ASN B 56 32.19 10.72 -29.17
C ASN B 56 32.15 9.29 -29.71
N ILE B 57 32.63 9.14 -30.93
CA ILE B 57 32.97 7.85 -31.58
C ILE B 57 34.48 7.91 -31.84
N LEU B 58 35.26 7.12 -31.13
CA LEU B 58 36.74 7.25 -31.03
C LEU B 58 37.42 6.37 -32.07
N GLU B 59 36.87 5.18 -32.30
CA GLU B 59 37.50 4.18 -33.19
C GLU B 59 36.39 3.30 -33.75
N VAL B 60 36.55 2.94 -35.02
CA VAL B 60 35.57 2.13 -35.79
C VAL B 60 36.41 1.18 -36.66
N ASN B 61 36.01 -0.07 -36.76
CA ASN B 61 36.71 -1.08 -37.59
C ASN B 61 35.66 -1.84 -38.39
N GLU B 62 35.58 -1.56 -39.70
CA GLU B 62 34.58 -2.15 -40.63
C GLU B 62 34.90 -3.63 -40.84
N ILE B 63 36.17 -4.02 -40.72
CA ILE B 63 36.64 -5.43 -40.87
C ILE B 63 36.10 -6.26 -39.68
N THR B 64 36.37 -5.81 -38.44
CA THR B 64 36.05 -6.57 -37.19
C THR B 64 34.62 -6.26 -36.71
N ASN B 65 33.97 -5.23 -37.23
CA ASN B 65 32.62 -4.79 -36.80
C ASN B 65 32.67 -4.44 -35.29
N GLU B 66 33.60 -3.56 -34.93
CA GLU B 66 33.81 -3.06 -33.55
C GLU B 66 33.80 -1.54 -33.55
N VAL B 67 33.13 -0.94 -32.57
CA VAL B 67 33.14 0.53 -32.34
C VAL B 67 33.57 0.78 -30.89
N ASP B 68 34.31 1.88 -30.69
CA ASP B 68 34.73 2.41 -29.37
C ASP B 68 34.04 3.76 -29.24
N VAL B 69 33.15 3.88 -28.25
CA VAL B 69 32.23 5.05 -28.11
C VAL B 69 32.28 5.58 -26.68
N VAL B 70 32.03 6.88 -26.53
CA VAL B 70 31.79 7.57 -25.23
C VAL B 70 30.35 8.07 -25.25
N PHE B 71 29.57 7.72 -24.24
CA PHE B 71 28.16 8.15 -24.09
C PHE B 71 27.85 8.41 -22.62
N TRP B 72 26.89 9.31 -22.38
CA TRP B 72 26.25 9.52 -21.07
C TRP B 72 25.05 8.57 -21.00
N GLN B 73 25.04 7.67 -20.04
CA GLN B 73 23.98 6.64 -19.87
C GLN B 73 22.98 7.20 -18.86
N GLN B 74 22.07 8.07 -19.32
CA GLN B 74 21.02 8.66 -18.49
C GLN B 74 20.10 7.54 -18.01
N THR B 75 20.07 7.32 -16.70
CA THR B 75 19.35 6.22 -16.03
C THR B 75 18.51 6.83 -14.91
N THR B 76 17.21 6.53 -14.89
CA THR B 76 16.29 7.04 -13.85
C THR B 76 15.40 5.90 -13.40
N TRP B 77 15.05 5.95 -12.12
CA TRP B 77 14.12 4.99 -11.48
C TRP B 77 13.70 5.61 -10.16
N SER B 78 12.72 5.00 -9.52
CA SER B 78 12.15 5.47 -8.24
C SER B 78 12.54 4.46 -7.16
N ASP B 79 13.03 4.96 -6.02
CA ASP B 79 13.24 4.17 -4.79
C ASP B 79 12.62 4.97 -3.63
N ARG B 80 11.41 4.60 -3.23
CA ARG B 80 10.60 5.35 -2.23
C ARG B 80 11.28 5.29 -0.85
N THR B 81 12.14 4.31 -0.60
CA THR B 81 12.87 4.19 0.70
C THR B 81 13.87 5.35 0.87
N LEU B 82 14.22 6.06 -0.21
CA LEU B 82 15.15 7.23 -0.17
C LEU B 82 14.40 8.53 0.14
N ALA B 83 13.06 8.54 0.03
CA ALA B 83 12.25 9.77 0.06
C ALA B 83 12.37 10.48 1.41
N TRP B 84 12.28 11.81 1.40
CA TRP B 84 12.20 12.63 2.65
C TRP B 84 11.22 13.78 2.42
N ASN B 85 10.76 14.38 3.51
CA ASN B 85 9.86 15.57 3.51
C ASN B 85 10.66 16.79 3.03
N SER B 86 10.31 17.32 1.86
CA SER B 86 11.07 18.42 1.18
C SER B 86 10.80 19.78 1.84
N SER B 87 9.77 19.91 2.70
CA SER B 87 9.45 21.18 3.40
C SER B 87 10.67 21.62 4.21
N HIS B 88 11.19 22.82 3.94
CA HIS B 88 12.39 23.42 4.59
C HIS B 88 13.59 22.48 4.49
N SER B 89 13.74 21.79 3.36
CA SER B 89 14.84 20.84 3.08
C SER B 89 15.27 20.98 1.63
N PRO B 90 16.48 20.50 1.25
CA PRO B 90 16.85 20.41 -0.16
C PRO B 90 15.85 19.55 -0.94
N ASP B 91 15.63 19.87 -2.22
CA ASP B 91 14.79 19.07 -3.14
C ASP B 91 15.60 17.88 -3.67
N GLN B 92 16.93 17.98 -3.70
CA GLN B 92 17.85 16.97 -4.29
C GLN B 92 19.16 16.92 -3.51
N VAL B 93 19.78 15.75 -3.45
CA VAL B 93 21.18 15.59 -2.93
C VAL B 93 21.96 14.70 -3.89
N SER B 94 23.28 14.85 -3.87
CA SER B 94 24.26 13.97 -4.56
C SER B 94 24.66 12.84 -3.63
N VAL B 95 24.52 11.59 -4.06
CA VAL B 95 24.73 10.37 -3.24
C VAL B 95 25.68 9.45 -3.98
N PRO B 96 26.72 8.92 -3.31
CA PRO B 96 27.59 7.92 -3.93
C PRO B 96 26.73 6.68 -4.26
N ILE B 97 26.92 6.08 -5.42
CA ILE B 97 26.07 4.94 -5.89
C ILE B 97 26.31 3.72 -4.99
N SER B 98 27.44 3.64 -4.28
CA SER B 98 27.71 2.57 -3.29
C SER B 98 26.66 2.60 -2.17
N SER B 99 25.97 3.73 -1.97
CA SER B 99 24.92 3.88 -0.93
C SER B 99 23.52 3.65 -1.52
N LEU B 100 23.36 3.25 -2.78
CA LEU B 100 22.03 3.09 -3.42
C LEU B 100 21.94 1.71 -4.09
N TRP B 101 20.75 1.16 -4.19
CA TRP B 101 20.44 0.14 -5.21
C TRP B 101 20.56 0.81 -6.58
N VAL B 102 21.22 0.15 -7.50
CA VAL B 102 21.39 0.61 -8.91
C VAL B 102 20.99 -0.57 -9.81
N PRO B 103 20.28 -0.32 -10.92
CA PRO B 103 19.93 -1.36 -11.87
C PRO B 103 21.15 -2.12 -12.35
N ASP B 104 21.09 -3.45 -12.42
CA ASP B 104 22.20 -4.31 -12.93
C ASP B 104 22.18 -4.30 -14.46
N LEU B 105 22.26 -3.12 -15.08
CA LEU B 105 22.23 -2.97 -16.55
C LEU B 105 23.54 -3.50 -17.12
N ALA B 106 23.44 -4.19 -18.27
CA ALA B 106 24.59 -4.60 -19.09
C ALA B 106 24.23 -4.35 -20.55
N ALA B 107 25.24 -4.02 -21.34
CA ALA B 107 25.16 -4.01 -22.82
C ALA B 107 25.44 -5.43 -23.29
N TYR B 108 24.43 -6.10 -23.87
CA TYR B 108 24.49 -7.54 -24.26
C TYR B 108 25.57 -7.76 -25.31
N ASN B 109 25.90 -6.75 -26.11
CA ASN B 109 26.91 -6.85 -27.21
C ASN B 109 28.16 -6.02 -26.89
N ALA B 110 28.42 -5.70 -25.63
CA ALA B 110 29.69 -5.05 -25.20
C ALA B 110 30.83 -6.07 -25.30
N ILE B 111 32.01 -5.63 -25.71
CA ILE B 111 33.23 -6.49 -25.78
C ILE B 111 34.33 -5.89 -24.90
N SER B 112 34.02 -4.88 -24.10
CA SER B 112 34.91 -4.33 -23.04
C SER B 112 34.07 -3.99 -21.82
N LYS B 113 34.70 -3.93 -20.65
CA LYS B 113 34.05 -3.46 -19.39
C LYS B 113 33.67 -2.00 -19.58
N PRO B 114 32.52 -1.53 -19.08
CA PRO B 114 32.23 -0.10 -19.12
C PRO B 114 33.29 0.64 -18.30
N GLU B 115 33.99 1.59 -18.92
CA GLU B 115 34.99 2.47 -18.27
C GLU B 115 34.25 3.75 -17.86
N VAL B 116 33.95 3.92 -16.57
CA VAL B 116 33.21 5.10 -16.05
C VAL B 116 34.21 6.24 -15.90
N LEU B 117 33.97 7.36 -16.58
CA LEU B 117 34.94 8.49 -16.68
C LEU B 117 34.64 9.55 -15.61
N THR B 118 33.49 9.44 -14.94
CA THR B 118 32.93 10.53 -14.09
C THR B 118 32.82 10.07 -12.64
N PRO B 119 32.72 11.01 -11.70
CA PRO B 119 32.46 10.69 -10.30
C PRO B 119 31.20 9.82 -10.15
N GLN B 120 31.30 8.78 -9.32
CA GLN B 120 30.24 7.75 -9.15
C GLN B 120 29.16 8.24 -8.18
N LEU B 121 28.54 9.38 -8.50
CA LEU B 121 27.47 10.03 -7.71
C LEU B 121 26.19 10.02 -8.54
N ALA B 122 25.06 9.77 -7.89
CA ALA B 122 23.71 9.94 -8.47
C ALA B 122 23.02 11.12 -7.77
N ARG B 123 22.03 11.68 -8.42
CA ARG B 123 21.12 12.71 -7.85
C ARG B 123 19.89 11.98 -7.31
N VAL B 124 19.57 12.21 -6.04
CA VAL B 124 18.32 11.68 -5.42
C VAL B 124 17.39 12.86 -5.14
N VAL B 125 16.16 12.81 -5.68
CA VAL B 125 15.09 13.82 -5.46
C VAL B 125 14.34 13.39 -4.19
N SER B 126 13.75 14.35 -3.48
CA SER B 126 13.05 14.15 -2.18
C SER B 126 11.92 13.12 -2.30
N ASP B 127 11.37 12.91 -3.51
CA ASP B 127 10.29 11.91 -3.75
C ASP B 127 10.89 10.52 -3.99
N GLY B 128 12.21 10.37 -4.02
CA GLY B 128 12.87 9.05 -4.15
C GLY B 128 13.22 8.74 -5.59
N GLU B 129 13.03 9.68 -6.51
CA GLU B 129 13.52 9.53 -7.90
C GLU B 129 15.04 9.62 -7.88
N VAL B 130 15.72 8.71 -8.57
CA VAL B 130 17.20 8.68 -8.72
C VAL B 130 17.53 9.00 -10.16
N LEU B 131 18.46 9.92 -10.37
CA LEU B 131 19.05 10.22 -11.69
C LEU B 131 20.54 9.88 -11.63
N TYR B 132 20.95 8.84 -12.35
CA TYR B 132 22.36 8.40 -12.45
C TYR B 132 22.72 8.50 -13.92
N MET B 133 23.73 9.32 -14.23
CA MET B 133 24.17 9.56 -15.63
C MET B 133 25.69 9.53 -15.66
N PRO B 134 26.30 8.33 -15.65
CA PRO B 134 27.75 8.23 -15.81
C PRO B 134 28.11 8.50 -17.27
N SER B 135 29.29 9.08 -17.50
CA SER B 135 29.97 9.05 -18.80
C SER B 135 30.75 7.75 -18.89
N ILE B 136 30.46 6.97 -19.92
CA ILE B 136 31.02 5.60 -20.12
C ILE B 136 31.74 5.57 -21.46
N ARG B 137 32.96 5.05 -21.46
CA ARG B 137 33.66 4.60 -22.68
C ARG B 137 33.59 3.08 -22.73
N GLN B 138 33.10 2.53 -23.84
CA GLN B 138 32.89 1.08 -24.00
C GLN B 138 32.99 0.70 -25.48
N ARG B 139 33.46 -0.52 -25.75
CA ARG B 139 33.62 -1.09 -27.12
C ARG B 139 32.48 -2.07 -27.35
N PHE B 140 31.90 -2.07 -28.56
CA PHE B 140 30.76 -2.96 -28.93
C PHE B 140 31.07 -3.70 -30.23
N SER B 141 30.51 -4.90 -30.32
CA SER B 141 30.34 -5.70 -31.57
C SER B 141 28.99 -5.31 -32.17
N CYS B 142 29.01 -4.66 -33.32
CA CYS B 142 27.78 -4.19 -34.03
C CYS B 142 28.09 -3.94 -35.50
N ASP B 143 27.03 -3.69 -36.28
CA ASP B 143 27.12 -3.54 -37.76
C ASP B 143 27.78 -2.20 -38.10
N VAL B 144 29.03 -2.25 -38.52
CA VAL B 144 29.84 -1.06 -38.93
C VAL B 144 29.79 -0.90 -40.46
N SER B 145 29.19 -1.86 -41.19
CA SER B 145 29.14 -1.85 -42.67
C SER B 145 28.43 -0.56 -43.14
N GLY B 146 29.03 0.15 -44.09
CA GLY B 146 28.45 1.35 -44.71
C GLY B 146 28.82 2.63 -43.99
N VAL B 147 29.83 2.57 -43.12
CA VAL B 147 30.27 3.74 -42.29
C VAL B 147 30.80 4.85 -43.21
N ASP B 148 31.38 4.50 -44.35
CA ASP B 148 32.04 5.47 -45.29
C ASP B 148 31.05 5.91 -46.37
N THR B 149 29.80 5.45 -46.33
CA THR B 149 28.73 5.82 -47.29
C THR B 149 27.92 7.00 -46.71
N GLU B 150 26.98 7.51 -47.49
CA GLU B 150 26.12 8.67 -47.15
C GLU B 150 25.01 8.20 -46.22
N SER B 151 24.45 6.99 -46.44
CA SER B 151 23.45 6.35 -45.55
C SER B 151 24.08 6.03 -44.17
N GLY B 152 25.38 5.73 -44.15
CA GLY B 152 26.16 5.47 -42.92
C GLY B 152 25.92 4.08 -42.38
N ALA B 153 26.61 3.72 -41.29
CA ALA B 153 26.42 2.45 -40.54
C ALA B 153 25.27 2.65 -39.54
N THR B 154 24.56 1.57 -39.21
CA THR B 154 23.61 1.52 -38.09
C THR B 154 24.14 0.46 -37.10
N CYS B 155 24.70 0.93 -35.98
CA CYS B 155 25.26 0.11 -34.89
C CYS B 155 24.20 0.02 -33.77
N ARG B 156 23.71 -1.20 -33.50
CA ARG B 156 22.65 -1.47 -32.49
C ARG B 156 23.33 -1.89 -31.19
N ILE B 157 23.06 -1.16 -30.11
CA ILE B 157 23.56 -1.45 -28.73
C ILE B 157 22.33 -1.83 -27.89
N LYS B 158 22.35 -3.03 -27.30
CA LYS B 158 21.23 -3.59 -26.52
C LYS B 158 21.57 -3.55 -25.03
N ILE B 159 20.77 -2.83 -24.24
CA ILE B 159 21.02 -2.61 -22.79
C ILE B 159 19.79 -3.08 -22.01
N GLY B 160 19.99 -4.02 -21.06
CA GLY B 160 18.94 -4.48 -20.15
C GLY B 160 19.52 -5.01 -18.85
N SER B 161 18.64 -5.37 -17.92
CA SER B 161 19.00 -5.99 -16.63
C SER B 161 19.68 -7.33 -16.94
N TRP B 162 20.78 -7.64 -16.25
CA TRP B 162 21.48 -8.92 -16.42
C TRP B 162 20.70 -10.04 -15.71
N THR B 163 20.06 -9.77 -14.57
CA THR B 163 19.50 -10.87 -13.73
C THR B 163 18.03 -10.66 -13.38
N HIS B 164 17.44 -9.49 -13.64
CA HIS B 164 16.04 -9.20 -13.29
C HIS B 164 15.16 -9.31 -14.54
N HIS B 165 14.14 -10.19 -14.51
CA HIS B 165 13.20 -10.36 -15.65
C HIS B 165 12.09 -9.30 -15.58
N SER B 166 11.18 -9.31 -16.54
CA SER B 166 10.13 -8.27 -16.79
C SER B 166 9.26 -8.02 -15.57
N ARG B 167 9.09 -9.00 -14.69
CA ARG B 167 8.24 -8.84 -13.48
C ARG B 167 8.98 -8.07 -12.40
N GLU B 168 10.29 -7.86 -12.51
CA GLU B 168 11.09 -7.18 -11.45
C GLU B 168 11.64 -5.84 -11.97
N ILE B 169 12.14 -5.82 -13.20
CA ILE B 169 12.61 -4.58 -13.88
C ILE B 169 11.95 -4.48 -15.25
N SER B 170 11.41 -3.31 -15.58
CA SER B 170 11.03 -2.93 -16.96
C SER B 170 11.99 -1.83 -17.40
N VAL B 171 12.35 -1.82 -18.69
CA VAL B 171 13.22 -0.81 -19.30
C VAL B 171 12.35 0.01 -20.26
N ASP B 172 12.32 1.32 -20.05
CA ASP B 172 11.51 2.31 -20.80
C ASP B 172 12.50 3.27 -21.49
N PRO B 173 12.34 3.31 -22.83
CA PRO B 173 13.30 3.96 -23.70
C PRO B 173 13.07 5.44 -23.57
N THR B 174 11.88 5.99 -23.40
CA THR B 174 11.57 7.45 -23.49
C THR B 174 12.57 8.40 -22.77
N SER B 178 15.91 14.75 -27.62
CA SER B 178 15.36 15.72 -28.61
C SER B 178 16.32 15.89 -29.78
N ASP B 179 17.47 16.58 -29.62
CA ASP B 179 18.48 16.76 -30.69
C ASP B 179 19.62 15.77 -30.42
N ASP B 180 19.81 14.82 -31.34
CA ASP B 180 20.81 13.71 -31.23
C ASP B 180 22.22 14.28 -31.07
N SER B 181 22.53 15.38 -31.76
CA SER B 181 23.89 15.98 -31.79
C SER B 181 24.00 17.12 -30.80
N GLU B 182 23.12 17.26 -29.83
CA GLU B 182 23.24 18.33 -28.80
C GLU B 182 24.50 18.10 -27.94
N TYR B 183 24.88 16.86 -27.73
CA TYR B 183 25.94 16.40 -26.79
C TYR B 183 27.20 15.97 -27.56
N PHE B 184 27.08 15.69 -28.86
CA PHE B 184 28.09 15.03 -29.68
C PHE B 184 29.22 16.01 -29.95
N SER B 185 30.46 15.54 -29.87
CA SER B 185 31.68 16.36 -30.07
C SER B 185 31.74 16.78 -31.54
N GLN B 186 31.88 18.09 -31.78
CA GLN B 186 32.07 18.65 -33.14
C GLN B 186 33.42 18.19 -33.71
N TYR B 187 34.34 17.71 -32.87
CA TYR B 187 35.74 17.40 -33.28
C TYR B 187 35.91 15.92 -33.61
N SER B 188 34.86 15.10 -33.47
CA SER B 188 34.86 13.68 -33.91
C SER B 188 35.13 13.60 -35.41
N ARG B 189 35.84 12.55 -35.85
CA ARG B 189 35.98 12.17 -37.29
C ARG B 189 34.62 11.75 -37.84
N PHE B 190 33.69 11.39 -36.96
CA PHE B 190 32.35 10.86 -37.34
C PHE B 190 31.28 11.91 -37.05
N GLU B 191 30.11 11.71 -37.63
CA GLU B 191 28.90 12.53 -37.35
C GLU B 191 27.71 11.59 -37.20
N ILE B 192 26.74 12.00 -36.41
CA ILE B 192 25.53 11.22 -36.10
C ILE B 192 24.43 11.66 -37.06
N LEU B 193 23.86 10.72 -37.80
CA LEU B 193 22.72 10.95 -38.71
C LEU B 193 21.42 10.80 -37.92
N ASP B 194 21.34 9.75 -37.09
CA ASP B 194 20.11 9.46 -36.31
C ASP B 194 20.44 8.53 -35.13
N VAL B 195 19.71 8.70 -34.03
CA VAL B 195 19.73 7.79 -32.86
C VAL B 195 18.27 7.45 -32.55
N THR B 196 17.89 6.18 -32.64
CA THR B 196 16.56 5.67 -32.32
C THR B 196 16.74 4.72 -31.12
N GLN B 197 15.74 4.71 -30.23
CA GLN B 197 15.64 3.85 -29.07
C GLN B 197 14.31 3.14 -29.12
N LYS B 198 14.35 1.79 -29.23
CA LYS B 198 13.13 0.96 -29.15
C LYS B 198 13.24 -0.01 -27.97
N LYS B 199 12.13 -0.20 -27.28
CA LYS B 199 11.97 -1.27 -26.25
C LYS B 199 11.94 -2.60 -27.00
N ASN B 200 12.58 -3.62 -26.45
CA ASN B 200 12.51 -5.01 -26.96
C ASN B 200 12.53 -5.93 -25.75
N SER B 201 12.34 -7.21 -26.00
CA SER B 201 12.32 -8.30 -25.00
C SER B 201 13.08 -9.48 -25.62
N VAL B 202 13.98 -10.09 -24.84
CA VAL B 202 14.76 -11.26 -25.30
C VAL B 202 14.45 -12.41 -24.34
N THR B 203 14.23 -13.60 -24.93
CA THR B 203 14.01 -14.87 -24.21
C THR B 203 15.15 -15.83 -24.60
N TYR B 204 15.72 -16.50 -23.62
CA TYR B 204 16.91 -17.37 -23.75
C TYR B 204 16.48 -18.79 -23.40
N SER B 205 17.13 -19.79 -24.02
CA SER B 205 16.78 -21.24 -23.86
C SER B 205 17.03 -21.74 -22.43
N CYS B 206 17.77 -21.02 -21.60
CA CYS B 206 18.04 -21.34 -20.16
C CYS B 206 16.76 -21.13 -19.34
N CYS B 207 15.96 -20.13 -19.66
CA CYS B 207 15.11 -19.37 -18.72
C CYS B 207 13.76 -19.11 -19.36
N PRO B 208 12.63 -19.54 -18.75
CA PRO B 208 11.29 -19.25 -19.26
C PRO B 208 10.87 -17.76 -19.24
N GLU B 209 11.63 -16.89 -18.57
CA GLU B 209 11.32 -15.47 -18.36
C GLU B 209 11.90 -14.61 -19.49
N ALA B 210 11.19 -13.53 -19.77
CA ALA B 210 11.58 -12.48 -20.74
C ALA B 210 12.39 -11.39 -20.00
N TYR B 211 13.46 -10.93 -20.63
CA TYR B 211 14.34 -9.82 -20.17
C TYR B 211 14.10 -8.62 -21.08
N GLU B 212 13.62 -7.52 -20.49
CA GLU B 212 13.40 -6.24 -21.22
C GLU B 212 14.77 -5.62 -21.50
N ASP B 213 14.93 -5.07 -22.70
CA ASP B 213 16.11 -4.26 -23.08
C ASP B 213 15.64 -3.03 -23.84
N VAL B 214 16.52 -2.05 -23.95
CA VAL B 214 16.39 -0.92 -24.91
C VAL B 214 17.41 -1.22 -26.00
N GLU B 215 16.95 -1.19 -27.25
CA GLU B 215 17.81 -1.24 -28.46
C GLU B 215 18.08 0.21 -28.87
N VAL B 216 19.36 0.58 -28.88
CA VAL B 216 19.81 1.93 -29.31
C VAL B 216 20.46 1.77 -30.68
N SER B 217 19.82 2.33 -31.72
CA SER B 217 20.34 2.31 -33.11
C SER B 217 21.11 3.60 -33.36
N LEU B 218 22.43 3.50 -33.45
CA LEU B 218 23.33 4.64 -33.72
C LEU B 218 23.62 4.64 -35.22
N ASN B 219 22.93 5.50 -35.96
CA ASN B 219 23.15 5.71 -37.42
C ASN B 219 24.16 6.84 -37.56
N PHE B 220 25.37 6.53 -37.99
CA PHE B 220 26.53 7.47 -38.04
C PHE B 220 27.37 7.18 -39.28
N ARG B 221 28.24 8.11 -39.65
CA ARG B 221 29.15 7.94 -40.81
C ARG B 221 30.44 8.76 -40.58
N LYS B 222 31.51 8.38 -41.28
CA LYS B 222 32.77 9.16 -41.34
C LYS B 222 32.46 10.49 -42.05
N LYS B 223 33.13 11.57 -41.65
CA LYS B 223 33.05 12.89 -42.33
C LYS B 223 33.93 12.87 -43.59
N LEU C 20 7.61 -14.14 3.19
CA LEU C 20 8.91 -13.42 3.21
C LEU C 20 8.96 -12.50 1.99
N ASP C 21 9.54 -11.30 2.15
CA ASP C 21 9.78 -10.38 1.00
C ASP C 21 11.27 -10.44 0.62
N ARG C 22 11.63 -9.78 -0.49
CA ARG C 22 13.00 -9.78 -1.05
C ARG C 22 14.00 -9.28 0.01
N ALA C 23 13.66 -8.21 0.70
CA ALA C 23 14.55 -7.55 1.69
C ALA C 23 14.94 -8.56 2.77
N ASP C 24 13.99 -9.35 3.26
CA ASP C 24 14.22 -10.34 4.35
C ASP C 24 15.12 -11.47 3.82
N ILE C 25 14.82 -11.99 2.63
CA ILE C 25 15.60 -13.12 2.02
C ILE C 25 17.04 -12.66 1.84
N LEU C 26 17.24 -11.47 1.27
CA LEU C 26 18.60 -10.94 0.99
C LEU C 26 19.34 -10.62 2.30
N TYR C 27 18.62 -10.16 3.32
CA TYR C 27 19.19 -9.96 4.67
C TYR C 27 19.69 -11.31 5.21
N ASN C 28 18.82 -12.32 5.18
CA ASN C 28 19.12 -13.68 5.70
C ASN C 28 20.35 -14.24 4.98
N ILE C 29 20.38 -14.15 3.65
CA ILE C 29 21.51 -14.66 2.82
C ILE C 29 22.78 -13.88 3.21
N ARG C 30 22.74 -12.54 3.26
CA ARG C 30 23.94 -11.75 3.58
C ARG C 30 24.46 -12.14 4.98
N GLN C 31 23.57 -12.38 5.95
CA GLN C 31 23.95 -12.59 7.36
C GLN C 31 24.53 -14.01 7.57
N THR C 32 24.08 -15.01 6.81
CA THR C 32 24.33 -16.45 7.14
C THR C 32 25.02 -17.19 6.00
N SER C 33 25.22 -16.53 4.85
CA SER C 33 25.65 -17.27 3.61
C SER C 33 26.96 -18.11 3.68
N ARG C 34 27.97 -17.69 4.43
CA ARG C 34 29.32 -18.27 4.56
C ARG C 34 29.98 -18.43 3.20
N PRO C 35 30.37 -17.34 2.53
CA PRO C 35 30.94 -17.40 1.19
C PRO C 35 32.23 -18.20 1.04
N ASP C 36 32.94 -18.42 2.15
CA ASP C 36 34.23 -19.18 2.14
C ASP C 36 33.97 -20.67 2.31
N VAL C 37 32.72 -21.10 2.56
CA VAL C 37 32.39 -22.50 2.93
C VAL C 37 31.69 -23.21 1.75
N ILE C 38 32.41 -24.12 1.10
CA ILE C 38 31.85 -25.01 0.06
C ILE C 38 30.66 -25.75 0.68
N PRO C 39 29.46 -25.71 0.07
CA PRO C 39 28.29 -26.33 0.68
C PRO C 39 28.17 -27.84 0.39
N THR C 40 29.17 -28.62 0.78
CA THR C 40 29.17 -30.10 0.65
C THR C 40 28.05 -30.65 1.53
N GLN C 41 27.32 -31.65 1.04
CA GLN C 41 26.27 -32.37 1.82
C GLN C 41 26.81 -33.78 2.12
N ARG C 42 26.77 -34.18 3.39
CA ARG C 42 27.17 -35.52 3.87
C ARG C 42 28.40 -36.03 3.11
N ASP C 43 29.46 -35.22 3.02
CA ASP C 43 30.79 -35.63 2.47
C ASP C 43 30.67 -36.07 0.99
N ARG C 44 29.65 -35.59 0.27
CA ARG C 44 29.51 -35.81 -1.18
C ARG C 44 29.91 -34.53 -1.87
N PRO C 45 30.51 -34.59 -3.09
CA PRO C 45 31.01 -33.39 -3.73
C PRO C 45 29.85 -32.45 -4.08
N VAL C 46 30.13 -31.16 -4.19
CA VAL C 46 29.19 -30.18 -4.79
C VAL C 46 29.24 -30.40 -6.30
N ALA C 47 28.09 -30.73 -6.89
CA ALA C 47 27.94 -30.92 -8.35
C ALA C 47 27.79 -29.54 -8.99
N VAL C 48 28.80 -29.12 -9.73
CA VAL C 48 28.79 -27.83 -10.48
C VAL C 48 28.58 -28.15 -11.96
N SER C 49 27.53 -27.58 -12.56
CA SER C 49 27.30 -27.63 -14.02
C SER C 49 27.91 -26.39 -14.66
N VAL C 50 28.67 -26.59 -15.73
CA VAL C 50 29.37 -25.52 -16.49
C VAL C 50 29.07 -25.73 -17.97
N SER C 51 28.67 -24.65 -18.65
CA SER C 51 28.46 -24.62 -20.11
C SER C 51 28.83 -23.24 -20.62
N LEU C 52 29.77 -23.16 -21.58
CA LEU C 52 30.14 -21.89 -22.24
C LEU C 52 29.20 -21.64 -23.43
N LYS C 53 28.59 -20.45 -23.47
CA LYS C 53 27.84 -19.92 -24.63
C LYS C 53 28.75 -18.88 -25.29
N PHE C 54 29.32 -19.21 -26.45
CA PHE C 54 30.23 -18.29 -27.15
C PHE C 54 29.41 -17.15 -27.75
N ILE C 55 29.86 -15.92 -27.54
CA ILE C 55 29.19 -14.69 -28.02
C ILE C 55 30.02 -14.09 -29.15
N ASN C 56 31.34 -14.15 -29.05
CA ASN C 56 32.23 -13.52 -30.03
C ASN C 56 33.61 -14.17 -30.00
N ILE C 57 34.27 -14.18 -31.15
CA ILE C 57 35.71 -14.46 -31.34
C ILE C 57 36.31 -13.19 -31.92
N LEU C 58 37.14 -12.48 -31.14
CA LEU C 58 37.56 -11.09 -31.44
C LEU C 58 38.89 -11.10 -32.18
N GLU C 59 39.78 -12.01 -31.83
CA GLU C 59 41.16 -12.04 -32.38
C GLU C 59 41.67 -13.47 -32.32
N VAL C 60 42.39 -13.86 -33.36
CA VAL C 60 42.92 -15.23 -33.56
C VAL C 60 44.31 -15.05 -34.15
N ASN C 61 45.29 -15.82 -33.69
CA ASN C 61 46.67 -15.76 -34.20
C ASN C 61 47.16 -17.19 -34.43
N GLU C 62 47.26 -17.60 -35.69
CA GLU C 62 47.62 -18.97 -36.12
C GLU C 62 49.10 -19.22 -35.80
N ILE C 63 49.92 -18.15 -35.80
CA ILE C 63 51.38 -18.21 -35.50
C ILE C 63 51.56 -18.54 -34.00
N THR C 64 50.93 -17.76 -33.11
CA THR C 64 51.12 -17.87 -31.63
C THR C 64 50.15 -18.89 -31.02
N ASN C 65 49.13 -19.33 -31.74
CA ASN C 65 48.08 -20.26 -31.24
C ASN C 65 47.39 -19.62 -30.03
N GLU C 66 46.89 -18.40 -30.21
CA GLU C 66 46.16 -17.60 -29.19
C GLU C 66 44.82 -17.16 -29.78
N VAL C 67 43.76 -17.25 -28.98
CA VAL C 67 42.42 -16.72 -29.32
C VAL C 67 41.99 -15.77 -28.20
N ASP C 68 41.25 -14.72 -28.59
CA ASP C 68 40.59 -13.74 -27.70
C ASP C 68 39.09 -13.92 -27.92
N VAL C 69 38.36 -14.36 -26.90
CA VAL C 69 36.95 -14.81 -27.02
C VAL C 69 36.10 -14.17 -25.92
N VAL C 70 34.81 -13.99 -26.21
CA VAL C 70 33.75 -13.57 -25.24
C VAL C 70 32.76 -14.71 -25.15
N PHE C 71 32.46 -15.17 -23.94
CA PHE C 71 31.49 -16.26 -23.66
C PHE C 71 30.73 -15.97 -22.37
N TRP C 72 29.51 -16.49 -22.29
CA TRP C 72 28.72 -16.57 -21.04
C TRP C 72 29.05 -17.91 -20.38
N GLN C 73 29.57 -17.87 -19.16
CA GLN C 73 29.96 -19.07 -18.39
C GLN C 73 28.79 -19.48 -17.50
N GLN C 74 27.81 -20.18 -18.09
CA GLN C 74 26.62 -20.66 -17.35
C GLN C 74 27.09 -21.67 -16.29
N THR C 75 26.90 -21.33 -15.02
CA THR C 75 27.37 -22.09 -13.85
C THR C 75 26.19 -22.29 -12.91
N THR C 76 25.92 -23.54 -12.52
CA THR C 76 24.80 -23.87 -11.60
C THR C 76 25.32 -24.87 -10.56
N TRP C 77 24.77 -24.76 -9.35
CA TRP C 77 25.07 -25.68 -8.23
C TRP C 77 23.98 -25.41 -7.19
N SER C 78 23.94 -26.27 -6.18
CA SER C 78 22.95 -26.17 -5.09
C SER C 78 23.70 -25.78 -3.80
N ASP C 79 23.15 -24.81 -3.08
CA ASP C 79 23.59 -24.47 -1.70
C ASP C 79 22.32 -24.40 -0.84
N ARG C 80 22.05 -25.45 -0.08
CA ARG C 80 20.81 -25.63 0.71
C ARG C 80 20.75 -24.58 1.83
N THR C 81 21.89 -24.01 2.26
CA THR C 81 21.92 -22.98 3.33
C THR C 81 21.26 -21.68 2.84
N LEU C 82 21.08 -21.50 1.52
CA LEU C 82 20.41 -20.30 0.94
C LEU C 82 18.88 -20.48 0.88
N ALA C 83 18.38 -21.69 1.05
CA ALA C 83 16.96 -22.06 0.75
C ALA C 83 16.01 -21.30 1.69
N TRP C 84 14.81 -20.97 1.20
CA TRP C 84 13.71 -20.39 2.01
C TRP C 84 12.38 -20.99 1.56
N ASN C 85 11.35 -20.87 2.40
CA ASN C 85 9.95 -21.29 2.12
C ASN C 85 9.36 -20.36 1.05
N SER C 86 9.07 -20.86 -0.14
CA SER C 86 8.61 -20.07 -1.31
C SER C 86 7.13 -19.66 -1.17
N SER C 87 6.37 -20.27 -0.26
CA SER C 87 4.93 -19.94 -0.04
C SER C 87 4.81 -18.46 0.31
N HIS C 88 4.05 -17.69 -0.48
CA HIS C 88 3.82 -16.23 -0.32
C HIS C 88 5.16 -15.48 -0.31
N SER C 89 6.13 -15.93 -1.11
CA SER C 89 7.48 -15.32 -1.21
C SER C 89 7.94 -15.35 -2.66
N PRO C 90 8.94 -14.55 -3.06
CA PRO C 90 9.59 -14.70 -4.36
C PRO C 90 10.14 -16.12 -4.55
N ASP C 91 10.13 -16.61 -5.78
CA ASP C 91 10.73 -17.91 -6.16
C ASP C 91 12.26 -17.76 -6.32
N GLN C 92 12.72 -16.54 -6.65
CA GLN C 92 14.14 -16.25 -6.97
C GLN C 92 14.50 -14.84 -6.51
N VAL C 93 15.76 -14.63 -6.14
CA VAL C 93 16.34 -13.28 -5.88
C VAL C 93 17.69 -13.17 -6.59
N SER C 94 18.09 -11.94 -6.89
CA SER C 94 19.42 -11.57 -7.41
C SER C 94 20.32 -11.24 -6.21
N VAL C 95 21.47 -11.89 -6.12
CA VAL C 95 22.41 -11.78 -4.97
C VAL C 95 23.79 -11.45 -5.49
N PRO C 96 24.49 -10.44 -4.93
CA PRO C 96 25.88 -10.18 -5.28
C PRO C 96 26.71 -11.41 -4.91
N ILE C 97 27.65 -11.80 -5.77
CA ILE C 97 28.42 -13.08 -5.58
C ILE C 97 29.31 -12.95 -4.33
N SER C 98 29.64 -11.74 -3.90
CA SER C 98 30.40 -11.51 -2.64
C SER C 98 29.61 -12.05 -1.44
N SER C 99 28.29 -12.22 -1.56
CA SER C 99 27.43 -12.77 -0.49
C SER C 99 27.19 -14.28 -0.63
N LEU C 100 27.84 -14.97 -1.58
CA LEU C 100 27.61 -16.42 -1.83
C LEU C 100 28.93 -17.16 -1.90
N TRP C 101 28.93 -18.43 -1.55
CA TRP C 101 29.99 -19.35 -2.01
C TRP C 101 29.83 -19.50 -3.52
N VAL C 102 30.93 -19.38 -4.25
CA VAL C 102 30.98 -19.56 -5.72
C VAL C 102 32.11 -20.53 -6.03
N PRO C 103 31.93 -21.45 -6.99
CA PRO C 103 33.01 -22.36 -7.38
C PRO C 103 34.24 -21.55 -7.85
N ASP C 104 35.42 -21.95 -7.43
CA ASP C 104 36.72 -21.34 -7.81
C ASP C 104 37.14 -21.87 -9.18
N LEU C 105 36.31 -21.67 -10.20
CA LEU C 105 36.59 -22.16 -11.57
C LEU C 105 37.72 -21.33 -12.19
N ALA C 106 38.59 -21.99 -12.93
CA ALA C 106 39.67 -21.37 -13.72
C ALA C 106 39.80 -22.13 -15.05
N ALA C 107 40.15 -21.40 -16.10
CA ALA C 107 40.54 -21.97 -17.39
C ALA C 107 42.03 -22.30 -17.32
N TYR C 108 42.37 -23.60 -17.37
CA TYR C 108 43.76 -24.12 -17.17
C TYR C 108 44.68 -23.61 -18.28
N ASN C 109 44.15 -23.27 -19.46
CA ASN C 109 44.96 -22.78 -20.61
C ASN C 109 44.67 -21.30 -20.90
N ALA C 110 44.14 -20.55 -19.93
CA ALA C 110 43.98 -19.07 -20.04
C ALA C 110 45.35 -18.41 -19.98
N ILE C 111 45.56 -17.36 -20.77
CA ILE C 111 46.82 -16.56 -20.76
C ILE C 111 46.50 -15.10 -20.40
N SER C 112 45.26 -14.80 -20.00
CA SER C 112 44.84 -13.48 -19.46
C SER C 112 43.86 -13.70 -18.30
N LYS C 113 43.72 -12.72 -17.42
CA LYS C 113 42.71 -12.72 -16.34
C LYS C 113 41.33 -12.73 -16.99
N PRO C 114 40.34 -13.46 -16.47
CA PRO C 114 38.97 -13.32 -16.97
C PRO C 114 38.51 -11.87 -16.75
N GLU C 115 38.11 -11.18 -17.82
CA GLU C 115 37.54 -9.81 -17.77
C GLU C 115 36.02 -9.98 -17.73
N VAL C 116 35.41 -9.77 -16.56
CA VAL C 116 33.95 -9.94 -16.37
C VAL C 116 33.26 -8.66 -16.86
N LEU C 117 32.37 -8.79 -17.84
CA LEU C 117 31.76 -7.64 -18.55
C LEU C 117 30.40 -7.28 -17.93
N THR C 118 29.89 -8.12 -17.04
CA THR C 118 28.49 -8.03 -16.55
C THR C 118 28.49 -7.78 -15.04
N PRO C 119 27.36 -7.27 -14.50
CA PRO C 119 27.20 -7.15 -13.05
C PRO C 119 27.42 -8.51 -12.37
N GLN C 120 28.16 -8.50 -11.26
CA GLN C 120 28.58 -9.70 -10.50
C GLN C 120 27.43 -10.12 -9.56
N LEU C 121 26.29 -10.47 -10.15
CA LEU C 121 25.08 -10.96 -9.43
C LEU C 121 24.81 -12.39 -9.90
N ALA C 122 24.35 -13.24 -9.00
CA ALA C 122 23.82 -14.58 -9.30
C ALA C 122 22.33 -14.61 -8.96
N ARG C 123 21.60 -15.52 -9.59
CA ARG C 123 20.18 -15.82 -9.29
C ARG C 123 20.14 -16.97 -8.29
N VAL C 124 19.46 -16.79 -7.18
CA VAL C 124 19.26 -17.86 -6.17
C VAL C 124 17.77 -18.22 -6.15
N VAL C 125 17.47 -19.51 -6.35
CA VAL C 125 16.08 -20.07 -6.32
C VAL C 125 15.80 -20.46 -4.87
N SER C 126 14.53 -20.45 -4.47
CA SER C 126 14.08 -20.72 -3.08
C SER C 126 14.55 -22.10 -2.58
N ASP C 127 14.84 -23.04 -3.49
CA ASP C 127 15.33 -24.40 -3.11
C ASP C 127 16.86 -24.38 -2.92
N GLY C 128 17.54 -23.24 -3.15
CA GLY C 128 18.98 -23.11 -2.91
C GLY C 128 19.81 -23.37 -4.16
N GLU C 129 19.16 -23.55 -5.30
CA GLU C 129 19.86 -23.63 -6.61
C GLU C 129 20.39 -22.22 -6.94
N VAL C 130 21.65 -22.14 -7.35
CA VAL C 130 22.29 -20.87 -7.77
C VAL C 130 22.56 -20.95 -9.27
N LEU C 131 22.20 -19.89 -9.99
CA LEU C 131 22.57 -19.69 -11.41
CA LEU C 131 22.57 -19.69 -11.41
C LEU C 131 23.47 -18.45 -11.50
N TYR C 132 24.73 -18.65 -11.84
CA TYR C 132 25.72 -17.56 -12.07
C TYR C 132 26.19 -17.68 -13.51
N MET C 133 25.97 -16.63 -14.29
CA MET C 133 26.32 -16.62 -15.74
C MET C 133 27.00 -15.30 -16.07
N PRO C 134 28.28 -15.13 -15.73
CA PRO C 134 29.00 -13.93 -16.14
C PRO C 134 29.34 -13.99 -17.63
N SER C 135 29.33 -12.83 -18.29
CA SER C 135 29.96 -12.64 -19.61
C SER C 135 31.44 -12.34 -19.38
N ILE C 136 32.30 -13.16 -19.95
CA ILE C 136 33.76 -13.11 -19.75
C ILE C 136 34.44 -12.92 -21.11
N ARG C 137 35.36 -11.98 -21.18
CA ARG C 137 36.36 -11.88 -22.26
C ARG C 137 37.68 -12.40 -21.72
N GLN C 138 38.30 -13.36 -22.41
CA GLN C 138 39.56 -14.01 -21.96
C GLN C 138 40.34 -14.51 -23.18
N ARG C 139 41.67 -14.54 -23.05
CA ARG C 139 42.61 -15.02 -24.10
C ARG C 139 43.08 -16.43 -23.70
N PHE C 140 43.18 -17.35 -24.67
CA PHE C 140 43.61 -18.74 -24.44
C PHE C 140 44.73 -19.14 -25.40
N SER C 141 45.59 -20.04 -24.91
CA SER C 141 46.56 -20.84 -25.70
C SER C 141 45.85 -22.13 -26.11
N CYS C 142 45.59 -22.30 -27.40
CA CYS C 142 44.90 -23.49 -27.97
C CYS C 142 45.18 -23.61 -29.48
N ASP C 143 44.76 -24.74 -30.06
CA ASP C 143 45.08 -25.11 -31.47
C ASP C 143 44.26 -24.22 -32.42
N VAL C 144 44.92 -23.25 -33.05
CA VAL C 144 44.32 -22.31 -34.02
C VAL C 144 44.58 -22.81 -35.46
N SER C 145 45.38 -23.86 -35.64
CA SER C 145 45.75 -24.41 -36.97
C SER C 145 44.46 -24.79 -37.74
N GLY C 146 44.35 -24.35 -38.99
CA GLY C 146 43.25 -24.71 -39.90
C GLY C 146 42.08 -23.75 -39.80
N VAL C 147 42.29 -22.58 -39.20
CA VAL C 147 41.22 -21.56 -38.97
C VAL C 147 40.69 -21.05 -40.33
N ASP C 148 41.56 -21.00 -41.36
CA ASP C 148 41.22 -20.45 -42.70
C ASP C 148 40.73 -21.55 -43.65
N THR C 149 40.63 -22.79 -43.18
CA THR C 149 40.14 -23.96 -43.97
C THR C 149 38.64 -24.13 -43.72
N GLU C 150 38.04 -25.09 -44.43
CA GLU C 150 36.58 -25.38 -44.39
C GLU C 150 36.29 -26.21 -43.13
N SER C 151 37.18 -27.13 -42.77
CA SER C 151 37.12 -27.95 -41.51
C SER C 151 37.27 -27.04 -40.28
N GLY C 152 38.04 -25.95 -40.41
CA GLY C 152 38.24 -24.93 -39.36
C GLY C 152 39.21 -25.39 -38.29
N ALA C 153 39.51 -24.51 -37.32
CA ALA C 153 40.33 -24.82 -36.13
C ALA C 153 39.43 -25.46 -35.06
N THR C 154 40.02 -26.31 -34.21
CA THR C 154 39.38 -26.82 -32.97
C THR C 154 40.23 -26.33 -31.79
N CYS C 155 39.73 -25.33 -31.07
CA CYS C 155 40.37 -24.70 -29.88
C CYS C 155 39.74 -25.30 -28.62
N ARG C 156 40.53 -26.03 -27.81
CA ARG C 156 40.06 -26.71 -26.58
C ARG C 156 40.34 -25.80 -25.38
N ILE C 157 39.29 -25.48 -24.63
CA ILE C 157 39.35 -24.67 -23.37
C ILE C 157 38.98 -25.61 -22.22
N LYS C 158 39.85 -25.74 -21.22
CA LYS C 158 39.65 -26.64 -20.05
C LYS C 158 39.32 -25.78 -18.82
N ILE C 159 38.16 -26.01 -18.21
CA ILE C 159 37.66 -25.24 -17.05
C ILE C 159 37.35 -26.20 -15.90
N GLY C 160 37.99 -25.98 -14.75
CA GLY C 160 37.70 -26.75 -13.52
C GLY C 160 38.02 -25.95 -12.26
N SER C 161 37.74 -26.52 -11.10
CA SER C 161 38.08 -25.92 -9.79
C SER C 161 39.60 -25.77 -9.70
N TRP C 162 40.06 -24.63 -9.20
CA TRP C 162 41.51 -24.40 -9.00
C TRP C 162 42.00 -25.16 -7.76
N THR C 163 41.21 -25.28 -6.71
CA THR C 163 41.72 -25.81 -5.39
C THR C 163 40.88 -26.96 -4.85
N HIS C 164 39.71 -27.25 -5.41
CA HIS C 164 38.84 -28.35 -4.93
C HIS C 164 38.98 -29.56 -5.86
N HIS C 165 39.40 -30.71 -5.31
CA HIS C 165 39.58 -31.97 -6.09
C HIS C 165 38.22 -32.70 -6.18
N SER C 166 38.20 -33.84 -6.87
CA SER C 166 36.97 -34.61 -7.27
C SER C 166 36.10 -34.96 -6.06
N ARG C 167 36.68 -35.08 -4.86
CA ARG C 167 35.89 -35.44 -3.65
C ARG C 167 35.12 -34.23 -3.12
N GLU C 168 35.42 -33.01 -3.57
CA GLU C 168 34.79 -31.76 -3.03
C GLU C 168 33.93 -31.09 -4.10
N ILE C 169 34.44 -31.02 -5.33
CA ILE C 169 33.69 -30.47 -6.50
C ILE C 169 33.75 -31.49 -7.64
N SER C 170 32.60 -31.77 -8.25
CA SER C 170 32.52 -32.44 -9.57
C SER C 170 32.02 -31.39 -10.57
N VAL C 171 32.57 -31.41 -11.77
CA VAL C 171 32.20 -30.45 -12.84
C VAL C 171 31.58 -31.28 -13.96
N ASP C 172 30.32 -31.00 -14.31
CA ASP C 172 29.58 -31.74 -15.35
C ASP C 172 29.14 -30.74 -16.40
N PRO C 173 29.29 -31.06 -17.70
CA PRO C 173 28.74 -30.19 -18.75
C PRO C 173 27.21 -30.32 -18.74
N THR C 174 26.50 -29.24 -19.08
CA THR C 174 25.02 -29.17 -19.02
C THR C 174 24.50 -29.91 -20.25
N THR C 175 25.01 -29.62 -21.45
CA THR C 175 24.53 -30.06 -22.77
C THR C 175 24.31 -31.57 -22.85
N ASP C 179 21.24 -25.02 -29.94
CA ASP C 179 21.92 -24.43 -31.13
C ASP C 179 23.15 -23.63 -30.63
N ASP C 180 24.33 -24.04 -31.06
CA ASP C 180 25.65 -23.44 -30.69
C ASP C 180 25.67 -21.94 -31.01
N SER C 181 25.07 -21.54 -32.13
CA SER C 181 25.11 -20.16 -32.67
C SER C 181 23.85 -19.41 -32.28
N GLU C 182 23.07 -19.85 -31.31
CA GLU C 182 21.90 -19.07 -30.82
C GLU C 182 22.36 -17.74 -30.19
N TYR C 183 23.56 -17.72 -29.57
CA TYR C 183 24.08 -16.56 -28.81
C TYR C 183 25.19 -15.83 -29.58
N PHE C 184 25.75 -16.44 -30.59
CA PHE C 184 26.97 -16.02 -31.30
C PHE C 184 26.63 -14.79 -32.15
N SER C 185 27.53 -13.81 -32.14
CA SER C 185 27.37 -12.53 -32.88
C SER C 185 27.40 -12.81 -34.38
N GLN C 186 26.38 -12.34 -35.10
CA GLN C 186 26.32 -12.41 -36.58
C GLN C 186 27.42 -11.53 -37.19
N TYR C 187 28.00 -10.60 -36.42
CA TYR C 187 28.94 -9.57 -36.94
C TYR C 187 30.40 -10.00 -36.75
N SER C 188 30.64 -11.16 -36.12
CA SER C 188 32.00 -11.75 -36.01
C SER C 188 32.58 -12.01 -37.40
N ARG C 189 33.90 -11.86 -37.56
CA ARG C 189 34.66 -12.31 -38.76
C ARG C 189 34.65 -13.84 -38.81
N PHE C 190 34.35 -14.50 -37.69
CA PHE C 190 34.39 -15.97 -37.57
C PHE C 190 32.97 -16.51 -37.47
N GLU C 191 32.83 -17.82 -37.70
CA GLU C 191 31.56 -18.55 -37.51
C GLU C 191 31.88 -19.85 -36.78
N ILE C 192 30.92 -20.35 -36.02
CA ILE C 192 31.06 -21.58 -35.20
C ILE C 192 30.50 -22.74 -36.02
N LEU C 193 31.32 -23.77 -36.22
CA LEU C 193 30.92 -25.03 -36.90
C LEU C 193 30.34 -25.98 -35.85
N ASP C 194 30.99 -26.09 -34.69
CA ASP C 194 30.54 -27.00 -33.61
C ASP C 194 31.16 -26.60 -32.27
N VAL C 195 30.41 -26.81 -31.19
CA VAL C 195 30.90 -26.70 -29.78
C VAL C 195 30.54 -28.00 -29.08
N THR C 196 31.54 -28.76 -28.63
CA THR C 196 31.31 -29.98 -27.81
C THR C 196 31.94 -29.72 -26.43
N GLN C 197 31.24 -30.14 -25.38
CA GLN C 197 31.63 -29.92 -23.97
C GLN C 197 31.60 -31.28 -23.30
N LYS C 198 32.76 -31.80 -22.90
CA LYS C 198 32.90 -33.16 -22.33
C LYS C 198 33.63 -33.09 -20.99
N LYS C 199 33.23 -33.92 -20.04
CA LYS C 199 33.91 -34.11 -18.75
C LYS C 199 35.27 -34.73 -18.97
N ASN C 200 36.28 -34.27 -18.22
CA ASN C 200 37.63 -34.90 -18.16
C ASN C 200 38.16 -34.71 -16.73
N SER C 201 39.40 -35.10 -16.47
CA SER C 201 40.16 -34.93 -15.22
C SER C 201 41.58 -34.53 -15.59
N VAL C 202 42.23 -33.69 -14.78
CA VAL C 202 43.68 -33.40 -14.86
C VAL C 202 44.33 -33.81 -13.53
N THR C 203 45.49 -34.44 -13.58
CA THR C 203 46.41 -34.70 -12.45
C THR C 203 47.76 -34.11 -12.84
N TYR C 204 48.41 -33.38 -11.95
CA TYR C 204 49.83 -32.92 -12.08
C TYR C 204 50.66 -33.59 -11.00
N SER C 205 51.96 -33.72 -11.21
CA SER C 205 52.97 -34.30 -10.29
C SER C 205 53.00 -33.53 -8.95
N CYS C 206 52.65 -32.23 -8.95
CA CYS C 206 52.61 -31.35 -7.74
C CYS C 206 51.66 -31.93 -6.68
N CYS C 207 50.55 -32.50 -7.13
CA CYS C 207 49.28 -32.59 -6.36
C CYS C 207 48.70 -34.00 -6.54
N PRO C 208 48.58 -34.80 -5.47
CA PRO C 208 48.22 -36.22 -5.60
C PRO C 208 46.78 -36.51 -6.05
N GLU C 209 45.91 -35.50 -6.05
CA GLU C 209 44.45 -35.58 -6.28
C GLU C 209 44.17 -35.30 -7.75
N ALA C 210 43.03 -35.79 -8.24
CA ALA C 210 42.47 -35.51 -9.60
C ALA C 210 41.52 -34.32 -9.50
N TYR C 211 41.62 -33.39 -10.44
CA TYR C 211 40.75 -32.19 -10.56
C TYR C 211 39.84 -32.39 -11.78
N GLU C 212 38.53 -32.43 -11.58
CA GLU C 212 37.55 -32.57 -12.67
C GLU C 212 37.49 -31.24 -13.45
N ASP C 213 37.39 -31.35 -14.78
CA ASP C 213 37.24 -30.19 -15.66
C ASP C 213 36.17 -30.51 -16.71
N VAL C 214 35.67 -29.47 -17.35
CA VAL C 214 34.90 -29.55 -18.62
C VAL C 214 35.85 -29.09 -19.72
N GLU C 215 36.03 -29.93 -20.74
CA GLU C 215 36.79 -29.62 -21.96
C GLU C 215 35.80 -29.11 -23.00
N VAL C 216 35.97 -27.86 -23.42
CA VAL C 216 35.08 -27.20 -24.41
C VAL C 216 35.86 -27.11 -25.71
N SER C 217 35.41 -27.85 -26.74
CA SER C 217 36.03 -27.87 -28.08
C SER C 217 35.26 -26.89 -28.97
N LEU C 218 35.90 -25.77 -29.28
CA LEU C 218 35.34 -24.70 -30.15
C LEU C 218 35.87 -24.94 -31.56
N ASN C 219 35.03 -25.55 -32.42
CA ASN C 219 35.33 -25.77 -33.86
C ASN C 219 34.76 -24.56 -34.61
N PHE C 220 35.64 -23.71 -35.13
CA PHE C 220 35.27 -22.42 -35.76
C PHE C 220 36.20 -22.16 -36.96
N ARG C 221 35.83 -21.22 -37.82
CA ARG C 221 36.67 -20.82 -38.99
C ARG C 221 36.39 -19.37 -39.36
N LYS C 222 37.33 -18.74 -40.06
CA LYS C 222 37.14 -17.39 -40.67
C LYS C 222 36.05 -17.50 -41.74
N LYS C 223 35.24 -16.45 -41.91
CA LYS C 223 34.21 -16.38 -42.97
C LYS C 223 34.85 -16.03 -44.32
N GLY C 224 34.26 -16.54 -45.40
CA GLY C 224 34.49 -16.10 -46.79
C GLY C 224 35.80 -16.66 -47.28
N LEU D 20 35.21 -31.67 13.84
CA LEU D 20 35.07 -30.30 13.27
C LEU D 20 34.63 -30.41 11.81
N ASP D 21 33.76 -29.54 11.33
CA ASP D 21 33.39 -29.46 9.89
C ASP D 21 34.11 -28.26 9.24
N ARG D 22 33.99 -28.13 7.92
CA ARG D 22 34.65 -27.07 7.12
C ARG D 22 34.28 -25.70 7.66
N ALA D 23 32.99 -25.48 7.94
CA ALA D 23 32.45 -24.18 8.38
C ALA D 23 33.18 -23.73 9.65
N ASP D 24 33.38 -24.64 10.60
CA ASP D 24 34.02 -24.34 11.91
C ASP D 24 35.51 -24.01 11.70
N ILE D 25 36.20 -24.81 10.89
CA ILE D 25 37.66 -24.61 10.63
C ILE D 25 37.85 -23.25 9.96
N LEU D 26 37.04 -22.93 8.95
CA LEU D 26 37.15 -21.66 8.20
C LEU D 26 36.76 -20.47 9.10
N TYR D 27 35.79 -20.65 9.97
CA TYR D 27 35.42 -19.63 10.99
C TYR D 27 36.63 -19.37 11.90
N ASN D 28 37.22 -20.43 12.46
CA ASN D 28 38.38 -20.34 13.39
C ASN D 28 39.54 -19.62 12.70
N ILE D 29 39.86 -20.01 11.45
CA ILE D 29 40.96 -19.39 10.68
C ILE D 29 40.63 -17.92 10.44
N ARG D 30 39.43 -17.59 9.98
CA ARG D 30 39.04 -16.17 9.69
C ARG D 30 39.15 -15.34 10.97
N GLN D 31 38.74 -15.89 12.13
CA GLN D 31 38.63 -15.11 13.39
C GLN D 31 40.00 -14.89 14.04
N THR D 32 40.98 -15.78 13.83
CA THR D 32 42.26 -15.78 14.58
C THR D 32 43.48 -15.62 13.65
N SER D 33 43.25 -15.67 12.35
CA SER D 33 44.07 -15.15 11.25
C SER D 33 44.67 -13.78 11.62
N ARG D 34 45.97 -13.83 11.73
CA ARG D 34 46.94 -12.70 11.79
C ARG D 34 47.71 -12.69 10.50
N PRO D 35 47.10 -12.24 9.37
CA PRO D 35 47.77 -12.30 8.07
C PRO D 35 49.05 -11.46 7.95
N ASP D 36 49.25 -10.50 8.85
CA ASP D 36 50.44 -9.61 8.86
C ASP D 36 51.57 -10.24 9.68
N VAL D 37 51.35 -11.39 10.32
CA VAL D 37 52.33 -12.01 11.27
C VAL D 37 52.97 -13.24 10.65
N ILE D 38 54.25 -13.12 10.27
CA ILE D 38 55.08 -14.27 9.81
C ILE D 38 55.04 -15.32 10.92
N PRO D 39 54.66 -16.59 10.63
CA PRO D 39 54.56 -17.60 11.67
C PRO D 39 55.90 -18.25 12.03
N THR D 40 56.89 -17.46 12.45
CA THR D 40 58.19 -17.98 12.95
C THR D 40 57.90 -18.73 14.26
N GLN D 41 58.59 -19.86 14.48
CA GLN D 41 58.73 -20.55 15.77
C GLN D 41 60.14 -20.23 16.32
N ARG D 42 60.28 -20.07 17.64
CA ARG D 42 61.54 -20.48 18.40
C ARG D 42 62.59 -21.26 17.51
N ASP D 43 63.62 -20.49 17.09
CA ASP D 43 64.84 -21.02 16.46
C ASP D 43 64.51 -21.60 15.08
N ARG D 44 63.35 -21.28 14.46
CA ARG D 44 63.13 -21.44 12.99
C ARG D 44 62.82 -20.11 12.24
N PRO D 45 63.50 -19.91 11.09
CA PRO D 45 62.91 -19.22 9.92
C PRO D 45 61.69 -20.03 9.44
N VAL D 46 60.75 -19.38 8.79
CA VAL D 46 59.68 -20.07 8.01
C VAL D 46 60.32 -20.61 6.75
N ALA D 47 60.28 -21.92 6.56
CA ALA D 47 60.82 -22.62 5.37
C ALA D 47 59.78 -22.54 4.27
N VAL D 48 60.04 -21.75 3.24
CA VAL D 48 59.15 -21.57 2.06
C VAL D 48 59.75 -22.36 0.90
N SER D 49 59.00 -23.30 0.34
CA SER D 49 59.35 -24.00 -0.92
C SER D 49 58.70 -23.26 -2.09
N VAL D 50 59.48 -22.98 -3.13
CA VAL D 50 59.03 -22.28 -4.36
C VAL D 50 59.52 -23.09 -5.55
N SER D 51 58.63 -23.37 -6.48
CA SER D 51 58.93 -24.03 -7.77
C SER D 51 58.02 -23.44 -8.84
N LEU D 52 58.62 -22.89 -9.91
CA LEU D 52 57.85 -22.36 -11.06
C LEU D 52 57.59 -23.48 -12.06
N LYS D 53 56.33 -23.70 -12.42
CA LYS D 53 55.90 -24.61 -13.52
C LYS D 53 55.54 -23.72 -14.70
N PHE D 54 56.38 -23.69 -15.73
CA PHE D 54 56.13 -22.82 -16.91
C PHE D 54 54.97 -23.43 -17.71
N ILE D 55 54.01 -22.59 -18.08
CA ILE D 55 52.80 -23.02 -18.83
C ILE D 55 52.93 -22.47 -20.25
N ASN D 56 53.45 -21.26 -20.40
CA ASN D 56 53.50 -20.61 -21.73
C ASN D 56 54.57 -19.53 -21.73
N ILE D 57 55.16 -19.32 -22.91
CA ILE D 57 56.02 -18.15 -23.24
C ILE D 57 55.28 -17.39 -24.34
N LEU D 58 54.78 -16.19 -24.03
CA LEU D 58 53.80 -15.47 -24.88
C LEU D 58 54.52 -14.51 -25.83
N GLU D 59 55.59 -13.89 -25.35
CA GLU D 59 56.31 -12.85 -26.12
C GLU D 59 57.76 -12.84 -25.66
N VAL D 60 58.66 -12.66 -26.61
CA VAL D 60 60.13 -12.67 -26.41
C VAL D 60 60.67 -11.55 -27.31
N ASN D 61 61.61 -10.76 -26.80
CA ASN D 61 62.24 -9.67 -27.58
C ASN D 61 63.75 -9.74 -27.36
N GLU D 62 64.47 -10.19 -28.40
CA GLU D 62 65.94 -10.41 -28.36
C GLU D 62 66.64 -9.06 -28.30
N ILE D 63 66.02 -8.01 -28.85
CA ILE D 63 66.56 -6.62 -28.87
C ILE D 63 66.54 -6.07 -27.43
N THR D 64 65.39 -6.11 -26.75
CA THR D 64 65.17 -5.49 -25.42
C THR D 64 65.54 -6.46 -24.28
N ASN D 65 65.72 -7.75 -24.58
CA ASN D 65 66.01 -8.80 -23.56
C ASN D 65 64.85 -8.84 -22.54
N GLU D 66 63.62 -8.98 -23.05
CA GLU D 66 62.38 -9.07 -22.24
C GLU D 66 61.62 -10.32 -22.65
N VAL D 67 61.07 -11.04 -21.68
CA VAL D 67 60.16 -12.20 -21.90
C VAL D 67 58.86 -11.94 -21.14
N ASP D 68 57.75 -12.39 -21.72
CA ASP D 68 56.39 -12.38 -21.13
C ASP D 68 56.00 -13.85 -20.98
N VAL D 69 55.83 -14.30 -19.73
CA VAL D 69 55.67 -15.75 -19.40
C VAL D 69 54.45 -15.95 -18.50
N VAL D 70 53.84 -17.13 -18.60
CA VAL D 70 52.81 -17.63 -17.66
C VAL D 70 53.39 -18.84 -16.96
N PHE D 71 53.37 -18.83 -15.63
CA PHE D 71 53.86 -19.96 -14.78
C PHE D 71 52.95 -20.12 -13.56
N TRP D 72 52.89 -21.35 -13.05
CA TRP D 72 52.29 -21.66 -11.73
C TRP D 72 53.41 -21.56 -10.70
N GLN D 73 53.23 -20.68 -9.71
CA GLN D 73 54.23 -20.44 -8.64
C GLN D 73 53.85 -21.32 -7.46
N GLN D 74 54.22 -22.60 -7.51
CA GLN D 74 53.96 -23.57 -6.42
C GLN D 74 54.71 -23.12 -5.17
N THR D 75 53.98 -22.76 -4.12
CA THR D 75 54.51 -22.17 -2.88
C THR D 75 53.95 -22.97 -1.70
N THR D 76 54.81 -23.46 -0.81
CA THR D 76 54.42 -24.22 0.39
C THR D 76 55.20 -23.71 1.58
N TRP D 77 54.57 -23.74 2.75
CA TRP D 77 55.17 -23.36 4.04
C TRP D 77 54.25 -23.86 5.13
N SER D 78 54.71 -23.79 6.37
CA SER D 78 53.96 -24.26 7.55
C SER D 78 53.55 -23.04 8.39
N ASP D 79 52.29 -23.00 8.82
CA ASP D 79 51.78 -22.04 9.81
C ASP D 79 50.99 -22.85 10.84
N ARG D 80 51.61 -23.15 11.99
CA ARG D 80 51.05 -24.03 13.04
C ARG D 80 49.81 -23.39 13.67
N THR D 81 49.64 -22.08 13.59
CA THR D 81 48.45 -21.37 14.15
C THR D 81 47.19 -21.75 13.36
N LEU D 82 47.32 -22.32 12.16
CA LEU D 82 46.17 -22.77 11.32
C LEU D 82 45.76 -24.21 11.66
N ALA D 83 46.59 -24.95 12.39
CA ALA D 83 46.45 -26.42 12.57
C ALA D 83 45.17 -26.73 13.33
N TRP D 84 44.54 -27.88 13.04
CA TRP D 84 43.38 -28.41 13.79
C TRP D 84 43.52 -29.94 13.91
N ASN D 85 42.79 -30.53 14.85
CA ASN D 85 42.71 -32.00 15.07
C ASN D 85 41.93 -32.62 13.89
N SER D 86 42.62 -33.43 13.06
CA SER D 86 42.05 -34.02 11.82
C SER D 86 41.09 -35.18 12.12
N SER D 87 41.08 -35.72 13.33
CA SER D 87 40.16 -36.84 13.73
C SER D 87 38.71 -36.40 13.49
N HIS D 88 37.97 -37.12 12.64
CA HIS D 88 36.56 -36.84 12.27
C HIS D 88 36.40 -35.43 11.72
N SER D 89 37.40 -34.96 10.97
CA SER D 89 37.43 -33.61 10.35
C SER D 89 38.02 -33.70 8.96
N PRO D 90 37.81 -32.69 8.08
CA PRO D 90 38.54 -32.61 6.82
C PRO D 90 40.05 -32.60 7.04
N ASP D 91 40.81 -33.17 6.11
CA ASP D 91 42.29 -33.13 6.13
C ASP D 91 42.78 -31.79 5.59
N GLN D 92 41.99 -31.13 4.74
CA GLN D 92 42.36 -29.88 4.03
C GLN D 92 41.14 -28.99 3.84
N VAL D 93 41.34 -27.68 3.81
CA VAL D 93 40.30 -26.69 3.41
C VAL D 93 40.91 -25.69 2.42
N SER D 94 40.06 -25.07 1.61
CA SER D 94 40.40 -23.93 0.73
C SER D 94 40.13 -22.64 1.49
N VAL D 95 41.13 -21.76 1.57
CA VAL D 95 41.09 -20.51 2.37
C VAL D 95 41.49 -19.36 1.47
N PRO D 96 40.74 -18.23 1.46
CA PRO D 96 41.17 -17.05 0.73
C PRO D 96 42.48 -16.56 1.34
N ILE D 97 43.44 -16.14 0.51
CA ILE D 97 44.80 -15.76 0.99
C ILE D 97 44.70 -14.49 1.84
N SER D 98 43.65 -13.69 1.69
CA SER D 98 43.40 -12.49 2.53
C SER D 98 43.25 -12.92 4.00
N SER D 99 42.91 -14.18 4.28
CA SER D 99 42.77 -14.70 5.66
C SER D 99 44.05 -15.38 6.15
N LEU D 100 45.16 -15.36 5.42
CA LEU D 100 46.40 -16.08 5.80
C LEU D 100 47.60 -15.15 5.70
N TRP D 101 48.63 -15.38 6.50
CA TRP D 101 49.98 -14.87 6.18
C TRP D 101 50.45 -15.60 4.91
N VAL D 102 51.00 -14.84 3.97
CA VAL D 102 51.58 -15.36 2.70
C VAL D 102 52.98 -14.76 2.57
N PRO D 103 53.98 -15.53 2.10
CA PRO D 103 55.31 -15.00 1.88
C PRO D 103 55.29 -13.79 0.93
N ASP D 104 56.02 -12.74 1.27
CA ASP D 104 56.17 -11.53 0.43
C ASP D 104 57.19 -11.78 -0.70
N LEU D 105 56.94 -12.79 -1.54
CA LEU D 105 57.86 -13.16 -2.64
C LEU D 105 57.78 -12.09 -3.73
N ALA D 106 58.94 -11.79 -4.32
CA ALA D 106 59.06 -10.92 -5.50
C ALA D 106 60.12 -11.51 -6.43
N ALA D 107 59.92 -11.33 -7.72
CA ALA D 107 60.92 -11.59 -8.77
C ALA D 107 61.82 -10.35 -8.88
N TYR D 108 63.09 -10.49 -8.51
CA TYR D 108 64.07 -9.38 -8.42
C TYR D 108 64.29 -8.74 -9.80
N ASN D 109 64.07 -9.48 -10.90
CA ASN D 109 64.27 -8.98 -12.28
C ASN D 109 62.93 -8.86 -13.02
N ALA D 110 61.80 -8.77 -12.31
CA ALA D 110 60.48 -8.52 -12.94
C ALA D 110 60.42 -7.08 -13.41
N ILE D 111 59.78 -6.83 -14.55
CA ILE D 111 59.56 -5.45 -15.08
C ILE D 111 58.06 -5.18 -15.22
N SER D 112 57.20 -6.07 -14.71
CA SER D 112 55.74 -5.85 -14.60
C SER D 112 55.25 -6.42 -13.27
N LYS D 113 54.11 -5.93 -12.77
CA LYS D 113 53.43 -6.49 -11.58
C LYS D 113 53.03 -7.92 -11.90
N PRO D 114 53.12 -8.88 -10.96
CA PRO D 114 52.59 -10.21 -11.22
C PRO D 114 51.07 -10.10 -11.43
N GLU D 115 50.58 -10.57 -12.58
CA GLU D 115 49.14 -10.62 -12.92
C GLU D 115 48.65 -12.02 -12.52
N VAL D 116 47.91 -12.14 -11.42
CA VAL D 116 47.37 -13.44 -10.93
C VAL D 116 46.12 -13.77 -11.73
N LEU D 117 46.12 -14.91 -12.41
CA LEU D 117 45.06 -15.30 -13.38
C LEU D 117 44.01 -16.17 -12.71
N THR D 118 44.27 -16.64 -11.49
CA THR D 118 43.49 -17.71 -10.83
C THR D 118 42.85 -17.20 -9.55
N PRO D 119 41.81 -17.88 -9.04
CA PRO D 119 41.22 -17.55 -7.75
C PRO D 119 42.29 -17.54 -6.65
N GLN D 120 42.26 -16.51 -5.80
CA GLN D 120 43.26 -16.25 -4.74
C GLN D 120 42.87 -17.09 -3.49
N LEU D 121 42.86 -18.40 -3.65
CA LEU D 121 42.63 -19.38 -2.56
C LEU D 121 43.91 -20.21 -2.38
N ALA D 122 44.22 -20.56 -1.14
CA ALA D 122 45.28 -21.54 -0.82
C ALA D 122 44.62 -22.76 -0.18
N ARG D 123 45.32 -23.89 -0.22
CA ARG D 123 44.93 -25.14 0.48
C ARG D 123 45.67 -25.14 1.83
N VAL D 124 44.93 -25.31 2.93
CA VAL D 124 45.52 -25.48 4.28
C VAL D 124 45.27 -26.92 4.74
N VAL D 125 46.32 -27.64 5.09
CA VAL D 125 46.28 -29.02 5.63
C VAL D 125 46.13 -28.91 7.15
N SER D 126 45.52 -29.91 7.79
CA SER D 126 45.21 -29.93 9.25
C SER D 126 46.45 -29.73 10.10
N ASP D 127 47.64 -30.04 9.60
CA ASP D 127 48.92 -29.86 10.32
C ASP D 127 49.46 -28.44 10.16
N GLY D 128 48.78 -27.58 9.37
CA GLY D 128 49.15 -26.16 9.22
C GLY D 128 50.03 -25.93 8.02
N GLU D 129 50.25 -26.95 7.19
CA GLU D 129 50.93 -26.77 5.89
C GLU D 129 49.99 -26.01 4.95
N VAL D 130 50.52 -25.01 4.27
CA VAL D 130 49.78 -24.19 3.27
C VAL D 130 50.36 -24.48 1.89
N LEU D 131 49.49 -24.74 0.93
CA LEU D 131 49.83 -24.89 -0.51
C LEU D 131 49.12 -23.79 -1.29
N TYR D 132 49.89 -22.84 -1.82
CA TYR D 132 49.39 -21.70 -2.62
C TYR D 132 50.08 -21.80 -3.97
N MET D 133 49.29 -21.95 -5.04
CA MET D 133 49.84 -22.09 -6.41
C MET D 133 49.04 -21.21 -7.36
N PRO D 134 49.31 -19.88 -7.37
CA PRO D 134 48.70 -19.01 -8.35
C PRO D 134 49.31 -19.24 -9.73
N SER D 135 48.50 -19.08 -10.77
CA SER D 135 48.96 -18.89 -12.16
C SER D 135 49.24 -17.40 -12.33
N ILE D 136 50.47 -17.08 -12.71
CA ILE D 136 50.97 -15.68 -12.82
C ILE D 136 51.44 -15.45 -14.25
N ARG D 137 51.01 -14.34 -14.83
CA ARG D 137 51.61 -13.76 -16.04
C ARG D 137 52.47 -12.58 -15.62
N GLN D 138 53.74 -12.56 -16.02
CA GLN D 138 54.72 -11.53 -15.61
C GLN D 138 55.79 -11.38 -16.70
N ARG D 139 56.33 -10.16 -16.84
CA ARG D 139 57.40 -9.82 -17.80
C ARG D 139 58.71 -9.70 -17.03
N PHE D 140 59.82 -10.21 -17.60
CA PHE D 140 61.16 -10.18 -16.96
C PHE D 140 62.19 -9.60 -17.92
N SER D 141 63.21 -8.96 -17.34
CA SER D 141 64.48 -8.59 -17.97
C SER D 141 65.45 -9.75 -17.74
N CYS D 142 65.83 -10.43 -18.82
CA CYS D 142 66.75 -11.60 -18.75
C CYS D 142 67.38 -11.86 -20.13
N ASP D 143 68.35 -12.76 -20.19
CA ASP D 143 69.16 -13.05 -21.40
C ASP D 143 68.30 -13.82 -22.41
N VAL D 144 67.86 -13.13 -23.46
CA VAL D 144 67.05 -13.70 -24.57
C VAL D 144 67.97 -14.08 -25.74
N SER D 145 69.27 -13.73 -25.68
CA SER D 145 70.25 -13.99 -26.78
C SER D 145 70.27 -15.50 -27.07
N GLY D 146 70.18 -15.87 -28.35
CA GLY D 146 70.30 -17.26 -28.82
C GLY D 146 68.96 -17.99 -28.84
N VAL D 147 67.86 -17.25 -28.76
CA VAL D 147 66.49 -17.84 -28.71
C VAL D 147 66.19 -18.58 -30.02
N ASP D 148 66.75 -18.13 -31.14
CA ASP D 148 66.49 -18.69 -32.50
C ASP D 148 67.51 -19.77 -32.86
N THR D 149 68.45 -20.08 -31.96
CA THR D 149 69.48 -21.12 -32.17
C THR D 149 68.99 -22.46 -31.58
N GLU D 150 69.78 -23.51 -31.74
CA GLU D 150 69.45 -24.88 -31.30
C GLU D 150 69.73 -25.00 -29.79
N SER D 151 70.81 -24.37 -29.31
CA SER D 151 71.16 -24.28 -27.87
C SER D 151 70.11 -23.45 -27.11
N GLY D 152 69.48 -22.47 -27.78
CA GLY D 152 68.38 -21.65 -27.23
C GLY D 152 68.89 -20.57 -26.29
N ALA D 153 67.97 -19.73 -25.78
CA ALA D 153 68.26 -18.71 -24.74
C ALA D 153 68.18 -19.36 -23.35
N THR D 154 68.94 -18.83 -22.40
CA THR D 154 68.81 -19.16 -20.95
C THR D 154 68.40 -17.87 -20.22
N CYS D 155 67.13 -17.78 -19.83
CA CYS D 155 66.53 -16.65 -19.08
C CYS D 155 66.50 -17.00 -17.59
N ARG D 156 67.22 -16.26 -16.75
CA ARG D 156 67.30 -16.49 -15.28
C ARG D 156 66.29 -15.58 -14.57
N ILE D 157 65.39 -16.17 -13.79
CA ILE D 157 64.37 -15.46 -12.95
C ILE D 157 64.73 -15.71 -11.49
N LYS D 158 64.92 -14.66 -10.71
CA LYS D 158 65.29 -14.76 -9.27
C LYS D 158 64.08 -14.38 -8.40
N ILE D 159 63.62 -15.29 -7.55
CA ILE D 159 62.43 -15.09 -6.68
C ILE D 159 62.85 -15.30 -5.22
N GLY D 160 62.62 -14.29 -4.37
CA GLY D 160 62.83 -14.39 -2.91
C GLY D 160 61.93 -13.43 -2.14
N SER D 161 61.99 -13.48 -0.82
CA SER D 161 61.25 -12.55 0.08
C SER D 161 61.76 -11.13 -0.20
N TRP D 162 60.85 -10.17 -0.27
CA TRP D 162 61.23 -8.75 -0.47
C TRP D 162 61.78 -8.16 0.83
N THR D 163 61.26 -8.54 2.01
CA THR D 163 61.60 -7.83 3.27
C THR D 163 62.09 -8.78 4.36
N HIS D 164 61.97 -10.10 4.20
CA HIS D 164 62.40 -11.07 5.24
C HIS D 164 63.75 -11.68 4.84
N HIS D 165 64.76 -11.53 5.68
CA HIS D 165 66.13 -12.06 5.45
C HIS D 165 66.18 -13.51 5.95
N SER D 166 67.34 -14.16 5.80
CA SER D 166 67.56 -15.62 6.00
C SER D 166 67.14 -16.10 7.41
N ARG D 167 67.16 -15.22 8.40
CA ARG D 167 66.79 -15.59 9.79
C ARG D 167 65.27 -15.69 9.95
N GLU D 168 64.49 -15.17 9.00
CA GLU D 168 63.00 -15.13 9.13
C GLU D 168 62.35 -16.01 8.07
N ILE D 169 62.85 -15.96 6.84
CA ILE D 169 62.39 -16.83 5.71
C ILE D 169 63.60 -17.50 5.09
N SER D 170 63.53 -18.82 4.88
CA SER D 170 64.42 -19.55 3.94
C SER D 170 63.60 -19.95 2.72
N VAL D 171 64.17 -19.84 1.53
CA VAL D 171 63.47 -20.21 0.27
C VAL D 171 64.25 -21.39 -0.30
N ASP D 172 63.58 -22.52 -0.52
CA ASP D 172 64.20 -23.73 -1.08
C ASP D 172 63.43 -24.11 -2.33
N PRO D 173 64.10 -24.53 -3.41
CA PRO D 173 63.43 -25.10 -4.57
C PRO D 173 62.87 -26.50 -4.20
N THR D 174 61.73 -26.89 -4.73
CA THR D 174 60.99 -28.11 -4.26
C THR D 174 61.75 -29.39 -4.68
N SER D 178 62.59 -32.81 -10.62
CA SER D 178 61.38 -32.00 -10.95
C SER D 178 61.22 -31.87 -12.48
N ASP D 179 60.00 -31.95 -12.99
CA ASP D 179 59.73 -32.32 -14.42
C ASP D 179 59.25 -31.06 -15.14
N ASP D 180 60.01 -30.59 -16.13
CA ASP D 180 59.93 -29.18 -16.66
C ASP D 180 58.65 -29.12 -17.52
N SER D 181 58.55 -30.00 -18.52
CA SER D 181 57.62 -29.84 -19.68
C SER D 181 56.33 -30.60 -19.44
N GLU D 182 56.07 -31.09 -18.22
CA GLU D 182 54.76 -31.76 -17.91
C GLU D 182 53.60 -30.76 -18.07
N TYR D 183 53.83 -29.48 -17.82
CA TYR D 183 52.84 -28.40 -17.67
C TYR D 183 52.82 -27.49 -18.91
N PHE D 184 53.88 -27.52 -19.72
CA PHE D 184 54.10 -26.50 -20.78
C PHE D 184 53.12 -26.74 -21.92
N SER D 185 52.57 -25.67 -22.48
CA SER D 185 51.59 -25.72 -23.59
C SER D 185 52.28 -26.27 -24.84
N GLN D 186 51.70 -27.30 -25.44
CA GLN D 186 52.18 -27.88 -26.73
C GLN D 186 51.98 -26.85 -27.86
N TYR D 187 51.14 -25.83 -27.65
CA TYR D 187 50.71 -24.89 -28.71
C TYR D 187 51.55 -23.61 -28.70
N SER D 188 52.48 -23.48 -27.75
CA SER D 188 53.45 -22.33 -27.70
C SER D 188 54.28 -22.31 -28.99
N ARG D 189 54.66 -21.13 -29.46
CA ARG D 189 55.68 -20.91 -30.53
C ARG D 189 57.05 -21.37 -30.03
N PHE D 190 57.22 -21.48 -28.70
CA PHE D 190 58.51 -21.84 -28.06
C PHE D 190 58.42 -23.25 -27.51
N GLU D 191 59.58 -23.83 -27.22
CA GLU D 191 59.69 -25.13 -26.51
C GLU D 191 60.76 -24.98 -25.44
N ILE D 192 60.60 -25.74 -24.37
CA ILE D 192 61.52 -25.73 -23.21
C ILE D 192 62.54 -26.85 -23.42
N LEU D 193 63.82 -26.50 -23.38
CA LEU D 193 64.95 -27.45 -23.46
C LEU D 193 65.28 -27.93 -22.04
N ASP D 194 65.33 -27.01 -21.07
CA ASP D 194 65.67 -27.34 -19.67
C ASP D 194 65.18 -26.23 -18.72
N VAL D 195 64.78 -26.62 -17.51
CA VAL D 195 64.50 -25.70 -16.39
C VAL D 195 65.29 -26.21 -15.19
N THR D 196 66.21 -25.40 -14.67
CA THR D 196 66.94 -25.72 -13.41
C THR D 196 66.55 -24.65 -12.38
N GLN D 197 66.33 -25.09 -11.14
CA GLN D 197 65.91 -24.21 -10.03
C GLN D 197 66.87 -24.47 -8.87
N LYS D 198 67.71 -23.48 -8.55
CA LYS D 198 68.77 -23.62 -7.54
C LYS D 198 68.62 -22.53 -6.48
N LYS D 199 68.92 -22.88 -5.23
CA LYS D 199 68.97 -21.94 -4.10
C LYS D 199 70.16 -21.01 -4.32
N ASN D 200 69.98 -19.72 -4.02
CA ASN D 200 71.07 -18.72 -4.00
C ASN D 200 70.78 -17.76 -2.87
N SER D 201 71.65 -16.78 -2.66
CA SER D 201 71.54 -15.68 -1.69
C SER D 201 72.01 -14.40 -2.40
N VAL D 202 71.32 -13.29 -2.16
CA VAL D 202 71.74 -11.96 -2.66
C VAL D 202 71.98 -11.06 -1.44
N THR D 203 73.10 -10.36 -1.46
CA THR D 203 73.41 -9.22 -0.55
C THR D 203 73.67 -8.01 -1.44
N TYR D 204 73.06 -6.87 -1.14
CA TYR D 204 73.33 -5.55 -1.76
C TYR D 204 73.94 -4.62 -0.73
N SER D 205 74.68 -3.62 -1.15
CA SER D 205 75.32 -2.57 -0.31
C SER D 205 74.27 -1.79 0.50
N CYS D 206 73.02 -1.67 0.00
CA CYS D 206 71.90 -0.96 0.68
C CYS D 206 71.59 -1.59 2.04
N CYS D 207 71.69 -2.91 2.12
CA CYS D 207 70.93 -3.75 3.07
C CYS D 207 71.85 -4.81 3.68
N PRO D 208 72.14 -4.75 4.99
CA PRO D 208 73.24 -5.54 5.58
C PRO D 208 73.01 -7.04 5.65
N GLU D 209 71.79 -7.51 5.43
CA GLU D 209 71.34 -8.92 5.60
C GLU D 209 71.42 -9.66 4.28
N ALA D 210 71.47 -10.99 4.32
CA ALA D 210 71.42 -11.89 3.13
C ALA D 210 69.97 -12.31 2.90
N TYR D 211 69.50 -12.23 1.65
CA TYR D 211 68.13 -12.63 1.23
C TYR D 211 68.24 -13.88 0.39
N GLU D 212 67.61 -14.96 0.84
CA GLU D 212 67.58 -16.24 0.11
C GLU D 212 66.62 -16.08 -1.08
N ASP D 213 67.02 -16.64 -2.23
CA ASP D 213 66.17 -16.65 -3.45
C ASP D 213 66.28 -18.04 -4.08
N VAL D 214 65.35 -18.35 -4.97
CA VAL D 214 65.44 -19.46 -5.94
C VAL D 214 65.76 -18.82 -7.29
N GLU D 215 66.85 -19.27 -7.92
CA GLU D 215 67.26 -18.88 -9.29
C GLU D 215 66.69 -19.93 -10.25
N VAL D 216 65.81 -19.50 -11.14
CA VAL D 216 65.13 -20.39 -12.12
C VAL D 216 65.75 -20.10 -13.49
N SER D 217 66.48 -21.06 -14.04
CA SER D 217 67.10 -20.94 -15.39
C SER D 217 66.18 -21.61 -16.43
N LEU D 218 65.54 -20.79 -17.24
CA LEU D 218 64.62 -21.23 -18.32
C LEU D 218 65.42 -21.29 -19.63
N ASN D 219 65.84 -22.48 -20.01
CA ASN D 219 66.53 -22.74 -21.31
C ASN D 219 65.44 -23.14 -22.32
N PHE D 220 65.18 -22.26 -23.28
CA PHE D 220 64.07 -22.40 -24.26
C PHE D 220 64.52 -21.87 -25.63
N ARG D 221 63.78 -22.20 -26.69
CA ARG D 221 64.06 -21.71 -28.07
C ARG D 221 62.76 -21.62 -28.85
N LYS D 222 62.75 -20.80 -29.91
CA LYS D 222 61.65 -20.74 -30.91
C LYS D 222 61.60 -22.08 -31.63
N LYS D 223 60.42 -22.54 -32.01
CA LYS D 223 60.21 -23.69 -32.94
C LYS D 223 60.42 -23.18 -34.37
N GLY D 224 60.87 -24.04 -35.27
CA GLY D 224 60.78 -23.86 -36.75
C GLY D 224 59.34 -23.67 -37.24
N ARG D 225 59.13 -22.91 -38.32
CA ARG D 225 57.78 -22.51 -38.83
C ARG D 225 57.47 -23.22 -40.14
N LEU E 20 58.99 -9.31 24.05
CA LEU E 20 57.88 -9.12 23.08
C LEU E 20 58.13 -10.03 21.88
N ASP E 21 57.09 -10.61 21.30
CA ASP E 21 57.20 -11.39 20.03
C ASP E 21 56.66 -10.53 18.87
N ARG E 22 56.83 -11.02 17.64
CA ARG E 22 56.43 -10.33 16.40
C ARG E 22 54.94 -9.97 16.46
N ALA E 23 54.11 -10.92 16.87
CA ALA E 23 52.64 -10.78 16.88
C ALA E 23 52.25 -9.57 17.74
N ASP E 24 52.88 -9.40 18.91
CA ASP E 24 52.58 -8.31 19.86
C ASP E 24 53.02 -6.96 19.26
N ILE E 25 54.23 -6.91 18.70
CA ILE E 25 54.79 -5.66 18.10
C ILE E 25 53.87 -5.22 16.96
N LEU E 26 53.49 -6.14 16.08
CA LEU E 26 52.65 -5.83 14.89
C LEU E 26 51.24 -5.44 15.33
N TYR E 27 50.71 -6.07 16.38
CA TYR E 27 49.42 -5.69 16.99
C TYR E 27 49.51 -4.25 17.49
N ASN E 28 50.53 -3.93 18.29
CA ASN E 28 50.75 -2.59 18.89
C ASN E 28 50.84 -1.54 17.76
N ILE E 29 51.63 -1.81 16.72
CA ILE E 29 51.79 -0.86 15.59
C ILE E 29 50.45 -0.69 14.89
N ARG E 30 49.76 -1.79 14.56
CA ARG E 30 48.44 -1.70 13.85
C ARG E 30 47.45 -0.87 14.69
N GLN E 31 47.44 -1.05 16.01
CA GLN E 31 46.40 -0.45 16.89
C GLN E 31 46.67 1.04 17.15
N THR E 32 47.94 1.49 17.13
CA THR E 32 48.32 2.83 17.64
C THR E 32 49.05 3.66 16.56
N SER E 33 49.33 3.05 15.41
CA SER E 33 49.92 3.71 14.25
C SER E 33 48.81 4.65 13.80
N ARG E 34 49.18 5.89 13.71
CA ARG E 34 48.48 7.07 13.16
C ARG E 34 49.11 7.36 11.80
N PRO E 35 48.74 6.62 10.75
CA PRO E 35 49.36 6.75 9.43
C PRO E 35 49.18 8.12 8.78
N ASP E 36 48.23 8.92 9.24
CA ASP E 36 47.96 10.28 8.69
C ASP E 36 48.80 11.33 9.40
N VAL E 37 49.57 10.96 10.43
CA VAL E 37 50.29 11.92 11.32
C VAL E 37 51.79 11.85 11.04
N ILE E 38 52.32 12.88 10.38
CA ILE E 38 53.78 13.06 10.17
C ILE E 38 54.43 13.05 11.56
N PRO E 39 55.45 12.19 11.79
CA PRO E 39 56.04 12.06 13.12
C PRO E 39 57.13 13.11 13.40
N THR E 40 56.78 14.38 13.35
CA THR E 40 57.71 15.51 13.66
C THR E 40 58.07 15.41 15.14
N GLN E 41 59.34 15.63 15.48
CA GLN E 41 59.84 15.64 16.88
C GLN E 41 60.18 17.10 17.23
N ARG E 42 59.66 17.58 18.35
CA ARG E 42 59.96 18.93 18.89
C ARG E 42 60.02 19.96 17.75
N ASP E 43 59.00 19.98 16.87
CA ASP E 43 58.79 21.00 15.80
C ASP E 43 60.00 21.04 14.84
N ARG E 44 60.75 19.96 14.71
CA ARG E 44 61.85 19.83 13.73
C ARG E 44 61.34 18.95 12.59
N PRO E 45 61.81 19.16 11.35
CA PRO E 45 61.26 18.41 10.21
C PRO E 45 61.61 16.93 10.34
N VAL E 46 60.79 16.07 9.73
CA VAL E 46 61.15 14.64 9.56
C VAL E 46 62.20 14.58 8.45
N ALA E 47 63.38 14.05 8.77
CA ALA E 47 64.50 13.86 7.82
C ALA E 47 64.22 12.57 7.05
N VAL E 48 63.90 12.70 5.76
CA VAL E 48 63.66 11.56 4.84
C VAL E 48 64.88 11.42 3.95
N SER E 49 65.53 10.25 3.98
CA SER E 49 66.62 9.89 3.04
C SER E 49 66.03 9.15 1.86
N VAL E 50 66.41 9.56 0.65
CA VAL E 50 65.94 8.99 -0.63
C VAL E 50 67.17 8.71 -1.50
N SER E 51 67.26 7.50 -2.05
CA SER E 51 68.28 7.10 -3.03
C SER E 51 67.62 6.14 -4.04
N LEU E 52 67.68 6.47 -5.33
CA LEU E 52 67.19 5.57 -6.41
C LEU E 52 68.31 4.62 -6.83
N LYS E 53 68.04 3.31 -6.81
CA LYS E 53 68.91 2.26 -7.37
C LYS E 53 68.28 1.82 -8.69
N PHE E 54 68.86 2.21 -9.81
CA PHE E 54 68.33 1.89 -11.15
C PHE E 54 68.55 0.41 -11.40
N ILE E 55 67.51 -0.28 -11.85
CA ILE E 55 67.53 -1.75 -12.13
C ILE E 55 67.48 -1.95 -13.64
N ASN E 56 66.71 -1.12 -14.35
CA ASN E 56 66.51 -1.31 -15.80
C ASN E 56 66.05 -0.01 -16.42
N ILE E 57 66.42 0.18 -17.69
CA ILE E 57 65.88 1.21 -18.62
C ILE E 57 65.22 0.44 -19.75
N LEU E 58 63.89 0.50 -19.83
CA LEU E 58 63.06 -0.42 -20.67
C LEU E 58 62.79 0.21 -22.02
N GLU E 59 62.59 1.53 -22.06
CA GLU E 59 62.21 2.23 -23.30
C GLU E 59 62.71 3.68 -23.19
N VAL E 60 63.18 4.20 -24.30
CA VAL E 60 63.77 5.56 -24.42
C VAL E 60 63.29 6.11 -25.75
N ASN E 61 62.88 7.38 -25.78
CA ASN E 61 62.41 8.03 -27.03
C ASN E 61 63.06 9.41 -27.11
N GLU E 62 64.04 9.55 -28.01
CA GLU E 62 64.85 10.78 -28.18
C GLU E 62 63.97 11.87 -28.79
N ILE E 63 62.95 11.50 -29.57
CA ILE E 63 61.98 12.43 -30.22
C ILE E 63 61.12 13.08 -29.13
N THR E 64 60.47 12.28 -28.27
CA THR E 64 59.48 12.74 -27.25
C THR E 64 60.18 13.12 -25.94
N ASN E 65 61.45 12.75 -25.75
CA ASN E 65 62.20 12.99 -24.48
C ASN E 65 61.46 12.30 -23.33
N GLU E 66 61.19 11.01 -23.47
CA GLU E 66 60.52 10.16 -22.47
C GLU E 66 61.39 8.92 -22.21
N VAL E 67 61.51 8.54 -20.94
CA VAL E 67 62.18 7.27 -20.53
C VAL E 67 61.20 6.47 -19.68
N ASP E 68 61.26 5.15 -19.80
CA ASP E 68 60.53 4.15 -18.98
C ASP E 68 61.59 3.39 -18.20
N VAL E 69 61.58 3.51 -16.87
CA VAL E 69 62.67 3.01 -16.00
C VAL E 69 62.09 2.18 -14.84
N VAL E 70 62.87 1.22 -14.35
CA VAL E 70 62.61 0.47 -13.09
C VAL E 70 63.73 0.83 -12.11
N PHE E 71 63.36 1.27 -10.91
CA PHE E 71 64.32 1.60 -9.84
C PHE E 71 63.77 1.18 -8.48
N TRP E 72 64.66 0.88 -7.55
CA TRP E 72 64.34 0.72 -6.11
C TRP E 72 64.47 2.08 -5.46
N GLN E 73 63.38 2.57 -4.85
CA GLN E 73 63.33 3.90 -4.19
C GLN E 73 63.62 3.69 -2.71
N GLN E 74 64.89 3.57 -2.36
CA GLN E 74 65.34 3.38 -0.95
C GLN E 74 64.96 4.64 -0.16
N THR E 75 64.06 4.48 0.81
CA THR E 75 63.47 5.58 1.60
C THR E 75 63.61 5.21 3.08
N THR E 76 64.17 6.11 3.89
CA THR E 76 64.35 5.90 5.34
C THR E 76 63.96 7.17 6.08
N TRP E 77 63.42 6.99 7.29
CA TRP E 77 63.05 8.09 8.19
C TRP E 77 62.80 7.44 9.56
N SER E 78 62.64 8.25 10.59
CA SER E 78 62.43 7.82 11.98
C SER E 78 60.98 8.15 12.38
N ASP E 79 60.30 7.20 13.00
CA ASP E 79 59.00 7.43 13.67
C ASP E 79 59.09 6.78 15.05
N ARG E 80 59.34 7.58 16.07
CA ARG E 80 59.60 7.12 17.47
C ARG E 80 58.34 6.47 18.05
N THR E 81 57.15 6.78 17.53
CA THR E 81 55.87 6.17 18.02
C THR E 81 55.83 4.67 17.70
N LEU E 82 56.67 4.18 16.77
CA LEU E 82 56.75 2.75 16.40
C LEU E 82 57.71 1.97 17.32
N ALA E 83 58.55 2.67 18.09
CA ALA E 83 59.70 2.07 18.83
C ALA E 83 59.21 1.07 19.88
N TRP E 84 59.99 0.01 20.14
CA TRP E 84 59.75 -0.95 21.25
C TRP E 84 61.09 -1.34 21.89
N ASN E 85 61.03 -1.90 23.10
CA ASN E 85 62.21 -2.44 23.84
C ASN E 85 62.71 -3.71 23.13
N SER E 86 63.91 -3.66 22.54
CA SER E 86 64.50 -4.75 21.71
C SER E 86 65.01 -5.91 22.58
N SER E 87 65.15 -5.72 23.90
CA SER E 87 65.65 -6.79 24.83
C SER E 87 64.70 -8.00 24.73
N HIS E 88 65.23 -9.16 24.34
CA HIS E 88 64.49 -10.44 24.17
C HIS E 88 63.30 -10.26 23.22
N SER E 89 63.50 -9.46 22.17
CA SER E 89 62.50 -9.17 21.12
C SER E 89 63.19 -9.12 19.77
N PRO E 90 62.44 -9.23 18.65
CA PRO E 90 63.00 -8.95 17.33
C PRO E 90 63.58 -7.54 17.25
N ASP E 91 64.65 -7.36 16.47
CA ASP E 91 65.27 -6.03 16.21
C ASP E 91 64.46 -5.30 15.13
N GLN E 92 63.76 -6.05 14.26
CA GLN E 92 63.04 -5.52 13.09
C GLN E 92 61.78 -6.35 12.82
N VAL E 93 60.74 -5.72 12.28
CA VAL E 93 59.53 -6.42 11.76
C VAL E 93 59.18 -5.84 10.38
N SER E 94 58.48 -6.63 9.58
CA SER E 94 57.87 -6.23 8.29
C SER E 94 56.44 -5.75 8.56
N VAL E 95 56.12 -4.54 8.12
CA VAL E 95 54.82 -3.86 8.41
C VAL E 95 54.22 -3.40 7.08
N PRO E 96 52.93 -3.68 6.82
CA PRO E 96 52.28 -3.13 5.63
C PRO E 96 52.26 -1.61 5.75
N ILE E 97 52.54 -0.90 4.65
CA ILE E 97 52.69 0.58 4.68
C ILE E 97 51.34 1.25 5.03
N SER E 98 50.22 0.56 4.81
CA SER E 98 48.88 1.04 5.22
C SER E 98 48.83 1.25 6.74
N SER E 99 49.71 0.59 7.50
CA SER E 99 49.77 0.73 8.98
C SER E 99 50.82 1.75 9.43
N LEU E 100 51.46 2.49 8.52
CA LEU E 100 52.53 3.47 8.88
C LEU E 100 52.28 4.81 8.22
N TRP E 101 52.75 5.88 8.84
CA TRP E 101 52.97 7.15 8.11
C TRP E 101 54.09 6.91 7.11
N VAL E 102 53.89 7.34 5.87
CA VAL E 102 54.90 7.25 4.78
C VAL E 102 55.01 8.63 4.17
N PRO E 103 56.24 9.08 3.81
CA PRO E 103 56.41 10.36 3.12
C PRO E 103 55.60 10.38 1.81
N ASP E 104 54.92 11.48 1.54
CA ASP E 104 54.13 11.71 0.30
C ASP E 104 55.09 12.12 -0.84
N LEU E 105 56.07 11.27 -1.16
CA LEU E 105 57.06 11.56 -2.21
C LEU E 105 56.40 11.46 -3.58
N ALA E 106 56.76 12.36 -4.49
CA ALA E 106 56.35 12.33 -5.90
C ALA E 106 57.55 12.75 -6.76
N ALA E 107 57.63 12.17 -7.95
CA ALA E 107 58.56 12.61 -9.01
C ALA E 107 57.88 13.75 -9.78
N TYR E 108 58.43 14.96 -9.68
CA TYR E 108 57.84 16.20 -10.22
C TYR E 108 57.74 16.13 -11.75
N ASN E 109 58.58 15.32 -12.42
CA ASN E 109 58.59 15.21 -13.90
C ASN E 109 58.12 13.80 -14.33
N ALA E 110 57.38 13.07 -13.49
CA ALA E 110 56.76 11.79 -13.87
C ALA E 110 55.60 12.06 -14.84
N ILE E 111 55.42 11.19 -15.83
CA ILE E 111 54.29 11.27 -16.79
C ILE E 111 53.45 9.99 -16.74
N SER E 112 53.71 9.12 -15.77
CA SER E 112 52.86 7.93 -15.44
C SER E 112 52.80 7.78 -13.92
N LYS E 113 51.77 7.09 -13.43
CA LYS E 113 51.63 6.73 -12.00
C LYS E 113 52.79 5.81 -11.66
N PRO E 114 53.42 5.91 -10.46
CA PRO E 114 54.40 4.91 -10.07
C PRO E 114 53.71 3.54 -9.99
N GLU E 115 54.21 2.56 -10.74
CA GLU E 115 53.73 1.16 -10.74
C GLU E 115 54.64 0.40 -9.75
N VAL E 116 54.11 0.08 -8.57
CA VAL E 116 54.88 -0.62 -7.50
C VAL E 116 54.86 -2.11 -7.83
N LEU E 117 56.04 -2.72 -8.01
CA LEU E 117 56.17 -4.10 -8.52
C LEU E 117 56.32 -5.08 -7.34
N THR E 118 56.50 -4.57 -6.13
CA THR E 118 56.90 -5.38 -4.95
C THR E 118 55.80 -5.31 -3.88
N PRO E 119 55.78 -6.27 -2.94
CA PRO E 119 54.88 -6.21 -1.80
C PRO E 119 55.05 -4.89 -1.04
N GLN E 120 53.95 -4.27 -0.66
CA GLN E 120 53.88 -2.94 -0.02
C GLN E 120 54.14 -3.08 1.48
N LEU E 121 55.32 -3.58 1.84
CA LEU E 121 55.78 -3.77 3.23
C LEU E 121 57.00 -2.88 3.43
N ALA E 122 57.13 -2.29 4.62
CA ALA E 122 58.35 -1.60 5.07
C ALA E 122 58.96 -2.40 6.23
N ARG E 123 60.25 -2.19 6.47
CA ARG E 123 60.98 -2.74 7.64
C ARG E 123 60.97 -1.67 8.72
N VAL E 124 60.52 -2.02 9.92
CA VAL E 124 60.57 -1.11 11.11
C VAL E 124 61.58 -1.70 12.09
N VAL E 125 62.57 -0.89 12.47
CA VAL E 125 63.61 -1.25 13.48
C VAL E 125 63.05 -0.85 14.85
N SER E 126 63.49 -1.53 15.91
CA SER E 126 62.99 -1.35 17.31
C SER E 126 63.15 0.11 17.78
N ASP E 127 64.09 0.88 17.20
CA ASP E 127 64.30 2.30 17.55
C ASP E 127 63.34 3.21 16.77
N GLY E 128 62.52 2.66 15.88
CA GLY E 128 61.50 3.43 15.14
C GLY E 128 62.00 3.91 13.78
N GLU E 129 63.18 3.47 13.37
CA GLU E 129 63.67 3.72 11.99
C GLU E 129 62.83 2.87 11.03
N VAL E 130 62.36 3.47 9.95
CA VAL E 130 61.59 2.78 8.89
C VAL E 130 62.44 2.73 7.63
N LEU E 131 62.52 1.55 7.01
CA LEU E 131 63.16 1.33 5.69
C LEU E 131 62.08 0.84 4.73
N TYR E 132 61.73 1.68 3.76
CA TYR E 132 60.74 1.36 2.70
C TYR E 132 61.47 1.46 1.38
N MET E 133 61.53 0.37 0.63
CA MET E 133 62.27 0.31 -0.66
C MET E 133 61.40 -0.43 -1.67
N PRO E 134 60.39 0.25 -2.25
CA PRO E 134 59.60 -0.35 -3.32
C PRO E 134 60.43 -0.39 -4.61
N SER E 135 60.21 -1.43 -5.42
CA SER E 135 60.61 -1.44 -6.84
C SER E 135 59.49 -0.75 -7.62
N ILE E 136 59.84 0.30 -8.35
CA ILE E 136 58.87 1.17 -9.07
C ILE E 136 59.25 1.16 -10.57
N ARG E 137 58.27 0.94 -11.41
CA ARG E 137 58.35 1.24 -12.86
C ARG E 137 57.58 2.53 -13.11
N GLN E 138 58.22 3.50 -13.75
CA GLN E 138 57.63 4.85 -13.97
C GLN E 138 58.25 5.47 -15.23
N ARG E 139 57.45 6.29 -15.94
CA ARG E 139 57.87 7.03 -17.16
C ARG E 139 58.12 8.48 -16.77
N PHE E 140 59.18 9.09 -17.32
CA PHE E 140 59.56 10.49 -17.04
C PHE E 140 59.76 11.27 -18.34
N SER E 141 59.47 12.57 -18.25
CA SER E 141 59.86 13.62 -19.22
C SER E 141 61.21 14.17 -18.78
N CYS E 142 62.26 13.91 -19.55
CA CYS E 142 63.64 14.34 -19.24
C CYS E 142 64.50 14.33 -20.51
N ASP E 143 65.72 14.86 -20.40
CA ASP E 143 66.64 15.06 -21.54
C ASP E 143 67.21 13.72 -21.99
N VAL E 144 66.72 13.20 -23.11
CA VAL E 144 67.15 11.91 -23.72
C VAL E 144 68.19 12.20 -24.82
N SER E 145 68.44 13.48 -25.16
CA SER E 145 69.39 13.87 -26.24
C SER E 145 70.78 13.29 -25.92
N GLY E 146 71.40 12.65 -26.92
CA GLY E 146 72.78 12.14 -26.84
C GLY E 146 72.82 10.71 -26.33
N VAL E 147 71.69 10.01 -26.30
CA VAL E 147 71.58 8.63 -25.76
C VAL E 147 72.44 7.67 -26.60
N ASP E 148 72.60 7.93 -27.90
CA ASP E 148 73.32 7.03 -28.85
C ASP E 148 74.79 7.44 -28.97
N THR E 149 75.24 8.47 -28.23
CA THR E 149 76.63 8.96 -28.23
C THR E 149 77.40 8.29 -27.09
N GLU E 150 78.70 8.56 -27.01
CA GLU E 150 79.63 7.98 -26.01
C GLU E 150 79.45 8.70 -24.66
N SER E 151 79.24 10.02 -24.70
CA SER E 151 78.93 10.87 -23.51
C SER E 151 77.56 10.47 -22.92
N GLY E 152 76.62 10.02 -23.76
CA GLY E 152 75.30 9.52 -23.36
C GLY E 152 74.33 10.64 -23.02
N ALA E 153 73.08 10.29 -22.71
CA ALA E 153 72.05 11.23 -22.22
C ALA E 153 72.21 11.42 -20.70
N THR E 154 71.82 12.60 -20.20
CA THR E 154 71.65 12.87 -18.75
C THR E 154 70.18 13.20 -18.50
N CYS E 155 69.45 12.24 -17.93
CA CYS E 155 68.01 12.34 -17.56
C CYS E 155 67.90 12.70 -16.08
N ARG E 156 67.34 13.88 -15.77
CA ARG E 156 67.20 14.40 -14.39
C ARG E 156 65.78 14.06 -13.89
N ILE E 157 65.71 13.34 -12.76
CA ILE E 157 64.45 12.97 -12.07
C ILE E 157 64.44 13.72 -10.74
N LYS E 158 63.40 14.51 -10.48
CA LYS E 158 63.27 15.32 -9.22
C LYS E 158 62.20 14.67 -8.32
N ILE E 159 62.58 14.27 -7.11
CA ILE E 159 61.69 13.59 -6.13
C ILE E 159 61.66 14.38 -4.84
N GLY E 160 60.47 14.80 -4.40
CA GLY E 160 60.25 15.46 -3.10
C GLY E 160 58.85 15.25 -2.57
N SER E 161 58.58 15.75 -1.37
CA SER E 161 57.25 15.73 -0.75
C SER E 161 56.29 16.53 -1.63
N TRP E 162 55.08 16.01 -1.86
CA TRP E 162 54.06 16.73 -2.65
C TRP E 162 53.44 17.85 -1.81
N THR E 163 53.25 17.67 -0.50
CA THR E 163 52.46 18.64 0.31
C THR E 163 53.21 19.15 1.54
N HIS E 164 54.35 18.59 1.91
CA HIS E 164 55.11 19.01 3.11
C HIS E 164 56.31 19.88 2.69
N HIS E 165 56.38 21.12 3.18
CA HIS E 165 57.49 22.05 2.87
C HIS E 165 58.66 21.78 3.84
N SER E 166 59.75 22.52 3.70
CA SER E 166 61.07 22.29 4.36
C SER E 166 60.96 22.25 5.88
N ARG E 167 59.97 22.92 6.47
CA ARG E 167 59.80 22.95 7.95
C ARG E 167 59.16 21.64 8.45
N GLU E 168 58.62 20.80 7.57
CA GLU E 168 57.91 19.55 8.00
C GLU E 168 58.67 18.32 7.51
N ILE E 169 59.15 18.34 6.27
CA ILE E 169 59.99 17.26 5.69
C ILE E 169 61.25 17.88 5.08
N SER E 170 62.41 17.31 5.38
CA SER E 170 63.65 17.55 4.62
C SER E 170 63.97 16.26 3.85
N VAL E 171 64.44 16.39 2.62
CA VAL E 171 64.77 15.22 1.76
C VAL E 171 66.28 15.29 1.52
N ASP E 172 67.00 14.25 1.89
CA ASP E 172 68.49 14.21 1.81
C ASP E 172 68.84 12.98 0.98
N PRO E 173 69.77 13.09 0.02
CA PRO E 173 70.29 11.90 -0.67
C PRO E 173 71.19 11.12 0.28
N THR E 174 71.22 9.79 0.17
CA THR E 174 71.98 8.89 1.08
C THR E 174 73.50 9.09 0.92
N SER E 178 77.53 7.88 -7.47
CA SER E 178 78.37 6.73 -7.86
C SER E 178 77.82 6.06 -9.13
N ASP E 179 78.39 4.91 -9.47
CA ASP E 179 77.97 3.98 -10.54
C ASP E 179 76.99 2.93 -9.96
N ASP E 180 75.80 2.86 -10.57
CA ASP E 180 74.69 1.94 -10.19
C ASP E 180 74.90 0.54 -10.78
N SER E 181 76.10 0.03 -10.86
CA SER E 181 76.46 -1.24 -11.52
C SER E 181 76.02 -2.45 -10.66
N GLU E 182 76.00 -2.27 -9.34
CA GLU E 182 75.63 -3.34 -8.39
C GLU E 182 74.18 -3.80 -8.63
N TYR E 183 73.29 -2.88 -9.02
CA TYR E 183 71.83 -3.19 -9.11
C TYR E 183 71.39 -3.31 -10.57
N PHE E 184 72.13 -2.70 -11.50
CA PHE E 184 71.61 -2.49 -12.88
C PHE E 184 71.67 -3.80 -13.64
N SER E 185 70.65 -4.10 -14.43
CA SER E 185 70.53 -5.35 -15.23
C SER E 185 71.63 -5.37 -16.30
N GLN E 186 72.42 -6.43 -16.33
CA GLN E 186 73.46 -6.65 -17.38
C GLN E 186 72.76 -6.87 -18.74
N TYR E 187 71.47 -7.18 -18.76
CA TYR E 187 70.74 -7.58 -20.00
C TYR E 187 70.00 -6.40 -20.62
N SER E 188 70.06 -5.21 -20.00
CA SER E 188 69.49 -3.96 -20.57
C SER E 188 70.20 -3.65 -21.90
N ARG E 189 69.47 -3.06 -22.85
CA ARG E 189 70.04 -2.46 -24.10
C ARG E 189 70.91 -1.26 -23.73
N PHE E 190 70.72 -0.70 -22.53
CA PHE E 190 71.41 0.52 -22.06
C PHE E 190 72.44 0.14 -21.00
N GLU E 191 73.36 1.05 -20.73
CA GLU E 191 74.34 0.95 -19.62
C GLU E 191 74.40 2.30 -18.92
N ILE E 192 74.70 2.27 -17.63
CA ILE E 192 74.78 3.48 -16.77
C ILE E 192 76.23 3.94 -16.74
N LEU E 193 76.48 5.20 -17.10
CA LEU E 193 77.81 5.83 -17.03
C LEU E 193 77.98 6.43 -15.64
N ASP E 194 76.96 7.13 -15.13
CA ASP E 194 77.02 7.80 -13.81
C ASP E 194 75.60 8.10 -13.28
N VAL E 195 75.45 8.02 -11.95
CA VAL E 195 74.23 8.50 -11.24
C VAL E 195 74.69 9.44 -10.14
N THR E 196 74.28 10.70 -10.20
CA THR E 196 74.54 11.69 -9.11
C THR E 196 73.19 12.08 -8.51
N GLN E 197 73.14 12.20 -7.18
CA GLN E 197 71.90 12.49 -6.42
C GLN E 197 72.24 13.67 -5.52
N LYS E 198 71.64 14.84 -5.78
CA LYS E 198 71.96 16.09 -5.05
C LYS E 198 70.68 16.69 -4.49
N LYS E 199 70.76 17.27 -3.30
CA LYS E 199 69.66 18.04 -2.68
C LYS E 199 69.43 19.32 -3.49
N ASN E 200 68.17 19.68 -3.67
CA ASN E 200 67.77 20.97 -4.29
C ASN E 200 66.48 21.41 -3.58
N SER E 201 65.94 22.57 -3.97
CA SER E 201 64.68 23.14 -3.49
C SER E 201 63.93 23.68 -4.72
N VAL E 202 62.61 23.53 -4.73
CA VAL E 202 61.73 24.24 -5.71
C VAL E 202 60.80 25.17 -4.93
N THR E 203 60.72 26.41 -5.41
CA THR E 203 59.89 27.51 -4.88
C THR E 203 59.10 28.02 -6.09
N TYR E 204 57.79 28.27 -5.93
CA TYR E 204 56.97 28.99 -6.95
C TYR E 204 56.57 30.36 -6.40
N SER E 205 56.40 31.34 -7.28
CA SER E 205 56.08 32.76 -6.94
C SER E 205 54.74 32.85 -6.18
N CYS E 206 53.82 31.91 -6.42
CA CYS E 206 52.46 31.84 -5.79
C CYS E 206 52.59 31.71 -4.27
N CYS E 207 53.59 30.96 -3.81
CA CYS E 207 53.56 30.17 -2.55
C CYS E 207 54.89 30.34 -1.81
N PRO E 208 54.88 30.93 -0.61
CA PRO E 208 56.11 31.38 0.05
C PRO E 208 57.04 30.27 0.55
N GLU E 209 56.61 29.01 0.55
CA GLU E 209 57.41 27.91 1.16
C GLU E 209 58.27 27.23 0.06
N ALA E 210 59.45 26.75 0.47
CA ALA E 210 60.36 25.93 -0.35
C ALA E 210 60.01 24.46 -0.12
N TYR E 211 60.00 23.68 -1.19
CA TYR E 211 59.85 22.19 -1.16
C TYR E 211 61.20 21.55 -1.50
N GLU E 212 61.76 20.79 -0.56
CA GLU E 212 63.05 20.09 -0.75
C GLU E 212 62.82 18.90 -1.67
N ASP E 213 63.77 18.69 -2.59
CA ASP E 213 63.77 17.51 -3.48
C ASP E 213 65.18 16.95 -3.55
N VAL E 214 65.28 15.71 -4.01
CA VAL E 214 66.55 15.09 -4.48
C VAL E 214 66.47 15.09 -6.00
N GLU E 215 67.49 15.68 -6.64
CA GLU E 215 67.68 15.67 -8.11
C GLU E 215 68.59 14.50 -8.43
N VAL E 216 68.07 13.55 -9.21
CA VAL E 216 68.83 12.32 -9.60
C VAL E 216 69.19 12.47 -11.06
N SER E 217 70.49 12.59 -11.36
CA SER E 217 71.00 12.71 -12.74
C SER E 217 71.45 11.33 -13.21
N LEU E 218 70.68 10.75 -14.13
CA LEU E 218 70.95 9.42 -14.72
C LEU E 218 71.69 9.64 -16.04
N ASN E 219 73.01 9.47 -16.03
CA ASN E 219 73.87 9.54 -17.23
C ASN E 219 74.00 8.11 -17.76
N PHE E 220 73.39 7.84 -18.91
CA PHE E 220 73.28 6.49 -19.50
C PHE E 220 73.38 6.59 -21.03
N ARG E 221 73.63 5.46 -21.71
CA ARG E 221 73.69 5.41 -23.19
C ARG E 221 73.28 4.02 -23.69
N LYS E 222 72.86 3.94 -24.96
CA LYS E 222 72.62 2.67 -25.67
C LYS E 222 73.97 1.94 -25.81
N LYS E 223 73.95 0.61 -25.75
CA LYS E 223 75.16 -0.22 -25.95
C LYS E 223 75.47 -0.35 -27.44
N GLY E 224 76.77 -0.45 -27.76
CA GLY E 224 77.28 -0.85 -29.09
C GLY E 224 76.90 -2.30 -29.41
N LEU F 20 22.15 -30.31 9.73
CA LEU F 20 22.61 -29.11 10.46
C LEU F 20 22.96 -29.50 11.89
N ASP F 21 23.99 -28.92 12.48
CA ASP F 21 24.35 -29.13 13.91
C ASP F 21 23.91 -27.91 14.72
N ARG F 22 24.00 -28.01 16.06
CA ARG F 22 23.58 -26.94 17.00
C ARG F 22 24.30 -25.63 16.68
N ALA F 23 25.61 -25.71 16.43
CA ALA F 23 26.47 -24.52 16.18
C ALA F 23 25.92 -23.72 14.99
N ASP F 24 25.53 -24.40 13.91
CA ASP F 24 25.02 -23.76 12.67
C ASP F 24 23.66 -23.11 12.94
N ILE F 25 22.76 -23.81 13.62
CA ILE F 25 21.39 -23.30 13.94
C ILE F 25 21.53 -22.03 14.79
N LEU F 26 22.37 -22.09 15.84
CA LEU F 26 22.56 -20.97 16.78
C LEU F 26 23.27 -19.80 16.07
N TYR F 27 24.19 -20.09 15.16
CA TYR F 27 24.86 -19.06 14.31
C TYR F 27 23.78 -18.36 13.47
N ASN F 28 22.94 -19.13 12.77
CA ASN F 28 21.88 -18.59 11.87
C ASN F 28 20.93 -17.68 12.70
N ILE F 29 20.50 -18.17 13.85
CA ILE F 29 19.59 -17.40 14.74
C ILE F 29 20.30 -16.11 15.21
N ARG F 30 21.53 -16.21 15.70
CA ARG F 30 22.27 -15.02 16.19
C ARG F 30 22.44 -14.00 15.05
N GLN F 31 22.72 -14.44 13.83
CA GLN F 31 23.06 -13.54 12.70
C GLN F 31 21.82 -12.85 12.12
N THR F 32 20.64 -13.46 12.21
CA THR F 32 19.41 -12.97 11.51
C THR F 32 18.28 -12.62 12.49
N SER F 33 18.47 -12.93 13.76
CA SER F 33 17.87 -12.33 14.96
C SER F 33 17.70 -10.80 14.82
N ARG F 34 16.46 -10.46 14.72
CA ARG F 34 15.84 -9.09 14.83
C ARG F 34 15.09 -9.06 16.14
N PRO F 35 15.75 -8.97 17.31
CA PRO F 35 15.07 -9.07 18.59
C PRO F 35 14.05 -7.96 18.87
N ASP F 36 14.13 -6.84 18.16
CA ASP F 36 13.19 -5.70 18.36
C ASP F 36 11.96 -5.86 17.46
N VAL F 37 11.92 -6.88 16.59
CA VAL F 37 10.86 -7.02 15.55
C VAL F 37 9.90 -8.16 15.90
N ILE F 38 8.68 -7.83 16.29
CA ILE F 38 7.61 -8.83 16.52
C ILE F 38 7.43 -9.67 15.24
N PRO F 39 7.53 -11.00 15.30
CA PRO F 39 7.57 -11.84 14.11
C PRO F 39 6.22 -12.16 13.49
N THR F 40 5.50 -11.12 13.06
CA THR F 40 4.17 -11.23 12.40
C THR F 40 4.33 -11.98 11.09
N GLN F 41 3.39 -12.89 10.80
CA GLN F 41 3.35 -13.63 9.50
C GLN F 41 2.14 -13.09 8.73
N ARG F 42 2.36 -12.72 7.47
CA ARG F 42 1.33 -12.15 6.57
C ARG F 42 0.36 -11.25 7.34
N ASP F 43 0.88 -10.29 8.11
CA ASP F 43 0.09 -9.21 8.78
C ASP F 43 -0.94 -9.80 9.74
N ARG F 44 -0.74 -11.02 10.24
CA ARG F 44 -1.62 -11.64 11.26
C ARG F 44 -0.91 -11.55 12.60
N PRO F 45 -1.64 -11.33 13.71
CA PRO F 45 -0.98 -11.07 14.98
C PRO F 45 -0.24 -12.33 15.48
N VAL F 46 0.82 -12.13 16.25
CA VAL F 46 1.57 -13.24 16.89
C VAL F 46 0.72 -13.66 18.08
N ALA F 47 0.33 -14.93 18.11
CA ALA F 47 -0.40 -15.54 19.24
C ALA F 47 0.61 -15.90 20.33
N VAL F 48 0.55 -15.19 21.45
CA VAL F 48 1.39 -15.47 22.65
C VAL F 48 0.51 -16.16 23.69
N SER F 49 0.90 -17.38 24.10
CA SER F 49 0.26 -18.11 25.20
C SER F 49 1.05 -17.84 26.48
N VAL F 50 0.33 -17.54 27.55
CA VAL F 50 0.88 -17.26 28.92
C VAL F 50 0.11 -18.10 29.91
N SER F 51 0.85 -18.79 30.78
CA SER F 51 0.31 -19.59 31.90
C SER F 51 1.29 -19.49 33.09
N LEU F 52 0.82 -19.02 34.24
CA LEU F 52 1.62 -18.96 35.48
C LEU F 52 1.51 -20.30 36.23
N LYS F 53 2.66 -20.91 36.54
CA LYS F 53 2.78 -22.09 37.43
C LYS F 53 3.32 -21.59 38.77
N PHE F 54 2.47 -21.55 39.78
CA PHE F 54 2.85 -21.01 41.10
C PHE F 54 3.76 -22.03 41.80
N ILE F 55 4.88 -21.54 42.33
CA ILE F 55 5.90 -22.36 43.02
C ILE F 55 5.85 -22.05 44.51
N ASN F 56 5.61 -20.81 44.88
CA ASN F 56 5.64 -20.40 46.30
C ASN F 56 4.83 -19.14 46.51
N ILE F 57 4.25 -19.01 47.69
CA ILE F 57 3.67 -17.79 48.28
C ILE F 57 4.50 -17.53 49.54
N LEU F 58 5.32 -16.48 49.54
CA LEU F 58 6.38 -16.24 50.53
C LEU F 58 5.89 -15.35 51.64
N GLU F 59 5.06 -14.37 51.29
CA GLU F 59 4.59 -13.34 52.25
C GLU F 59 3.22 -12.87 51.76
N VAL F 60 2.34 -12.66 52.72
CA VAL F 60 0.95 -12.19 52.50
C VAL F 60 0.68 -11.17 53.61
N ASN F 61 0.05 -10.07 53.27
CA ASN F 61 -0.31 -9.00 54.24
C ASN F 61 -1.77 -8.62 54.00
N GLU F 62 -2.65 -9.04 54.90
CA GLU F 62 -4.12 -8.83 54.81
C GLU F 62 -4.42 -7.35 55.03
N ILE F 63 -3.57 -6.64 55.80
CA ILE F 63 -3.72 -5.19 56.09
C ILE F 63 -3.47 -4.41 54.79
N THR F 64 -2.32 -4.63 54.14
CA THR F 64 -1.85 -3.85 52.95
C THR F 64 -2.40 -4.44 51.65
N ASN F 65 -2.94 -5.66 51.66
CA ASN F 65 -3.42 -6.38 50.45
C ASN F 65 -2.23 -6.52 49.47
N GLU F 66 -1.13 -7.10 49.94
CA GLU F 66 0.09 -7.36 49.17
C GLU F 66 0.47 -8.84 49.32
N VAL F 67 0.86 -9.47 48.22
CA VAL F 67 1.41 -10.85 48.20
C VAL F 67 2.79 -10.81 47.54
N ASP F 68 3.69 -11.66 48.02
CA ASP F 68 5.03 -11.92 47.46
C ASP F 68 5.03 -13.38 46.99
N VAL F 69 5.15 -13.58 45.67
CA VAL F 69 4.91 -14.89 45.02
C VAL F 69 6.10 -15.24 44.10
N VAL F 70 6.35 -16.53 43.92
CA VAL F 70 7.28 -17.11 42.93
C VAL F 70 6.45 -17.95 41.97
N PHE F 71 6.57 -17.70 40.67
CA PHE F 71 5.87 -18.46 39.61
C PHE F 71 6.79 -18.62 38.40
N TRP F 72 6.56 -19.70 37.65
CA TRP F 72 7.13 -19.90 36.29
C TRP F 72 6.14 -19.31 35.30
N GLN F 73 6.59 -18.33 34.50
CA GLN F 73 5.76 -17.64 33.49
C GLN F 73 5.94 -18.35 32.17
N GLN F 74 5.25 -19.47 31.98
CA GLN F 74 5.30 -20.27 30.73
C GLN F 74 4.74 -19.39 29.60
N THR F 75 5.59 -19.08 28.64
CA THR F 75 5.32 -18.18 27.50
C THR F 75 5.69 -18.96 26.24
N THR F 76 4.76 -19.04 25.29
CA THR F 76 4.97 -19.73 24.00
C THR F 76 4.44 -18.84 22.87
N TRP F 77 5.10 -18.92 21.74
CA TRP F 77 4.73 -18.20 20.51
C TRP F 77 5.52 -18.83 19.38
N SER F 78 5.16 -18.47 18.15
CA SER F 78 5.80 -18.98 16.93
C SER F 78 6.59 -17.84 16.31
N ASP F 79 7.84 -18.12 15.92
CA ASP F 79 8.68 -17.19 15.13
C ASP F 79 9.26 -18.07 14.00
N ARG F 80 8.65 -17.97 12.80
CA ARG F 80 9.00 -18.82 11.65
C ARG F 80 10.40 -18.48 11.14
N THR F 81 10.92 -17.29 11.43
CA THR F 81 12.30 -16.88 11.00
C THR F 81 13.35 -17.71 11.73
N LEU F 82 13.00 -18.41 12.81
CA LEU F 82 13.95 -19.28 13.57
C LEU F 82 13.97 -20.70 12.98
N ALA F 83 12.99 -21.07 12.15
CA ALA F 83 12.68 -22.48 11.80
C ALA F 83 13.84 -23.04 10.95
N TRP F 84 14.11 -24.34 11.08
CA TRP F 84 15.13 -25.05 10.27
C TRP F 84 14.59 -26.45 9.92
N ASN F 85 15.20 -27.07 8.91
CA ASN F 85 14.92 -28.47 8.48
C ASN F 85 15.44 -29.43 9.55
N SER F 86 14.54 -30.14 10.24
CA SER F 86 14.86 -31.02 11.39
C SER F 86 15.50 -32.35 10.93
N SER F 87 15.43 -32.69 9.65
CA SER F 87 16.02 -33.94 9.10
C SER F 87 17.54 -33.94 9.39
N HIS F 88 18.02 -34.95 10.12
CA HIS F 88 19.44 -35.13 10.54
C HIS F 88 19.93 -33.89 11.29
N SER F 89 19.07 -33.27 12.11
CA SER F 89 19.38 -32.06 12.91
C SER F 89 18.72 -32.19 14.27
N PRO F 90 19.14 -31.39 15.29
CA PRO F 90 18.40 -31.30 16.55
C PRO F 90 16.94 -30.87 16.32
N ASP F 91 16.02 -31.36 17.13
CA ASP F 91 14.59 -30.95 17.10
C ASP F 91 14.42 -29.61 17.84
N GLN F 92 15.32 -29.31 18.80
CA GLN F 92 15.25 -28.14 19.69
C GLN F 92 16.65 -27.63 20.03
N VAL F 93 16.79 -26.32 20.27
CA VAL F 93 18.03 -25.71 20.81
C VAL F 93 17.64 -24.73 21.91
N SER F 94 18.59 -24.48 22.82
CA SER F 94 18.52 -23.42 23.86
C SER F 94 19.18 -22.17 23.29
N VAL F 95 18.46 -21.05 23.35
CA VAL F 95 18.88 -19.75 22.76
C VAL F 95 18.79 -18.68 23.84
N PRO F 96 19.85 -17.86 24.03
CA PRO F 96 19.76 -16.72 24.96
C PRO F 96 18.67 -15.76 24.43
N ILE F 97 17.86 -15.21 25.31
CA ILE F 97 16.70 -14.34 24.91
C ILE F 97 17.21 -13.06 24.23
N SER F 98 18.45 -12.65 24.47
CA SER F 98 19.06 -11.48 23.79
C SER F 98 19.11 -11.74 22.27
N SER F 99 19.07 -13.00 21.83
CA SER F 99 19.12 -13.37 20.40
C SER F 99 17.71 -13.57 19.82
N LEU F 100 16.61 -13.33 20.56
CA LEU F 100 15.26 -13.48 19.98
C LEU F 100 14.38 -12.29 20.33
N TRP F 101 13.36 -12.05 19.52
CA TRP F 101 12.18 -11.29 19.96
C TRP F 101 11.50 -12.09 21.06
N VAL F 102 11.15 -11.39 22.14
CA VAL F 102 10.41 -11.95 23.30
C VAL F 102 9.24 -11.01 23.56
N PRO F 103 8.05 -11.54 23.92
CA PRO F 103 6.92 -10.68 24.28
C PRO F 103 7.28 -9.76 25.47
N ASP F 104 6.91 -8.49 25.38
CA ASP F 104 7.17 -7.44 26.41
C ASP F 104 6.09 -7.55 27.49
N LEU F 105 6.04 -8.72 28.16
CA LEU F 105 4.99 -8.96 29.20
C LEU F 105 5.30 -8.16 30.46
N ALA F 106 4.27 -7.63 31.10
CA ALA F 106 4.35 -6.96 32.42
C ALA F 106 3.10 -7.29 33.24
N ALA F 107 3.26 -7.36 34.54
CA ALA F 107 2.16 -7.53 35.51
C ALA F 107 1.60 -6.15 35.85
N TYR F 108 0.37 -5.87 35.42
CA TYR F 108 -0.30 -4.53 35.52
C TYR F 108 -0.49 -4.16 37.00
N ASN F 109 -0.57 -5.12 37.92
CA ASN F 109 -0.79 -4.81 39.36
C ASN F 109 0.45 -5.19 40.18
N ALA F 110 1.64 -5.29 39.55
CA ALA F 110 2.90 -5.51 40.25
C ALA F 110 3.28 -4.25 41.03
N ILE F 111 3.88 -4.42 42.22
CA ILE F 111 4.39 -3.30 43.04
C ILE F 111 5.89 -3.50 43.30
N SER F 112 6.52 -4.46 42.63
CA SER F 112 8.00 -4.65 42.62
C SER F 112 8.44 -5.06 41.21
N LYS F 113 9.72 -4.83 40.88
CA LYS F 113 10.33 -5.30 39.62
C LYS F 113 10.28 -6.81 39.60
N PRO F 114 10.01 -7.47 38.45
CA PRO F 114 10.14 -8.92 38.39
C PRO F 114 11.61 -9.29 38.67
N GLU F 115 11.84 -10.14 39.66
CA GLU F 115 13.17 -10.74 39.97
C GLU F 115 13.23 -12.08 39.21
N VAL F 116 13.98 -12.15 38.12
CA VAL F 116 14.16 -13.39 37.32
C VAL F 116 15.22 -14.26 38.02
N LEU F 117 14.86 -15.47 38.43
CA LEU F 117 15.70 -16.35 39.27
C LEU F 117 16.49 -17.33 38.38
N THR F 118 16.17 -17.43 37.10
CA THR F 118 16.63 -18.51 36.22
C THR F 118 17.47 -17.97 35.08
N PRO F 119 18.32 -18.83 34.46
CA PRO F 119 19.04 -18.45 33.26
C PRO F 119 18.06 -17.98 32.17
N GLN F 120 18.44 -16.89 31.51
CA GLN F 120 17.63 -16.18 30.50
C GLN F 120 17.85 -16.86 29.14
N LEU F 121 17.44 -18.15 29.05
CA LEU F 121 17.46 -18.95 27.82
C LEU F 121 16.02 -19.32 27.47
N ALA F 122 15.68 -19.38 26.19
CA ALA F 122 14.44 -19.98 25.68
C ALA F 122 14.75 -21.24 24.88
N ARG F 123 13.77 -22.15 24.79
CA ARG F 123 13.82 -23.36 23.95
C ARG F 123 13.17 -23.07 22.62
N VAL F 124 13.86 -23.30 21.52
CA VAL F 124 13.33 -23.08 20.14
C VAL F 124 13.23 -24.45 19.46
N VAL F 125 12.02 -24.78 18.99
CA VAL F 125 11.75 -26.03 18.22
C VAL F 125 12.01 -25.74 16.74
N SER F 126 12.36 -26.76 15.96
CA SER F 126 12.74 -26.65 14.52
C SER F 126 11.63 -25.99 13.69
N ASP F 127 10.38 -26.05 14.14
CA ASP F 127 9.22 -25.42 13.43
C ASP F 127 9.09 -23.93 13.82
N GLY F 128 9.93 -23.43 14.74
CA GLY F 128 9.94 -21.99 15.09
C GLY F 128 9.09 -21.69 16.31
N GLU F 129 8.55 -22.73 16.97
CA GLU F 129 7.87 -22.55 18.26
C GLU F 129 8.93 -22.22 19.32
N VAL F 130 8.66 -21.20 20.13
CA VAL F 130 9.57 -20.77 21.23
C VAL F 130 8.85 -21.05 22.55
N LEU F 131 9.56 -21.66 23.49
CA LEU F 131 9.15 -21.80 24.90
C LEU F 131 10.12 -20.99 25.77
N TYR F 132 9.63 -19.93 26.40
CA TYR F 132 10.38 -19.12 27.39
C TYR F 132 9.61 -19.21 28.70
N MET F 133 10.27 -19.75 29.74
CA MET F 133 9.63 -19.97 31.05
C MET F 133 10.56 -19.50 32.15
N PRO F 134 10.66 -18.19 32.41
CA PRO F 134 11.44 -17.70 33.53
C PRO F 134 10.72 -17.97 34.85
N SER F 135 11.49 -18.27 35.90
CA SER F 135 11.02 -18.28 37.29
C SER F 135 11.16 -16.85 37.80
N ILE F 136 10.04 -16.27 38.24
CA ILE F 136 9.95 -14.87 38.67
C ILE F 136 9.45 -14.79 40.11
N ARG F 137 10.14 -14.02 40.94
CA ARG F 137 9.63 -13.57 42.24
C ARG F 137 9.18 -12.12 42.09
N GLN F 138 7.94 -11.81 42.47
CA GLN F 138 7.36 -10.45 42.33
C GLN F 138 6.26 -10.23 43.38
N ARG F 139 6.08 -8.98 43.79
CA ARG F 139 5.04 -8.56 44.79
C ARG F 139 3.87 -7.92 44.03
N PHE F 140 2.65 -8.21 44.44
CA PHE F 140 1.41 -7.70 43.81
C PHE F 140 0.50 -7.06 44.85
N SER F 141 -0.26 -6.06 44.38
CA SER F 141 -1.44 -5.47 45.05
C SER F 141 -2.67 -6.25 44.57
N CYS F 142 -3.29 -7.01 45.47
CA CYS F 142 -4.48 -7.83 45.13
C CYS F 142 -5.26 -8.18 46.42
N ASP F 143 -6.44 -8.77 46.25
CA ASP F 143 -7.38 -9.08 47.35
C ASP F 143 -6.84 -10.25 48.19
N VAL F 144 -6.33 -9.93 49.37
CA VAL F 144 -5.80 -10.94 50.35
C VAL F 144 -6.89 -11.30 51.38
N SER F 145 -8.04 -10.60 51.36
CA SER F 145 -9.14 -10.80 52.35
C SER F 145 -9.59 -12.27 52.29
N GLY F 146 -9.72 -12.92 53.44
CA GLY F 146 -10.26 -14.29 53.57
C GLY F 146 -9.18 -15.35 53.46
N VAL F 147 -7.90 -14.94 53.59
CA VAL F 147 -6.73 -15.85 53.46
C VAL F 147 -6.76 -16.89 54.58
N ASP F 148 -7.30 -16.55 55.76
CA ASP F 148 -7.31 -17.43 56.95
C ASP F 148 -8.60 -18.24 57.04
N THR F 149 -9.50 -18.10 56.05
CA THR F 149 -10.78 -18.86 55.97
C THR F 149 -10.57 -20.11 55.13
N GLU F 150 -11.61 -20.94 55.04
CA GLU F 150 -11.60 -22.24 54.30
C GLU F 150 -11.77 -21.95 52.80
N SER F 151 -12.61 -20.96 52.44
CA SER F 151 -12.80 -20.49 51.05
C SER F 151 -11.51 -19.84 50.53
N GLY F 152 -10.72 -19.21 51.41
CA GLY F 152 -9.40 -18.61 51.10
C GLY F 152 -9.53 -17.27 50.41
N ALA F 153 -8.39 -16.62 50.13
CA ALA F 153 -8.31 -15.36 49.35
C ALA F 153 -8.29 -15.71 47.86
N THR F 154 -8.79 -14.80 47.03
CA THR F 154 -8.64 -14.84 45.56
C THR F 154 -7.86 -13.58 45.15
N CYS F 155 -6.58 -13.78 44.81
CA CYS F 155 -5.64 -12.71 44.35
C CYS F 155 -5.59 -12.76 42.81
N ARG F 156 -6.02 -11.68 42.15
CA ARG F 156 -6.04 -11.56 40.67
C ARG F 156 -4.77 -10.85 40.21
N ILE F 157 -4.00 -11.50 39.34
CA ILE F 157 -2.74 -10.99 38.74
C ILE F 157 -3.02 -10.83 37.24
N LYS F 158 -2.79 -9.64 36.68
CA LYS F 158 -3.03 -9.33 35.25
C LYS F 158 -1.67 -9.21 34.53
N ILE F 159 -1.43 -10.05 33.53
CA ILE F 159 -0.16 -10.07 32.76
C ILE F 159 -0.45 -9.93 31.29
N GLY F 160 0.10 -8.89 30.66
CA GLY F 160 -0.04 -8.65 29.21
C GLY F 160 1.07 -7.87 28.63
N SER F 161 1.04 -7.69 27.31
CA SER F 161 2.02 -6.89 26.58
C SER F 161 1.95 -5.46 27.10
N TRP F 162 3.11 -4.83 27.35
CA TRP F 162 3.14 -3.43 27.79
C TRP F 162 2.87 -2.49 26.61
N THR F 163 3.31 -2.81 25.40
CA THR F 163 3.27 -1.84 24.27
C THR F 163 2.60 -2.40 23.01
N HIS F 164 2.34 -3.69 22.92
CA HIS F 164 1.76 -4.32 21.73
C HIS F 164 0.27 -4.60 21.90
N HIS F 165 -0.37 -4.28 20.82
CA HIS F 165 -1.86 -4.26 20.76
C HIS F 165 -2.35 -5.13 19.59
N SER F 166 -3.68 -5.25 19.47
CA SER F 166 -4.43 -6.43 18.92
C SER F 166 -4.00 -6.77 17.50
N ARG F 167 -3.51 -5.83 16.72
CA ARG F 167 -3.14 -6.09 15.30
C ARG F 167 -1.78 -6.79 15.24
N GLU F 168 -0.96 -6.74 16.35
CA GLU F 168 0.39 -7.36 16.25
C GLU F 168 0.48 -8.50 17.26
N ILE F 169 -0.12 -8.44 18.44
CA ILE F 169 -0.10 -9.52 19.45
C ILE F 169 -1.51 -9.84 19.92
N SER F 170 -1.83 -11.13 20.06
CA SER F 170 -2.90 -11.63 20.97
C SER F 170 -2.23 -12.36 22.12
N VAL F 171 -2.75 -12.25 23.31
CA VAL F 171 -2.29 -12.93 24.55
C VAL F 171 -3.44 -13.86 24.97
N ASP F 172 -3.21 -15.15 25.04
CA ASP F 172 -4.23 -16.19 25.32
C ASP F 172 -3.70 -17.05 26.45
N PRO F 173 -4.55 -17.51 27.39
CA PRO F 173 -4.15 -18.50 28.39
C PRO F 173 -4.01 -19.86 27.69
N THR F 174 -3.11 -20.71 28.17
CA THR F 174 -2.89 -22.07 27.65
C THR F 174 -4.11 -22.97 27.94
N THR F 175 -4.36 -23.93 27.05
CA THR F 175 -5.67 -24.63 26.99
C THR F 175 -5.57 -25.72 28.03
N GLU F 176 -4.35 -26.14 28.40
CA GLU F 176 -4.09 -27.37 29.20
C GLU F 176 -4.28 -27.08 30.69
N SER F 178 -5.40 -30.03 34.25
CA SER F 178 -4.06 -29.69 34.79
C SER F 178 -4.09 -29.77 36.32
N ASP F 179 -2.91 -29.97 36.94
CA ASP F 179 -2.79 -29.98 38.42
C ASP F 179 -2.16 -28.65 38.85
N ASP F 180 -2.94 -27.78 39.50
CA ASP F 180 -2.52 -26.42 39.96
C ASP F 180 -1.32 -26.53 40.91
N SER F 181 -1.29 -27.55 41.76
CA SER F 181 -0.30 -27.71 42.84
C SER F 181 0.80 -28.66 42.39
N GLU F 182 0.98 -28.95 41.10
CA GLU F 182 2.01 -29.93 40.67
C GLU F 182 3.42 -29.41 40.98
N TYR F 183 3.62 -28.07 40.91
CA TYR F 183 4.93 -27.41 41.06
C TYR F 183 5.00 -26.65 42.40
N PHE F 184 3.94 -26.52 43.14
CA PHE F 184 3.82 -25.70 44.35
C PHE F 184 4.61 -26.35 45.48
N SER F 185 5.34 -25.53 46.24
CA SER F 185 6.22 -25.96 47.35
C SER F 185 5.37 -26.54 48.49
N GLN F 186 5.70 -27.75 48.90
CA GLN F 186 5.09 -28.42 50.09
C GLN F 186 5.44 -27.64 51.36
N TYR F 187 6.46 -26.79 51.34
CA TYR F 187 7.00 -26.13 52.56
C TYR F 187 6.42 -24.73 52.74
N SER F 188 5.59 -24.26 51.80
CA SER F 188 4.84 -22.98 51.93
C SER F 188 3.94 -23.03 53.16
N ARG F 189 3.77 -21.88 53.85
CA ARG F 189 2.73 -21.71 54.90
C ARG F 189 1.35 -21.78 54.27
N PHE F 190 1.26 -21.58 52.96
CA PHE F 190 -0.01 -21.48 52.19
C PHE F 190 -0.20 -22.72 51.34
N GLU F 191 -1.42 -22.92 50.87
CA GLU F 191 -1.77 -23.99 49.90
C GLU F 191 -2.69 -23.37 48.84
N ILE F 192 -2.67 -23.91 47.65
CA ILE F 192 -3.47 -23.44 46.50
C ILE F 192 -4.74 -24.27 46.42
N LEU F 193 -5.89 -23.60 46.44
CA LEU F 193 -7.22 -24.22 46.26
C LEU F 193 -7.54 -24.32 44.78
N ASP F 194 -7.29 -23.23 44.03
CA ASP F 194 -7.63 -23.17 42.58
C ASP F 194 -6.82 -22.05 41.90
N VAL F 195 -6.50 -22.25 40.63
CA VAL F 195 -5.90 -21.22 39.73
C VAL F 195 -6.72 -21.22 38.46
N THR F 196 -7.37 -20.11 38.12
CA THR F 196 -8.09 -19.93 36.84
C THR F 196 -7.41 -18.80 36.08
N GLN F 197 -7.27 -18.95 34.77
CA GLN F 197 -6.50 -18.04 33.88
C GLN F 197 -7.43 -17.72 32.71
N LYS F 198 -7.89 -16.47 32.59
CA LYS F 198 -8.89 -16.04 31.58
C LYS F 198 -8.35 -14.84 30.80
N LYS F 199 -8.64 -14.78 29.52
CA LYS F 199 -8.25 -13.67 28.63
C LYS F 199 -9.07 -12.44 29.02
N ASN F 200 -8.45 -11.27 28.98
CA ASN F 200 -9.16 -9.98 29.02
C ASN F 200 -8.45 -8.99 28.09
N SER F 201 -9.18 -7.92 27.77
CA SER F 201 -8.60 -6.73 27.07
C SER F 201 -9.09 -5.47 27.76
N VAL F 202 -8.18 -4.58 28.09
CA VAL F 202 -8.51 -3.38 28.94
C VAL F 202 -8.12 -2.15 28.15
N THR F 203 -8.99 -1.14 28.15
CA THR F 203 -8.74 0.19 27.56
C THR F 203 -8.76 1.24 28.66
N TYR F 204 -7.77 2.13 28.67
CA TYR F 204 -7.63 3.22 29.68
C TYR F 204 -7.78 4.54 28.92
N SER F 205 -8.37 5.55 29.60
CA SER F 205 -8.76 6.86 28.99
C SER F 205 -7.52 7.59 28.45
N CYS F 206 -6.34 7.36 29.05
CA CYS F 206 -5.03 7.96 28.71
C CYS F 206 -4.65 7.61 27.26
N CYS F 207 -4.97 6.41 26.81
CA CYS F 207 -4.19 5.61 25.83
C CYS F 207 -5.14 4.97 24.81
N PRO F 208 -4.96 5.30 23.52
CA PRO F 208 -5.95 4.94 22.49
C PRO F 208 -6.05 3.44 22.16
N GLU F 209 -5.06 2.63 22.59
CA GLU F 209 -4.99 1.19 22.26
C GLU F 209 -5.64 0.38 23.39
N ALA F 210 -6.01 -0.86 23.04
CA ALA F 210 -6.35 -1.97 23.95
C ALA F 210 -5.08 -2.74 24.37
N TYR F 211 -5.00 -3.08 25.64
CA TYR F 211 -3.91 -3.89 26.27
C TYR F 211 -4.48 -5.29 26.60
N GLU F 212 -3.95 -6.31 25.92
CA GLU F 212 -4.48 -7.69 26.02
C GLU F 212 -3.78 -8.26 27.24
N ASP F 213 -4.47 -9.00 28.08
CA ASP F 213 -3.85 -9.61 29.28
C ASP F 213 -4.45 -10.99 29.50
N VAL F 214 -3.78 -11.79 30.30
CA VAL F 214 -4.35 -12.98 30.99
C VAL F 214 -4.55 -12.55 32.44
N GLU F 215 -5.77 -12.73 32.94
CA GLU F 215 -6.14 -12.51 34.36
C GLU F 215 -6.02 -13.86 35.07
N VAL F 216 -5.12 -13.95 36.05
CA VAL F 216 -4.81 -15.19 36.78
C VAL F 216 -5.40 -15.02 38.17
N SER F 217 -6.41 -15.83 38.50
CA SER F 217 -7.07 -15.84 39.83
C SER F 217 -6.43 -16.93 40.68
N LEU F 218 -5.65 -16.51 41.67
CA LEU F 218 -4.95 -17.41 42.61
C LEU F 218 -5.82 -17.51 43.86
N ASN F 219 -6.58 -18.61 43.97
CA ASN F 219 -7.40 -18.93 45.16
C ASN F 219 -6.54 -19.79 46.07
N PHE F 220 -6.13 -19.23 47.22
CA PHE F 220 -5.18 -19.85 48.16
C PHE F 220 -5.59 -19.51 49.60
N ARG F 221 -5.04 -20.23 50.58
CA ARG F 221 -5.30 -19.97 52.03
C ARG F 221 -4.10 -20.41 52.87
N LYS F 222 -4.00 -19.87 54.08
CA LYS F 222 -3.03 -20.30 55.11
C LYS F 222 -3.38 -21.74 55.51
N LYS F 223 -2.37 -22.56 55.81
CA LYS F 223 -2.55 -23.95 56.31
C LYS F 223 -2.92 -23.92 57.81
N GLY F 224 -3.75 -24.90 58.22
CA GLY F 224 -4.43 -24.92 59.53
C GLY F 224 -3.44 -25.28 60.62
N LEU G 20 5.73 -0.52 3.67
CA LEU G 20 6.81 -0.81 4.66
C LEU G 20 6.27 -1.82 5.68
N ASP G 21 7.10 -2.75 6.13
CA ASP G 21 6.75 -3.68 7.24
C ASP G 21 7.44 -3.21 8.53
N ARG G 22 7.10 -3.83 9.67
CA ARG G 22 7.62 -3.48 11.00
C ARG G 22 9.15 -3.54 11.00
N ALA G 23 9.72 -4.59 10.43
CA ALA G 23 11.18 -4.84 10.43
C ALA G 23 11.90 -3.65 9.79
N ASP G 24 11.38 -3.12 8.68
CA ASP G 24 12.01 -2.00 7.92
C ASP G 24 11.91 -0.71 8.75
N ILE G 25 10.73 -0.43 9.33
CA ILE G 25 10.49 0.80 10.13
C ILE G 25 11.45 0.79 11.32
N LEU G 26 11.54 -0.34 12.03
CA LEU G 26 12.38 -0.46 13.24
C LEU G 26 13.87 -0.40 12.87
N TYR G 27 14.24 -0.96 11.72
CA TYR G 27 15.61 -0.85 11.19
C TYR G 27 15.93 0.63 10.95
N ASN G 28 15.07 1.33 10.21
CA ASN G 28 15.24 2.76 9.86
C ASN G 28 15.38 3.59 11.13
N ILE G 29 14.51 3.39 12.11
CA ILE G 29 14.54 4.14 13.39
C ILE G 29 15.86 3.83 14.11
N ARG G 30 16.23 2.56 14.24
CA ARG G 30 17.48 2.18 14.96
C ARG G 30 18.69 2.83 14.26
N GLN G 31 18.71 2.87 12.93
CA GLN G 31 19.91 3.31 12.15
C GLN G 31 20.04 4.84 12.15
N THR G 32 18.94 5.60 12.24
CA THR G 32 18.95 7.06 11.97
C THR G 32 18.44 7.87 13.16
N SER G 33 17.94 7.18 14.20
CA SER G 33 17.49 7.79 15.44
C SER G 33 18.81 8.25 16.06
N ARG G 34 18.82 9.51 16.37
CA ARG G 34 19.79 10.34 17.12
C ARG G 34 19.19 10.55 18.51
N PRO G 35 19.32 9.57 19.42
CA PRO G 35 18.70 9.64 20.74
C PRO G 35 19.19 10.80 21.62
N ASP G 36 20.33 11.41 21.30
CA ASP G 36 20.91 12.54 22.06
C ASP G 36 20.37 13.88 21.53
N VAL G 37 19.58 13.87 20.45
CA VAL G 37 19.16 15.12 19.75
C VAL G 37 17.67 15.38 20.02
N ILE G 38 17.39 16.39 20.83
CA ILE G 38 16.02 16.90 21.09
C ILE G 38 15.41 17.27 19.75
N PRO G 39 14.24 16.74 19.38
CA PRO G 39 13.65 16.98 18.05
C PRO G 39 12.89 18.31 17.95
N THR G 40 13.56 19.44 18.21
CA THR G 40 12.97 20.80 18.10
C THR G 40 12.63 21.04 16.62
N GLN G 41 11.47 21.64 16.35
CA GLN G 41 11.03 22.04 14.98
C GLN G 41 11.10 23.56 14.91
N ARG G 42 11.71 24.08 13.84
CA ARG G 42 11.84 25.54 13.56
C ARG G 42 12.03 26.33 14.86
N ASP G 43 12.99 25.94 15.72
CA ASP G 43 13.41 26.69 16.93
C ASP G 43 12.23 26.87 17.91
N ARG G 44 11.22 26.01 17.86
CA ARG G 44 10.09 26.00 18.83
C ARG G 44 10.33 24.85 19.79
N PRO G 45 9.88 24.95 21.05
CA PRO G 45 10.16 23.93 22.03
C PRO G 45 9.47 22.62 21.66
N VAL G 46 10.02 21.50 22.12
CA VAL G 46 9.31 20.18 22.06
C VAL G 46 8.25 20.22 23.15
N ALA G 47 6.99 20.05 22.77
CA ALA G 47 5.84 20.00 23.70
C ALA G 47 5.74 18.60 24.27
N VAL G 48 6.06 18.44 25.54
CA VAL G 48 5.99 17.14 26.26
C VAL G 48 4.77 17.18 27.16
N SER G 49 3.86 16.22 26.99
CA SER G 49 2.72 15.99 27.91
C SER G 49 3.12 14.96 28.96
N VAL G 50 2.87 15.26 30.23
CA VAL G 50 3.21 14.39 31.39
C VAL G 50 1.96 14.31 32.27
N SER G 51 1.58 13.09 32.63
CA SER G 51 0.44 12.82 33.54
C SER G 51 0.77 11.57 34.34
N LEU G 52 0.76 11.69 35.68
CA LEU G 52 0.97 10.52 36.57
C LEU G 52 -0.37 9.84 36.84
N LYS G 53 -0.46 8.54 36.59
CA LYS G 53 -1.62 7.68 36.96
C LYS G 53 -1.18 6.87 38.16
N PHE G 54 -1.67 7.20 39.35
CA PHE G 54 -1.29 6.48 40.59
C PHE G 54 -1.94 5.10 40.56
N ILE G 55 -1.16 4.07 40.85
CA ILE G 55 -1.62 2.66 40.85
C ILE G 55 -1.70 2.18 42.31
N ASN G 56 -0.75 2.62 43.13
CA ASN G 56 -0.67 2.08 44.52
C ASN G 56 0.16 3.07 45.36
N ILE G 57 -0.20 3.14 46.64
CA ILE G 57 0.60 3.83 47.71
C ILE G 57 1.04 2.74 48.69
N LEU G 58 2.33 2.46 48.74
CA LEU G 58 2.88 1.22 49.39
C LEU G 58 3.27 1.53 50.84
N GLU G 59 3.79 2.72 51.09
CA GLU G 59 4.31 3.10 52.42
C GLU G 59 4.22 4.62 52.56
N VAL G 60 3.86 5.06 53.75
CA VAL G 60 3.63 6.48 54.12
C VAL G 60 4.21 6.64 55.53
N ASN G 61 4.94 7.72 55.77
CA ASN G 61 5.54 8.00 57.09
C ASN G 61 5.27 9.46 57.43
N GLU G 62 4.35 9.70 58.36
CA GLU G 62 3.89 11.05 58.77
C GLU G 62 5.02 11.75 59.54
N ILE G 63 5.88 10.98 60.21
CA ILE G 63 7.05 11.50 60.99
C ILE G 63 8.08 12.08 60.01
N THR G 64 8.51 11.30 59.00
CA THR G 64 9.60 11.66 58.06
C THR G 64 9.06 12.44 56.85
N ASN G 65 7.75 12.45 56.63
CA ASN G 65 7.11 13.09 55.44
C ASN G 65 7.67 12.45 54.16
N GLU G 66 7.58 11.12 54.08
CA GLU G 66 8.04 10.32 52.93
C GLU G 66 6.89 9.41 52.49
N VAL G 67 6.70 9.29 51.17
CA VAL G 67 5.73 8.34 50.56
C VAL G 67 6.50 7.47 49.55
N ASP G 68 6.09 6.21 49.46
CA ASP G 68 6.56 5.22 48.47
C ASP G 68 5.36 4.88 47.60
N VAL G 69 5.43 5.21 46.31
CA VAL G 69 4.27 5.15 45.39
C VAL G 69 4.66 4.40 44.10
N VAL G 70 3.67 3.76 43.49
CA VAL G 70 3.78 3.20 42.10
C VAL G 70 2.80 3.98 41.23
N PHE G 71 3.31 4.52 40.12
CA PHE G 71 2.51 5.30 39.15
C PHE G 71 2.98 5.01 37.73
N TRP G 72 2.06 5.15 36.77
CA TRP G 72 2.37 5.17 35.33
C TRP G 72 2.65 6.62 34.94
N GLN G 73 3.85 6.88 34.42
CA GLN G 73 4.29 8.24 34.00
C GLN G 73 4.00 8.37 32.51
N GLN G 74 2.74 8.68 32.18
CA GLN G 74 2.31 8.86 30.78
C GLN G 74 3.03 10.08 30.21
N THR G 75 3.87 9.85 29.20
CA THR G 75 4.72 10.86 28.55
C THR G 75 4.47 10.79 27.06
N THR G 76 4.14 11.91 26.42
CA THR G 76 3.89 12.00 24.96
C THR G 76 4.61 13.22 24.41
N TRP G 77 5.08 13.10 23.19
CA TRP G 77 5.75 14.20 22.44
C TRP G 77 5.81 13.74 20.98
N SER G 78 6.18 14.65 20.11
CA SER G 78 6.28 14.41 18.66
C SER G 78 7.77 14.44 18.28
N ASP G 79 8.21 13.45 17.52
CA ASP G 79 9.55 13.44 16.88
C ASP G 79 9.32 13.08 15.40
N ARG G 80 9.34 14.08 14.54
CA ARG G 80 9.02 13.97 13.09
C ARG G 80 10.09 13.11 12.40
N THR G 81 11.29 12.98 12.94
CA THR G 81 12.39 12.16 12.34
C THR G 81 12.01 10.67 12.41
N LEU G 82 11.04 10.29 13.24
CA LEU G 82 10.58 8.87 13.37
C LEU G 82 9.46 8.56 12.36
N ALA G 83 8.87 9.57 11.73
CA ALA G 83 7.65 9.45 10.91
C ALA G 83 7.91 8.58 9.69
N TRP G 84 6.89 7.84 9.24
CA TRP G 84 6.93 7.06 7.98
C TRP G 84 5.56 7.18 7.29
N ASN G 85 5.51 6.86 6.00
CA ASN G 85 4.28 6.80 5.18
C ASN G 85 3.46 5.59 5.63
N SER G 86 2.28 5.82 6.22
CA SER G 86 1.41 4.77 6.83
C SER G 86 0.67 3.96 5.74
N SER G 87 0.62 4.43 4.49
CA SER G 87 -0.06 3.71 3.38
C SER G 87 0.58 2.31 3.23
N HIS G 88 -0.23 1.26 3.36
CA HIS G 88 0.16 -0.17 3.28
C HIS G 88 1.29 -0.47 4.28
N SER G 89 1.24 0.14 5.47
CA SER G 89 2.23 -0.03 6.56
C SER G 89 1.51 -0.05 7.89
N PRO G 90 2.16 -0.54 8.98
CA PRO G 90 1.62 -0.39 10.33
C PRO G 90 1.39 1.09 10.68
N ASP G 91 0.39 1.38 11.48
CA ASP G 91 0.08 2.74 12.01
C ASP G 91 1.00 3.02 13.21
N GLN G 92 1.48 1.98 13.90
CA GLN G 92 2.26 2.11 15.16
C GLN G 92 3.25 0.96 15.29
N VAL G 93 4.40 1.21 15.93
CA VAL G 93 5.38 0.15 16.30
C VAL G 93 5.83 0.40 17.73
N SER G 94 6.30 -0.67 18.38
CA SER G 94 6.99 -0.65 19.70
C SER G 94 8.48 -0.52 19.45
N VAL G 95 9.12 0.46 20.07
CA VAL G 95 10.56 0.80 19.88
C VAL G 95 11.24 0.85 21.24
N PRO G 96 12.41 0.20 21.42
CA PRO G 96 13.16 0.33 22.66
C PRO G 96 13.57 1.81 22.82
N ILE G 97 13.47 2.33 24.04
CA ILE G 97 13.73 3.79 24.29
C ILE G 97 15.20 4.12 24.03
N SER G 98 16.11 3.14 24.07
CA SER G 98 17.54 3.32 23.71
C SER G 98 17.67 3.78 22.26
N SER G 99 16.66 3.54 21.42
CA SER G 99 16.66 3.97 19.99
C SER G 99 15.95 5.31 19.79
N LEU G 100 15.50 6.01 20.84
CA LEU G 100 14.73 7.27 20.71
C LEU G 100 15.33 8.35 21.59
N TRP G 101 15.18 9.60 21.19
CA TRP G 101 15.27 10.72 22.14
C TRP G 101 14.09 10.61 23.11
N VAL G 102 14.36 10.77 24.39
CA VAL G 102 13.33 10.75 25.48
C VAL G 102 13.57 12.01 26.32
N PRO G 103 12.49 12.70 26.76
CA PRO G 103 12.63 13.85 27.64
C PRO G 103 13.39 13.49 28.92
N ASP G 104 14.32 14.33 29.36
CA ASP G 104 15.12 14.16 30.59
C ASP G 104 14.28 14.60 31.81
N LEU G 105 13.12 13.99 32.02
CA LEU G 105 12.22 14.37 33.14
C LEU G 105 12.82 13.88 34.45
N ALA G 106 12.69 14.68 35.49
CA ALA G 106 13.04 14.32 36.88
C ALA G 106 11.95 14.84 37.82
N ALA G 107 11.69 14.10 38.87
CA ALA G 107 10.87 14.55 40.01
C ALA G 107 11.79 15.31 40.97
N TYR G 108 11.58 16.62 41.10
CA TYR G 108 12.46 17.57 41.84
C TYR G 108 12.52 17.16 43.32
N ASN G 109 11.49 16.52 43.86
CA ASN G 109 11.40 16.14 45.30
C ASN G 109 11.46 14.61 45.47
N ALA G 110 11.98 13.88 44.48
CA ALA G 110 12.27 12.41 44.63
C ALA G 110 13.43 12.22 45.59
N ILE G 111 13.37 11.17 46.41
CA ILE G 111 14.48 10.82 47.36
C ILE G 111 14.98 9.39 47.04
N SER G 112 14.53 8.80 45.94
CA SER G 112 15.04 7.52 45.39
C SER G 112 15.08 7.62 43.87
N LYS G 113 15.94 6.82 43.24
CA LYS G 113 16.00 6.69 41.76
C LYS G 113 14.66 6.12 41.30
N PRO G 114 14.10 6.55 40.16
CA PRO G 114 12.91 5.90 39.64
C PRO G 114 13.23 4.44 39.32
N GLU G 115 12.49 3.50 39.92
CA GLU G 115 12.61 2.05 39.66
C GLU G 115 11.56 1.71 38.58
N VAL G 116 12.00 1.48 37.34
CA VAL G 116 11.09 1.18 36.20
C VAL G 116 10.74 -0.31 36.27
N LEU G 117 9.44 -0.62 36.37
CA LEU G 117 8.95 -2.00 36.62
C LEU G 117 8.58 -2.68 35.30
N THR G 118 8.56 -1.94 34.19
CA THR G 118 7.97 -2.39 32.91
C THR G 118 9.03 -2.43 31.81
N PRO G 119 8.79 -3.17 30.72
CA PRO G 119 9.68 -3.17 29.56
C PRO G 119 9.91 -1.74 29.06
N GLN G 120 11.16 -1.42 28.74
CA GLN G 120 11.62 -0.08 28.33
C GLN G 120 11.35 0.13 26.84
N LEU G 121 10.09 0.03 26.43
CA LEU G 121 9.62 0.24 25.04
C LEU G 121 8.68 1.43 25.02
N ALA G 122 8.71 2.22 23.96
CA ALA G 122 7.73 3.28 23.69
C ALA G 122 6.95 2.90 22.43
N ARG G 123 5.72 3.43 22.32
CA ARG G 123 4.87 3.28 21.12
C ARG G 123 5.06 4.49 20.22
N VAL G 124 5.41 4.26 18.96
CA VAL G 124 5.65 5.35 17.97
C VAL G 124 4.56 5.22 16.91
N VAL G 125 3.82 6.31 16.67
CA VAL G 125 2.77 6.38 15.61
C VAL G 125 3.48 6.85 14.33
N SER G 126 2.93 6.51 13.16
CA SER G 126 3.50 6.80 11.82
C SER G 126 3.76 8.31 11.62
N ASP G 127 3.03 9.17 12.34
CA ASP G 127 3.20 10.65 12.25
C ASP G 127 4.35 11.12 13.18
N GLY G 128 4.96 10.23 13.94
CA GLY G 128 6.12 10.56 14.80
C GLY G 128 5.72 10.89 16.22
N GLU G 129 4.45 10.73 16.56
CA GLU G 129 4.00 10.88 17.97
C GLU G 129 4.53 9.68 18.77
N VAL G 130 5.10 9.94 19.94
CA VAL G 130 5.66 8.89 20.83
C VAL G 130 4.79 8.86 22.09
N LEU G 131 4.40 7.65 22.52
CA LEU G 131 3.83 7.39 23.86
C LEU G 131 4.82 6.51 24.64
N TYR G 132 5.39 7.06 25.70
CA TYR G 132 6.23 6.30 26.66
C TYR G 132 5.54 6.39 28.02
N MET G 133 5.17 5.24 28.57
CA MET G 133 4.42 5.17 29.85
C MET G 133 5.03 4.06 30.68
N PRO G 134 6.18 4.33 31.34
CA PRO G 134 6.73 3.36 32.27
C PRO G 134 5.89 3.33 33.55
N SER G 135 5.81 2.15 34.17
CA SER G 135 5.37 1.99 35.57
C SER G 135 6.60 2.19 36.44
N ILE G 136 6.52 3.15 37.36
CA ILE G 136 7.66 3.60 38.20
C ILE G 136 7.27 3.43 39.66
N ARG G 137 8.16 2.83 40.44
CA ARG G 137 8.12 2.90 41.90
C ARG G 137 9.19 3.89 42.36
N GLN G 138 8.79 4.88 43.16
CA GLN G 138 9.69 5.97 43.59
C GLN G 138 9.23 6.52 44.94
N ARG G 139 10.19 6.98 45.76
CA ARG G 139 9.94 7.57 47.09
C ARG G 139 10.07 9.08 46.97
N PHE G 140 9.19 9.84 47.65
CA PHE G 140 9.19 11.32 47.61
C PHE G 140 9.17 11.88 49.03
N SER G 141 9.78 13.06 49.16
CA SER G 141 9.64 13.99 50.31
C SER G 141 8.48 14.93 49.99
N CYS G 142 7.39 14.82 50.75
CA CYS G 142 6.18 15.65 50.55
C CYS G 142 5.33 15.66 51.83
N ASP G 143 4.30 16.51 51.85
CA ASP G 143 3.44 16.76 53.04
C ASP G 143 2.53 15.55 53.26
N VAL G 144 2.85 14.73 54.26
CA VAL G 144 2.07 13.52 54.65
C VAL G 144 1.12 13.87 55.81
N SER G 145 1.21 15.08 56.37
CA SER G 145 0.38 15.52 57.53
C SER G 145 -1.10 15.39 57.16
N GLY G 146 -1.90 14.76 58.03
CA GLY G 146 -3.36 14.65 57.89
C GLY G 146 -3.78 13.42 57.12
N VAL G 147 -2.87 12.44 56.95
CA VAL G 147 -3.12 11.21 56.17
C VAL G 147 -4.23 10.38 56.84
N ASP G 148 -4.34 10.45 58.18
CA ASP G 148 -5.31 9.62 58.96
C ASP G 148 -6.62 10.40 59.20
N THR G 149 -6.75 11.61 58.67
CA THR G 149 -7.96 12.46 58.78
C THR G 149 -8.85 12.23 57.56
N GLU G 150 -10.03 12.86 57.56
CA GLU G 150 -11.07 12.74 56.50
C GLU G 150 -10.65 13.61 55.30
N SER G 151 -10.09 14.79 55.55
CA SER G 151 -9.53 15.72 54.53
C SER G 151 -8.32 15.06 53.83
N GLY G 152 -7.56 14.24 54.57
CA GLY G 152 -6.41 13.47 54.05
C GLY G 152 -5.17 14.34 53.90
N ALA G 153 -4.05 13.72 53.49
CA ALA G 153 -2.79 14.42 53.15
C ALA G 153 -2.86 14.91 51.71
N THR G 154 -2.16 16.00 51.41
CA THR G 154 -1.90 16.47 50.02
C THR G 154 -0.39 16.44 49.81
N CYS G 155 0.08 15.44 49.05
CA CYS G 155 1.50 15.22 48.68
C CYS G 155 1.75 15.79 47.28
N ARG G 156 2.58 16.81 47.17
CA ARG G 156 2.89 17.52 45.89
C ARG G 156 4.17 16.93 45.30
N ILE G 157 4.10 16.42 44.06
CA ILE G 157 5.25 15.89 43.27
C ILE G 157 5.47 16.83 42.10
N LYS G 158 6.68 17.37 41.94
CA LYS G 158 7.03 18.30 40.83
C LYS G 158 7.91 17.57 39.80
N ILE G 159 7.47 17.51 38.55
CA ILE G 159 8.16 16.79 37.44
C ILE G 159 8.43 17.80 36.31
N GLY G 160 9.68 17.94 35.89
CA GLY G 160 10.09 18.75 34.73
C GLY G 160 11.40 18.27 34.14
N SER G 161 11.80 18.88 33.01
CA SER G 161 13.09 18.61 32.35
C SER G 161 14.19 19.01 33.32
N TRP G 162 15.24 18.18 33.45
CA TRP G 162 16.38 18.49 34.33
C TRP G 162 17.28 19.55 33.66
N THR G 163 17.45 19.52 32.33
CA THR G 163 18.49 20.38 31.67
C THR G 163 17.93 21.24 30.55
N HIS G 164 16.68 21.04 30.14
CA HIS G 164 16.07 21.85 29.03
C HIS G 164 15.15 22.92 29.67
N HIS G 165 15.39 24.20 29.36
CA HIS G 165 14.53 25.33 29.75
C HIS G 165 13.35 25.47 28.79
N SER G 166 12.47 26.45 29.04
CA SER G 166 11.14 26.64 28.37
C SER G 166 11.29 26.80 26.88
N ARG G 167 12.43 27.28 26.38
CA ARG G 167 12.64 27.51 24.93
C ARG G 167 12.98 26.19 24.25
N GLU G 168 13.28 25.10 24.97
CA GLU G 168 13.65 23.81 24.35
C GLU G 168 12.59 22.75 24.64
N ILE G 169 12.11 22.69 25.87
CA ILE G 169 11.00 21.77 26.28
C ILE G 169 9.92 22.59 27.00
N SER G 170 8.66 22.40 26.62
CA SER G 170 7.49 22.80 27.43
C SER G 170 6.84 21.54 27.98
N VAL G 171 6.40 21.57 29.21
CA VAL G 171 5.80 20.41 29.93
C VAL G 171 4.35 20.82 30.21
N ASP G 172 3.39 20.06 29.70
CA ASP G 172 1.93 20.35 29.84
C ASP G 172 1.30 19.14 30.49
N PRO G 173 0.40 19.32 31.47
CA PRO G 173 -0.35 18.19 32.03
C PRO G 173 -1.41 17.77 30.99
N THR G 174 -1.71 16.46 30.85
CA THR G 174 -3.01 16.01 30.29
C THR G 174 -3.90 15.85 31.51
N THR G 175 -5.24 15.90 31.28
CA THR G 175 -6.36 15.89 32.26
C THR G 175 -5.97 16.42 33.67
N GLU G 176 -6.51 17.59 34.01
CA GLU G 176 -6.03 18.48 35.12
C GLU G 176 -6.55 17.97 36.46
N ASN G 177 -7.83 17.57 36.52
CA ASN G 177 -8.51 17.10 37.76
C ASN G 177 -9.10 15.71 37.50
N SER G 178 -8.80 14.77 38.40
CA SER G 178 -9.32 13.38 38.40
C SER G 178 -9.13 12.77 39.80
N ASP G 179 -9.87 11.70 40.09
CA ASP G 179 -9.80 10.92 41.35
C ASP G 179 -8.95 9.68 41.12
N ASP G 180 -8.52 9.42 39.89
CA ASP G 180 -7.69 8.24 39.49
C ASP G 180 -8.35 6.93 39.92
N SER G 181 -9.66 6.81 39.82
CA SER G 181 -10.41 5.55 40.09
C SER G 181 -10.16 4.47 39.03
N GLU G 182 -9.91 4.90 37.79
CA GLU G 182 -9.68 3.92 36.68
C GLU G 182 -8.40 3.11 36.96
N TYR G 183 -7.39 3.71 37.57
CA TYR G 183 -6.01 3.13 37.63
C TYR G 183 -5.68 2.65 39.04
N PHE G 184 -6.26 3.29 40.06
CA PHE G 184 -5.76 3.07 41.47
C PHE G 184 -6.27 1.73 41.95
N SER G 185 -5.44 0.98 42.68
CA SER G 185 -5.82 -0.33 43.24
C SER G 185 -6.97 -0.17 44.27
N GLN G 186 -8.06 -0.88 44.07
CA GLN G 186 -9.21 -0.90 45.02
C GLN G 186 -8.78 -1.57 46.33
N TYR G 187 -7.66 -2.32 46.32
CA TYR G 187 -7.24 -3.18 47.46
C TYR G 187 -6.21 -2.45 48.34
N SER G 188 -5.80 -1.23 47.97
CA SER G 188 -4.83 -0.43 48.75
C SER G 188 -5.42 -0.13 50.13
N ARG G 189 -4.59 -0.02 51.15
CA ARG G 189 -4.90 0.53 52.52
C ARG G 189 -5.30 2.01 52.38
N PHE G 190 -4.91 2.67 51.27
CA PHE G 190 -5.17 4.10 51.05
C PHE G 190 -6.24 4.24 49.98
N GLU G 191 -6.86 5.42 49.93
CA GLU G 191 -7.79 5.81 48.84
C GLU G 191 -7.43 7.22 48.40
N ILE G 192 -7.67 7.47 47.12
CA ILE G 192 -7.38 8.77 46.49
C ILE G 192 -8.65 9.61 46.55
N LEU G 193 -8.56 10.79 47.14
CA LEU G 193 -9.66 11.77 47.24
C LEU G 193 -9.63 12.64 45.97
N ASP G 194 -8.43 13.09 45.57
CA ASP G 194 -8.25 13.93 44.37
C ASP G 194 -6.79 13.91 43.90
N VAL G 195 -6.62 13.99 42.57
CA VAL G 195 -5.29 14.22 41.93
C VAL G 195 -5.46 15.41 40.99
N THR G 196 -4.77 16.51 41.26
CA THR G 196 -4.77 17.69 40.36
C THR G 196 -3.35 17.86 39.84
N GLN G 197 -3.23 18.16 38.55
CA GLN G 197 -1.94 18.27 37.84
C GLN G 197 -1.95 19.61 37.12
N LYS G 198 -1.11 20.54 37.59
CA LYS G 198 -1.10 21.94 37.10
C LYS G 198 0.30 22.31 36.62
N LYS G 199 0.35 23.03 35.51
CA LYS G 199 1.59 23.57 34.92
C LYS G 199 2.15 24.64 35.86
N ASN G 200 3.46 24.68 36.01
CA ASN G 200 4.22 25.86 36.52
C ASN G 200 5.47 26.09 35.64
N SER G 201 5.99 27.29 35.72
CA SER G 201 7.22 27.71 34.93
C SER G 201 8.08 28.57 35.85
N VAL G 202 9.17 28.04 36.42
CA VAL G 202 9.78 28.56 37.66
C VAL G 202 11.21 29.00 37.29
N THR G 203 11.62 30.14 37.82
CA THR G 203 12.97 30.70 37.68
C THR G 203 13.64 30.75 39.08
N TYR G 204 14.88 30.30 39.10
CA TYR G 204 15.74 30.06 40.30
C TYR G 204 16.92 31.03 40.19
N SER G 205 17.52 31.40 41.32
CA SER G 205 18.70 32.31 41.43
C SER G 205 19.90 31.78 40.63
N CYS G 206 20.03 30.45 40.45
CA CYS G 206 21.13 29.78 39.72
C CYS G 206 21.17 30.25 38.25
N CYS G 207 19.99 30.46 37.66
CA CYS G 207 19.74 30.30 36.21
C CYS G 207 18.84 31.42 35.74
N PRO G 208 19.22 32.24 34.73
CA PRO G 208 18.33 33.22 34.11
C PRO G 208 17.12 32.64 33.35
N GLU G 209 17.10 31.32 33.09
CA GLU G 209 16.06 30.66 32.28
C GLU G 209 14.93 30.13 33.19
N ALA G 210 13.73 30.05 32.62
CA ALA G 210 12.55 29.40 33.22
C ALA G 210 12.52 27.89 32.89
N TYR G 211 12.25 27.05 33.88
CA TYR G 211 12.08 25.59 33.81
C TYR G 211 10.63 25.22 34.00
N GLU G 212 10.01 24.64 32.96
CA GLU G 212 8.59 24.17 33.03
C GLU G 212 8.54 22.91 33.88
N ASP G 213 7.52 22.80 34.72
CA ASP G 213 7.22 21.55 35.48
C ASP G 213 5.70 21.35 35.51
N VAL G 214 5.28 20.14 35.81
CA VAL G 214 3.90 19.78 36.21
C VAL G 214 3.96 19.52 37.71
N GLU G 215 3.11 20.20 38.46
CA GLU G 215 2.90 19.99 39.92
C GLU G 215 1.72 19.01 40.07
N VAL G 216 1.95 17.85 40.64
CA VAL G 216 0.91 16.80 40.84
C VAL G 216 0.57 16.77 42.32
N SER G 217 -0.66 17.17 42.67
CA SER G 217 -1.17 17.17 44.07
C SER G 217 -1.95 15.88 44.29
N LEU G 218 -1.39 14.98 45.07
CA LEU G 218 -2.01 13.68 45.45
C LEU G 218 -2.70 13.86 46.80
N ASN G 219 -4.01 14.05 46.78
CA ASN G 219 -4.86 14.17 48.00
C ASN G 219 -5.39 12.75 48.28
N PHE G 220 -4.91 12.14 49.36
CA PHE G 220 -5.19 10.72 49.70
C PHE G 220 -5.30 10.59 51.22
N ARG G 221 -5.87 9.47 51.68
CA ARG G 221 -5.98 9.18 53.14
C ARG G 221 -5.97 7.67 53.37
N LYS G 222 -5.61 7.26 54.59
CA LYS G 222 -5.74 5.86 55.05
C LYS G 222 -7.23 5.54 55.14
N LYS G 223 -7.62 4.30 54.85
CA LYS G 223 -9.03 3.82 54.97
C LYS G 223 -9.25 3.44 56.43
N LEU H 20 25.60 26.26 12.72
CA LEU H 20 25.57 24.85 13.20
C LEU H 20 24.24 24.63 13.92
N ASP H 21 23.63 23.46 13.77
CA ASP H 21 22.42 23.07 14.54
C ASP H 21 22.83 22.08 15.65
N ARG H 22 21.89 21.73 16.52
CA ARG H 22 22.11 20.85 17.69
C ARG H 22 22.67 19.52 17.24
N ALA H 23 22.11 18.94 16.18
CA ALA H 23 22.48 17.60 15.67
C ALA H 23 23.98 17.58 15.32
N ASP H 24 24.48 18.63 14.67
CA ASP H 24 25.90 18.73 14.23
C ASP H 24 26.81 18.88 15.46
N ILE H 25 26.45 19.74 16.40
CA ILE H 25 27.24 19.99 17.64
C ILE H 25 27.35 18.68 18.42
N LEU H 26 26.24 17.98 18.61
CA LEU H 26 26.19 16.72 19.40
C LEU H 26 26.94 15.61 18.65
N TYR H 27 26.88 15.59 17.31
CA TYR H 27 27.69 14.66 16.49
C TYR H 27 29.18 14.94 16.74
N ASN H 28 29.60 16.19 16.61
CA ASN H 28 31.01 16.62 16.78
C ASN H 28 31.50 16.23 18.18
N ILE H 29 30.72 16.52 19.21
CA ILE H 29 31.08 16.20 20.62
C ILE H 29 31.19 14.69 20.75
N ARG H 30 30.21 13.91 20.28
CA ARG H 30 30.23 12.44 20.43
C ARG H 30 31.47 11.88 19.72
N GLN H 31 31.83 12.41 18.56
CA GLN H 31 32.92 11.83 17.72
C GLN H 31 34.31 12.17 18.29
N THR H 32 34.49 13.32 18.96
CA THR H 32 35.83 13.88 19.26
C THR H 32 36.03 14.13 20.75
N SER H 33 34.99 13.94 21.55
CA SER H 33 35.02 14.38 23.00
C SER H 33 36.18 13.85 23.89
N ARG H 34 36.64 12.61 23.72
CA ARG H 34 37.66 11.88 24.51
C ARG H 34 37.30 11.90 25.99
N PRO H 35 36.26 11.16 26.42
CA PRO H 35 35.80 11.19 27.80
C PRO H 35 36.81 10.74 28.86
N ASP H 36 37.85 10.00 28.44
CA ASP H 36 38.89 9.46 29.35
C ASP H 36 40.02 10.50 29.51
N VAL H 37 39.99 11.61 28.76
CA VAL H 37 41.13 12.57 28.69
C VAL H 37 40.78 13.86 29.42
N ILE H 38 41.39 14.06 30.59
CA ILE H 38 41.29 15.34 31.35
C ILE H 38 41.74 16.47 30.42
N PRO H 39 40.93 17.52 30.23
CA PRO H 39 41.28 18.59 29.29
C PRO H 39 42.21 19.66 29.89
N THR H 40 43.40 19.26 30.34
CA THR H 40 44.44 20.18 30.88
C THR H 40 44.90 21.08 29.72
N GLN H 41 45.11 22.36 30.01
CA GLN H 41 45.68 23.34 29.05
C GLN H 41 47.10 23.67 29.50
N ARG H 42 48.06 23.59 28.59
CA ARG H 42 49.49 23.92 28.81
C ARG H 42 49.93 23.53 30.22
N ASP H 43 49.70 22.27 30.63
CA ASP H 43 50.23 21.69 31.90
C ASP H 43 49.71 22.46 33.12
N ARG H 44 48.58 23.16 33.02
CA ARG H 44 47.92 23.84 34.15
C ARG H 44 46.72 22.98 34.55
N PRO H 45 46.33 22.98 35.83
CA PRO H 45 45.26 22.10 36.27
C PRO H 45 43.93 22.51 35.64
N VAL H 46 43.00 21.57 35.50
CA VAL H 46 41.58 21.88 35.19
C VAL H 46 40.98 22.43 36.47
N ALA H 47 40.47 23.66 36.41
CA ALA H 47 39.80 24.34 37.55
C ALA H 47 38.35 23.85 37.57
N VAL H 48 38.02 23.06 38.58
CA VAL H 48 36.65 22.53 38.81
C VAL H 48 36.01 23.33 39.95
N SER H 49 34.88 23.95 39.71
CA SER H 49 34.04 24.60 40.76
C SER H 49 33.01 23.59 41.26
N VAL H 50 32.89 23.46 42.57
CA VAL H 50 31.95 22.54 43.25
C VAL H 50 31.19 23.34 44.32
N SER H 51 29.88 23.21 44.34
CA SER H 51 29.00 23.81 45.37
C SER H 51 27.80 22.88 45.60
N LEU H 52 27.60 22.45 46.84
CA LEU H 52 26.44 21.63 47.23
C LEU H 52 25.25 22.54 47.57
N LYS H 53 24.11 22.28 46.95
CA LYS H 53 22.78 22.86 47.31
C LYS H 53 22.01 21.75 48.05
N PHE H 54 21.85 21.88 49.35
CA PHE H 54 21.14 20.85 50.15
C PHE H 54 19.63 20.94 49.85
N ILE H 55 19.03 19.79 49.58
CA ILE H 55 17.58 19.64 49.26
C ILE H 55 16.87 18.99 50.42
N ASN H 56 17.51 18.03 51.08
CA ASN H 56 16.85 17.26 52.16
C ASN H 56 17.88 16.66 53.09
N ILE H 57 17.52 16.51 54.34
CA ILE H 57 18.18 15.69 55.38
C ILE H 57 17.12 14.66 55.79
N LEU H 58 17.32 13.39 55.43
CA LEU H 58 16.30 12.33 55.50
C LEU H 58 16.40 11.57 56.80
N GLU H 59 17.62 11.35 57.27
CA GLU H 59 17.87 10.51 58.48
C GLU H 59 19.16 10.99 59.10
N VAL H 60 19.18 11.00 60.43
CA VAL H 60 20.31 11.45 61.27
C VAL H 60 20.38 10.48 62.44
N ASN H 61 21.58 10.07 62.83
CA ASN H 61 21.80 9.17 63.99
C ASN H 61 22.94 9.75 64.83
N GLU H 62 22.60 10.31 65.98
CA GLU H 62 23.55 10.99 66.91
C GLU H 62 24.46 9.93 67.54
N ILE H 63 23.97 8.71 67.69
CA ILE H 63 24.74 7.56 68.28
C ILE H 63 25.86 7.16 67.30
N THR H 64 25.52 6.88 66.03
CA THR H 64 26.46 6.35 65.00
C THR H 64 27.19 7.49 64.27
N ASN H 65 26.74 8.74 64.41
CA ASN H 65 27.33 9.90 63.70
C ASN H 65 27.21 9.67 62.18
N GLU H 66 26.01 9.38 61.72
CA GLU H 66 25.67 9.15 60.29
C GLU H 66 24.53 10.05 59.89
N VAL H 67 24.60 10.65 58.69
CA VAL H 67 23.51 11.45 58.08
C VAL H 67 23.22 10.87 56.69
N ASP H 68 21.95 10.90 56.30
CA ASP H 68 21.45 10.56 54.95
C ASP H 68 20.89 11.87 54.36
N VAL H 69 21.51 12.35 53.29
CA VAL H 69 21.25 13.72 52.74
C VAL H 69 21.03 13.64 51.22
N VAL H 70 20.26 14.58 50.70
CA VAL H 70 20.05 14.84 49.25
C VAL H 70 20.58 16.23 48.95
N PHE H 71 21.46 16.37 47.97
CA PHE H 71 22.02 17.66 47.52
C PHE H 71 22.18 17.67 46.00
N TRP H 72 22.14 18.86 45.42
CA TRP H 72 22.56 19.12 44.02
C TRP H 72 24.03 19.48 44.05
N GLN H 73 24.85 18.70 43.35
CA GLN H 73 26.32 18.90 43.29
C GLN H 73 26.64 19.72 42.07
N GLN H 74 26.48 21.05 42.17
CA GLN H 74 26.77 21.99 41.07
C GLN H 74 28.27 21.93 40.77
N THR H 75 28.61 21.47 39.57
CA THR H 75 29.99 21.20 39.12
C THR H 75 30.18 21.92 37.78
N THR H 76 31.23 22.74 37.66
CA THR H 76 31.55 23.48 36.43
C THR H 76 33.05 23.39 36.17
N TRP H 77 33.40 23.36 34.90
CA TRP H 77 34.81 23.34 34.43
C TRP H 77 34.77 23.67 32.94
N SER H 78 35.94 23.89 32.36
CA SER H 78 36.08 24.25 30.94
C SER H 78 36.74 23.06 30.20
N ASP H 79 36.18 22.68 29.06
CA ASP H 79 36.82 21.75 28.10
C ASP H 79 36.74 22.41 26.72
N ARG H 80 37.82 23.03 26.27
CA ARG H 80 37.91 23.80 25.03
C ARG H 80 37.68 22.91 23.80
N THR H 81 37.91 21.60 23.91
CA THR H 81 37.70 20.64 22.78
C THR H 81 36.21 20.53 22.45
N LEU H 82 35.31 20.96 23.35
CA LEU H 82 33.84 20.93 23.12
C LEU H 82 33.36 22.20 22.42
N ALA H 83 34.18 23.25 22.37
CA ALA H 83 33.77 24.62 21.96
C ALA H 83 33.35 24.62 20.49
N TRP H 84 32.38 25.48 20.14
CA TRP H 84 31.97 25.72 18.73
C TRP H 84 31.69 27.20 18.55
N ASN H 85 31.66 27.65 17.29
CA ASN H 85 31.31 29.03 16.89
C ASN H 85 29.81 29.25 17.13
N SER H 86 29.44 30.12 18.07
CA SER H 86 28.04 30.35 18.52
C SER H 86 27.25 31.18 17.50
N SER H 87 27.90 31.83 16.53
CA SER H 87 27.22 32.64 15.47
C SER H 87 26.25 31.73 14.71
N HIS H 88 24.96 32.09 14.70
CA HIS H 88 23.85 31.34 14.05
C HIS H 88 23.80 29.89 14.56
N SER H 89 24.08 29.67 15.84
CA SER H 89 24.09 28.33 16.49
C SER H 89 23.51 28.44 17.90
N PRO H 90 23.07 27.33 18.50
CA PRO H 90 22.71 27.32 19.91
C PRO H 90 23.88 27.79 20.80
N ASP H 91 23.57 28.44 21.92
CA ASP H 91 24.58 28.87 22.92
C ASP H 91 24.95 27.68 23.81
N GLN H 92 24.04 26.71 23.98
CA GLN H 92 24.17 25.56 24.90
C GLN H 92 23.50 24.32 24.32
N VAL H 93 24.03 23.14 24.63
CA VAL H 93 23.37 21.84 24.34
C VAL H 93 23.42 20.96 25.58
N SER H 94 22.48 20.02 25.67
CA SER H 94 22.43 18.95 26.70
C SER H 94 23.17 17.73 26.14
N VAL H 95 24.14 17.22 26.89
CA VAL H 95 25.04 16.13 26.45
C VAL H 95 25.04 15.05 27.53
N PRO H 96 24.85 13.76 27.18
CA PRO H 96 25.00 12.68 28.15
C PRO H 96 26.44 12.68 28.65
N ILE H 97 26.66 12.49 29.95
CA ILE H 97 28.01 12.58 30.58
C ILE H 97 28.90 11.45 30.04
N SER H 98 28.33 10.35 29.53
CA SER H 98 29.11 9.27 28.88
C SER H 98 29.86 9.82 27.65
N SER H 99 29.43 10.94 27.08
CA SER H 99 30.09 11.58 25.91
C SER H 99 31.07 12.70 26.33
N LEU H 100 31.32 12.91 27.63
CA LEU H 100 32.20 14.01 28.10
C LEU H 100 33.22 13.50 29.09
N TRP H 101 34.37 14.14 29.17
CA TRP H 101 35.22 14.03 30.37
C TRP H 101 34.47 14.71 31.51
N VAL H 102 34.40 14.03 32.66
CA VAL H 102 33.76 14.54 33.89
C VAL H 102 34.76 14.36 35.02
N PRO H 103 34.89 15.31 35.95
CA PRO H 103 35.77 15.14 37.11
C PRO H 103 35.35 13.89 37.91
N ASP H 104 36.33 13.10 38.33
CA ASP H 104 36.16 11.89 39.16
C ASP H 104 35.99 12.30 40.63
N LEU H 105 34.99 13.11 40.93
CA LEU H 105 34.74 13.60 42.31
C LEU H 105 34.22 12.45 43.18
N ALA H 106 34.66 12.41 44.43
CA ALA H 106 34.20 11.47 45.47
C ALA H 106 34.13 12.20 46.81
N ALA H 107 33.17 11.81 47.63
CA ALA H 107 33.06 12.28 49.03
C ALA H 107 33.92 11.37 49.90
N TYR H 108 34.99 11.91 50.47
CA TYR H 108 36.02 11.15 51.23
C TYR H 108 35.41 10.51 52.47
N ASN H 109 34.33 11.05 53.01
CA ASN H 109 33.69 10.51 54.25
C ASN H 109 32.31 9.92 53.92
N ALA H 110 32.04 9.57 52.66
CA ALA H 110 30.81 8.85 52.27
C ALA H 110 30.87 7.42 52.79
N ILE H 111 29.73 6.88 53.22
CA ILE H 111 29.61 5.47 53.68
C ILE H 111 28.56 4.75 52.83
N SER H 112 28.08 5.37 51.75
CA SER H 112 27.23 4.72 50.71
C SER H 112 27.64 5.24 49.33
N LYS H 113 27.31 4.48 48.29
CA LYS H 113 27.49 4.89 46.87
C LYS H 113 26.62 6.12 46.64
N PRO H 114 27.09 7.13 45.87
CA PRO H 114 26.20 8.23 45.48
C PRO H 114 25.04 7.64 44.65
N GLU H 115 23.81 7.88 45.08
CA GLU H 115 22.58 7.54 44.33
C GLU H 115 22.20 8.78 43.51
N VAL H 116 22.45 8.77 42.21
CA VAL H 116 22.12 9.90 41.30
C VAL H 116 20.62 9.77 40.96
N LEU H 117 19.85 10.81 41.28
CA LEU H 117 18.36 10.78 41.18
C LEU H 117 17.90 11.35 39.84
N THR H 118 18.81 12.00 39.10
CA THR H 118 18.46 12.83 37.93
C THR H 118 19.07 12.24 36.66
N PRO H 119 18.53 12.62 35.48
CA PRO H 119 19.12 12.23 34.21
C PRO H 119 20.60 12.66 34.16
N GLN H 120 21.45 11.75 33.67
CA GLN H 120 22.92 11.92 33.62
C GLN H 120 23.29 12.73 32.36
N LEU H 121 22.81 13.97 32.29
CA LEU H 121 23.10 14.94 31.22
C LEU H 121 23.82 16.13 31.85
N ALA H 122 24.77 16.72 31.12
CA ALA H 122 25.39 18.02 31.47
C ALA H 122 25.00 19.04 30.40
N ARG H 123 25.09 20.31 30.75
CA ARG H 123 24.93 21.45 29.82
C ARG H 123 26.33 21.85 29.33
N VAL H 124 26.53 21.92 28.03
CA VAL H 124 27.79 22.42 27.42
C VAL H 124 27.50 23.75 26.73
N VAL H 125 28.24 24.80 27.11
CA VAL H 125 28.15 26.16 26.52
C VAL H 125 29.12 26.19 25.33
N SER H 126 28.84 27.03 24.33
CA SER H 126 29.61 27.15 23.06
C SER H 126 31.09 27.44 23.32
N ASP H 127 31.43 28.04 24.46
CA ASP H 127 32.84 28.36 24.83
C ASP H 127 33.52 27.14 25.49
N GLY H 128 32.81 26.04 25.69
CA GLY H 128 33.39 24.79 26.23
C GLY H 128 33.23 24.68 27.73
N GLU H 129 32.51 25.61 28.35
CA GLU H 129 32.14 25.50 29.78
C GLU H 129 31.10 24.39 29.90
N VAL H 130 31.32 23.50 30.89
CA VAL H 130 30.38 22.39 31.19
C VAL H 130 29.74 22.68 32.55
N LEU H 131 28.42 22.54 32.62
CA LEU H 131 27.64 22.61 33.88
C LEU H 131 26.98 21.26 34.11
N TYR H 132 27.44 20.52 35.12
CA TYR H 132 26.89 19.21 35.51
C TYR H 132 26.40 19.37 36.95
N MET H 133 25.10 19.14 37.16
CA MET H 133 24.48 19.32 38.50
C MET H 133 23.57 18.14 38.77
N PRO H 134 24.12 16.97 39.15
CA PRO H 134 23.29 15.84 39.54
C PRO H 134 22.67 16.09 40.92
N SER H 135 21.45 15.61 41.12
CA SER H 135 20.85 15.41 42.47
C SER H 135 21.33 14.09 43.00
N ILE H 136 21.97 14.11 44.16
CA ILE H 136 22.62 12.92 44.78
C ILE H 136 22.04 12.70 46.16
N ARG H 137 21.61 11.48 46.45
CA ARG H 137 21.34 11.00 47.81
C ARG H 137 22.53 10.14 48.25
N GLN H 138 23.10 10.45 49.41
CA GLN H 138 24.29 9.73 49.93
C GLN H 138 24.33 9.81 51.46
N ARG H 139 24.93 8.82 52.11
CA ARG H 139 25.10 8.72 53.58
C ARG H 139 26.53 9.08 53.92
N PHE H 140 26.75 9.83 55.00
CA PHE H 140 28.09 10.28 55.44
C PHE H 140 28.31 9.96 56.92
N SER H 141 29.57 9.71 57.26
CA SER H 141 30.13 9.70 58.63
C SER H 141 30.61 11.13 58.94
N CYS H 142 29.94 11.81 59.87
CA CYS H 142 30.28 13.19 60.26
C CYS H 142 29.70 13.52 61.65
N ASP H 143 30.07 14.67 62.19
CA ASP H 143 29.72 15.09 63.58
C ASP H 143 28.24 15.46 63.65
N VAL H 144 27.42 14.59 64.22
CA VAL H 144 25.96 14.78 64.40
C VAL H 144 25.68 15.32 65.82
N SER H 145 26.69 15.40 66.68
CA SER H 145 26.54 15.83 68.10
C SER H 145 25.93 17.25 68.12
N GLY H 146 24.88 17.45 68.93
CA GLY H 146 24.24 18.76 69.15
C GLY H 146 23.12 19.03 68.16
N VAL H 147 22.64 17.99 67.47
CA VAL H 147 21.57 18.12 66.43
C VAL H 147 20.26 18.60 67.07
N ASP H 148 20.02 18.23 68.35
CA ASP H 148 18.75 18.56 69.06
C ASP H 148 18.89 19.85 69.86
N THR H 149 20.03 20.53 69.78
CA THR H 149 20.29 21.83 70.46
C THR H 149 19.97 22.98 69.49
N GLU H 150 20.06 24.21 69.98
CA GLU H 150 19.75 25.45 69.23
C GLU H 150 20.93 25.79 68.31
N SER H 151 22.17 25.57 68.78
CA SER H 151 23.41 25.73 67.99
C SER H 151 23.45 24.71 66.84
N GLY H 152 22.86 23.52 67.05
CA GLY H 152 22.73 22.45 66.05
C GLY H 152 24.02 21.67 65.85
N ALA H 153 24.01 20.64 65.00
CA ALA H 153 25.20 19.86 64.59
C ALA H 153 25.90 20.58 63.44
N THR H 154 27.21 20.40 63.32
CA THR H 154 28.01 20.81 62.14
C THR H 154 28.61 19.54 61.53
N CYS H 155 28.03 19.10 60.39
CA CYS H 155 28.45 17.89 59.63
C CYS H 155 29.32 18.35 58.45
N ARG H 156 30.60 17.94 58.43
CA ARG H 156 31.58 18.31 57.38
C ARG H 156 31.61 17.19 56.32
N ILE H 157 31.35 17.55 55.07
CA ILE H 157 31.43 16.63 53.88
C ILE H 157 32.60 17.13 53.02
N LYS H 158 33.55 16.24 52.73
CA LYS H 158 34.78 16.55 51.95
C LYS H 158 34.66 15.92 50.57
N ILE H 159 34.70 16.74 49.51
CA ILE H 159 34.56 16.29 48.11
C ILE H 159 35.76 16.75 47.29
N GLY H 160 36.46 15.80 46.66
CA GLY H 160 37.57 16.10 45.73
C GLY H 160 37.76 15.00 44.70
N SER H 161 38.69 15.19 43.77
CA SER H 161 39.07 14.19 42.76
C SER H 161 39.60 12.94 43.47
N TRP H 162 39.18 11.77 43.02
CA TRP H 162 39.69 10.48 43.58
C TRP H 162 41.11 10.19 43.08
N THR H 163 41.43 10.53 41.83
CA THR H 163 42.73 10.08 41.22
C THR H 163 43.57 11.23 40.66
N HIS H 164 43.02 12.44 40.56
CA HIS H 164 43.77 13.61 40.01
C HIS H 164 44.24 14.50 41.14
N HIS H 165 45.55 14.72 41.28
CA HIS H 165 46.15 15.54 42.35
C HIS H 165 46.14 17.02 41.91
N SER H 166 46.63 17.91 42.77
CA SER H 166 46.53 19.40 42.66
C SER H 166 47.12 19.91 41.33
N ARG H 167 48.08 19.19 40.73
CA ARG H 167 48.69 19.63 39.46
C ARG H 167 47.76 19.33 38.27
N GLU H 168 46.73 18.53 38.44
CA GLU H 168 45.84 18.10 37.31
C GLU H 168 44.43 18.66 37.50
N ILE H 169 43.91 18.62 38.72
CA ILE H 169 42.60 19.21 39.08
C ILE H 169 42.77 20.11 40.31
N SER H 170 42.25 21.32 40.23
CA SER H 170 42.02 22.18 41.41
C SER H 170 40.50 22.26 41.64
N VAL H 171 40.08 22.22 42.90
CA VAL H 171 38.64 22.27 43.27
C VAL H 171 38.45 23.56 44.04
N ASP H 172 37.57 24.43 43.56
CA ASP H 172 37.31 25.76 44.19
C ASP H 172 35.82 25.80 44.51
N PRO H 173 35.44 26.27 45.73
CA PRO H 173 34.02 26.45 46.04
C PRO H 173 33.53 27.68 45.27
N THR H 174 32.26 27.69 44.84
CA THR H 174 31.60 28.87 44.21
C THR H 174 31.39 29.95 45.28
N THR H 175 31.31 31.19 44.86
CA THR H 175 31.13 32.39 45.75
C THR H 175 29.70 32.38 46.28
N ASP H 179 21.27 32.02 49.05
CA ASP H 179 20.43 31.62 50.22
C ASP H 179 20.57 30.10 50.38
N ASP H 180 21.10 29.66 51.55
CA ASP H 180 21.36 28.24 51.88
C ASP H 180 20.07 27.40 51.75
N SER H 181 18.93 27.97 52.16
CA SER H 181 17.64 27.27 52.26
C SER H 181 16.79 27.53 51.03
N GLU H 182 17.33 28.04 49.93
CA GLU H 182 16.47 28.38 48.75
C GLU H 182 15.85 27.11 48.16
N TYR H 183 16.60 26.00 48.20
CA TYR H 183 16.29 24.70 47.57
C TYR H 183 15.89 23.66 48.60
N PHE H 184 16.05 23.91 49.86
CA PHE H 184 15.86 22.99 50.99
C PHE H 184 14.36 22.73 51.17
N SER H 185 14.01 21.45 51.38
CA SER H 185 12.61 20.99 51.52
C SER H 185 12.01 21.57 52.80
N GLN H 186 10.86 22.23 52.68
CA GLN H 186 10.09 22.74 53.84
C GLN H 186 9.57 21.56 54.69
N TYR H 187 9.55 20.35 54.15
CA TYR H 187 8.90 19.17 54.79
C TYR H 187 9.92 18.33 55.56
N SER H 188 11.21 18.69 55.51
CA SER H 188 12.27 18.04 56.33
C SER H 188 11.95 18.19 57.82
N ARG H 189 12.28 17.17 58.62
CA ARG H 189 12.28 17.25 60.10
C ARG H 189 13.34 18.22 60.56
N PHE H 190 14.32 18.52 59.71
CA PHE H 190 15.51 19.35 60.04
C PHE H 190 15.40 20.69 59.32
N GLU H 191 16.20 21.65 59.79
CA GLU H 191 16.34 22.98 59.15
C GLU H 191 17.83 23.31 59.13
N ILE H 192 18.22 24.11 58.14
CA ILE H 192 19.63 24.51 57.91
C ILE H 192 19.85 25.86 58.58
N LEU H 193 20.83 25.94 59.47
CA LEU H 193 21.26 27.19 60.14
C LEU H 193 22.30 27.89 59.25
N ASP H 194 23.25 27.13 58.72
CA ASP H 194 24.35 27.69 57.89
C ASP H 194 25.02 26.59 57.05
N VAL H 195 25.48 26.96 55.86
CA VAL H 195 26.33 26.10 54.99
C VAL H 195 27.55 26.94 54.61
N THR H 196 28.75 26.52 55.00
CA THR H 196 30.01 27.14 54.56
C THR H 196 30.80 26.12 53.74
N GLN H 197 31.43 26.59 52.67
CA GLN H 197 32.15 25.73 51.68
C GLN H 197 33.53 26.35 51.51
N LYS H 198 34.57 25.64 51.94
CA LYS H 198 35.96 26.16 51.96
C LYS H 198 36.88 25.17 51.27
N LYS H 199 37.86 25.68 50.54
CA LYS H 199 38.94 24.89 49.91
C LYS H 199 39.82 24.28 50.99
N ASN H 200 40.24 23.04 50.79
CA ASN H 200 41.29 22.38 51.62
C ASN H 200 42.10 21.47 50.69
N SER H 201 43.10 20.79 51.23
CA SER H 201 43.96 19.78 50.57
C SER H 201 44.16 18.64 51.56
N VAL H 202 44.10 17.40 51.08
CA VAL H 202 44.31 16.18 51.90
C VAL H 202 45.48 15.41 51.28
N THR H 203 46.38 14.94 52.11
CA THR H 203 47.47 13.98 51.81
C THR H 203 47.31 12.84 52.80
N TYR H 204 47.43 11.59 52.35
CA TYR H 204 47.55 10.37 53.18
C TYR H 204 48.95 9.79 53.01
N SER H 205 49.41 9.03 54.00
CA SER H 205 50.76 8.37 54.04
C SER H 205 50.95 7.40 52.85
N CYS H 206 49.85 6.82 52.33
CA CYS H 206 49.86 5.88 51.16
C CYS H 206 50.45 6.54 49.92
N CYS H 207 50.18 7.83 49.73
CA CYS H 207 50.12 8.49 48.41
C CYS H 207 50.78 9.87 48.50
N PRO H 208 51.92 10.09 47.79
CA PRO H 208 52.76 11.26 48.06
C PRO H 208 52.17 12.61 47.60
N GLU H 209 51.08 12.60 46.81
CA GLU H 209 50.48 13.82 46.21
C GLU H 209 49.41 14.42 47.12
N ALA H 210 49.18 15.72 46.98
CA ALA H 210 48.07 16.46 47.63
C ALA H 210 46.84 16.47 46.71
N TYR H 211 45.67 16.19 47.24
CA TYR H 211 44.36 16.16 46.55
C TYR H 211 43.54 17.34 47.08
N GLU H 212 43.17 18.26 46.19
CA GLU H 212 42.33 19.42 46.57
C GLU H 212 40.89 18.93 46.79
N ASP H 213 40.25 19.47 47.82
CA ASP H 213 38.84 19.17 48.13
C ASP H 213 38.12 20.46 48.49
N VAL H 214 36.79 20.40 48.44
CA VAL H 214 35.90 21.41 49.06
C VAL H 214 35.36 20.76 50.33
N GLU H 215 35.53 21.44 51.46
CA GLU H 215 34.97 21.05 52.77
C GLU H 215 33.64 21.80 52.92
N VAL H 216 32.54 21.07 53.00
CA VAL H 216 31.18 21.66 53.11
C VAL H 216 30.71 21.42 54.54
N SER H 217 30.55 22.50 55.30
CA SER H 217 30.10 22.45 56.72
C SER H 217 28.59 22.71 56.75
N LEU H 218 27.82 21.67 57.02
CA LEU H 218 26.34 21.72 57.10
C LEU H 218 25.98 21.89 58.58
N ASN H 219 25.66 23.13 58.98
CA ASN H 219 25.17 23.46 60.35
C ASN H 219 23.65 23.39 60.30
N PHE H 220 23.06 22.38 60.95
CA PHE H 220 21.62 22.06 60.88
C PHE H 220 21.15 21.57 62.25
N ARG H 221 19.84 21.53 62.47
CA ARG H 221 19.24 21.03 63.74
C ARG H 221 17.84 20.47 63.48
N LYS H 222 17.36 19.61 64.38
CA LYS H 222 15.96 19.12 64.39
C LYS H 222 15.04 20.32 64.65
N LYS H 223 13.85 20.34 64.04
CA LYS H 223 12.81 21.37 64.28
C LYS H 223 12.08 21.07 65.60
N GLY H 224 11.63 22.14 66.27
CA GLY H 224 10.64 22.08 67.36
C GLY H 224 9.28 21.55 66.91
N LEU I 20 55.04 12.71 24.33
CA LEU I 20 53.65 12.17 24.30
C LEU I 20 52.78 12.99 25.24
N ASP I 21 51.53 13.25 24.88
CA ASP I 21 50.55 13.91 25.77
C ASP I 21 49.58 12.85 26.32
N ARG I 22 48.72 13.26 27.26
CA ARG I 22 47.75 12.37 27.96
C ARG I 22 46.87 11.66 26.93
N ALA I 23 46.35 12.40 25.95
CA ALA I 23 45.40 11.89 24.95
C ALA I 23 46.02 10.69 24.21
N ASP I 24 47.31 10.81 23.82
CA ASP I 24 48.03 9.77 23.05
C ASP I 24 48.23 8.52 23.94
N ILE I 25 48.68 8.73 25.18
CA ILE I 25 48.95 7.61 26.14
C ILE I 25 47.64 6.85 26.37
N LEU I 26 46.56 7.56 26.64
CA LEU I 26 45.24 6.93 26.95
C LEU I 26 44.68 6.24 25.71
N TYR I 27 44.90 6.81 24.52
CA TYR I 27 44.55 6.16 23.24
C TYR I 27 45.31 4.83 23.12
N ASN I 28 46.62 4.88 23.28
CA ASN I 28 47.52 3.69 23.17
C ASN I 28 47.07 2.60 24.16
N ILE I 29 46.81 2.97 25.41
CA ILE I 29 46.36 2.00 26.45
C ILE I 29 45.00 1.42 26.03
N ARG I 30 44.05 2.25 25.65
CA ARG I 30 42.69 1.78 25.26
C ARG I 30 42.81 0.80 24.06
N GLN I 31 43.68 1.09 23.10
CA GLN I 31 43.78 0.31 21.83
C GLN I 31 44.50 -1.03 22.02
N THR I 32 45.43 -1.13 22.97
N THR I 32 45.43 -1.13 22.97
CA THR I 32 46.36 -2.29 23.07
CA THR I 32 46.36 -2.30 23.09
C THR I 32 46.26 -3.00 24.43
C THR I 32 46.24 -3.00 24.46
N SER I 33 45.50 -2.43 25.36
N SER I 33 45.41 -2.48 25.37
CA SER I 33 45.16 -3.02 26.64
CA SER I 33 45.20 -2.85 26.82
C SER I 33 44.31 -4.26 26.30
C SER I 33 45.33 -4.36 27.22
N ARG I 34 44.81 -5.36 26.80
N ARG I 34 44.58 -5.26 26.56
CA ARG I 34 44.24 -6.72 26.87
CA ARG I 34 44.26 -6.71 26.87
C ARG I 34 43.84 -6.93 28.33
C ARG I 34 43.85 -6.91 28.33
N PRO I 35 42.67 -6.40 28.74
CA PRO I 35 42.23 -6.47 30.14
C PRO I 35 42.01 -7.89 30.67
N ASP I 36 41.86 -8.87 29.79
CA ASP I 36 41.62 -10.29 30.13
CA ASP I 36 41.62 -10.30 30.16
C ASP I 36 42.96 -11.02 30.36
N VAL I 37 44.11 -10.37 30.07
CA VAL I 37 45.43 -11.04 30.04
C VAL I 37 46.27 -10.61 31.24
N ILE I 38 46.44 -11.51 32.20
CA ILE I 38 47.37 -11.30 33.36
C ILE I 38 48.74 -11.00 32.78
N PRO I 39 49.39 -9.88 33.18
CA PRO I 39 50.69 -9.50 32.60
C PRO I 39 51.88 -10.21 33.25
N THR I 40 51.90 -11.54 33.24
CA THR I 40 53.06 -12.34 33.74
C THR I 40 54.25 -12.06 32.82
N GLN I 41 55.44 -11.90 33.39
CA GLN I 41 56.71 -11.75 32.66
C GLN I 41 57.52 -13.03 32.85
N ARG I 42 58.02 -13.59 31.75
CA ARG I 42 58.86 -14.81 31.73
C ARG I 42 58.42 -15.80 32.81
N ASP I 43 57.12 -16.14 32.87
CA ASP I 43 56.56 -17.21 33.72
C ASP I 43 56.80 -16.92 35.21
N ARG I 44 57.00 -15.65 35.60
CA ARG I 44 57.12 -15.25 37.01
C ARG I 44 55.82 -14.60 37.42
N PRO I 45 55.38 -14.76 38.68
CA PRO I 45 54.04 -14.31 39.06
C PRO I 45 53.96 -12.79 38.98
N VAL I 46 52.76 -12.25 38.79
CA VAL I 46 52.49 -10.81 38.99
C VAL I 46 52.44 -10.58 40.50
N ALA I 47 53.32 -9.72 41.01
CA ALA I 47 53.40 -9.36 42.44
C ALA I 47 52.35 -8.28 42.70
N VAL I 48 51.30 -8.63 43.41
CA VAL I 48 50.19 -7.69 43.78
C VAL I 48 50.38 -7.33 45.26
N SER I 49 50.52 -6.03 45.55
CA SER I 49 50.53 -5.49 46.92
C SER I 49 49.10 -5.08 47.30
N VAL I 50 48.64 -5.51 48.46
CA VAL I 50 47.27 -5.24 48.96
C VAL I 50 47.41 -4.77 50.40
N SER I 51 46.76 -3.65 50.72
CA SER I 51 46.68 -3.12 52.10
C SER I 51 45.31 -2.47 52.27
N LEU I 52 44.54 -2.92 53.26
CA LEU I 52 43.22 -2.29 53.59
C LEU I 52 43.44 -1.15 54.57
N LYS I 53 42.95 0.04 54.24
CA LYS I 53 42.87 1.21 55.15
C LYS I 53 41.42 1.31 55.60
N PHE I 54 41.15 0.97 56.85
CA PHE I 54 39.75 1.00 57.40
C PHE I 54 39.36 2.46 57.58
N ILE I 55 38.17 2.82 57.10
CA ILE I 55 37.64 4.20 57.17
C ILE I 55 36.51 4.23 58.20
N ASN I 56 35.70 3.18 58.25
CA ASN I 56 34.52 3.16 59.12
C ASN I 56 34.10 1.71 59.39
N ILE I 57 33.52 1.49 60.58
CA ILE I 57 32.80 0.25 60.96
C ILE I 57 31.36 0.69 61.22
N LEU I 58 30.43 0.25 60.36
CA LEU I 58 29.07 0.83 60.26
C LEU I 58 28.10 0.00 61.11
N GLU I 59 28.29 -1.31 61.14
CA GLU I 59 27.38 -2.24 61.84
C GLU I 59 28.19 -3.45 62.28
N VAL I 60 27.88 -3.94 63.46
CA VAL I 60 28.53 -5.10 64.12
C VAL I 60 27.41 -5.89 64.79
N ASN I 61 27.44 -7.21 64.68
CA ASN I 61 26.42 -8.08 65.30
C ASN I 61 27.15 -9.24 66.00
N GLU I 62 27.19 -9.20 67.34
CA GLU I 62 27.92 -10.18 68.17
C GLU I 62 27.19 -11.52 68.11
N ILE I 63 25.87 -11.50 67.89
CA ILE I 63 25.01 -12.71 67.79
C ILE I 63 25.37 -13.46 66.49
N THR I 64 25.35 -12.78 65.33
CA THR I 64 25.53 -13.39 63.98
C THR I 64 27.01 -13.44 63.59
N ASN I 65 27.89 -12.72 64.30
CA ASN I 65 29.34 -12.62 63.96
C ASN I 65 29.48 -12.05 62.54
N GLU I 66 28.86 -10.90 62.31
CA GLU I 66 28.88 -10.17 61.02
C GLU I 66 29.32 -8.73 61.28
N VAL I 67 30.19 -8.19 60.41
CA VAL I 67 30.60 -6.76 60.43
C VAL I 67 30.32 -6.17 59.05
N ASP I 68 29.94 -4.89 59.03
CA ASP I 68 29.74 -4.07 57.82
C ASP I 68 30.79 -2.96 57.91
N VAL I 69 31.73 -2.93 56.97
CA VAL I 69 32.93 -2.05 57.04
C VAL I 69 33.12 -1.31 55.72
N VAL I 70 33.71 -0.11 55.82
CA VAL I 70 34.20 0.67 54.65
C VAL I 70 35.72 0.75 54.77
N PHE I 71 36.42 0.36 53.71
CA PHE I 71 37.90 0.40 53.65
C PHE I 71 38.35 0.82 52.24
N TRP I 72 39.53 1.43 52.17
CA TRP I 72 40.27 1.67 50.91
C TRP I 72 41.16 0.47 50.66
N GLN I 73 40.97 -0.24 49.55
CA GLN I 73 41.73 -1.45 49.18
C GLN I 73 42.89 -1.00 48.28
N GLN I 74 43.96 -0.50 48.89
CA GLN I 74 45.18 -0.07 48.18
C GLN I 74 45.80 -1.29 47.48
N THR I 75 45.82 -1.26 46.14
CA THR I 75 46.26 -2.38 45.29
C THR I 75 47.27 -1.84 44.29
N THR I 76 48.44 -2.46 44.21
CA THR I 76 49.51 -2.08 43.25
C THR I 76 50.07 -3.33 42.59
N TRP I 77 50.47 -3.19 41.34
CA TRP I 77 51.12 -4.26 40.55
C TRP I 77 51.73 -3.60 39.33
N SER I 78 52.52 -4.37 38.59
CA SER I 78 53.22 -3.87 37.38
C SER I 78 52.58 -4.54 36.15
N ASP I 79 52.29 -3.76 35.12
CA ASP I 79 51.93 -4.24 33.78
C ASP I 79 52.79 -3.49 32.76
N ARG I 80 53.86 -4.13 32.29
CA ARG I 80 54.88 -3.51 31.42
C ARG I 80 54.29 -3.13 30.06
N THR I 81 53.18 -3.77 29.65
CA THR I 81 52.51 -3.46 28.34
C THR I 81 51.89 -2.06 28.39
N LEU I 82 51.71 -1.46 29.57
CA LEU I 82 51.16 -0.08 29.73
C LEU I 82 52.27 0.97 29.65
N ALA I 83 53.53 0.58 29.75
CA ALA I 83 54.68 1.51 29.93
C ALA I 83 54.82 2.44 28.72
N TRP I 84 55.29 3.66 28.95
CA TRP I 84 55.65 4.61 27.87
C TRP I 84 56.91 5.38 28.27
N ASN I 85 57.57 5.99 27.29
CA ASN I 85 58.76 6.86 27.48
C ASN I 85 58.31 8.15 28.19
N SER I 86 58.75 8.37 29.42
CA SER I 86 58.31 9.49 30.29
C SER I 86 58.99 10.81 29.88
N SER I 87 60.05 10.78 29.06
CA SER I 87 60.76 12.00 28.60
C SER I 87 59.76 12.91 27.88
N HIS I 88 59.59 14.14 28.37
CA HIS I 88 58.65 15.18 27.83
C HIS I 88 57.22 14.62 27.76
N SER I 89 56.82 13.82 28.74
CA SER I 89 55.48 13.20 28.84
C SER I 89 55.03 13.21 30.29
N PRO I 90 53.71 13.05 30.56
CA PRO I 90 53.23 12.84 31.93
C PRO I 90 53.90 11.62 32.57
N ASP I 91 54.11 11.67 33.89
CA ASP I 91 54.66 10.53 34.67
C ASP I 91 53.54 9.52 34.96
N GLN I 92 52.29 9.98 35.00
CA GLN I 92 51.10 9.19 35.40
C GLN I 92 49.86 9.64 34.61
N VAL I 93 48.94 8.71 34.37
CA VAL I 93 47.58 9.02 33.84
C VAL I 93 46.53 8.25 34.65
N SER I 94 45.30 8.76 34.65
CA SER I 94 44.10 8.12 35.21
C SER I 94 43.43 7.30 34.10
N VAL I 95 43.20 6.01 34.35
CA VAL I 95 42.68 5.05 33.33
C VAL I 95 41.47 4.34 33.94
N PRO I 96 40.34 4.25 33.21
CA PRO I 96 39.22 3.44 33.68
C PRO I 96 39.68 1.98 33.77
N ILE I 97 39.29 1.27 34.83
CA ILE I 97 39.79 -0.11 35.07
C ILE I 97 39.24 -1.06 34.00
N SER I 98 38.15 -0.70 33.30
CA SER I 98 37.64 -1.49 32.15
C SER I 98 38.70 -1.57 31.04
N SER I 99 39.66 -0.64 31.01
CA SER I 99 40.75 -0.63 30.01
C SER I 99 42.04 -1.31 30.52
N LEU I 100 42.04 -1.93 31.69
CA LEU I 100 43.26 -2.55 32.29
C LEU I 100 42.96 -3.97 32.76
N TRP I 101 43.96 -4.82 32.76
CA TRP I 101 43.91 -6.03 33.60
C TRP I 101 43.95 -5.59 35.06
N VAL I 102 43.08 -6.17 35.88
CA VAL I 102 43.01 -5.91 37.34
C VAL I 102 43.02 -7.26 38.04
N PRO I 103 43.73 -7.40 39.18
CA PRO I 103 43.71 -8.65 39.94
C PRO I 103 42.28 -9.02 40.34
N ASP I 104 41.94 -10.30 40.19
CA ASP I 104 40.61 -10.87 40.56
C ASP I 104 40.59 -11.13 42.07
N LEU I 105 40.84 -10.11 42.89
CA LEU I 105 40.88 -10.25 44.37
C LEU I 105 39.46 -10.48 44.88
N ALA I 106 39.33 -11.35 45.88
CA ALA I 106 38.07 -11.63 46.59
C ALA I 106 38.40 -11.81 48.07
N ALA I 107 37.48 -11.40 48.92
CA ALA I 107 37.51 -11.69 50.37
C ALA I 107 36.84 -13.05 50.56
N TYR I 108 37.61 -14.04 51.00
CA TYR I 108 37.18 -15.46 51.14
C TYR I 108 36.03 -15.58 52.16
N ASN I 109 35.92 -14.66 53.12
CA ASN I 109 34.87 -14.67 54.16
C ASN I 109 33.87 -13.51 53.97
N ALA I 110 33.77 -12.93 52.78
CA ALA I 110 32.76 -11.89 52.46
C ALA I 110 31.38 -12.56 52.38
N ILE I 111 30.34 -11.87 52.86
CA ILE I 111 28.94 -12.35 52.76
C ILE I 111 28.09 -11.34 51.98
N SER I 112 28.71 -10.34 51.36
CA SER I 112 28.06 -9.40 50.41
C SER I 112 29.03 -9.10 49.28
N LYS I 113 28.51 -8.68 48.13
CA LYS I 113 29.32 -8.22 46.97
C LYS I 113 30.07 -6.96 47.42
N PRO I 114 31.34 -6.76 47.02
CA PRO I 114 32.00 -5.49 47.30
C PRO I 114 31.22 -4.35 46.61
N GLU I 115 30.77 -3.36 47.39
CA GLU I 115 30.09 -2.15 46.88
C GLU I 115 31.18 -1.07 46.72
N VAL I 116 31.57 -0.77 45.49
CA VAL I 116 32.63 0.25 45.19
C VAL I 116 31.98 1.63 45.25
N LEU I 117 32.48 2.51 46.12
CA LEU I 117 31.85 3.82 46.43
C LEU I 117 32.50 4.93 45.59
N THR I 118 33.60 4.62 44.90
CA THR I 118 34.47 5.64 44.24
C THR I 118 34.50 5.40 42.75
N PRO I 119 34.87 6.43 41.96
CA PRO I 119 35.04 6.27 40.51
C PRO I 119 36.04 5.15 40.21
N GLN I 120 35.71 4.30 39.24
CA GLN I 120 36.46 3.09 38.87
C GLN I 120 37.63 3.47 37.95
N LEU I 121 38.54 4.31 38.44
CA LEU I 121 39.77 4.74 37.73
C LEU I 121 40.97 4.22 38.53
N ALA I 122 42.03 3.83 37.83
CA ALA I 122 43.34 3.52 38.43
C ALA I 122 44.35 4.55 37.92
N ARG I 123 45.44 4.71 38.65
CA ARG I 123 46.61 5.53 38.23
C ARG I 123 47.62 4.57 37.58
N VAL I 124 48.06 4.89 36.37
CA VAL I 124 49.13 4.15 35.67
C VAL I 124 50.36 5.05 35.57
N VAL I 125 51.50 4.58 36.09
CA VAL I 125 52.81 5.26 36.03
C VAL I 125 53.49 4.85 34.72
N SER I 126 54.35 5.71 34.18
CA SER I 126 55.03 5.51 32.87
C SER I 126 55.83 4.20 32.82
N ASP I 127 56.24 3.67 33.97
CA ASP I 127 56.99 2.39 34.05
C ASP I 127 56.02 1.19 34.05
N GLY I 128 54.71 1.41 34.05
CA GLY I 128 53.70 0.34 33.97
C GLY I 128 53.20 -0.09 35.34
N GLU I 129 53.62 0.59 36.40
CA GLU I 129 53.04 0.40 37.74
C GLU I 129 51.59 0.93 37.74
N VAL I 130 50.68 0.13 38.27
CA VAL I 130 49.25 0.51 38.42
C VAL I 130 48.95 0.67 39.91
N LEU I 131 48.30 1.76 40.26
CA LEU I 131 47.77 2.02 41.62
C LEU I 131 46.25 2.12 41.54
N TYR I 132 45.56 1.13 42.11
CA TYR I 132 44.08 1.09 42.15
C TYR I 132 43.70 1.04 43.62
N MET I 133 42.94 2.03 44.09
CA MET I 133 42.52 2.13 45.51
C MET I 133 41.05 2.49 45.56
N PRO I 134 40.15 1.51 45.34
CA PRO I 134 38.73 1.75 45.51
C PRO I 134 38.38 1.86 47.00
N SER I 135 37.40 2.68 47.32
CA SER I 135 36.67 2.64 48.61
C SER I 135 35.57 1.61 48.46
N ILE I 136 35.59 0.60 49.34
CA ILE I 136 34.68 -0.57 49.29
C ILE I 136 33.90 -0.64 50.60
N ARG I 137 32.59 -0.80 50.49
CA ARG I 137 31.72 -1.22 51.61
C ARG I 137 31.39 -2.69 51.40
N GLN I 138 31.63 -3.52 52.40
CA GLN I 138 31.42 -4.98 52.32
C GLN I 138 31.14 -5.55 53.71
N ARG I 139 30.34 -6.63 53.76
CA ARG I 139 29.96 -7.35 55.00
C ARG I 139 30.78 -8.64 55.08
N PHE I 140 31.26 -9.00 56.28
CA PHE I 140 32.09 -10.20 56.50
C PHE I 140 31.52 -11.02 57.66
N SER I 141 31.73 -12.34 57.56
CA SER I 141 31.59 -13.33 58.65
C SER I 141 32.95 -13.45 59.34
N CYS I 142 33.04 -13.00 60.59
CA CYS I 142 34.29 -13.01 61.38
C CYS I 142 33.98 -12.89 62.88
N ASP I 143 35.01 -13.07 63.72
CA ASP I 143 34.88 -13.14 65.19
C ASP I 143 34.60 -11.75 65.75
N VAL I 144 33.35 -11.50 66.15
CA VAL I 144 32.90 -10.21 66.75
C VAL I 144 32.91 -10.33 68.28
N SER I 145 33.17 -11.51 68.84
CA SER I 145 33.14 -11.77 70.30
C SER I 145 34.15 -10.83 70.99
N GLY I 146 33.72 -10.14 72.05
CA GLY I 146 34.58 -9.29 72.89
C GLY I 146 34.63 -7.86 72.39
N VAL I 147 33.70 -7.47 71.52
CA VAL I 147 33.64 -6.11 70.91
C VAL I 147 33.41 -5.06 72.01
N ASP I 148 32.69 -5.41 73.08
CA ASP I 148 32.30 -4.47 74.17
C ASP I 148 33.32 -4.51 75.32
N THR I 149 34.40 -5.29 75.19
CA THR I 149 35.48 -5.41 76.19
C THR I 149 36.61 -4.43 75.83
N GLU I 150 37.62 -4.35 76.69
CA GLU I 150 38.80 -3.45 76.54
C GLU I 150 39.77 -4.06 75.53
N SER I 151 39.94 -5.39 75.55
CA SER I 151 40.76 -6.15 74.56
C SER I 151 40.14 -6.04 73.16
N GLY I 152 38.80 -5.94 73.08
CA GLY I 152 38.04 -5.76 71.83
C GLY I 152 37.91 -7.06 71.05
N ALA I 153 37.19 -7.02 69.92
CA ALA I 153 37.07 -8.14 68.95
C ALA I 153 38.29 -8.12 68.01
N THR I 154 38.68 -9.29 67.50
CA THR I 154 39.63 -9.44 66.38
C THR I 154 38.89 -10.12 65.24
N CYS I 155 38.54 -9.33 64.21
CA CYS I 155 37.83 -9.77 62.97
C CYS I 155 38.87 -9.99 61.86
N ARG I 156 39.03 -11.23 61.40
CA ARG I 156 40.03 -11.62 60.37
C ARG I 156 39.35 -11.62 59.00
N ILE I 157 39.89 -10.84 58.06
CA ILE I 157 39.43 -10.76 56.64
C ILE I 157 40.55 -11.34 55.78
N LYS I 158 40.25 -12.35 54.95
CA LYS I 158 41.24 -13.00 54.05
C LYS I 158 40.97 -12.58 52.60
N ILE I 159 41.96 -11.95 51.96
CA ILE I 159 41.84 -11.41 50.57
C ILE I 159 42.95 -12.04 49.72
N GLY I 160 42.57 -12.69 48.62
CA GLY I 160 43.50 -13.23 47.61
C GLY I 160 42.85 -13.34 46.24
N SER I 161 43.62 -13.75 45.24
CA SER I 161 43.12 -13.99 43.86
C SER I 161 42.08 -15.11 43.93
N TRP I 162 40.97 -14.97 43.22
CA TRP I 162 39.93 -16.02 43.17
C TRP I 162 40.38 -17.16 42.27
N THR I 163 41.10 -16.89 41.17
CA THR I 163 41.38 -17.95 40.15
C THR I 163 42.87 -18.10 39.84
N HIS I 164 43.73 -17.19 40.29
CA HIS I 164 45.19 -17.25 40.00
C HIS I 164 45.94 -17.78 41.22
N HIS I 165 46.65 -18.89 41.09
CA HIS I 165 47.42 -19.55 42.18
C HIS I 165 48.81 -18.90 42.24
N SER I 166 49.66 -19.36 43.18
CA SER I 166 50.95 -18.74 43.57
C SER I 166 51.90 -18.57 42.37
N ARG I 167 51.79 -19.39 41.35
CA ARG I 167 52.68 -19.32 40.17
C ARG I 167 52.28 -18.16 39.25
N GLU I 168 51.08 -17.59 39.42
CA GLU I 168 50.56 -16.53 38.49
C GLU I 168 50.41 -15.21 39.23
N ILE I 169 49.90 -15.24 40.45
CA ILE I 169 49.79 -14.05 41.33
C ILE I 169 50.41 -14.36 42.70
N SER I 170 51.25 -13.47 43.19
CA SER I 170 51.64 -13.43 44.62
C SER I 170 50.99 -12.19 45.25
N VAL I 171 50.48 -12.33 46.46
CA VAL I 171 49.81 -11.21 47.19
C VAL I 171 50.69 -10.91 48.40
N ASP I 172 51.16 -9.68 48.51
CA ASP I 172 52.06 -9.25 49.62
C ASP I 172 51.39 -8.08 50.31
N PRO I 173 51.37 -8.04 51.65
CA PRO I 173 50.89 -6.87 52.37
C PRO I 173 51.93 -5.75 52.23
N THR I 174 51.51 -4.48 52.16
CA THR I 174 52.46 -3.34 52.12
C THR I 174 52.86 -3.11 53.57
N THR I 175 51.91 -2.82 54.46
CA THR I 175 52.14 -2.38 55.87
C THR I 175 51.65 -3.52 56.77
N GLU I 176 52.54 -4.06 57.61
CA GLU I 176 52.28 -5.28 58.43
C GLU I 176 51.52 -4.90 59.70
N ASN I 177 51.95 -3.84 60.38
CA ASN I 177 51.36 -3.40 61.68
C ASN I 177 51.02 -1.91 61.59
N SER I 178 49.80 -1.53 61.98
CA SER I 178 49.33 -0.12 62.09
C SER I 178 48.07 -0.07 62.98
N ASP I 179 47.78 1.12 63.53
CA ASP I 179 46.54 1.38 64.32
C ASP I 179 45.48 2.01 63.41
N ASP I 180 45.85 2.36 62.18
CA ASP I 180 44.96 2.96 61.13
C ASP I 180 44.28 4.22 61.66
N SER I 181 44.95 5.02 62.45
CA SER I 181 44.39 6.29 63.01
C SER I 181 44.32 7.38 61.91
N GLU I 182 45.24 7.32 60.97
CA GLU I 182 45.34 8.32 59.88
C GLU I 182 44.07 8.29 59.01
N TYR I 183 43.46 7.12 58.83
CA TYR I 183 42.33 6.95 57.87
C TYR I 183 41.01 6.79 58.60
N PHE I 184 41.03 6.31 59.85
CA PHE I 184 39.74 5.82 60.47
C PHE I 184 38.94 7.04 60.92
N SER I 185 37.63 7.01 60.74
CA SER I 185 36.70 8.11 61.11
C SER I 185 36.71 8.29 62.63
N GLN I 186 36.97 9.51 63.09
CA GLN I 186 36.88 9.88 64.52
C GLN I 186 35.43 9.79 65.00
N TYR I 187 34.45 9.76 64.09
CA TYR I 187 33.00 9.85 64.42
C TYR I 187 32.37 8.47 64.49
N SER I 188 33.11 7.39 64.21
CA SER I 188 32.62 6.00 64.36
C SER I 188 32.25 5.74 65.83
N ARG I 189 31.24 4.92 66.10
CA ARG I 189 30.98 4.41 67.48
C ARG I 189 32.05 3.42 67.88
N PHE I 190 32.87 2.96 66.95
CA PHE I 190 33.97 2.00 67.22
C PHE I 190 35.32 2.74 67.13
N GLU I 191 36.34 2.13 67.70
CA GLU I 191 37.74 2.58 67.56
C GLU I 191 38.60 1.36 67.24
N ILE I 192 39.68 1.61 66.50
CA ILE I 192 40.65 0.58 66.08
C ILE I 192 41.78 0.54 67.11
N LEU I 193 42.01 -0.65 67.68
CA LEU I 193 43.13 -0.90 68.62
C LEU I 193 44.36 -1.29 67.81
N ASP I 194 44.19 -2.17 66.81
CA ASP I 194 45.31 -2.64 65.97
C ASP I 194 44.79 -3.24 64.66
N VAL I 195 45.57 -3.06 63.58
CA VAL I 195 45.35 -3.77 62.28
C VAL I 195 46.68 -4.42 61.92
N THR I 196 46.70 -5.75 61.82
CA THR I 196 47.88 -6.50 61.33
C THR I 196 47.49 -7.16 60.01
N GLN I 197 48.40 -7.12 59.04
CA GLN I 197 48.18 -7.65 57.68
C GLN I 197 49.35 -8.58 57.39
N LYS I 198 49.09 -9.88 57.29
CA LYS I 198 50.14 -10.91 57.15
C LYS I 198 49.84 -11.78 55.93
N LYS I 199 50.89 -12.14 55.19
CA LYS I 199 50.82 -13.09 54.07
C LYS I 199 50.47 -14.48 54.62
N ASN I 200 49.61 -15.20 53.90
CA ASN I 200 49.30 -16.62 54.18
C ASN I 200 49.05 -17.29 52.83
N SER I 201 48.76 -18.59 52.85
CA SER I 201 48.40 -19.43 51.69
C SER I 201 47.23 -20.32 52.13
N VAL I 202 46.26 -20.52 51.25
CA VAL I 202 45.12 -21.44 51.50
C VAL I 202 45.15 -22.51 50.41
N THR I 203 44.99 -23.76 50.82
CA THR I 203 44.67 -24.90 49.93
C THR I 203 43.36 -25.49 50.44
N TYR I 204 42.40 -25.73 49.54
CA TYR I 204 41.15 -26.48 49.79
C TYR I 204 41.19 -27.78 48.98
N SER I 205 40.44 -28.79 49.42
CA SER I 205 40.28 -30.12 48.78
C SER I 205 39.76 -30.00 47.35
N CYS I 206 38.97 -28.96 47.03
CA CYS I 206 38.37 -28.70 45.69
C CYS I 206 39.46 -28.54 44.64
N CYS I 207 40.57 -27.90 45.02
CA CYS I 207 41.45 -27.16 44.09
C CYS I 207 42.92 -27.47 44.43
N PRO I 208 43.66 -28.15 43.53
CA PRO I 208 44.96 -28.73 43.88
C PRO I 208 46.10 -27.72 44.14
N GLU I 209 45.90 -26.45 43.80
CA GLU I 209 46.93 -25.38 43.83
C GLU I 209 46.85 -24.62 45.16
N ALA I 210 47.93 -23.95 45.55
CA ALA I 210 47.98 -23.03 46.73
C ALA I 210 47.70 -21.59 46.26
N TYR I 211 46.81 -20.90 46.98
CA TYR I 211 46.36 -19.51 46.65
C TYR I 211 46.91 -18.61 47.76
N GLU I 212 47.73 -17.64 47.38
CA GLU I 212 48.27 -16.63 48.33
C GLU I 212 47.15 -15.66 48.71
N ASP I 213 47.12 -15.30 49.99
CA ASP I 213 46.16 -14.30 50.52
C ASP I 213 46.91 -13.39 51.48
N VAL I 214 46.30 -12.24 51.77
CA VAL I 214 46.65 -11.37 52.91
C VAL I 214 45.55 -11.59 53.95
N GLU I 215 45.95 -11.92 55.17
CA GLU I 215 45.06 -12.04 56.35
C GLU I 215 45.12 -10.70 57.09
N VAL I 216 44.00 -10.00 57.18
CA VAL I 216 43.88 -8.67 57.82
C VAL I 216 43.15 -8.88 59.13
N SER I 217 43.84 -8.68 60.25
CA SER I 217 43.28 -8.82 61.62
C SER I 217 42.89 -7.44 62.12
N LEU I 218 41.59 -7.18 62.17
CA LEU I 218 41.01 -5.89 62.62
C LEU I 218 40.65 -6.04 64.10
N ASN I 219 41.51 -5.52 64.98
CA ASN I 219 41.29 -5.51 66.44
C ASN I 219 40.64 -4.16 66.77
N PHE I 220 39.36 -4.18 67.14
CA PHE I 220 38.53 -2.98 67.36
C PHE I 220 37.59 -3.21 68.54
N ARG I 221 36.99 -2.14 69.08
CA ARG I 221 36.00 -2.23 70.17
CA ARG I 221 36.00 -2.23 70.17
C ARG I 221 35.02 -1.06 70.09
N LYS I 222 33.84 -1.22 70.70
CA LYS I 222 32.85 -0.13 70.89
C LYS I 222 33.48 0.90 71.84
N LYS I 223 33.18 2.19 71.64
CA LYS I 223 33.64 3.29 72.53
C LYS I 223 32.78 3.34 73.79
N GLY I 224 33.40 3.74 74.91
CA GLY I 224 32.76 3.91 76.22
C GLY I 224 31.84 5.12 76.21
N LEU J 20 52.74 -21.38 22.72
CA LEU J 20 51.70 -20.35 22.82
C LEU J 20 51.85 -19.66 24.18
N ASP J 21 51.59 -18.34 24.24
CA ASP J 21 51.53 -17.61 25.54
C ASP J 21 50.06 -17.36 25.92
N ARG J 22 49.84 -16.84 27.13
CA ARG J 22 48.49 -16.59 27.69
C ARG J 22 47.69 -15.69 26.75
N ALA J 23 48.30 -14.62 26.25
CA ALA J 23 47.63 -13.61 25.40
C ALA J 23 47.03 -14.30 24.17
N ASP J 24 47.77 -15.21 23.53
CA ASP J 24 47.35 -15.91 22.30
C ASP J 24 46.18 -16.86 22.61
N ILE J 25 46.30 -17.63 23.69
CA ILE J 25 45.25 -18.61 24.12
C ILE J 25 43.96 -17.85 24.40
N LEU J 26 44.04 -16.75 25.16
CA LEU J 26 42.85 -15.97 25.56
C LEU J 26 42.26 -15.26 24.33
N TYR J 27 43.09 -14.82 23.39
CA TYR J 27 42.63 -14.25 22.10
C TYR J 27 41.84 -15.32 21.34
N ASN J 28 42.43 -16.51 21.18
CA ASN J 28 41.82 -17.65 20.45
C ASN J 28 40.47 -18.01 21.08
N ILE J 29 40.41 -18.13 22.41
CA ILE J 29 39.16 -18.49 23.13
C ILE J 29 38.13 -17.38 22.90
N ARG J 30 38.51 -16.10 23.09
CA ARG J 30 37.55 -14.98 22.91
C ARG J 30 37.00 -14.99 21.47
N GLN J 31 37.83 -15.27 20.47
CA GLN J 31 37.45 -15.14 19.04
C GLN J 31 36.56 -16.32 18.60
N THR J 32 36.72 -17.51 19.15
CA THR J 32 36.16 -18.77 18.57
C THR J 32 35.28 -19.52 19.57
N SER J 33 35.22 -19.06 20.81
CA SER J 33 34.53 -19.80 21.92
C SER J 33 33.10 -20.35 21.72
N ARG J 34 32.20 -19.66 21.00
CA ARG J 34 30.75 -19.92 20.81
CA ARG J 34 30.75 -19.92 20.81
C ARG J 34 30.06 -20.15 22.15
N PRO J 35 29.88 -19.08 22.97
CA PRO J 35 29.29 -19.23 24.30
C PRO J 35 27.83 -19.72 24.29
N ASP J 36 27.14 -19.62 23.16
CA ASP J 36 25.72 -20.01 23.01
C ASP J 36 25.62 -21.49 22.62
N VAL J 37 26.75 -22.17 22.38
CA VAL J 37 26.77 -23.56 21.83
C VAL J 37 27.18 -24.54 22.93
N ILE J 38 26.22 -25.34 23.41
CA ILE J 38 26.50 -26.47 24.34
C ILE J 38 27.49 -27.38 23.63
N PRO J 39 28.65 -27.70 24.25
CA PRO J 39 29.70 -28.47 23.58
C PRO J 39 29.47 -29.99 23.66
N THR J 40 28.35 -30.47 23.13
CA THR J 40 28.04 -31.93 23.06
C THR J 40 29.07 -32.59 22.15
N GLN J 41 29.54 -33.77 22.52
CA GLN J 41 30.49 -34.58 21.71
C GLN J 41 29.72 -35.80 21.19
N ARG J 42 29.79 -36.03 19.86
CA ARG J 42 29.11 -37.14 19.16
C ARG J 42 27.74 -37.42 19.78
N ASP J 43 26.90 -36.40 19.96
CA ASP J 43 25.47 -36.54 20.36
C ASP J 43 25.34 -37.22 21.74
N ARG J 44 26.38 -37.12 22.58
CA ARG J 44 26.35 -37.58 23.99
C ARG J 44 26.21 -36.35 24.86
N PRO J 45 25.57 -36.45 26.04
CA PRO J 45 25.31 -35.27 26.85
C PRO J 45 26.63 -34.67 27.36
N VAL J 46 26.63 -33.38 27.65
CA VAL J 46 27.73 -32.74 28.41
C VAL J 46 27.55 -33.16 29.87
N ALA J 47 28.56 -33.82 30.43
CA ALA J 47 28.59 -34.24 31.84
C ALA J 47 29.05 -33.04 32.66
N VAL J 48 28.13 -32.48 33.44
CA VAL J 48 28.41 -31.35 34.36
C VAL J 48 28.47 -31.90 35.77
N SER J 49 29.61 -31.69 36.46
CA SER J 49 29.76 -32.01 37.90
C SER J 49 29.46 -30.76 38.71
N VAL J 50 28.65 -30.91 39.74
CA VAL J 50 28.18 -29.78 40.62
C VAL J 50 28.33 -30.27 42.06
N SER J 51 28.96 -29.48 42.90
CA SER J 51 29.08 -29.71 44.35
C SER J 51 29.05 -28.37 45.07
N LEU J 52 28.12 -28.19 46.00
CA LEU J 52 28.02 -26.97 46.84
C LEU J 52 28.90 -27.16 48.08
N LYS J 53 29.79 -26.21 48.32
CA LYS J 53 30.60 -26.09 49.56
C LYS J 53 29.98 -24.97 50.38
N PHE J 54 29.27 -25.30 51.46
CA PHE J 54 28.60 -24.29 52.29
C PHE J 54 29.68 -23.54 53.08
N ILE J 55 29.57 -22.21 53.06
CA ILE J 55 30.54 -21.30 53.73
C ILE J 55 29.84 -20.70 54.95
N ASN J 56 28.56 -20.37 54.82
CA ASN J 56 27.84 -19.67 55.91
C ASN J 56 26.33 -19.90 55.74
N ILE J 57 25.64 -19.91 56.88
CA ILE J 57 24.17 -19.84 56.99
C ILE J 57 23.89 -18.54 57.75
N LEU J 58 23.30 -17.55 57.07
CA LEU J 58 23.23 -16.15 57.53
C LEU J 58 21.91 -15.91 58.26
N GLU J 59 20.83 -16.52 57.78
CA GLU J 59 19.47 -16.28 58.31
C GLU J 59 18.64 -17.53 58.06
N VAL J 60 17.82 -17.87 59.04
CA VAL J 60 16.95 -19.07 59.06
C VAL J 60 15.63 -18.62 59.68
N ASN J 61 14.51 -19.05 59.10
CA ASN J 61 13.17 -18.69 59.63
C ASN J 61 12.32 -19.95 59.65
N GLU J 62 12.08 -20.49 60.85
CA GLU J 62 11.36 -21.76 61.07
C GLU J 62 9.87 -21.55 60.73
N ILE J 63 9.37 -20.32 60.89
CA ILE J 63 7.97 -19.94 60.59
C ILE J 63 7.74 -20.00 59.07
N THR J 64 8.58 -19.31 58.28
CA THR J 64 8.43 -19.15 56.80
C THR J 64 9.10 -20.30 56.05
N ASN J 65 9.95 -21.10 56.71
CA ASN J 65 10.73 -22.18 56.06
C ASN J 65 11.61 -21.59 54.95
N GLU J 66 12.42 -20.59 55.31
CA GLU J 66 13.37 -19.90 54.40
C GLU J 66 14.76 -19.90 55.03
N VAL J 67 15.78 -20.15 54.22
CA VAL J 67 17.21 -20.05 54.64
C VAL J 67 17.92 -19.09 53.67
N ASP J 68 18.87 -18.33 54.19
CA ASP J 68 19.79 -17.45 53.44
C ASP J 68 21.19 -18.01 53.66
N VAL J 69 21.82 -18.48 52.59
CA VAL J 69 23.09 -19.26 52.64
C VAL J 69 24.12 -18.65 51.66
N VAL J 70 25.39 -18.84 51.99
CA VAL J 70 26.56 -18.59 51.08
C VAL J 70 27.23 -19.93 50.84
N PHE J 71 27.43 -20.27 49.57
CA PHE J 71 28.12 -21.52 49.15
C PHE J 71 28.99 -21.26 47.92
N TRP J 72 30.05 -22.04 47.79
CA TRP J 72 30.86 -22.14 46.54
C TRP J 72 30.25 -23.24 45.68
N GLN J 73 29.81 -22.89 44.47
CA GLN J 73 29.14 -23.82 43.52
C GLN J 73 30.23 -24.36 42.58
N GLN J 74 30.99 -25.36 43.04
CA GLN J 74 32.05 -26.02 42.25
C GLN J 74 31.40 -26.72 41.05
N THR J 75 31.72 -26.25 39.85
CA THR J 75 31.09 -26.69 38.57
C THR J 75 32.21 -27.04 37.59
N THR J 76 32.19 -28.23 37.01
CA THR J 76 33.20 -28.69 36.03
C THR J 76 32.50 -29.36 34.86
N TRP J 77 33.08 -29.21 33.68
CA TRP J 77 32.60 -29.86 32.44
C TRP J 77 33.74 -29.72 31.41
N SER J 78 33.61 -30.39 30.29
CA SER J 78 34.61 -30.37 29.21
C SER J 78 34.04 -29.63 28.01
N ASP J 79 34.82 -28.75 27.42
CA ASP J 79 34.54 -28.08 26.12
C ASP J 79 35.78 -28.18 25.26
N ARG J 80 35.80 -29.15 24.35
CA ARG J 80 36.98 -29.49 23.51
C ARG J 80 37.31 -28.34 22.56
N THR J 81 36.36 -27.46 22.25
CA THR J 81 36.60 -26.30 21.35
C THR J 81 37.54 -25.28 22.02
N LEU J 82 37.75 -25.36 23.35
CA LEU J 82 38.66 -24.46 24.08
C LEU J 82 40.10 -25.00 24.10
N ALA J 83 40.30 -26.28 23.73
CA ALA J 83 41.57 -27.01 23.97
C ALA J 83 42.70 -26.37 23.15
N TRP J 84 43.92 -26.43 23.67
CA TRP J 84 45.16 -26.00 22.94
C TRP J 84 46.28 -26.99 23.25
N ASN J 85 47.32 -26.97 22.41
CA ASN J 85 48.57 -27.77 22.59
C ASN J 85 49.35 -27.19 23.77
N SER J 86 49.47 -27.97 24.86
CA SER J 86 50.06 -27.51 26.15
C SER J 86 51.60 -27.48 26.07
N SER J 87 52.22 -28.10 25.05
CA SER J 87 53.70 -28.14 24.90
C SER J 87 54.21 -26.70 24.82
N HIS J 88 55.09 -26.30 25.74
CA HIS J 88 55.70 -24.94 25.85
C HIS J 88 54.61 -23.87 25.93
N SER J 89 53.52 -24.17 26.64
CA SER J 89 52.36 -23.26 26.85
C SER J 89 51.87 -23.40 28.28
N PRO J 90 51.11 -22.43 28.81
CA PRO J 90 50.41 -22.60 30.07
C PRO J 90 49.49 -23.83 30.06
N ASP J 91 49.35 -24.49 31.20
CA ASP J 91 48.43 -25.65 31.37
C ASP J 91 46.99 -25.15 31.58
N GLN J 92 46.84 -23.93 32.11
CA GLN J 92 45.53 -23.34 32.49
C GLN J 92 45.55 -21.83 32.26
N VAL J 93 44.38 -21.26 31.94
CA VAL J 93 44.17 -19.78 31.91
C VAL J 93 42.86 -19.45 32.63
N SER J 94 42.76 -18.23 33.13
CA SER J 94 41.54 -17.61 33.70
C SER J 94 40.80 -16.89 32.57
N VAL J 95 39.52 -17.21 32.38
CA VAL J 95 38.69 -16.72 31.25
C VAL J 95 37.40 -16.15 31.81
N PRO J 96 36.97 -14.93 31.39
CA PRO J 96 35.68 -14.40 31.81
C PRO J 96 34.58 -15.34 31.27
N ILE J 97 33.56 -15.62 32.08
CA ILE J 97 32.51 -16.63 31.70
C ILE J 97 31.70 -16.12 30.51
N SER J 98 31.68 -14.81 30.25
CA SER J 98 31.03 -14.22 29.05
C SER J 98 31.68 -14.77 27.78
N SER J 99 32.91 -15.28 27.85
CA SER J 99 33.63 -15.85 26.69
C SER J 99 33.49 -17.39 26.62
N LEU J 100 32.68 -18.01 27.46
CA LEU J 100 32.54 -19.50 27.52
C LEU J 100 31.07 -19.89 27.49
N TRP J 101 30.78 -21.06 26.95
CA TRP J 101 29.49 -21.73 27.26
C TRP J 101 29.52 -22.12 28.74
N VAL J 102 28.44 -21.86 29.45
CA VAL J 102 28.29 -22.23 30.89
C VAL J 102 26.95 -22.96 31.03
N PRO J 103 26.89 -24.03 31.85
CA PRO J 103 25.63 -24.73 32.10
C PRO J 103 24.58 -23.79 32.67
N ASP J 104 23.35 -23.87 32.18
CA ASP J 104 22.18 -23.05 32.67
C ASP J 104 21.60 -23.69 33.94
N LEU J 105 22.41 -23.87 34.96
CA LEU J 105 21.93 -24.51 36.24
C LEU J 105 21.04 -23.53 36.99
N ALA J 106 19.98 -24.03 37.61
CA ALA J 106 19.08 -23.27 38.51
C ALA J 106 18.72 -24.15 39.70
N ALA J 107 18.56 -23.50 40.85
CA ALA J 107 17.97 -24.11 42.05
C ALA J 107 16.45 -23.99 41.93
N TYR J 108 15.76 -25.11 41.79
CA TYR J 108 14.30 -25.20 41.53
C TYR J 108 13.53 -24.60 42.72
N ASN J 109 14.10 -24.58 43.93
CA ASN J 109 13.43 -24.04 45.15
C ASN J 109 14.11 -22.75 45.63
N ALA J 110 14.85 -22.05 44.79
CA ALA J 110 15.42 -20.70 45.11
C ALA J 110 14.28 -19.68 45.16
N ILE J 111 14.34 -18.73 46.10
CA ILE J 111 13.35 -17.63 46.21
C ILE J 111 14.05 -16.27 46.08
N SER J 112 15.32 -16.26 45.70
CA SER J 112 16.08 -15.04 45.32
C SER J 112 17.01 -15.39 44.15
N LYS J 113 17.39 -14.39 43.38
CA LYS J 113 18.40 -14.51 42.28
C LYS J 113 19.71 -14.93 42.94
N PRO J 114 20.52 -15.81 42.33
CA PRO J 114 21.85 -16.08 42.85
C PRO J 114 22.68 -14.80 42.81
N GLU J 115 23.19 -14.35 43.95
CA GLU J 115 24.05 -13.14 44.08
C GLU J 115 25.50 -13.66 44.05
N VAL J 116 26.20 -13.47 42.93
CA VAL J 116 27.59 -13.93 42.76
C VAL J 116 28.51 -12.91 43.44
N LEU J 117 29.31 -13.35 44.41
CA LEU J 117 30.12 -12.47 45.29
C LEU J 117 31.54 -12.34 44.74
N THR J 118 31.92 -13.15 43.75
CA THR J 118 33.32 -13.32 43.30
C THR J 118 33.47 -12.90 41.85
N PRO J 119 34.71 -12.63 41.41
CA PRO J 119 34.98 -12.32 39.99
C PRO J 119 34.45 -13.43 39.09
N GLN J 120 33.78 -13.05 38.00
CA GLN J 120 33.09 -14.00 37.09
C GLN J 120 34.08 -14.57 36.08
N LEU J 121 35.10 -15.27 36.58
CA LEU J 121 36.17 -15.93 35.79
C LEU J 121 36.05 -17.43 36.05
N ALA J 122 36.32 -18.23 35.02
CA ALA J 122 36.50 -19.69 35.14
C ALA J 122 37.95 -20.02 34.80
N ARG J 123 38.40 -21.19 35.25
CA ARG J 123 39.72 -21.77 34.88
C ARG J 123 39.49 -22.73 33.71
N VAL J 124 40.22 -22.55 32.62
CA VAL J 124 40.21 -23.47 31.46
C VAL J 124 41.55 -24.19 31.40
N VAL J 125 41.52 -25.53 31.41
CA VAL J 125 42.72 -26.40 31.26
C VAL J 125 42.93 -26.63 29.77
N SER J 126 44.18 -26.88 29.35
CA SER J 126 44.59 -27.04 27.93
C SER J 126 43.80 -28.15 27.23
N ASP J 127 43.27 -29.12 27.97
CA ASP J 127 42.46 -30.23 27.40
C ASP J 127 40.98 -29.80 27.24
N GLY J 128 40.61 -28.59 27.66
CA GLY J 128 39.26 -28.05 27.48
C GLY J 128 38.36 -28.30 28.67
N GLU J 129 38.92 -28.82 29.78
CA GLU J 129 38.19 -28.90 31.06
C GLU J 129 37.99 -27.48 31.60
N VAL J 130 36.78 -27.16 32.03
CA VAL J 130 36.44 -25.85 32.64
C VAL J 130 36.13 -26.08 34.11
N LEU J 131 36.73 -25.25 34.97
CA LEU J 131 36.42 -25.22 36.44
C LEU J 131 35.86 -23.83 36.74
N TYR J 132 34.58 -23.76 37.08
CA TYR J 132 33.88 -22.51 37.45
C TYR J 132 33.35 -22.71 38.86
N MET J 133 33.81 -21.89 39.81
CA MET J 133 33.42 -22.00 41.23
C MET J 133 33.09 -20.63 41.77
N PRO J 134 31.90 -20.08 41.46
CA PRO J 134 31.47 -18.83 42.06
C PRO J 134 31.10 -19.03 43.53
N SER J 135 31.34 -18.01 44.36
CA SER J 135 30.70 -17.86 45.67
C SER J 135 29.35 -17.19 45.45
N ILE J 136 28.28 -17.86 45.90
CA ILE J 136 26.88 -17.43 45.69
C ILE J 136 26.20 -17.27 47.05
N ARG J 137 25.53 -16.14 47.23
CA ARG J 137 24.54 -15.94 48.31
C ARG J 137 23.15 -16.06 47.69
N GLN J 138 22.31 -16.93 48.26
CA GLN J 138 20.96 -17.22 47.72
C GLN J 138 20.02 -17.66 48.86
N ARG J 139 18.73 -17.34 48.72
CA ARG J 139 17.67 -17.70 49.69
CA ARG J 139 17.67 -17.70 49.69
C ARG J 139 16.86 -18.87 49.11
N PHE J 140 16.49 -19.84 49.94
CA PHE J 140 15.73 -21.05 49.52
C PHE J 140 14.52 -21.26 50.41
N SER J 141 13.47 -21.82 49.80
CA SER J 141 12.28 -22.41 50.47
C SER J 141 12.58 -23.89 50.71
N CYS J 142 12.74 -24.28 51.97
CA CYS J 142 13.08 -25.67 52.36
C CYS J 142 12.71 -25.92 53.83
N ASP J 143 12.81 -27.17 54.26
CA ASP J 143 12.37 -27.65 55.60
C ASP J 143 13.35 -27.14 56.66
N VAL J 144 12.95 -26.12 57.42
CA VAL J 144 13.74 -25.53 58.53
C VAL J 144 13.30 -26.13 59.87
N SER J 145 12.25 -26.96 59.89
CA SER J 145 11.70 -27.57 61.13
C SER J 145 12.80 -28.38 61.82
N GLY J 146 12.98 -28.16 63.14
CA GLY J 146 13.91 -28.92 63.99
C GLY J 146 15.29 -28.29 64.03
N VAL J 147 15.41 -27.03 63.61
CA VAL J 147 16.71 -26.31 63.54
C VAL J 147 17.29 -26.15 64.96
N ASP J 148 16.44 -26.03 65.99
CA ASP J 148 16.84 -25.78 67.39
C ASP J 148 17.00 -27.09 68.17
N THR J 149 16.80 -28.25 67.52
CA THR J 149 16.95 -29.60 68.12
C THR J 149 18.37 -30.11 67.85
N GLU J 150 18.69 -31.28 68.41
CA GLU J 150 20.01 -31.94 68.32
C GLU J 150 20.13 -32.62 66.94
N SER J 151 19.05 -33.21 66.44
CA SER J 151 18.96 -33.82 65.09
C SER J 151 19.09 -32.73 64.01
N GLY J 152 18.61 -31.52 64.30
CA GLY J 152 18.72 -30.34 63.42
C GLY J 152 17.70 -30.38 62.29
N ALA J 153 17.68 -29.32 61.46
CA ALA J 153 16.87 -29.24 60.22
C ALA J 153 17.61 -29.92 59.07
N THR J 154 16.87 -30.47 58.11
CA THR J 154 17.40 -30.95 56.81
C THR J 154 16.75 -30.11 55.71
N CYS J 155 17.51 -29.17 55.14
CA CYS J 155 17.09 -28.25 54.04
C CYS J 155 17.59 -28.82 52.71
N ARG J 156 16.68 -29.20 51.82
CA ARG J 156 16.96 -29.84 50.52
C ARG J 156 16.96 -28.75 49.44
N ILE J 157 18.06 -28.63 48.70
CA ILE J 157 18.23 -27.70 47.54
C ILE J 157 18.37 -28.56 46.28
N LYS J 158 17.50 -28.35 45.30
CA LYS J 158 17.42 -29.15 44.05
C LYS J 158 17.96 -28.29 42.89
N ILE J 159 18.98 -28.77 42.21
CA ILE J 159 19.75 -28.05 41.14
C ILE J 159 19.70 -28.93 39.88
N GLY J 160 19.32 -28.31 38.76
CA GLY J 160 19.46 -28.89 37.41
C GLY J 160 19.48 -27.84 36.33
N SER J 161 19.68 -28.29 35.09
CA SER J 161 19.64 -27.42 33.88
C SER J 161 18.22 -26.88 33.78
N TRP J 162 18.08 -25.60 33.46
CA TRP J 162 16.75 -24.97 33.26
C TRP J 162 16.15 -25.40 31.91
N THR J 163 16.95 -25.57 30.86
CA THR J 163 16.41 -25.77 29.49
C THR J 163 16.99 -27.02 28.80
N HIS J 164 18.02 -27.65 29.33
CA HIS J 164 18.65 -28.84 28.69
C HIS J 164 18.19 -30.10 29.41
N HIS J 165 17.58 -31.05 28.69
CA HIS J 165 17.13 -32.36 29.26
C HIS J 165 18.32 -33.34 29.27
N SER J 166 18.07 -34.56 29.78
CA SER J 166 19.08 -35.61 30.08
C SER J 166 19.94 -35.95 28.85
N ARG J 167 19.42 -35.80 27.63
CA ARG J 167 20.17 -36.14 26.41
C ARG J 167 21.18 -35.05 26.06
N GLU J 168 21.10 -33.87 26.67
CA GLU J 168 22.03 -32.74 26.34
C GLU J 168 22.95 -32.44 27.52
N ILE J 169 22.41 -32.43 28.73
CA ILE J 169 23.21 -32.23 29.98
C ILE J 169 22.87 -33.35 30.97
N SER J 170 23.89 -33.97 31.55
CA SER J 170 23.75 -34.77 32.80
C SER J 170 24.42 -34.00 33.93
N VAL J 171 23.81 -34.00 35.11
CA VAL J 171 24.36 -33.31 36.30
C VAL J 171 24.70 -34.40 37.30
N ASP J 172 25.95 -34.47 37.73
CA ASP J 172 26.44 -35.51 38.67
C ASP J 172 27.05 -34.77 39.84
N PRO J 173 26.81 -35.22 41.08
CA PRO J 173 27.51 -34.68 42.24
C PRO J 173 28.96 -35.17 42.22
N THR J 174 29.89 -34.36 42.73
CA THR J 174 31.32 -34.77 42.84
C THR J 174 31.41 -35.68 44.06
N THR J 175 30.97 -35.22 45.24
CA THR J 175 31.13 -35.88 46.56
C THR J 175 29.72 -36.12 47.11
N GLU J 176 29.39 -37.36 47.49
CA GLU J 176 28.04 -37.76 48.00
C GLU J 176 27.86 -37.33 49.46
N ASN J 177 28.85 -37.60 50.30
CA ASN J 177 28.76 -37.42 51.77
C ASN J 177 29.94 -36.56 52.24
N SER J 178 29.65 -35.50 52.99
CA SER J 178 30.66 -34.65 53.67
C SER J 178 30.00 -33.92 54.85
N ASP J 179 30.85 -33.52 55.81
CA ASP J 179 30.53 -32.72 57.02
C ASP J 179 30.73 -31.22 56.69
N ASP J 180 31.42 -30.92 55.56
CA ASP J 180 31.77 -29.58 55.08
C ASP J 180 32.45 -28.74 56.16
N SER J 181 33.30 -29.33 56.97
CA SER J 181 34.03 -28.62 58.06
C SER J 181 35.17 -27.76 57.47
N GLU J 182 35.74 -28.22 56.37
CA GLU J 182 36.89 -27.56 55.72
C GLU J 182 36.48 -26.14 55.25
N TYR J 183 35.23 -25.95 54.83
CA TYR J 183 34.80 -24.69 54.17
C TYR J 183 33.93 -23.86 55.10
N PHE J 184 33.24 -24.51 56.07
CA PHE J 184 32.14 -23.78 56.77
C PHE J 184 32.76 -22.83 57.80
N SER J 185 32.18 -21.64 57.95
CA SER J 185 32.66 -20.59 58.88
C SER J 185 32.48 -21.08 60.31
N GLN J 186 33.55 -21.06 61.10
CA GLN J 186 33.51 -21.40 62.55
C GLN J 186 32.70 -20.34 63.30
N TYR J 187 32.45 -19.17 62.71
CA TYR J 187 31.83 -18.01 63.39
C TYR J 187 30.33 -17.94 63.12
N SER J 188 29.78 -18.86 62.31
CA SER J 188 28.32 -18.97 62.07
C SER J 188 27.59 -19.26 63.41
N ARG J 189 26.38 -18.76 63.59
CA ARG J 189 25.44 -19.15 64.67
C ARG J 189 25.04 -20.61 64.51
N PHE J 190 25.20 -21.16 63.29
CA PHE J 190 24.79 -22.54 62.95
C PHE J 190 26.02 -23.41 62.80
N GLU J 191 25.81 -24.72 62.86
CA GLU J 191 26.85 -25.74 62.56
C GLU J 191 26.23 -26.79 61.64
N ILE J 192 27.08 -27.37 60.80
CA ILE J 192 26.68 -28.38 59.80
C ILE J 192 26.91 -29.75 60.44
N LEU J 193 25.85 -30.57 60.48
CA LEU J 193 25.90 -31.98 60.94
C LEU J 193 26.27 -32.86 59.75
N ASP J 194 25.66 -32.63 58.59
CA ASP J 194 25.91 -33.44 57.37
C ASP J 194 25.45 -32.69 56.12
N VAL J 195 26.17 -32.90 55.01
CA VAL J 195 25.76 -32.47 53.65
C VAL J 195 25.83 -33.70 52.75
N THR J 196 24.70 -34.12 52.20
CA THR J 196 24.60 -35.21 51.22
C THR J 196 24.17 -34.60 49.88
N GLN J 197 24.81 -35.05 48.81
CA GLN J 197 24.55 -34.56 47.43
C GLN J 197 24.29 -35.78 46.56
N LYS J 198 23.06 -35.98 46.11
CA LYS J 198 22.66 -37.22 45.41
C LYS J 198 21.98 -36.84 44.10
N LYS J 199 22.30 -37.55 43.01
CA LYS J 199 21.62 -37.42 41.72
C LYS J 199 20.21 -37.97 41.88
N ASN J 200 19.23 -37.31 41.26
CA ASN J 200 17.83 -37.80 41.13
C ASN J 200 17.47 -37.64 39.62
N SER J 201 16.93 -38.77 39.12
CA SER J 201 16.54 -38.92 37.70
C SER J 201 15.10 -39.43 37.63
N VAL J 202 14.24 -38.67 36.95
CA VAL J 202 12.77 -38.92 36.97
C VAL J 202 12.36 -39.06 35.51
N THR J 203 11.50 -40.04 35.21
CA THR J 203 10.83 -40.25 33.92
C THR J 203 9.32 -40.22 34.16
N TYR J 204 8.58 -39.52 33.32
CA TYR J 204 7.10 -39.33 33.41
C TYR J 204 6.48 -39.96 32.16
N ALA J 210 13.66 -37.31 30.04
CA ALA J 210 14.28 -37.63 31.34
C ALA J 210 14.75 -36.34 32.03
N TYR J 211 14.40 -36.19 33.31
CA TYR J 211 14.70 -34.98 34.15
C TYR J 211 15.74 -35.35 35.18
N GLU J 212 16.91 -34.70 35.11
CA GLU J 212 18.03 -34.87 36.07
C GLU J 212 18.02 -33.63 37.01
N ASP J 213 18.22 -33.89 38.31
CA ASP J 213 18.68 -32.84 39.28
C ASP J 213 19.74 -33.47 40.21
N VAL J 214 20.48 -32.65 40.91
CA VAL J 214 21.26 -33.01 42.12
C VAL J 214 20.49 -32.46 43.31
N GLU J 215 20.19 -33.31 44.27
CA GLU J 215 19.57 -32.96 45.57
C GLU J 215 20.70 -32.73 46.58
N VAL J 216 20.80 -31.53 47.13
CA VAL J 216 21.73 -31.21 48.23
C VAL J 216 20.97 -31.13 49.55
N SER J 217 21.22 -32.07 50.46
CA SER J 217 20.58 -32.13 51.80
C SER J 217 21.51 -31.50 52.82
N LEU J 218 21.16 -30.32 53.28
CA LEU J 218 21.92 -29.56 54.30
C LEU J 218 21.33 -29.85 55.68
N ASN J 219 21.95 -30.74 56.43
CA ASN J 219 21.55 -31.10 57.83
C ASN J 219 22.38 -30.20 58.75
N PHE J 220 21.73 -29.24 59.40
CA PHE J 220 22.38 -28.20 60.23
C PHE J 220 21.50 -27.89 61.45
N ARG J 221 22.05 -27.21 62.46
CA ARG J 221 21.29 -26.78 63.66
C ARG J 221 21.92 -25.51 64.24
N LYS J 222 21.13 -24.76 65.02
CA LYS J 222 21.62 -23.61 65.82
C LYS J 222 22.59 -24.14 66.87
N LYS J 223 23.62 -23.36 67.21
CA LYS J 223 24.56 -23.67 68.31
C LYS J 223 23.91 -23.29 69.64
N GLY J 224 23.19 -22.16 69.69
CA GLY J 224 22.39 -21.71 70.83
C GLY J 224 23.28 -21.30 72.00
N ARG J 225 24.21 -20.37 71.80
CA ARG J 225 25.27 -19.97 72.78
C ARG J 225 25.72 -18.53 72.45
N LEU K 20 -77.76 9.28 29.20
CA LEU K 20 -76.38 8.71 29.25
C LEU K 20 -75.43 9.70 28.60
N ASP K 21 -74.22 9.84 29.13
CA ASP K 21 -73.14 10.64 28.49
C ASP K 21 -72.15 9.70 27.80
N ARG K 22 -71.21 10.29 27.05
CA ARG K 22 -70.19 9.55 26.27
C ARG K 22 -69.40 8.60 27.18
N ALA K 23 -68.99 9.08 28.34
CA ALA K 23 -68.14 8.32 29.29
C ALA K 23 -68.85 7.01 29.68
N ASP K 24 -70.15 7.07 29.95
CA ASP K 24 -70.96 5.89 30.38
C ASP K 24 -71.09 4.91 29.21
N ILE K 25 -71.40 5.39 28.02
CA ILE K 25 -71.58 4.55 26.81
C ILE K 25 -70.27 3.81 26.53
N LEU K 26 -69.15 4.54 26.55
CA LEU K 26 -67.82 3.97 26.23
C LEU K 26 -67.39 3.00 27.34
N TYR K 27 -67.73 3.28 28.60
CA TYR K 27 -67.50 2.35 29.73
C TYR K 27 -68.27 1.05 29.47
N ASN K 28 -69.57 1.17 29.17
CA ASN K 28 -70.46 0.00 28.93
C ASN K 28 -69.90 -0.85 27.78
N ILE K 29 -69.54 -0.21 26.67
CA ILE K 29 -68.99 -0.92 25.49
C ILE K 29 -67.68 -1.61 25.89
N ARG K 30 -66.76 -0.90 26.54
CA ARG K 30 -65.44 -1.48 26.93
C ARG K 30 -65.67 -2.69 27.85
N GLN K 31 -66.62 -2.61 28.78
CA GLN K 31 -66.80 -3.64 29.83
C GLN K 31 -67.50 -4.89 29.29
N THR K 32 -68.35 -4.78 28.26
CA THR K 32 -69.26 -5.88 27.83
C THR K 32 -69.04 -6.27 26.37
N SER K 33 -68.21 -5.51 25.65
CA SER K 33 -67.88 -5.77 24.25
C SER K 33 -67.03 -7.05 24.33
N ARG K 34 -67.50 -8.02 23.57
CA ARG K 34 -66.92 -9.34 23.27
CA ARG K 34 -66.91 -9.35 23.27
C ARG K 34 -66.35 -9.28 21.86
N PRO K 35 -65.15 -8.70 21.67
CA PRO K 35 -64.56 -8.49 20.36
C PRO K 35 -64.31 -9.76 19.54
N ASP K 36 -64.26 -10.92 20.19
CA ASP K 36 -64.00 -12.22 19.52
CA ASP K 36 -64.00 -12.23 19.55
C ASP K 36 -65.32 -12.86 19.06
N VAL K 37 -66.47 -12.26 19.38
CA VAL K 37 -67.81 -12.88 19.14
C VAL K 37 -68.53 -12.16 18.00
N ILE K 38 -68.62 -12.82 16.85
CA ILE K 38 -69.42 -12.35 15.69
C ILE K 38 -70.85 -12.13 16.18
N PRO K 39 -71.45 -10.93 16.00
CA PRO K 39 -72.77 -10.64 16.54
C PRO K 39 -73.92 -11.14 15.63
N THR K 40 -73.97 -12.44 15.37
CA THR K 40 -75.07 -13.06 14.58
C THR K 40 -76.38 -12.90 15.34
N GLN K 41 -77.46 -12.55 14.64
CA GLN K 41 -78.80 -12.25 15.20
C GLN K 41 -79.71 -13.36 14.67
N ARG K 42 -80.48 -13.98 15.57
CA ARG K 42 -81.38 -15.12 15.29
C ARG K 42 -80.82 -16.02 14.19
N ASP K 43 -79.57 -16.47 14.31
CA ASP K 43 -78.93 -17.49 13.42
C ASP K 43 -78.91 -17.02 11.96
N ARG K 44 -78.89 -15.71 11.74
CA ARG K 44 -78.79 -15.11 10.37
C ARG K 44 -77.36 -14.57 10.25
N PRO K 45 -76.78 -14.49 9.05
CA PRO K 45 -75.42 -13.98 8.90
C PRO K 45 -75.37 -12.50 9.28
N VAL K 46 -74.20 -12.03 9.71
CA VAL K 46 -73.93 -10.58 9.87
C VAL K 46 -73.74 -10.02 8.47
N ALA K 47 -74.58 -9.05 8.08
CA ALA K 47 -74.51 -8.35 6.79
C ALA K 47 -73.44 -7.25 6.90
N VAL K 48 -72.32 -7.44 6.23
CA VAL K 48 -71.21 -6.46 6.18
C VAL K 48 -71.25 -5.77 4.83
N SER K 49 -71.37 -4.44 4.82
CA SER K 49 -71.21 -3.60 3.61
C SER K 49 -69.76 -3.13 3.49
N VAL K 50 -69.18 -3.29 2.31
CA VAL K 50 -67.77 -2.91 2.01
C VAL K 50 -67.78 -2.12 0.71
N SER K 51 -67.13 -0.96 0.72
CA SER K 51 -66.95 -0.10 -0.46
C SER K 51 -65.57 0.56 -0.35
N LEU K 52 -64.71 0.37 -1.35
CA LEU K 52 -63.38 1.03 -1.41
C LEU K 52 -63.53 2.39 -2.10
N LYS K 53 -63.05 3.45 -1.44
CA LYS K 53 -62.90 4.81 -2.00
C LYS K 53 -61.41 4.99 -2.30
N PHE K 54 -61.03 4.95 -3.58
CA PHE K 54 -59.62 5.07 -3.98
C PHE K 54 -59.18 6.52 -3.77
N ILE K 55 -58.03 6.69 -3.13
CA ILE K 55 -57.45 8.03 -2.81
C ILE K 55 -56.24 8.25 -3.70
N ASN K 56 -55.46 7.20 -3.95
CA ASN K 56 -54.19 7.36 -4.71
C ASN K 56 -53.78 6.01 -5.30
N ILE K 57 -53.12 6.07 -6.45
CA ILE K 57 -52.36 4.96 -7.09
C ILE K 57 -50.91 5.42 -7.13
N LEU K 58 -50.05 4.79 -6.34
CA LEU K 58 -48.68 5.29 -6.02
C LEU K 58 -47.66 4.68 -6.97
N GLU K 59 -47.85 3.42 -7.32
CA GLU K 59 -46.89 2.67 -8.16
C GLU K 59 -47.65 1.58 -8.90
N VAL K 60 -47.25 1.37 -10.15
CA VAL K 60 -47.86 0.41 -11.08
C VAL K 60 -46.71 -0.23 -11.85
N ASN K 61 -46.74 -1.54 -12.05
CA ASN K 61 -45.68 -2.27 -12.80
C ASN K 61 -46.38 -3.22 -13.76
N GLU K 62 -46.34 -2.88 -15.06
CA GLU K 62 -47.01 -3.63 -16.15
C GLU K 62 -46.29 -4.98 -16.36
N ILE K 63 -44.99 -5.02 -16.05
CA ILE K 63 -44.15 -6.26 -16.17
C ILE K 63 -44.60 -7.27 -15.11
N THR K 64 -44.65 -6.86 -13.83
CA THR K 64 -44.92 -7.76 -12.67
C THR K 64 -46.43 -7.87 -12.39
N ASN K 65 -47.25 -6.99 -12.97
CA ASN K 65 -48.72 -6.95 -12.73
C ASN K 65 -48.96 -6.70 -11.22
N GLU K 66 -48.35 -5.64 -10.69
CA GLU K 66 -48.48 -5.22 -9.28
C GLU K 66 -48.89 -3.74 -9.24
N VAL K 67 -49.81 -3.41 -8.35
CA VAL K 67 -50.21 -2.00 -8.06
C VAL K 67 -50.04 -1.75 -6.55
N ASP K 68 -49.64 -0.54 -6.21
CA ASP K 68 -49.55 0.01 -4.84
C ASP K 68 -50.59 1.13 -4.75
N VAL K 69 -51.61 0.95 -3.90
CA VAL K 69 -52.82 1.81 -3.87
C VAL K 69 -53.12 2.24 -2.42
N VAL K 70 -53.72 3.42 -2.27
CA VAL K 70 -54.31 3.92 -1.00
C VAL K 70 -55.82 4.05 -1.21
N PHE K 71 -56.60 3.45 -0.33
CA PHE K 71 -58.08 3.51 -0.37
C PHE K 71 -58.63 3.59 1.05
N TRP K 72 -59.81 4.21 1.18
CA TRP K 72 -60.65 4.16 2.40
C TRP K 72 -61.56 2.95 2.26
N GLN K 73 -61.47 2.01 3.20
CA GLN K 73 -62.27 0.75 3.19
C GLN K 73 -63.51 0.99 4.04
N GLN K 74 -64.53 1.64 3.48
CA GLN K 74 -65.81 1.91 4.17
C GLN K 74 -66.48 0.58 4.48
N THR K 75 -66.62 0.27 5.77
CA THR K 75 -67.13 -1.01 6.30
C THR K 75 -68.24 -0.68 7.30
N THR K 76 -69.41 -1.28 7.12
CA THR K 76 -70.58 -1.09 8.03
C THR K 76 -71.20 -2.45 8.32
N TRP K 77 -71.73 -2.58 9.52
CA TRP K 77 -72.45 -3.79 9.99
C TRP K 77 -73.17 -3.39 11.27
N SER K 78 -74.04 -4.27 11.75
CA SER K 78 -74.84 -4.02 12.98
C SER K 78 -74.33 -4.97 14.08
N ASP K 79 -74.12 -4.42 15.27
CA ASP K 79 -73.90 -5.21 16.51
C ASP K 79 -74.84 -4.67 17.58
N ARG K 80 -75.96 -5.35 17.80
CA ARG K 80 -77.07 -4.92 18.69
C ARG K 80 -76.58 -4.89 20.15
N THR K 81 -75.52 -5.63 20.50
CA THR K 81 -74.96 -5.64 21.89
C THR K 81 -74.35 -4.27 22.23
N LEU K 82 -74.06 -3.42 21.23
CA LEU K 82 -73.49 -2.07 21.43
C LEU K 82 -74.59 -1.02 21.64
N ALA K 83 -75.85 -1.35 21.35
CA ALA K 83 -76.97 -0.38 21.27
C ALA K 83 -77.22 0.26 22.64
N TRP K 84 -77.64 1.53 22.67
CA TRP K 84 -78.09 2.24 23.89
C TRP K 84 -79.31 3.10 23.56
N ASN K 85 -80.06 3.50 24.59
CA ASN K 85 -81.21 4.43 24.50
C ASN K 85 -80.70 5.83 24.16
N SER K 86 -81.02 6.33 22.96
CA SER K 86 -80.51 7.62 22.42
C SER K 86 -81.19 8.82 23.08
N SER K 87 -82.31 8.64 23.78
CA SER K 87 -83.06 9.74 24.45
C SER K 87 -82.11 10.43 25.44
N HIS K 88 -81.88 11.74 25.26
CA HIS K 88 -80.99 12.59 26.09
C HIS K 88 -79.56 12.00 26.13
N SER K 89 -79.10 11.43 25.03
CA SER K 89 -77.76 10.80 24.89
C SER K 89 -77.18 11.13 23.52
N PRO K 90 -75.85 10.98 23.33
CA PRO K 90 -75.26 11.07 22.00
C PRO K 90 -75.88 10.05 21.04
N ASP K 91 -75.98 10.39 19.75
CA ASP K 91 -76.46 9.47 18.70
C ASP K 91 -75.33 8.53 18.27
N GLN K 92 -74.07 8.96 18.44
CA GLN K 92 -72.86 8.24 17.97
C GLN K 92 -71.69 8.47 18.93
N VAL K 93 -70.80 7.49 19.05
CA VAL K 93 -69.51 7.64 19.76
C VAL K 93 -68.39 7.03 18.91
N SER K 94 -67.16 7.49 19.13
CA SER K 94 -65.92 6.94 18.56
C SER K 94 -65.36 5.89 19.52
N VAL K 95 -65.12 4.69 19.03
CA VAL K 95 -64.71 3.51 19.86
C VAL K 95 -63.45 2.90 19.22
N PRO K 96 -62.40 2.61 20.01
CA PRO K 96 -61.24 1.90 19.49
C PRO K 96 -61.69 0.52 19.02
N ILE K 97 -61.20 0.05 17.87
CA ILE K 97 -61.67 -1.24 17.27
C ILE K 97 -61.25 -2.42 18.16
N SER K 98 -60.24 -2.25 19.02
CA SER K 98 -59.84 -3.28 20.00
C SER K 98 -61.00 -3.57 20.96
N SER K 99 -61.96 -2.66 21.11
CA SER K 99 -63.16 -2.85 21.98
C SER K 99 -64.37 -3.36 21.19
N LEU K 100 -64.26 -3.71 19.91
CA LEU K 100 -65.41 -4.14 19.07
C LEU K 100 -65.07 -5.44 18.34
N TRP K 101 -66.06 -6.25 18.05
CA TRP K 101 -65.95 -7.24 16.97
C TRP K 101 -65.84 -6.48 15.65
N VAL K 102 -64.89 -6.89 14.81
CA VAL K 102 -64.67 -6.31 13.46
C VAL K 102 -64.62 -7.47 12.47
N PRO K 103 -65.22 -7.33 11.27
CA PRO K 103 -65.12 -8.38 10.26
C PRO K 103 -63.67 -8.71 9.92
N ASP K 104 -63.33 -9.99 9.82
CA ASP K 104 -61.96 -10.47 9.46
C ASP K 104 -61.78 -10.39 7.94
N LEU K 105 -61.95 -9.20 7.36
CA LEU K 105 -61.82 -8.98 5.90
C LEU K 105 -60.36 -9.11 5.49
N ALA K 106 -60.13 -9.73 4.34
CA ALA K 106 -58.81 -9.80 3.68
C ALA K 106 -59.00 -9.62 2.18
N ALA K 107 -58.03 -9.01 1.53
CA ALA K 107 -57.91 -8.95 0.07
C ALA K 107 -57.21 -10.23 -0.40
N TYR K 108 -57.94 -11.09 -1.13
CA TYR K 108 -57.48 -12.44 -1.53
C TYR K 108 -56.25 -12.34 -2.44
N ASN K 109 -56.07 -11.23 -3.16
CA ASN K 109 -54.94 -11.03 -4.11
C ASN K 109 -53.97 -9.94 -3.59
N ALA K 110 -53.98 -9.65 -2.28
CA ALA K 110 -52.98 -8.73 -1.66
C ALA K 110 -51.62 -9.42 -1.63
N ILE K 111 -50.55 -8.67 -1.86
CA ILE K 111 -49.15 -9.20 -1.79
C ILE K 111 -48.36 -8.41 -0.73
N SER K 112 -49.02 -7.56 0.05
CA SER K 112 -48.44 -6.88 1.24
C SER K 112 -49.50 -6.83 2.34
N LYS K 113 -49.07 -6.69 3.60
CA LYS K 113 -49.95 -6.49 4.76
C LYS K 113 -50.69 -5.17 4.55
N PRO K 114 -51.99 -5.05 4.89
CA PRO K 114 -52.65 -3.74 4.87
C PRO K 114 -51.93 -2.81 5.86
N GLU K 115 -51.44 -1.67 5.38
CA GLU K 115 -50.81 -0.61 6.20
C GLU K 115 -51.92 0.39 6.53
N VAL K 116 -52.43 0.38 7.76
CA VAL K 116 -53.51 1.30 8.21
C VAL K 116 -52.86 2.65 8.55
N LEU K 117 -53.28 3.72 7.88
CA LEU K 117 -52.63 5.05 7.95
C LEU K 117 -53.33 5.93 9.00
N THR K 118 -54.50 5.50 9.49
CA THR K 118 -55.42 6.36 10.27
C THR K 118 -55.61 5.78 11.67
N PRO K 119 -56.07 6.60 12.63
CA PRO K 119 -56.43 6.12 13.96
C PRO K 119 -57.44 4.96 13.86
N GLN K 120 -57.20 3.92 14.64
CA GLN K 120 -57.99 2.66 14.61
C GLN K 120 -59.23 2.83 15.49
N LEU K 121 -60.09 3.78 15.12
CA LEU K 121 -61.38 4.07 15.80
C LEU K 121 -62.50 3.79 14.79
N ALA K 122 -63.62 3.27 15.27
CA ALA K 122 -64.88 3.15 14.51
C ALA K 122 -65.92 4.07 15.13
N ARG K 123 -66.94 4.41 14.36
CA ARG K 123 -68.14 5.15 14.82
C ARG K 123 -69.21 4.11 15.16
N VAL K 124 -69.76 4.17 16.37
CA VAL K 124 -70.91 3.31 16.77
C VAL K 124 -72.14 4.21 16.95
N VAL K 125 -73.22 3.89 16.24
CA VAL K 125 -74.53 4.58 16.33
C VAL K 125 -75.33 3.92 17.46
N SER K 126 -76.23 4.65 18.11
CA SER K 126 -77.03 4.20 19.28
C SER K 126 -77.83 2.93 18.97
N ASP K 127 -78.14 2.67 17.70
CA ASP K 127 -78.88 1.44 17.28
C ASP K 127 -77.92 0.25 17.11
N GLY K 128 -76.61 0.46 17.26
CA GLY K 128 -75.62 -0.63 17.18
C GLY K 128 -75.01 -0.77 15.80
N GLU K 129 -75.32 0.14 14.89
CA GLU K 129 -74.63 0.21 13.59
C GLU K 129 -73.19 0.68 13.82
N VAL K 130 -72.23 0.00 13.20
CA VAL K 130 -70.79 0.35 13.28
C VAL K 130 -70.35 0.83 11.91
N LEU K 131 -69.65 1.96 11.87
CA LEU K 131 -68.98 2.50 10.66
CA LEU K 131 -68.99 2.50 10.65
C LEU K 131 -67.47 2.53 10.93
N TYR K 132 -66.73 1.67 10.24
CA TYR K 132 -65.25 1.60 10.33
C TYR K 132 -64.72 1.87 8.93
N MET K 133 -63.93 2.93 8.79
CA MET K 133 -63.38 3.36 7.49
C MET K 133 -61.91 3.69 7.66
N PRO K 134 -61.03 2.68 7.72
CA PRO K 134 -59.58 2.95 7.75
C PRO K 134 -59.10 3.38 6.37
N SER K 135 -58.10 4.26 6.34
CA SER K 135 -57.25 4.49 5.15
C SER K 135 -56.17 3.43 5.13
N ILE K 136 -56.11 2.67 4.05
CA ILE K 136 -55.19 1.51 3.89
C ILE K 136 -54.32 1.74 2.66
N ARG K 137 -53.01 1.57 2.82
CA ARG K 137 -52.06 1.41 1.70
C ARG K 137 -51.72 -0.08 1.59
N GLN K 138 -51.87 -0.65 0.40
CA GLN K 138 -51.67 -2.10 0.17
C GLN K 138 -51.28 -2.35 -1.30
N ARG K 139 -50.47 -3.38 -1.53
CA ARG K 139 -50.00 -3.80 -2.88
C ARG K 139 -50.81 -5.03 -3.31
N PHE K 140 -51.21 -5.09 -4.58
CA PHE K 140 -52.02 -6.20 -5.15
C PHE K 140 -51.37 -6.75 -6.42
N SER K 141 -51.58 -8.05 -6.63
CA SER K 141 -51.36 -8.77 -7.91
C SER K 141 -52.67 -8.70 -8.69
N CYS K 142 -52.66 -7.98 -9.81
CA CYS K 142 -53.86 -7.80 -10.67
C CYS K 142 -53.44 -7.36 -12.09
N ASP K 143 -54.41 -7.32 -13.00
CA ASP K 143 -54.17 -7.05 -14.45
C ASP K 143 -53.84 -5.57 -14.64
N VAL K 144 -52.57 -5.27 -14.87
CA VAL K 144 -52.06 -3.88 -15.12
C VAL K 144 -51.96 -3.64 -16.65
N SER K 145 -52.17 -4.66 -17.47
CA SER K 145 -52.05 -4.57 -18.96
C SER K 145 -52.99 -3.46 -19.47
N GLY K 146 -52.47 -2.56 -20.31
CA GLY K 146 -53.26 -1.51 -20.98
C GLY K 146 -53.34 -0.24 -20.17
N VAL K 147 -52.47 -0.08 -19.16
CA VAL K 147 -52.46 1.09 -18.25
C VAL K 147 -52.13 2.35 -19.04
N ASP K 148 -51.32 2.25 -20.11
CA ASP K 148 -50.83 3.40 -20.92
C ASP K 148 -51.75 3.65 -22.11
N THR K 149 -52.84 2.90 -22.26
CA THR K 149 -53.84 3.06 -23.34
C THR K 149 -54.98 3.95 -22.85
N GLU K 150 -55.92 4.27 -23.74
CA GLU K 150 -57.08 5.16 -23.48
C GLU K 150 -58.16 4.36 -22.72
N SER K 151 -58.34 3.08 -23.06
CA SER K 151 -59.25 2.13 -22.35
C SER K 151 -58.74 1.88 -20.92
N GLY K 152 -57.42 1.91 -20.71
CA GLY K 152 -56.77 1.78 -19.40
C GLY K 152 -56.70 0.33 -18.94
N ALA K 153 -56.08 0.08 -17.78
CA ALA K 153 -56.05 -1.24 -17.11
C ALA K 153 -57.31 -1.41 -16.27
N THR K 154 -57.74 -2.66 -16.09
CA THR K 154 -58.79 -3.04 -15.11
C THR K 154 -58.14 -3.98 -14.10
N CYS K 155 -57.88 -3.47 -12.89
CA CYS K 155 -57.27 -4.19 -11.75
C CYS K 155 -58.40 -4.63 -10.81
N ARG K 156 -58.59 -5.94 -10.65
CA ARG K 156 -59.66 -6.53 -9.80
C ARG K 156 -59.07 -6.85 -8.42
N ILE K 157 -59.68 -6.29 -7.37
CA ILE K 157 -59.32 -6.54 -5.94
C ILE K 157 -60.51 -7.29 -5.32
N LYS K 158 -60.27 -8.47 -4.76
CA LYS K 158 -61.32 -9.32 -4.14
C LYS K 158 -61.19 -9.25 -2.61
N ILE K 159 -62.23 -8.79 -1.91
CA ILE K 159 -62.22 -8.60 -0.43
C ILE K 159 -63.39 -9.40 0.15
N GLY K 160 -63.09 -10.31 1.08
CA GLY K 160 -64.10 -11.07 1.84
C GLY K 160 -63.58 -11.52 3.20
N SER K 161 -64.44 -12.14 3.99
CA SER K 161 -64.07 -12.72 5.30
C SER K 161 -63.02 -13.80 5.06
N TRP K 162 -61.98 -13.84 5.89
CA TRP K 162 -60.94 -14.88 5.80
C TRP K 162 -61.46 -16.21 6.37
N THR K 163 -62.29 -16.20 7.41
CA THR K 163 -62.65 -17.45 8.13
C THR K 163 -64.16 -17.66 8.25
N HIS K 164 -64.99 -16.67 7.94
CA HIS K 164 -66.47 -16.78 8.09
C HIS K 164 -67.10 -17.01 6.70
N HIS K 165 -67.82 -18.12 6.53
CA HIS K 165 -68.51 -18.47 5.25
C HIS K 165 -69.87 -17.77 5.22
N SER K 166 -70.62 -17.96 4.12
CA SER K 166 -71.87 -17.23 3.77
C SER K 166 -72.93 -17.33 4.87
N ARG K 167 -72.92 -18.38 5.68
CA ARG K 167 -73.94 -18.57 6.76
C ARG K 167 -73.60 -17.68 7.97
N GLU K 168 -72.41 -17.11 8.05
CA GLU K 168 -71.99 -16.31 9.24
C GLU K 168 -71.79 -14.85 8.86
N ILE K 169 -71.15 -14.60 7.71
CA ILE K 169 -70.97 -13.22 7.16
C ILE K 169 -71.44 -13.21 5.71
N SER K 170 -72.25 -12.22 5.34
CA SER K 170 -72.49 -11.85 3.92
C SER K 170 -71.80 -10.51 3.67
N VAL K 171 -71.17 -10.37 2.51
CA VAL K 171 -70.46 -9.12 2.13
C VAL K 171 -71.22 -8.54 0.95
N ASP K 172 -71.70 -7.31 1.07
CA ASP K 172 -72.51 -6.63 0.03
C ASP K 172 -71.82 -5.32 -0.29
N PRO K 173 -71.68 -4.95 -1.58
CA PRO K 173 -71.09 -3.66 -1.94
C PRO K 173 -72.13 -2.57 -1.62
N THR K 174 -71.66 -1.37 -1.25
CA THR K 174 -72.46 -0.15 -1.05
C THR K 174 -72.96 0.34 -2.42
N THR K 175 -74.06 1.06 -2.41
CA THR K 175 -74.76 1.64 -3.59
C THR K 175 -73.83 2.56 -4.41
N ASP K 180 -66.90 8.35 -8.39
CA ASP K 180 -65.67 7.55 -8.12
C ASP K 180 -64.53 8.49 -7.72
N SER K 181 -64.36 9.63 -8.41
CA SER K 181 -63.20 10.52 -8.25
C SER K 181 -63.54 11.68 -7.33
N GLU K 182 -64.58 11.60 -6.50
CA GLU K 182 -64.79 12.57 -5.39
C GLU K 182 -63.62 12.54 -4.39
N TYR K 183 -62.99 11.39 -4.20
CA TYR K 183 -61.99 11.09 -3.15
C TYR K 183 -60.56 11.05 -3.74
N PHE K 184 -60.45 10.85 -5.05
CA PHE K 184 -59.17 10.51 -5.71
C PHE K 184 -58.31 11.76 -5.79
N SER K 185 -57.01 11.61 -5.54
CA SER K 185 -56.03 12.72 -5.53
C SER K 185 -55.89 13.26 -6.95
N GLN K 186 -56.05 14.58 -7.12
CA GLN K 186 -55.83 15.28 -8.40
C GLN K 186 -54.34 15.21 -8.78
N TYR K 187 -53.45 14.90 -7.84
CA TYR K 187 -51.98 14.99 -8.04
C TYR K 187 -51.39 13.63 -8.41
N SER K 188 -52.20 12.56 -8.46
CA SER K 188 -51.77 11.23 -8.94
C SER K 188 -51.29 11.33 -10.39
N ARG K 189 -50.28 10.53 -10.76
CA ARG K 189 -49.86 10.29 -12.18
C ARG K 189 -50.98 9.58 -12.93
N PHE K 190 -51.90 8.94 -12.20
CA PHE K 190 -52.99 8.12 -12.79
C PHE K 190 -54.31 8.85 -12.62
N GLU K 191 -55.31 8.42 -13.39
CA GLU K 191 -56.71 8.89 -13.25
C GLU K 191 -57.62 7.66 -13.30
N ILE K 192 -58.76 7.77 -12.64
CA ILE K 192 -59.76 6.68 -12.54
C ILE K 192 -60.79 6.91 -13.64
N LEU K 193 -60.99 5.90 -14.49
CA LEU K 193 -62.04 5.89 -15.55
C LEU K 193 -63.33 5.36 -14.94
N ASP K 194 -63.25 4.27 -14.18
CA ASP K 194 -64.45 3.64 -13.57
C ASP K 194 -64.04 2.74 -12.40
N VAL K 195 -64.91 2.66 -11.39
CA VAL K 195 -64.81 1.68 -10.27
C VAL K 195 -66.16 0.98 -10.19
N THR K 196 -66.18 -0.33 -10.41
CA THR K 196 -67.39 -1.16 -10.22
C THR K 196 -67.10 -2.13 -9.08
N GLN K 197 -68.09 -2.32 -8.21
CA GLN K 197 -67.99 -3.15 -6.99
C GLN K 197 -69.18 -4.11 -7.05
N LYS K 198 -68.91 -5.41 -7.24
CA LYS K 198 -69.95 -6.44 -7.44
C LYS K 198 -69.74 -7.56 -6.43
N LYS K 199 -70.84 -8.10 -5.90
CA LYS K 199 -70.83 -9.29 -5.03
C LYS K 199 -70.41 -10.50 -5.86
N ASN K 200 -69.60 -11.38 -5.28
CA ASN K 200 -69.23 -12.69 -5.87
C ASN K 200 -69.10 -13.69 -4.71
N SER K 201 -68.80 -14.94 -5.03
CA SER K 201 -68.59 -16.05 -4.07
C SER K 201 -67.41 -16.86 -4.59
N VAL K 202 -66.51 -17.28 -3.70
CA VAL K 202 -65.40 -18.20 -4.06
C VAL K 202 -65.57 -19.48 -3.23
N THR K 203 -65.41 -20.62 -3.89
CA THR K 203 -65.30 -21.97 -3.28
C THR K 203 -63.97 -22.55 -3.73
N TYR K 204 -63.24 -23.19 -2.83
CA TYR K 204 -61.91 -23.83 -3.09
C TYR K 204 -62.09 -25.31 -2.78
N SER K 205 -61.28 -26.18 -3.41
CA SER K 205 -61.27 -27.65 -3.23
C SER K 205 -60.99 -28.03 -1.75
N CYS K 206 -60.26 -27.19 -1.00
CA CYS K 206 -59.90 -27.44 0.42
C CYS K 206 -61.16 -27.53 1.29
N CYS K 207 -62.16 -26.71 0.97
CA CYS K 207 -63.15 -26.17 1.94
C CYS K 207 -64.55 -26.22 1.33
N PRO K 208 -65.49 -27.00 1.91
CA PRO K 208 -66.80 -27.20 1.30
C PRO K 208 -67.73 -25.98 1.26
N GLU K 209 -67.39 -24.91 1.98
CA GLU K 209 -68.26 -23.72 2.17
C GLU K 209 -67.91 -22.66 1.11
N ALA K 210 -68.90 -21.82 0.79
CA ALA K 210 -68.75 -20.63 -0.08
C ALA K 210 -68.41 -19.42 0.78
N TYR K 211 -67.43 -18.62 0.34
CA TYR K 211 -66.99 -17.36 0.98
C TYR K 211 -67.42 -16.21 0.09
N GLU K 212 -68.28 -15.33 0.62
CA GLU K 212 -68.76 -14.14 -0.10
C GLU K 212 -67.61 -13.12 -0.14
N ASP K 213 -67.46 -12.46 -1.29
CA ASP K 213 -66.48 -11.37 -1.46
C ASP K 213 -67.16 -10.24 -2.24
N VAL K 214 -66.56 -9.07 -2.18
CA VAL K 214 -66.84 -7.94 -3.10
C VAL K 214 -65.65 -7.91 -4.05
N GLU K 215 -65.93 -7.94 -5.36
CA GLU K 215 -64.96 -7.77 -6.45
C GLU K 215 -64.96 -6.31 -6.84
N VAL K 216 -63.83 -5.62 -6.67
CA VAL K 216 -63.69 -4.18 -6.97
C VAL K 216 -62.85 -4.08 -8.23
N SER K 217 -63.45 -3.62 -9.33
CA SER K 217 -62.78 -3.45 -10.64
C SER K 217 -62.36 -1.99 -10.76
N LEU K 218 -61.05 -1.75 -10.64
CA LEU K 218 -60.44 -0.41 -10.74
C LEU K 218 -59.97 -0.22 -12.18
N ASN K 219 -60.76 0.50 -12.98
CA ASN K 219 -60.42 0.86 -14.38
C ASN K 219 -59.73 2.22 -14.33
N PHE K 220 -58.43 2.25 -14.60
CA PHE K 220 -57.57 3.45 -14.44
C PHE K 220 -56.53 3.47 -15.57
N ARG K 221 -55.89 4.62 -15.79
CA ARG K 221 -54.81 4.77 -16.80
C ARG K 221 -53.83 5.86 -16.37
N LYS K 222 -52.61 5.82 -16.91
CA LYS K 222 -51.61 6.90 -16.76
C LYS K 222 -52.15 8.15 -17.46
N LYS K 223 -51.84 9.32 -16.93
CA LYS K 223 -52.16 10.63 -17.56
C LYS K 223 -51.13 10.91 -18.66
N LEU L 20 -75.26 -24.60 23.31
CA LEU L 20 -74.21 -23.57 23.51
C LEU L 20 -74.26 -22.61 22.33
N ASP L 21 -74.05 -21.31 22.56
CA ASP L 21 -73.89 -20.31 21.48
C ASP L 21 -72.40 -19.96 21.32
N ARG L 22 -72.08 -19.18 20.28
CA ARG L 22 -70.70 -18.79 19.93
C ARG L 22 -70.02 -18.12 21.12
N ALA L 23 -70.71 -17.20 21.78
CA ALA L 23 -70.16 -16.41 22.90
C ALA L 23 -69.66 -17.35 24.01
N ASP L 24 -70.44 -18.39 24.33
CA ASP L 24 -70.10 -19.35 25.42
C ASP L 24 -68.90 -20.19 25.00
N ILE L 25 -68.88 -20.69 23.77
CA ILE L 25 -67.77 -21.55 23.24
C ILE L 25 -66.48 -20.73 23.29
N LEU L 26 -66.51 -19.50 22.80
CA LEU L 26 -65.31 -18.62 22.71
C LEU L 26 -64.87 -18.22 24.13
N TYR L 27 -65.81 -18.01 25.05
CA TYR L 27 -65.49 -17.75 26.48
C TYR L 27 -64.75 -18.98 27.05
N ASN L 28 -65.32 -20.16 26.87
CA ASN L 28 -64.75 -21.44 27.39
C ASN L 28 -63.34 -21.62 26.83
N ILE L 29 -63.15 -21.44 25.54
CA ILE L 29 -61.83 -21.60 24.87
C ILE L 29 -60.87 -20.56 25.45
N ARG L 30 -61.25 -19.29 25.54
CA ARG L 30 -60.37 -18.22 26.05
C ARG L 30 -59.95 -18.56 27.50
N GLN L 31 -60.87 -19.07 28.32
CA GLN L 31 -60.63 -19.26 29.77
C GLN L 31 -59.75 -20.50 30.03
N THR L 32 -59.81 -21.54 29.19
CA THR L 32 -59.24 -22.87 29.52
C THR L 32 -58.23 -23.33 28.47
N SER L 33 -58.06 -22.58 27.38
CA SER L 33 -57.29 -23.06 26.19
C SER L 33 -55.84 -23.57 26.39
N ARG L 34 -55.03 -23.01 27.31
CA ARG L 34 -53.61 -23.26 27.56
C ARG L 34 -52.80 -23.20 26.27
N PRO L 35 -52.60 -21.99 25.69
CA PRO L 35 -51.89 -21.85 24.42
C PRO L 35 -50.43 -22.30 24.43
N ASP L 36 -49.82 -22.43 25.61
CA ASP L 36 -48.41 -22.83 25.78
C ASP L 36 -48.30 -24.35 25.88
N VAL L 37 -49.43 -25.08 25.91
CA VAL L 37 -49.44 -26.55 26.19
C VAL L 37 -49.77 -27.33 24.91
N ILE L 38 -48.78 -28.00 24.34
CA ILE L 38 -48.95 -28.93 23.20
C ILE L 38 -49.97 -29.97 23.63
N PRO L 39 -51.05 -30.18 22.85
CA PRO L 39 -52.11 -31.12 23.27
C PRO L 39 -51.79 -32.59 22.94
N THR L 40 -50.68 -33.12 23.44
CA THR L 40 -50.31 -34.55 23.29
C THR L 40 -51.34 -35.38 24.04
N GLN L 41 -51.75 -36.53 23.48
CA GLN L 41 -52.51 -37.57 24.24
C GLN L 41 -51.56 -38.73 24.59
N ARG L 42 -51.55 -39.12 25.85
CA ARG L 42 -50.69 -40.20 26.41
C ARG L 42 -49.33 -40.23 25.71
N ASP L 43 -48.62 -39.11 25.61
CA ASP L 43 -47.21 -39.03 25.14
C ASP L 43 -47.10 -39.53 23.68
N ARG L 44 -48.19 -39.49 22.91
CA ARG L 44 -48.20 -39.79 21.46
C ARG L 44 -48.26 -38.47 20.70
N PRO L 45 -47.60 -38.36 19.54
CA PRO L 45 -47.30 -37.04 19.00
C PRO L 45 -48.58 -36.36 18.52
N VAL L 46 -48.60 -35.03 18.51
CA VAL L 46 -49.65 -34.25 17.81
C VAL L 46 -49.33 -34.34 16.33
N ALA L 47 -50.27 -34.89 15.55
CA ALA L 47 -50.15 -35.02 14.08
C ALA L 47 -50.56 -33.68 13.48
N VAL L 48 -49.59 -32.96 12.92
CA VAL L 48 -49.80 -31.66 12.24
C VAL L 48 -49.72 -31.90 10.73
N SER L 49 -50.78 -31.57 10.00
CA SER L 49 -50.81 -31.57 8.52
C SER L 49 -50.45 -30.19 8.02
N VAL L 50 -49.52 -30.11 7.06
CA VAL L 50 -49.03 -28.86 6.45
C VAL L 50 -49.07 -29.03 4.94
N SER L 51 -49.65 -28.05 4.25
CA SER L 51 -49.68 -27.98 2.77
C SER L 51 -49.60 -26.52 2.37
N LEU L 52 -48.59 -26.15 1.57
CA LEU L 52 -48.45 -24.79 1.01
C LEU L 52 -49.24 -24.70 -0.29
N LYS L 53 -50.14 -23.71 -0.40
CA LYS L 53 -50.83 -23.31 -1.64
C LYS L 53 -50.14 -22.04 -2.12
N PHE L 54 -49.34 -22.13 -3.19
CA PHE L 54 -48.61 -20.96 -3.72
C PHE L 54 -49.62 -20.03 -4.40
N ILE L 55 -49.54 -18.75 -4.09
CA ILE L 55 -50.46 -17.71 -4.64
C ILE L 55 -49.67 -16.85 -5.62
N ASN L 56 -48.41 -16.55 -5.31
CA ASN L 56 -47.61 -15.63 -6.14
C ASN L 56 -46.12 -15.88 -5.90
N ILE L 57 -45.33 -15.64 -6.93
CA ILE L 57 -43.84 -15.53 -6.89
C ILE L 57 -43.52 -14.11 -7.32
N LEU L 58 -43.03 -13.29 -6.38
CA LEU L 58 -42.96 -11.81 -6.54
C LEU L 58 -41.59 -11.41 -7.07
N GLU L 59 -40.54 -12.10 -6.62
CA GLU L 59 -39.15 -11.74 -6.96
C GLU L 59 -38.30 -13.00 -6.90
N VAL L 60 -37.37 -13.10 -7.84
CA VAL L 60 -36.47 -14.27 -8.01
C VAL L 60 -35.11 -13.69 -8.38
N ASN L 61 -34.04 -14.22 -7.80
CA ASN L 61 -32.66 -13.75 -8.09
C ASN L 61 -31.78 -14.99 -8.30
N GLU L 62 -31.42 -15.25 -9.56
CA GLU L 62 -30.64 -16.44 -9.98
C GLU L 62 -29.20 -16.32 -9.45
N ILE L 63 -28.72 -15.08 -9.30
CA ILE L 63 -27.34 -14.77 -8.78
C ILE L 63 -27.28 -15.17 -7.29
N THR L 64 -28.20 -14.66 -6.46
CA THR L 64 -28.19 -14.83 -4.98
C THR L 64 -28.91 -16.12 -4.55
N ASN L 65 -29.68 -16.75 -5.45
CA ASN L 65 -30.49 -17.96 -5.14
C ASN L 65 -31.49 -17.61 -4.02
N GLU L 66 -32.27 -16.56 -4.23
CA GLU L 66 -33.31 -16.08 -3.29
C GLU L 66 -34.63 -15.95 -4.06
N VAL L 67 -35.73 -16.37 -3.43
CA VAL L 67 -37.11 -16.18 -3.96
C VAL L 67 -37.94 -15.47 -2.89
N ASP L 68 -38.85 -14.62 -3.33
CA ASP L 68 -39.86 -13.93 -2.50
C ASP L 68 -41.22 -14.46 -2.97
N VAL L 69 -41.94 -15.15 -2.08
CA VAL L 69 -43.16 -15.91 -2.43
C VAL L 69 -44.30 -15.58 -1.46
N VAL L 70 -45.54 -15.68 -1.94
CA VAL L 70 -46.78 -15.62 -1.13
C VAL L 70 -47.45 -16.99 -1.23
N PHE L 71 -47.76 -17.61 -0.10
CA PHE L 71 -48.44 -18.91 -0.03
C PHE L 71 -49.42 -18.92 1.15
N TRP L 72 -50.47 -19.73 1.02
CA TRP L 72 -51.37 -20.09 2.14
C TRP L 72 -50.81 -21.34 2.78
N GLN L 73 -50.49 -21.26 4.08
CA GLN L 73 -49.89 -22.38 4.85
C GLN L 73 -51.03 -23.11 5.56
N GLN L 74 -51.71 -23.99 4.83
CA GLN L 74 -52.83 -24.80 5.36
C GLN L 74 -52.26 -25.74 6.44
N THR L 75 -52.69 -25.54 7.68
CA THR L 75 -52.19 -26.24 8.89
C THR L 75 -53.39 -26.78 9.64
N THR L 76 -53.38 -28.08 9.94
CA THR L 76 -54.48 -28.75 10.69
C THR L 76 -53.86 -29.66 11.75
N TRP L 77 -54.57 -29.77 12.86
CA TRP L 77 -54.20 -30.65 13.99
C TRP L 77 -55.43 -30.73 14.90
N SER L 78 -55.39 -31.64 15.85
CA SER L 78 -56.49 -31.88 16.80
C SER L 78 -56.04 -31.40 18.19
N ASP L 79 -56.90 -30.66 18.87
CA ASP L 79 -56.74 -30.30 20.30
C ASP L 79 -58.07 -30.59 20.98
N ARG L 80 -58.16 -31.73 21.66
CA ARG L 80 -59.39 -32.26 22.29
C ARG L 80 -59.86 -31.32 23.41
N THR L 81 -58.97 -30.52 24.01
CA THR L 81 -59.33 -29.57 25.10
C THR L 81 -60.24 -28.46 24.55
N LEU L 82 -60.29 -28.25 23.23
CA LEU L 82 -61.17 -27.22 22.60
C LEU L 82 -62.56 -27.77 22.32
N ALA L 83 -62.76 -29.09 22.38
CA ALA L 83 -63.98 -29.77 21.89
C ALA L 83 -65.21 -29.32 22.70
N TRP L 84 -66.38 -29.27 22.07
CA TRP L 84 -67.67 -29.03 22.76
C TRP L 84 -68.75 -29.92 22.13
N ASN L 85 -69.86 -30.11 22.85
CA ASN L 85 -71.05 -30.84 22.38
C ASN L 85 -71.74 -30.03 21.28
N SER L 86 -71.75 -30.53 20.04
CA SER L 86 -72.26 -29.82 18.84
C SER L 86 -73.80 -29.83 18.80
N SER L 87 -74.48 -30.65 19.60
CA SER L 87 -75.97 -30.70 19.67
C SER L 87 -76.50 -29.30 20.04
N HIS L 88 -77.33 -28.72 19.17
CA HIS L 88 -77.94 -27.37 19.31
C HIS L 88 -76.84 -26.31 19.50
N SER L 89 -75.71 -26.46 18.83
CA SER L 89 -74.55 -25.53 18.90
C SER L 89 -73.93 -25.37 17.52
N PRO L 90 -73.13 -24.31 17.28
CA PRO L 90 -72.35 -24.21 16.06
C PRO L 90 -71.41 -25.43 15.90
N ASP L 91 -71.14 -25.83 14.66
CA ASP L 91 -70.19 -26.91 14.32
C ASP L 91 -68.76 -26.36 14.36
N GLN L 92 -68.59 -25.06 14.13
CA GLN L 92 -67.27 -24.39 14.00
C GLN L 92 -67.34 -22.96 14.53
N VAL L 93 -66.23 -22.47 15.08
CA VAL L 93 -66.07 -21.03 15.44
C VAL L 93 -64.71 -20.55 14.93
N SER L 94 -64.62 -19.23 14.74
CA SER L 94 -63.37 -18.49 14.45
C SER L 94 -62.77 -18.04 15.79
N VAL L 95 -61.50 -18.39 16.01
CA VAL L 95 -60.78 -18.16 17.30
C VAL L 95 -59.48 -17.44 16.99
N PRO L 96 -59.14 -16.34 17.70
CA PRO L 96 -57.84 -15.72 17.54
C PRO L 96 -56.77 -16.74 17.99
N ILE L 97 -55.66 -16.84 17.25
CA ILE L 97 -54.62 -17.87 17.51
C ILE L 97 -53.94 -17.59 18.85
N SER L 98 -53.99 -16.37 19.37
CA SER L 98 -53.48 -16.02 20.72
C SER L 98 -54.23 -16.83 21.79
N SER L 99 -55.43 -17.33 21.49
CA SER L 99 -56.24 -18.16 22.43
C SER L 99 -56.04 -19.67 22.20
N LEU L 100 -55.13 -20.10 21.33
CA LEU L 100 -54.93 -21.53 20.97
C LEU L 100 -53.46 -21.91 21.07
N TRP L 101 -53.19 -23.17 21.40
CA TRP L 101 -51.88 -23.77 21.06
C TRP L 101 -51.79 -23.84 19.53
N VAL L 102 -50.66 -23.41 18.99
CA VAL L 102 -50.36 -23.46 17.53
C VAL L 102 -49.00 -24.12 17.38
N PRO L 103 -48.80 -24.99 16.37
CA PRO L 103 -47.51 -25.59 16.12
C PRO L 103 -46.43 -24.53 15.91
N ASP L 104 -45.25 -24.72 16.51
CA ASP L 104 -44.11 -23.78 16.38
C ASP L 104 -43.38 -24.08 15.06
N LEU L 105 -44.09 -24.00 13.92
CA LEU L 105 -43.52 -24.29 12.59
C LEU L 105 -42.56 -23.16 12.21
N ALA L 106 -41.45 -23.54 11.57
CA ALA L 106 -40.50 -22.59 10.96
C ALA L 106 -40.04 -23.19 9.62
N ALA L 107 -39.78 -22.32 8.66
CA ALA L 107 -39.10 -22.67 7.40
C ALA L 107 -37.59 -22.63 7.66
N TYR L 108 -36.91 -23.78 7.61
CA TYR L 108 -35.49 -23.95 7.98
C TYR L 108 -34.59 -23.13 7.03
N ASN L 109 -35.03 -22.84 5.80
CA ASN L 109 -34.24 -22.08 4.81
C ASN L 109 -34.86 -20.71 4.53
N ALA L 110 -35.71 -20.18 5.44
CA ALA L 110 -36.24 -18.81 5.34
C ALA L 110 -35.11 -17.82 5.63
N ILE L 111 -35.09 -16.68 4.92
CA ILE L 111 -34.11 -15.60 5.15
C ILE L 111 -34.84 -14.29 5.51
N SER L 112 -36.15 -14.36 5.73
CA SER L 112 -36.98 -13.25 6.27
C SER L 112 -38.00 -13.83 7.25
N LYS L 113 -38.49 -13.01 8.17
CA LYS L 113 -39.59 -13.36 9.11
C LYS L 113 -40.83 -13.64 8.24
N PRO L 114 -41.67 -14.63 8.58
CA PRO L 114 -42.94 -14.78 7.87
C PRO L 114 -43.79 -13.52 8.10
N GLU L 115 -44.19 -12.86 7.02
CA GLU L 115 -45.10 -11.68 7.03
C GLU L 115 -46.52 -12.23 6.83
N VAL L 116 -47.32 -12.28 7.90
CA VAL L 116 -48.71 -12.78 7.84
C VAL L 116 -49.60 -11.67 7.29
N LEU L 117 -50.29 -11.91 6.18
CA LEU L 117 -51.04 -10.89 5.43
C LEU L 117 -52.52 -10.89 5.86
N THR L 118 -52.94 -11.90 6.61
CA THR L 118 -54.37 -12.19 6.87
C THR L 118 -54.66 -12.07 8.38
N PRO L 119 -55.94 -11.88 8.75
CA PRO L 119 -56.35 -11.89 10.14
C PRO L 119 -55.90 -13.19 10.83
N GLN L 120 -55.35 -13.07 12.04
CA GLN L 120 -54.74 -14.18 12.80
C GLN L 120 -55.82 -14.97 13.54
N LEU L 121 -56.77 -15.53 12.78
CA LEU L 121 -57.89 -16.36 13.28
C LEU L 121 -57.72 -17.77 12.73
N ALA L 122 -58.04 -18.77 13.54
CA ALA L 122 -58.15 -20.19 13.10
C ALA L 122 -59.61 -20.60 13.22
N ARG L 123 -59.98 -21.65 12.48
CA ARG L 123 -61.30 -22.30 12.58
C ARG L 123 -61.16 -23.49 13.53
N VAL L 124 -62.00 -23.56 14.55
CA VAL L 124 -62.04 -24.70 15.49
C VAL L 124 -63.37 -25.43 15.28
N VAL L 125 -63.29 -26.74 14.99
CA VAL L 125 -64.48 -27.62 14.82
C VAL L 125 -64.83 -28.17 16.20
N SER L 126 -66.11 -28.50 16.43
CA SER L 126 -66.64 -28.96 17.75
C SER L 126 -65.89 -30.20 18.26
N ASP L 127 -65.27 -30.99 17.38
CA ASP L 127 -64.48 -32.19 17.77
C ASP L 127 -63.05 -31.80 18.17
N GLY L 128 -62.67 -30.53 18.06
CA GLY L 128 -61.34 -30.04 18.50
C GLY L 128 -60.33 -30.01 17.38
N GLU L 129 -60.76 -30.27 16.15
CA GLU L 129 -59.90 -30.08 14.96
C GLU L 129 -59.72 -28.57 14.74
N VAL L 130 -58.48 -28.15 14.51
CA VAL L 130 -58.14 -26.74 14.22
C VAL L 130 -57.68 -26.66 12.77
N LEU L 131 -58.21 -25.67 12.04
CA LEU L 131 -57.73 -25.31 10.69
C LEU L 131 -57.19 -23.88 10.75
N TYR L 132 -55.88 -23.71 10.60
CA TYR L 132 -55.19 -22.41 10.57
C TYR L 132 -54.52 -22.31 9.21
N MET L 133 -54.90 -21.31 8.42
CA MET L 133 -54.38 -21.11 7.06
C MET L 133 -54.05 -19.64 6.87
N PRO L 134 -52.91 -19.16 7.40
CA PRO L 134 -52.48 -17.80 7.14
C PRO L 134 -51.95 -17.69 5.70
N SER L 135 -52.16 -16.52 5.09
CA SER L 135 -51.41 -16.09 3.90
C SER L 135 -50.09 -15.47 4.38
N ILE L 136 -48.98 -16.02 3.91
CA ILE L 136 -47.62 -15.63 4.34
C ILE L 136 -46.82 -15.17 3.11
N ARG L 137 -46.18 -14.02 3.24
CA ARG L 137 -45.10 -13.59 2.32
C ARG L 137 -43.77 -13.81 3.03
N GLN L 138 -42.85 -14.53 2.39
CA GLN L 138 -41.55 -14.89 2.99
C GLN L 138 -40.50 -15.08 1.89
N ARG L 139 -39.24 -14.79 2.22
CA ARG L 139 -38.07 -14.93 1.29
C ARG L 139 -37.31 -16.18 1.70
N PHE L 140 -36.83 -16.97 0.72
CA PHE L 140 -36.09 -18.23 0.96
C PHE L 140 -34.78 -18.23 0.17
N SER L 141 -33.79 -18.91 0.74
CA SER L 141 -32.55 -19.37 0.09
C SER L 141 -32.81 -20.76 -0.48
N CYS L 142 -32.83 -20.88 -1.82
CA CYS L 142 -33.11 -22.16 -2.51
C CYS L 142 -32.60 -22.09 -3.96
N ASP L 143 -32.63 -23.23 -4.65
CA ASP L 143 -32.04 -23.39 -6.00
C ASP L 143 -32.94 -22.68 -7.03
N VAL L 144 -32.48 -21.52 -7.50
CA VAL L 144 -33.19 -20.69 -8.53
C VAL L 144 -32.61 -21.00 -9.93
N SER L 145 -31.53 -21.80 -10.02
CA SER L 145 -30.85 -22.12 -11.31
C SER L 145 -31.87 -22.75 -12.26
N GLY L 146 -31.93 -22.27 -13.51
CA GLY L 146 -32.76 -22.84 -14.58
C GLY L 146 -34.15 -22.24 -14.62
N VAL L 147 -34.35 -21.09 -13.95
CA VAL L 147 -35.68 -20.42 -13.85
C VAL L 147 -36.12 -19.96 -15.25
N ASP L 148 -35.18 -19.61 -16.14
CA ASP L 148 -35.47 -19.07 -17.49
C ASP L 148 -35.51 -20.19 -18.54
N THR L 149 -35.34 -21.44 -18.13
CA THR L 149 -35.38 -22.63 -19.03
C THR L 149 -36.80 -23.21 -19.03
N GLU L 150 -37.03 -24.24 -19.85
CA GLU L 150 -38.34 -24.91 -20.02
C GLU L 150 -38.57 -25.87 -18.85
N SER L 151 -37.51 -26.56 -18.39
CA SER L 151 -37.53 -27.44 -17.20
C SER L 151 -37.79 -26.61 -15.93
N GLY L 152 -37.33 -25.35 -15.89
CA GLY L 152 -37.55 -24.41 -14.79
C GLY L 152 -36.65 -24.67 -13.60
N ALA L 153 -36.73 -23.82 -12.58
CA ALA L 153 -36.04 -24.00 -11.28
C ALA L 153 -36.87 -24.93 -10.39
N THR L 154 -36.20 -25.66 -9.49
CA THR L 154 -36.84 -26.40 -8.38
C THR L 154 -36.32 -25.81 -7.07
N CYS L 155 -37.17 -25.01 -6.40
CA CYS L 155 -36.88 -24.36 -5.10
C CYS L 155 -37.50 -25.21 -3.98
N ARG L 156 -36.67 -25.76 -3.09
CA ARG L 156 -37.11 -26.63 -1.96
C ARG L 156 -37.25 -25.77 -0.70
N ILE L 157 -38.44 -25.77 -0.10
CA ILE L 157 -38.76 -25.07 1.19
C ILE L 157 -39.04 -26.15 2.23
N LYS L 158 -38.31 -26.14 3.33
CA LYS L 158 -38.39 -27.17 4.42
C LYS L 158 -39.07 -26.54 5.64
N ILE L 159 -40.21 -27.10 6.06
CA ILE L 159 -41.03 -26.56 7.18
C ILE L 159 -41.22 -27.67 8.22
N GLY L 160 -40.82 -27.40 9.46
CA GLY L 160 -41.05 -28.31 10.61
C GLY L 160 -41.12 -27.55 11.93
N SER L 161 -41.40 -28.27 13.01
CA SER L 161 -41.41 -27.73 14.38
C SER L 161 -40.00 -27.24 14.70
N TRP L 162 -39.88 -26.07 15.33
CA TRP L 162 -38.57 -25.53 15.74
C TRP L 162 -38.07 -26.26 16.99
N THR L 163 -38.95 -26.63 17.93
CA THR L 163 -38.50 -27.14 19.26
C THR L 163 -39.09 -28.51 19.61
N HIS L 164 -40.08 -29.00 18.87
CA HIS L 164 -40.73 -30.31 19.18
C HIS L 164 -40.18 -31.38 18.23
N HIS L 165 -39.59 -32.45 18.79
CA HIS L 165 -39.05 -33.59 18.00
C HIS L 165 -40.18 -34.57 17.70
N SER L 166 -39.87 -35.65 16.98
CA SER L 166 -40.82 -36.63 16.37
C SER L 166 -41.74 -37.25 17.42
N ARG L 167 -41.32 -37.34 18.68
CA ARG L 167 -42.17 -37.94 19.74
C ARG L 167 -43.26 -36.97 20.21
N GLU L 168 -43.17 -35.68 19.85
CA GLU L 168 -44.14 -34.66 20.34
C GLU L 168 -44.96 -34.11 19.17
N ILE L 169 -44.33 -33.84 18.04
CA ILE L 169 -45.02 -33.38 16.80
C ILE L 169 -44.56 -34.28 15.64
N SER L 170 -45.51 -34.77 14.85
CA SER L 170 -45.25 -35.32 13.51
C SER L 170 -45.83 -34.34 12.49
N VAL L 171 -45.11 -34.11 11.40
CA VAL L 171 -45.56 -33.17 10.32
C VAL L 171 -45.80 -34.04 9.09
N ASP L 172 -47.00 -34.03 8.55
CA ASP L 172 -47.38 -34.86 7.39
C ASP L 172 -47.92 -33.93 6.31
N PRO L 173 -47.53 -34.12 5.03
CA PRO L 173 -48.15 -33.37 3.94
C PRO L 173 -49.56 -33.90 3.72
N THR L 174 -50.50 -33.06 3.30
CA THR L 174 -51.91 -33.52 3.01
C THR L 174 -51.96 -34.50 1.83
N ASP L 179 -55.07 -29.69 -7.72
CA ASP L 179 -54.35 -29.02 -8.83
C ASP L 179 -53.56 -27.81 -8.32
N ASP L 180 -52.26 -27.83 -8.54
CA ASP L 180 -51.23 -26.90 -7.97
C ASP L 180 -51.60 -25.45 -8.29
N SER L 181 -52.09 -25.17 -9.50
CA SER L 181 -52.34 -23.80 -10.00
C SER L 181 -53.80 -23.42 -9.83
N GLU L 182 -54.58 -24.11 -9.00
CA GLU L 182 -55.95 -23.65 -8.62
C GLU L 182 -55.88 -22.30 -7.88
N TYR L 183 -54.82 -22.04 -7.14
CA TYR L 183 -54.66 -20.90 -6.20
C TYR L 183 -53.71 -19.83 -6.80
N PHE L 184 -52.89 -20.21 -7.76
CA PHE L 184 -51.75 -19.40 -8.24
C PHE L 184 -52.29 -18.26 -9.10
N SER L 185 -51.72 -17.07 -8.94
CA SER L 185 -52.14 -15.85 -9.66
C SER L 185 -51.81 -16.02 -11.16
N GLN L 186 -52.81 -15.82 -12.01
CA GLN L 186 -52.64 -15.83 -13.48
C GLN L 186 -51.75 -14.65 -13.91
N TYR L 187 -51.58 -13.63 -13.05
CA TYR L 187 -50.91 -12.37 -13.41
C TYR L 187 -49.44 -12.38 -13.01
N SER L 188 -48.95 -13.45 -12.36
CA SER L 188 -47.52 -13.62 -12.02
C SER L 188 -46.69 -13.63 -13.31
N ARG L 189 -45.46 -13.10 -13.27
CA ARG L 189 -44.43 -13.26 -14.33
C ARG L 189 -44.02 -14.73 -14.43
N PHE L 190 -44.28 -15.51 -13.38
CA PHE L 190 -43.85 -16.93 -13.30
C PHE L 190 -45.07 -17.83 -13.44
N GLU L 191 -44.83 -19.10 -13.74
CA GLU L 191 -45.87 -20.15 -13.77
C GLU L 191 -45.31 -21.38 -13.05
N ILE L 192 -46.21 -22.14 -12.47
CA ILE L 192 -45.87 -23.35 -11.66
C ILE L 192 -45.98 -24.56 -12.59
N LEU L 193 -44.90 -25.33 -12.70
CA LEU L 193 -44.85 -26.59 -13.48
C LEU L 193 -45.29 -27.73 -12.57
N ASP L 194 -44.81 -27.76 -11.33
CA ASP L 194 -45.15 -28.82 -10.35
C ASP L 194 -44.84 -28.37 -8.91
N VAL L 195 -45.66 -28.84 -7.97
CA VAL L 195 -45.41 -28.71 -6.52
C VAL L 195 -45.51 -30.11 -5.92
N THR L 196 -44.42 -30.62 -5.35
CA THR L 196 -44.44 -31.90 -4.60
C THR L 196 -44.12 -31.58 -3.13
N GLN L 197 -44.82 -32.23 -2.23
CA GLN L 197 -44.71 -32.03 -0.76
C GLN L 197 -44.48 -33.41 -0.16
N LYS L 198 -43.30 -33.63 0.39
CA LYS L 198 -42.88 -34.97 0.90
C LYS L 198 -42.39 -34.82 2.33
N LYS L 199 -42.73 -35.80 3.17
CA LYS L 199 -42.25 -35.90 4.55
C LYS L 199 -40.74 -36.19 4.52
N ASN L 200 -40.00 -35.57 5.43
CA ASN L 200 -38.59 -35.91 5.71
C ASN L 200 -38.37 -35.79 7.22
N SER L 201 -37.26 -36.35 7.67
CA SER L 201 -36.80 -36.25 9.09
C SER L 201 -35.32 -35.92 9.10
N VAL L 202 -34.93 -34.91 9.84
CA VAL L 202 -33.54 -34.34 9.79
C VAL L 202 -32.98 -34.43 11.20
N THR L 203 -31.74 -34.89 11.29
CA THR L 203 -30.96 -35.01 12.55
C THR L 203 -29.69 -34.17 12.38
N TYR L 204 -29.38 -33.34 13.38
CA TYR L 204 -28.16 -32.50 13.44
C TYR L 204 -27.29 -32.99 14.59
N SER L 205 -25.99 -32.72 14.51
CA SER L 205 -24.95 -33.04 15.52
C SER L 205 -25.29 -32.42 16.89
N CYS L 206 -26.00 -31.28 16.92
CA CYS L 206 -26.40 -30.55 18.16
C CYS L 206 -27.26 -31.45 19.06
N CYS L 207 -28.12 -32.27 18.46
CA CYS L 207 -29.38 -32.75 19.05
C CYS L 207 -29.53 -34.23 18.72
N PRO L 208 -29.64 -35.14 19.72
CA PRO L 208 -29.88 -36.56 19.45
C PRO L 208 -31.26 -36.92 18.85
N GLU L 209 -32.19 -35.97 18.82
CA GLU L 209 -33.59 -36.19 18.39
C GLU L 209 -33.73 -35.86 16.90
N ALA L 210 -34.66 -36.54 16.24
CA ALA L 210 -35.07 -36.31 14.84
C ALA L 210 -36.21 -35.29 14.80
N TYR L 211 -36.11 -34.32 13.89
CA TYR L 211 -37.13 -33.28 13.63
C TYR L 211 -37.82 -33.57 12.30
N GLU L 212 -39.13 -33.82 12.36
CA GLU L 212 -39.95 -34.06 11.16
C GLU L 212 -40.16 -32.72 10.44
N ASP L 213 -40.07 -32.74 9.12
CA ASP L 213 -40.38 -31.58 8.26
C ASP L 213 -41.18 -32.05 7.05
N VAL L 214 -41.83 -31.11 6.39
CA VAL L 214 -42.38 -31.29 5.02
C VAL L 214 -41.43 -30.53 4.10
N GLU L 215 -40.92 -31.21 3.08
CA GLU L 215 -40.10 -30.63 2.00
C GLU L 215 -41.04 -30.29 0.85
N VAL L 216 -41.15 -29.01 0.51
CA VAL L 216 -42.03 -28.52 -0.58
C VAL L 216 -41.14 -28.14 -1.75
N SER L 217 -41.24 -28.88 -2.85
CA SER L 217 -40.44 -28.66 -4.09
C SER L 217 -41.30 -27.84 -5.05
N LEU L 218 -40.95 -26.58 -5.22
CA LEU L 218 -41.64 -25.63 -6.13
C LEU L 218 -40.89 -25.62 -7.46
N ASN L 219 -41.40 -26.36 -8.45
CA ASN L 219 -40.86 -26.37 -9.82
C ASN L 219 -41.62 -25.31 -10.62
N PHE L 220 -40.94 -24.23 -10.97
CA PHE L 220 -41.55 -23.03 -11.60
C PHE L 220 -40.57 -22.45 -12.62
N ARG L 221 -41.06 -21.57 -13.50
CA ARG L 221 -40.21 -20.88 -14.52
C ARG L 221 -40.82 -19.53 -14.88
N LYS L 222 -39.98 -18.63 -15.41
CA LYS L 222 -40.41 -17.34 -15.99
C LYS L 222 -41.27 -17.65 -17.23
N LYS L 223 -42.29 -16.83 -17.50
CA LYS L 223 -43.13 -16.94 -18.71
C LYS L 223 -42.39 -16.31 -19.91
N GLY L 224 -42.63 -16.87 -21.11
CA GLY L 224 -42.27 -16.27 -22.41
C GLY L 224 -43.01 -14.95 -22.65
N LEU M 20 -46.06 -35.99 36.81
CA LEU M 20 -46.43 -34.64 36.32
C LEU M 20 -46.64 -34.73 34.81
N ASP M 21 -47.63 -34.00 34.27
CA ASP M 21 -47.82 -33.87 32.80
C ASP M 21 -47.31 -32.49 32.35
N ARG M 22 -47.27 -32.29 31.04
CA ARG M 22 -46.76 -31.05 30.39
C ARG M 22 -47.50 -29.83 30.95
N ALA M 23 -48.84 -29.91 31.05
CA ALA M 23 -49.70 -28.80 31.46
C ALA M 23 -49.26 -28.31 32.85
N ASP M 24 -48.99 -29.23 33.77
CA ASP M 24 -48.61 -28.91 35.19
C ASP M 24 -47.22 -28.26 35.19
N ILE M 25 -46.27 -28.82 34.47
CA ILE M 25 -44.87 -28.30 34.41
C ILE M 25 -44.90 -26.87 33.87
N LEU M 26 -45.62 -26.65 32.77
CA LEU M 26 -45.70 -25.32 32.11
C LEU M 26 -46.46 -24.33 33.00
N TYR M 27 -47.47 -24.79 33.72
CA TYR M 27 -48.18 -23.96 34.74
C TYR M 27 -47.19 -23.53 35.82
N ASN M 28 -46.46 -24.48 36.39
CA ASN M 28 -45.48 -24.23 37.48
C ASN M 28 -44.42 -23.22 37.00
N ILE M 29 -43.88 -23.42 35.80
CA ILE M 29 -42.85 -22.51 35.22
C ILE M 29 -43.48 -21.13 35.03
N ARG M 30 -44.66 -21.03 34.42
CA ARG M 30 -45.30 -19.71 34.16
C ARG M 30 -45.53 -18.99 35.52
N GLN M 31 -45.95 -19.71 36.55
CA GLN M 31 -46.37 -19.08 37.83
C GLN M 31 -45.18 -18.65 38.68
N THR M 32 -44.01 -19.30 38.57
CA THR M 32 -42.88 -19.11 39.51
C THR M 32 -41.60 -18.66 38.79
N SER M 33 -41.64 -18.62 37.45
CA SER M 33 -40.53 -18.16 36.63
C SER M 33 -40.54 -16.65 36.89
N ARG M 34 -39.40 -16.19 37.30
CA ARG M 34 -38.96 -14.79 37.53
C ARG M 34 -38.03 -14.46 36.37
N PRO M 35 -38.58 -14.11 35.18
CA PRO M 35 -37.78 -13.86 33.99
C PRO M 35 -36.75 -12.74 34.10
N ASP M 36 -36.91 -11.84 35.07
CA ASP M 36 -35.99 -10.67 35.26
C ASP M 36 -34.84 -11.08 36.20
N VAL M 37 -34.85 -12.29 36.76
CA VAL M 37 -33.88 -12.71 37.83
C VAL M 37 -32.89 -13.72 37.26
N ILE M 38 -31.66 -13.31 37.07
CA ILE M 38 -30.54 -14.20 36.68
C ILE M 38 -30.46 -15.32 37.72
N PRO M 39 -30.50 -16.61 37.32
CA PRO M 39 -30.55 -17.71 38.28
C PRO M 39 -29.19 -18.11 38.85
N THR M 40 -28.48 -17.17 39.48
CA THR M 40 -27.19 -17.42 40.15
C THR M 40 -27.40 -18.39 41.30
N GLN M 41 -26.51 -19.36 41.46
CA GLN M 41 -26.54 -20.34 42.57
C GLN M 41 -25.35 -20.00 43.49
N ARG M 42 -25.63 -19.89 44.79
CA ARG M 42 -24.62 -19.57 45.84
C ARG M 42 -23.59 -18.57 45.31
N ASP M 43 -24.03 -17.46 44.72
CA ASP M 43 -23.17 -16.30 44.33
C ASP M 43 -22.12 -16.72 43.30
N ARG M 44 -22.35 -17.79 42.55
CA ARG M 44 -21.44 -18.23 41.45
C ARG M 44 -22.08 -17.82 40.13
N PRO M 45 -21.31 -17.42 39.11
CA PRO M 45 -21.90 -16.89 37.89
C PRO M 45 -22.70 -17.98 37.17
N VAL M 46 -23.70 -17.57 36.39
CA VAL M 46 -24.43 -18.50 35.48
C VAL M 46 -23.51 -18.74 34.29
N ALA M 47 -23.17 -19.99 34.04
CA ALA M 47 -22.34 -20.42 32.89
C ALA M 47 -23.25 -20.52 31.66
N VAL M 48 -23.07 -19.60 30.71
CA VAL M 48 -23.82 -19.57 29.43
C VAL M 48 -22.89 -20.08 28.33
N SER M 49 -23.28 -21.14 27.63
CA SER M 49 -22.60 -21.64 26.42
C SER M 49 -23.24 -21.02 25.19
N VAL M 50 -22.41 -20.50 24.28
CA VAL M 50 -22.84 -19.85 23.02
C VAL M 50 -22.03 -20.45 21.88
N SER M 51 -22.70 -20.85 20.82
CA SER M 51 -22.08 -21.34 19.57
C SER M 51 -22.96 -20.91 18.40
N LEU M 52 -22.39 -20.18 17.43
CA LEU M 52 -23.09 -19.80 16.19
C LEU M 52 -22.93 -20.90 15.15
N LYS M 53 -24.05 -21.38 14.61
CA LYS M 53 -24.11 -22.29 13.44
C LYS M 53 -24.52 -21.44 12.24
N PHE M 54 -23.58 -21.16 11.33
CA PHE M 54 -23.86 -20.31 10.16
C PHE M 54 -24.72 -21.10 9.19
N ILE M 55 -25.79 -20.48 8.70
CA ILE M 55 -26.76 -21.09 7.76
C ILE M 55 -26.58 -20.45 6.39
N ASN M 56 -26.32 -19.15 6.35
CA ASN M 56 -26.23 -18.42 5.06
C ASN M 56 -25.42 -17.14 5.25
N ILE M 57 -24.74 -16.75 4.17
CA ILE M 57 -24.13 -15.42 3.97
C ILE M 57 -24.84 -14.81 2.76
N LEU M 58 -25.65 -13.78 2.98
CA LEU M 58 -26.64 -13.26 2.00
C LEU M 58 -26.04 -12.13 1.19
N GLU M 59 -25.25 -11.30 1.83
CA GLU M 59 -24.68 -10.08 1.19
C GLU M 59 -23.36 -9.75 1.88
N VAL M 60 -22.41 -9.32 1.07
CA VAL M 60 -21.03 -8.98 1.50
C VAL M 60 -20.63 -7.73 0.73
N ASN M 61 -20.00 -6.78 1.38
CA ASN M 61 -19.54 -5.53 0.73
C ASN M 61 -18.11 -5.25 1.18
N GLU M 62 -17.15 -5.46 0.28
CA GLU M 62 -15.70 -5.35 0.55
C GLU M 62 -15.35 -3.86 0.74
N ILE M 63 -16.11 -2.96 0.10
CA ILE M 63 -15.92 -1.49 0.21
C ILE M 63 -16.30 -1.03 1.63
N THR M 64 -17.50 -1.38 2.11
CA THR M 64 -18.06 -0.90 3.41
C THR M 64 -17.65 -1.81 4.56
N ASN M 65 -17.12 -3.01 4.28
CA ASN M 65 -16.75 -4.01 5.32
C ASN M 65 -18.01 -4.36 6.13
N GLU M 66 -19.07 -4.77 5.43
CA GLU M 66 -20.37 -5.19 6.03
C GLU M 66 -20.74 -6.56 5.48
N VAL M 67 -21.23 -7.44 6.34
CA VAL M 67 -21.80 -8.76 5.96
C VAL M 67 -23.22 -8.85 6.52
N ASP M 68 -24.10 -9.51 5.76
CA ASP M 68 -25.48 -9.87 6.14
C ASP M 68 -25.52 -11.39 6.23
N VAL M 69 -25.74 -11.93 7.42
CA VAL M 69 -25.58 -13.37 7.72
C VAL M 69 -26.83 -13.90 8.45
N VAL M 70 -27.11 -15.19 8.28
CA VAL M 70 -28.13 -15.97 9.03
C VAL M 70 -27.38 -17.05 9.81
N PHE M 71 -27.60 -17.12 11.11
CA PHE M 71 -26.99 -18.14 12.00
C PHE M 71 -28.00 -18.59 13.06
N TRP M 72 -27.84 -19.82 13.53
CA TRP M 72 -28.52 -20.33 14.74
C TRP M 72 -27.61 -20.04 15.92
N GLN M 73 -28.12 -19.29 16.90
CA GLN M 73 -27.37 -18.90 18.12
C GLN M 73 -27.66 -19.91 19.22
N GLN M 74 -26.99 -21.06 19.18
CA GLN M 74 -27.16 -22.15 20.18
C GLN M 74 -26.69 -21.61 21.53
N THR M 75 -27.62 -21.49 22.48
CA THR M 75 -27.42 -20.90 23.82
C THR M 75 -27.92 -21.90 24.84
N THR M 76 -27.09 -22.23 25.83
CA THR M 76 -27.45 -23.19 26.91
C THR M 76 -26.98 -22.61 28.24
N TRP M 77 -27.74 -22.89 29.28
CA TRP M 77 -27.44 -22.50 30.67
C TRP M 77 -28.35 -23.31 31.57
N SER M 78 -28.10 -23.25 32.87
CA SER M 78 -28.87 -24.00 33.88
C SER M 78 -29.68 -22.99 34.70
N ASP M 79 -30.96 -23.28 34.91
CA ASP M 79 -31.83 -22.55 35.86
C ASP M 79 -32.52 -23.62 36.71
N ARG M 80 -32.02 -23.86 37.92
CA ARG M 80 -32.47 -24.94 38.82
C ARG M 80 -33.90 -24.67 39.29
N THR M 81 -34.38 -23.42 39.26
CA THR M 81 -35.76 -23.07 39.68
C THR M 81 -36.78 -23.66 38.69
N LEU M 82 -36.36 -24.08 37.49
CA LEU M 82 -37.26 -24.70 36.48
C LEU M 82 -37.37 -26.22 36.70
N ALA M 83 -36.48 -26.82 37.48
CA ALA M 83 -36.28 -28.28 37.56
C ALA M 83 -37.53 -28.96 38.11
N TRP M 84 -37.82 -30.18 37.66
CA TRP M 84 -38.92 -31.01 38.20
C TRP M 84 -38.46 -32.48 38.25
N ASN M 85 -39.15 -33.30 39.03
CA ASN M 85 -38.94 -34.76 39.15
C ASN M 85 -39.37 -35.43 37.84
N SER M 86 -38.43 -36.00 37.08
CA SER M 86 -38.65 -36.58 35.73
C SER M 86 -39.35 -37.95 35.81
N SER M 87 -39.41 -38.58 36.98
CA SER M 87 -40.07 -39.91 37.16
C SER M 87 -41.55 -39.78 36.74
N HIS M 88 -41.97 -40.57 35.76
CA HIS M 88 -43.35 -40.59 35.18
C HIS M 88 -43.75 -39.19 34.70
N SER M 89 -42.80 -38.44 34.14
CA SER M 89 -43.01 -37.07 33.60
C SER M 89 -42.21 -36.91 32.31
N PRO M 90 -42.54 -35.90 31.47
CA PRO M 90 -41.68 -35.53 30.35
C PRO M 90 -40.25 -35.22 30.81
N ASP M 91 -39.26 -35.52 29.98
CA ASP M 91 -37.84 -35.17 30.23
C ASP M 91 -37.60 -33.69 29.84
N GLN M 92 -38.40 -33.16 28.91
CA GLN M 92 -38.24 -31.81 28.33
C GLN M 92 -39.61 -31.20 28.00
N VAL M 93 -39.72 -29.87 28.07
CA VAL M 93 -40.89 -29.11 27.56
C VAL M 93 -40.39 -27.91 26.75
N SER M 94 -41.24 -27.43 25.86
CA SER M 94 -41.06 -26.18 25.10
C SER M 94 -41.73 -25.04 25.88
N VAL M 95 -40.98 -23.98 26.15
CA VAL M 95 -41.43 -22.84 26.99
C VAL M 95 -41.21 -21.55 26.21
N PRO M 96 -42.21 -20.64 26.13
CA PRO M 96 -41.99 -19.33 25.52
C PRO M 96 -40.93 -18.59 26.34
N ILE M 97 -40.01 -17.90 25.69
CA ILE M 97 -38.86 -17.22 26.38
C ILE M 97 -39.38 -16.09 27.28
N SER M 98 -40.57 -15.56 27.02
CA SER M 98 -41.23 -14.55 27.89
C SER M 98 -41.45 -15.13 29.29
N SER M 99 -41.50 -16.45 29.44
CA SER M 99 -41.70 -17.13 30.74
C SER M 99 -40.37 -17.55 31.39
N LEU M 100 -39.21 -17.20 30.83
CA LEU M 100 -37.89 -17.64 31.36
C LEU M 100 -36.95 -16.44 31.48
N TRP M 101 -36.02 -16.52 32.42
CA TRP M 101 -34.80 -15.69 32.33
C TRP M 101 -34.01 -16.19 31.12
N VAL M 102 -33.54 -15.25 30.30
CA VAL M 102 -32.71 -15.53 29.11
C VAL M 102 -31.50 -14.59 29.19
N PRO M 103 -30.29 -15.07 28.84
CA PRO M 103 -29.12 -14.19 28.82
C PRO M 103 -29.37 -13.01 27.85
N ASP M 104 -28.98 -11.81 28.28
CA ASP M 104 -29.08 -10.55 27.51
C ASP M 104 -27.89 -10.47 26.53
N LEU M 105 -27.78 -11.44 25.63
CA LEU M 105 -26.65 -11.48 24.66
C LEU M 105 -26.86 -10.41 23.59
N ALA M 106 -25.77 -9.77 23.18
CA ALA M 106 -25.74 -8.82 22.05
C ALA M 106 -24.43 -9.00 21.28
N ALA M 107 -24.50 -8.77 19.97
CA ALA M 107 -23.32 -8.73 19.08
C ALA M 107 -22.76 -7.31 19.12
N TYR M 108 -21.56 -7.14 19.68
CA TYR M 108 -20.92 -5.83 19.94
C TYR M 108 -20.64 -5.11 18.62
N ASN M 109 -20.49 -5.81 17.51
CA ASN M 109 -20.17 -5.18 16.19
C ASN M 109 -21.36 -5.34 15.22
N ALA M 110 -22.58 -5.58 15.73
CA ALA M 110 -23.80 -5.58 14.91
C ALA M 110 -24.12 -4.15 14.45
N ILE M 111 -24.62 -4.01 13.22
CA ILE M 111 -25.06 -2.70 12.66
C ILE M 111 -26.54 -2.78 12.27
N SER M 112 -27.23 -3.86 12.63
CA SER M 112 -28.71 -4.00 12.50
C SER M 112 -29.24 -4.74 13.73
N LYS M 113 -30.52 -4.56 14.02
CA LYS M 113 -31.23 -5.30 15.09
C LYS M 113 -31.21 -6.77 14.72
N PRO M 114 -31.04 -7.71 15.66
CA PRO M 114 -31.19 -9.12 15.34
C PRO M 114 -32.64 -9.37 14.87
N GLU M 115 -32.81 -9.90 13.67
CA GLU M 115 -34.12 -10.32 13.10
C GLU M 115 -34.28 -11.81 13.43
N VAL M 116 -35.13 -12.14 14.41
CA VAL M 116 -35.36 -13.54 14.86
C VAL M 116 -36.37 -14.15 13.89
N LEU M 117 -36.00 -15.24 13.22
CA LEU M 117 -36.78 -15.84 12.11
C LEU M 117 -37.67 -16.97 12.66
N THR M 118 -37.45 -17.39 13.90
CA THR M 118 -38.03 -18.64 14.45
C THR M 118 -38.94 -18.33 15.63
N PRO M 119 -39.86 -19.27 15.95
CA PRO M 119 -40.67 -19.17 17.16
C PRO M 119 -39.78 -18.98 18.40
N GLN M 120 -40.18 -18.06 19.27
CA GLN M 120 -39.44 -17.63 20.48
C GLN M 120 -39.74 -18.61 21.61
N LEU M 121 -39.40 -19.88 21.42
CA LEU M 121 -39.53 -20.97 22.42
C LEU M 121 -38.15 -21.49 22.75
N ALA M 122 -37.92 -21.86 24.00
CA ALA M 122 -36.72 -22.60 24.45
C ALA M 122 -37.15 -23.99 24.92
N ARG M 123 -36.20 -24.92 24.91
CA ARG M 123 -36.36 -26.28 25.46
C ARG M 123 -35.84 -26.28 26.89
N VAL M 124 -36.65 -26.73 27.84
CA VAL M 124 -36.24 -26.86 29.27
C VAL M 124 -36.22 -28.35 29.60
N VAL M 125 -35.06 -28.84 30.09
CA VAL M 125 -34.88 -30.24 30.55
C VAL M 125 -35.26 -30.28 32.03
N SER M 126 -35.70 -31.45 32.51
CA SER M 126 -36.20 -31.66 33.91
C SER M 126 -35.16 -31.26 34.95
N ASP M 127 -33.87 -31.27 34.60
CA ASP M 127 -32.77 -30.86 35.54
C ASP M 127 -32.58 -29.34 35.52
N GLY M 128 -33.32 -28.60 34.69
CA GLY M 128 -33.27 -27.12 34.66
C GLY M 128 -32.30 -26.59 33.62
N GLU M 129 -31.73 -27.46 32.80
CA GLU M 129 -30.93 -27.02 31.63
C GLU M 129 -31.89 -26.42 30.60
N VAL M 130 -31.53 -25.25 30.07
CA VAL M 130 -32.31 -24.54 29.02
C VAL M 130 -31.50 -24.57 27.73
N LEU M 131 -32.14 -24.92 26.63
CA LEU M 131 -31.59 -24.81 25.26
C LEU M 131 -32.44 -23.80 24.48
N TYR M 132 -31.86 -22.64 24.15
CA TYR M 132 -32.50 -21.61 23.31
C TYR M 132 -31.62 -21.44 22.08
N MET M 133 -32.19 -21.68 20.90
CA MET M 133 -31.45 -21.61 19.61
C MET M 133 -32.29 -20.86 18.59
N PRO M 134 -32.34 -19.53 18.66
CA PRO M 134 -33.04 -18.77 17.62
C PRO M 134 -32.22 -18.73 16.33
N SER M 135 -32.91 -18.74 15.19
CA SER M 135 -32.33 -18.38 13.88
C SER M 135 -32.39 -16.87 13.75
N ILE M 136 -31.24 -16.25 13.56
CA ILE M 136 -31.09 -14.77 13.53
C ILE M 136 -30.47 -14.36 12.20
N ARG M 137 -31.08 -13.38 11.55
CA ARG M 137 -30.46 -12.63 10.43
C ARG M 137 -30.01 -11.29 10.98
N GLN M 138 -28.75 -10.93 10.75
CA GLN M 138 -28.15 -9.70 11.32
C GLN M 138 -26.98 -9.25 10.43
N ARG M 139 -26.73 -7.94 10.38
CA ARG M 139 -25.65 -7.30 9.59
C ARG M 139 -24.53 -6.91 10.57
N PHE M 140 -23.27 -7.12 10.18
CA PHE M 140 -22.08 -6.83 11.01
C PHE M 140 -21.08 -5.97 10.24
N SER M 141 -20.36 -5.14 11.00
CA SER M 141 -19.12 -4.45 10.59
C SER M 141 -17.95 -5.36 10.96
N CYS M 142 -17.26 -5.88 9.94
CA CYS M 142 -16.11 -6.79 10.15
C CYS M 142 -15.25 -6.83 8.88
N ASP M 143 -14.08 -7.48 8.97
CA ASP M 143 -13.06 -7.52 7.91
C ASP M 143 -13.54 -8.41 6.76
N VAL M 144 -13.96 -7.80 5.66
CA VAL M 144 -14.43 -8.50 4.43
C VAL M 144 -13.27 -8.60 3.41
N SER M 145 -12.13 -7.96 3.68
CA SER M 145 -10.96 -7.94 2.76
C SER M 145 -10.52 -9.38 2.46
N GLY M 146 -10.33 -9.70 1.18
CA GLY M 146 -9.81 -11.01 0.72
C GLY M 146 -10.91 -12.02 0.49
N VAL M 147 -12.16 -11.57 0.40
CA VAL M 147 -13.34 -12.46 0.22
C VAL M 147 -13.25 -13.19 -1.13
N ASP M 148 -12.65 -12.57 -2.15
CA ASP M 148 -12.56 -13.11 -3.52
C ASP M 148 -11.25 -13.90 -3.73
N THR M 149 -10.42 -14.03 -2.69
CA THR M 149 -9.16 -14.80 -2.73
C THR M 149 -9.40 -16.23 -2.24
N GLU M 150 -8.37 -17.07 -2.30
CA GLU M 150 -8.43 -18.50 -1.91
C GLU M 150 -8.35 -18.61 -0.39
N SER M 151 -7.55 -17.77 0.27
CA SER M 151 -7.45 -17.66 1.75
C SER M 151 -8.78 -17.15 2.34
N GLY M 152 -9.51 -16.31 1.59
CA GLY M 152 -10.84 -15.79 1.96
C GLY M 152 -10.77 -14.67 2.98
N ALA M 153 -11.91 -14.08 3.33
CA ALA M 153 -12.05 -13.08 4.41
C ALA M 153 -12.17 -13.80 5.76
N THR M 154 -11.72 -13.15 6.83
CA THR M 154 -11.99 -13.56 8.23
C THR M 154 -12.79 -12.44 8.90
N CYS M 155 -14.09 -12.66 9.08
CA CYS M 155 -15.06 -11.73 9.73
C CYS M 155 -15.24 -12.16 11.19
N ARG M 156 -14.85 -11.30 12.14
CA ARG M 156 -14.93 -11.57 13.61
C ARG M 156 -16.24 -10.96 14.14
N ILE M 157 -17.08 -11.79 14.76
CA ILE M 157 -18.36 -11.39 15.42
C ILE M 157 -18.18 -11.62 16.91
N LYS M 158 -18.39 -10.59 17.74
CA LYS M 158 -18.22 -10.64 19.21
C LYS M 158 -19.60 -10.64 19.88
N ILE M 159 -19.90 -11.68 20.65
CA ILE M 159 -21.22 -11.84 21.34
C ILE M 159 -20.98 -12.02 22.83
N GLY M 160 -21.60 -11.17 23.65
CA GLY M 160 -21.59 -11.30 25.13
C GLY M 160 -22.79 -10.66 25.77
N SER M 161 -22.89 -10.79 27.08
CA SER M 161 -23.93 -10.15 27.91
C SER M 161 -23.80 -8.65 27.76
N TRP M 162 -24.92 -7.95 27.58
CA TRP M 162 -24.91 -6.48 27.50
C TRP M 162 -24.73 -5.87 28.90
N THR M 163 -25.28 -6.46 29.96
CA THR M 163 -25.35 -5.79 31.28
C THR M 163 -24.79 -6.65 32.42
N HIS M 164 -24.51 -7.93 32.19
CA HIS M 164 -23.99 -8.84 33.25
C HIS M 164 -22.49 -9.06 33.11
N HIS M 165 -21.72 -8.69 34.13
CA HIS M 165 -20.26 -8.80 34.12
C HIS M 165 -19.87 -10.21 34.60
N SER M 166 -18.55 -10.50 34.61
CA SER M 166 -17.94 -11.82 34.83
C SER M 166 -18.40 -12.49 36.14
N ARG M 167 -18.79 -11.72 37.15
CA ARG M 167 -19.21 -12.29 38.45
C ARG M 167 -20.64 -12.84 38.36
N GLU M 168 -21.41 -12.51 37.32
CA GLU M 168 -22.84 -12.90 37.22
C GLU M 168 -23.04 -13.86 36.04
N ILE M 169 -22.42 -13.58 34.91
CA ILE M 169 -22.48 -14.44 33.71
C ILE M 169 -21.03 -14.73 33.26
N SER M 170 -20.73 -16.01 33.01
CA SER M 170 -19.55 -16.40 32.18
C SER M 170 -20.08 -16.93 30.84
N VAL M 171 -19.43 -16.57 29.75
CA VAL M 171 -19.81 -16.96 28.38
C VAL M 171 -18.70 -17.86 27.86
N ASP M 172 -19.00 -19.10 27.51
CA ASP M 172 -18.01 -20.10 27.07
C ASP M 172 -18.47 -20.58 25.70
N PRO M 173 -17.54 -20.74 24.73
CA PRO M 173 -17.87 -21.38 23.47
C PRO M 173 -18.04 -22.88 23.73
N THR M 174 -18.90 -23.56 22.98
CA THR M 174 -18.94 -25.04 22.85
C THR M 174 -17.63 -25.56 22.20
N THR M 175 -17.28 -26.79 22.51
CA THR M 175 -16.04 -27.47 22.06
C THR M 175 -16.04 -27.66 20.53
N ASP M 179 -17.88 -29.86 12.04
CA ASP M 179 -17.25 -29.71 10.71
C ASP M 179 -17.50 -28.29 10.15
N ASP M 180 -18.32 -27.50 10.82
CA ASP M 180 -18.70 -26.10 10.53
C ASP M 180 -19.84 -26.06 9.51
N SER M 181 -19.75 -26.81 8.41
CA SER M 181 -20.64 -26.63 7.23
C SER M 181 -21.73 -27.69 7.25
N GLU M 182 -22.00 -28.35 8.38
CA GLU M 182 -23.17 -29.26 8.50
C GLU M 182 -24.50 -28.51 8.28
N TYR M 183 -24.57 -27.23 8.63
CA TYR M 183 -25.77 -26.39 8.69
C TYR M 183 -25.82 -25.41 7.50
N PHE M 184 -24.70 -25.16 6.85
CA PHE M 184 -24.50 -24.07 5.88
C PHE M 184 -25.22 -24.44 4.59
N SER M 185 -25.91 -23.46 4.00
CA SER M 185 -26.70 -23.62 2.76
C SER M 185 -25.75 -23.93 1.59
N GLN M 186 -26.03 -25.02 0.87
CA GLN M 186 -25.32 -25.40 -0.36
C GLN M 186 -25.56 -24.36 -1.46
N TYR M 187 -26.60 -23.52 -1.34
CA TYR M 187 -27.04 -22.59 -2.40
C TYR M 187 -26.46 -21.19 -2.20
N SER M 188 -25.72 -20.96 -1.13
CA SER M 188 -24.98 -19.68 -0.90
C SER M 188 -23.99 -19.43 -2.04
N ARG M 189 -23.79 -18.16 -2.43
CA ARG M 189 -22.69 -17.73 -3.32
C ARG M 189 -21.35 -17.93 -2.62
N PHE M 190 -21.37 -18.06 -1.29
CA PHE M 190 -20.15 -18.16 -0.45
C PHE M 190 -20.02 -19.57 0.08
N GLU M 191 -18.81 -19.90 0.55
CA GLU M 191 -18.53 -21.17 1.25
C GLU M 191 -17.68 -20.85 2.47
N ILE M 192 -17.80 -21.67 3.49
CA ILE M 192 -17.09 -21.51 4.79
C ILE M 192 -15.83 -22.36 4.73
N LEU M 193 -14.68 -21.73 4.97
CA LEU M 193 -13.36 -22.40 5.06
C LEU M 193 -13.16 -22.86 6.51
N ASP M 194 -13.46 -22.00 7.48
CA ASP M 194 -13.26 -22.31 8.92
C ASP M 194 -14.10 -21.37 9.80
N VAL M 195 -14.56 -21.90 10.93
CA VAL M 195 -15.21 -21.11 12.01
C VAL M 195 -14.49 -21.46 13.31
N THR M 196 -13.85 -20.48 13.95
CA THR M 196 -13.23 -20.65 15.29
C THR M 196 -14.00 -19.75 16.27
N GLN M 197 -14.26 -20.25 17.46
CA GLN M 197 -15.07 -19.56 18.50
C GLN M 197 -14.22 -19.61 19.78
N LYS M 198 -13.72 -18.45 20.22
CA LYS M 198 -12.79 -18.35 21.38
C LYS M 198 -13.35 -17.37 22.40
N LYS M 199 -13.18 -17.68 23.68
CA LYS M 199 -13.55 -16.81 24.81
C LYS M 199 -12.64 -15.58 24.81
N ASN M 200 -13.20 -14.42 25.11
CA ASN M 200 -12.45 -13.18 25.40
C ASN M 200 -13.18 -12.43 26.51
N SER M 201 -12.62 -11.34 26.98
CA SER M 201 -13.14 -10.44 28.03
C SER M 201 -12.78 -9.02 27.65
N VAL M 202 -13.72 -8.09 27.72
CA VAL M 202 -13.53 -6.69 27.28
C VAL M 202 -13.83 -5.80 28.49
N THR M 203 -12.98 -4.81 28.72
CA THR M 203 -13.16 -3.71 29.69
C THR M 203 -13.04 -2.41 28.90
N TYR M 204 -13.93 -1.46 29.12
CA TYR M 204 -13.93 -0.13 28.44
C TYR M 204 -13.67 0.92 29.53
N SER M 205 -13.06 2.07 29.18
CA SER M 205 -12.78 3.20 30.10
C SER M 205 -14.09 3.76 30.70
N CYS M 206 -15.21 3.66 29.98
CA CYS M 206 -16.54 4.21 30.41
C CYS M 206 -17.02 3.45 31.67
N CYS M 207 -16.75 2.15 31.73
CA CYS M 207 -17.62 1.15 32.40
C CYS M 207 -16.76 0.14 33.19
N PRO M 208 -16.84 0.15 34.53
CA PRO M 208 -15.73 -0.34 35.37
C PRO M 208 -15.53 -1.86 35.39
N GLU M 209 -16.53 -2.64 34.92
CA GLU M 209 -16.50 -4.14 35.05
C GLU M 209 -15.92 -4.83 33.82
N ALA M 210 -15.54 -6.10 33.90
CA ALA M 210 -15.13 -6.93 32.75
C ALA M 210 -16.32 -7.75 32.20
N TYR M 211 -16.54 -7.72 30.91
CA TYR M 211 -17.64 -8.42 30.19
C TYR M 211 -17.07 -9.55 29.36
N GLU M 212 -17.50 -10.77 29.66
CA GLU M 212 -17.08 -11.98 28.89
C GLU M 212 -17.83 -11.98 27.56
N ASP M 213 -17.15 -12.34 26.48
CA ASP M 213 -17.74 -12.54 25.13
C ASP M 213 -17.17 -13.81 24.51
N VAL M 214 -17.83 -14.29 23.46
CA VAL M 214 -17.26 -15.28 22.52
C VAL M 214 -16.94 -14.51 21.25
N GLU M 215 -15.72 -14.64 20.77
CA GLU M 215 -15.25 -14.09 19.46
C GLU M 215 -15.39 -15.21 18.43
N VAL M 216 -16.23 -15.01 17.43
CA VAL M 216 -16.49 -16.01 16.35
C VAL M 216 -15.81 -15.52 15.09
N SER M 217 -14.79 -16.24 14.64
CA SER M 217 -14.01 -15.91 13.40
C SER M 217 -14.58 -16.74 12.25
N LEU M 218 -15.29 -16.07 11.34
CA LEU M 218 -15.91 -16.68 10.15
C LEU M 218 -14.94 -16.49 8.98
N ASN M 219 -14.18 -17.53 8.65
CA ASN M 219 -13.26 -17.56 7.48
C ASN M 219 -14.07 -18.15 6.31
N PHE M 220 -14.38 -17.31 5.32
CA PHE M 220 -15.28 -17.65 4.19
C PHE M 220 -14.76 -16.96 2.92
N ARG M 221 -15.23 -17.40 1.75
CA ARG M 221 -14.87 -16.80 0.45
C ARG M 221 -16.01 -16.99 -0.56
N LYS M 222 -16.03 -16.16 -1.60
CA LYS M 222 -16.93 -16.32 -2.78
C LYS M 222 -16.55 -17.62 -3.49
N LYS M 223 -17.53 -18.33 -4.05
CA LYS M 223 -17.30 -19.56 -4.86
C LYS M 223 -16.84 -19.16 -6.28
N LEU N 20 -29.81 -9.06 51.51
CA LEU N 20 -30.78 -9.17 50.39
C LEU N 20 -30.11 -9.89 49.23
N ASP N 21 -30.86 -10.71 48.50
CA ASP N 21 -30.37 -11.38 47.26
C ASP N 21 -30.96 -10.66 46.04
N ARG N 22 -30.50 -11.03 44.84
CA ARG N 22 -30.92 -10.42 43.55
C ARG N 22 -32.43 -10.51 43.39
N ALA N 23 -33.01 -11.67 43.69
CA ALA N 23 -34.45 -11.94 43.50
C ALA N 23 -35.27 -10.91 44.30
N ASP N 24 -34.88 -10.63 45.55
CA ASP N 24 -35.60 -9.69 46.45
C ASP N 24 -35.48 -8.26 45.91
N ILE N 25 -34.27 -7.85 45.52
CA ILE N 25 -34.01 -6.48 44.99
C ILE N 25 -34.86 -6.26 43.74
N LEU N 26 -34.85 -7.22 42.81
CA LEU N 26 -35.59 -7.11 41.54
C LEU N 26 -37.08 -7.16 41.78
N TYR N 27 -37.54 -7.95 42.76
CA TYR N 27 -38.96 -7.96 43.19
C TYR N 27 -39.35 -6.57 43.70
N ASN N 28 -38.57 -6.02 44.61
CA ASN N 28 -38.83 -4.68 45.23
C ASN N 28 -38.90 -3.61 44.14
N ILE N 29 -37.94 -3.61 43.22
CA ILE N 29 -37.90 -2.61 42.12
C ILE N 29 -39.14 -2.80 41.23
N ARG N 30 -39.45 -4.03 40.82
CA ARG N 30 -40.62 -4.30 39.93
C ARG N 30 -41.90 -3.82 40.64
N GLN N 31 -42.04 -4.06 41.93
CA GLN N 31 -43.31 -3.80 42.67
C GLN N 31 -43.52 -2.31 42.96
N THR N 32 -42.45 -1.53 43.11
N THR N 32 -42.45 -1.51 43.11
CA THR N 32 -42.54 -0.13 43.62
CA THR N 32 -42.53 -0.12 43.63
C THR N 32 -41.97 0.90 42.62
C THR N 32 -41.92 0.90 42.68
N SER N 33 -41.40 0.41 41.53
N SER N 33 -41.41 0.49 41.51
CA SER N 33 -41.21 1.03 40.21
CA SER N 33 -40.55 1.35 40.63
C SER N 33 -42.46 1.82 39.85
C SER N 33 -41.07 2.76 40.19
N ARG N 34 -42.22 3.12 39.83
N ARG N 34 -42.35 2.91 39.82
CA ARG N 34 -43.07 4.20 39.23
CA ARG N 34 -43.01 4.15 39.25
C ARG N 34 -42.32 4.69 37.99
C ARG N 34 -42.29 4.68 38.00
N PRO N 35 -42.31 3.93 36.88
CA PRO N 35 -41.56 4.32 35.69
C PRO N 35 -41.99 5.63 35.03
N ASP N 36 -43.19 6.12 35.34
CA ASP N 36 -43.77 7.36 34.79
C ASP N 36 -43.38 8.56 35.65
N VAL N 37 -42.69 8.35 36.78
CA VAL N 37 -42.40 9.42 37.77
C VAL N 37 -40.91 9.77 37.74
N ILE N 38 -40.59 10.95 37.19
CA ILE N 38 -39.22 11.53 37.23
C ILE N 38 -38.81 11.59 38.70
N PRO N 39 -37.65 11.03 39.09
CA PRO N 39 -37.23 11.01 40.49
C PRO N 39 -36.57 12.33 40.95
N THR N 40 -37.26 13.47 40.81
CA THR N 40 -36.78 14.77 41.32
C THR N 40 -36.79 14.66 42.87
N GLN N 41 -35.80 15.25 43.54
CA GLN N 41 -35.97 15.84 44.94
C GLN N 41 -36.25 17.35 44.85
N ARG N 42 -37.13 17.91 45.65
CA ARG N 42 -37.56 19.32 45.63
C ARG N 42 -36.43 20.25 45.14
N ASP N 43 -35.25 20.18 45.79
CA ASP N 43 -34.21 21.24 45.52
C ASP N 43 -33.60 21.06 44.14
N ARG N 44 -33.83 19.94 43.42
CA ARG N 44 -32.92 19.43 42.33
C ARG N 44 -33.76 18.96 41.10
N PRO N 45 -33.33 19.41 39.89
CA PRO N 45 -33.51 18.63 38.65
C PRO N 45 -32.79 17.29 38.78
N VAL N 46 -33.24 16.30 38.02
CA VAL N 46 -32.49 15.03 37.82
C VAL N 46 -31.32 15.34 36.90
N ALA N 47 -30.10 15.11 37.37
CA ALA N 47 -28.85 15.33 36.62
C ALA N 47 -28.61 14.08 35.76
N VAL N 48 -28.78 14.22 34.45
CA VAL N 48 -28.58 13.13 33.47
C VAL N 48 -27.25 13.39 32.76
N SER N 49 -26.33 12.44 32.81
CA SER N 49 -25.08 12.45 32.01
C SER N 49 -25.32 11.67 30.73
N VAL N 50 -24.93 12.26 29.60
CA VAL N 50 -25.07 11.66 28.25
C VAL N 50 -23.72 11.79 27.55
N SER N 51 -23.26 10.69 26.98
CA SER N 51 -22.03 10.64 26.14
C SER N 51 -22.26 9.62 25.04
N LEU N 52 -22.11 10.05 23.79
CA LEU N 52 -22.21 9.13 22.61
C LEU N 52 -20.82 8.55 22.35
N LYS N 53 -20.73 7.21 22.27
CA LYS N 53 -19.55 6.46 21.82
C LYS N 53 -19.86 5.98 20.41
N PHE N 54 -19.24 6.59 19.40
CA PHE N 54 -19.50 6.23 17.99
C PHE N 54 -18.85 4.86 17.73
N ILE N 55 -19.61 3.97 17.11
CA ILE N 55 -19.16 2.58 16.79
C ILE N 55 -18.94 2.50 15.27
N ASN N 56 -19.80 3.14 14.50
CA ASN N 56 -19.74 3.02 13.03
C ASN N 56 -20.45 4.20 12.38
N ILE N 57 -19.97 4.57 11.20
CA ILE N 57 -20.65 5.49 10.24
C ILE N 57 -20.94 4.66 9.01
N LEU N 58 -22.21 4.38 8.72
CA LEU N 58 -22.63 3.34 7.75
C LEU N 58 -22.87 3.98 6.39
N GLU N 59 -23.43 5.18 6.37
CA GLU N 59 -23.83 5.87 5.12
C GLU N 59 -23.76 7.36 5.37
N VAL N 60 -23.30 8.08 4.35
CA VAL N 60 -23.08 9.55 4.36
C VAL N 60 -23.53 10.03 2.98
N ASN N 61 -24.25 11.16 2.93
CA ASN N 61 -24.73 11.74 1.66
C ASN N 61 -24.45 13.25 1.70
N GLU N 62 -23.44 13.69 0.95
CA GLU N 62 -22.97 15.09 0.93
C GLU N 62 -24.02 15.97 0.24
N ILE N 63 -24.81 15.38 -0.67
CA ILE N 63 -25.90 16.08 -1.41
C ILE N 63 -27.03 16.42 -0.43
N THR N 64 -27.54 15.42 0.30
CA THR N 64 -28.74 15.54 1.18
C THR N 64 -28.34 15.99 2.60
N ASN N 65 -27.05 15.94 2.95
CA ASN N 65 -26.55 16.28 4.31
C ASN N 65 -27.22 15.35 5.33
N GLU N 66 -27.11 14.05 5.09
CA GLU N 66 -27.67 12.98 5.97
C GLU N 66 -26.55 12.00 6.30
N VAL N 67 -26.49 11.57 7.57
CA VAL N 67 -25.57 10.49 8.03
C VAL N 67 -26.41 9.40 8.70
N ASP N 68 -25.98 8.15 8.53
CA ASP N 68 -26.52 6.96 9.20
C ASP N 68 -25.40 6.42 10.10
N VAL N 69 -25.63 6.45 11.41
CA VAL N 69 -24.56 6.20 12.43
C VAL N 69 -25.06 5.16 13.45
N VAL N 70 -24.12 4.41 14.02
CA VAL N 70 -24.33 3.52 15.19
C VAL N 70 -23.48 4.07 16.33
N PHE N 71 -24.11 4.31 17.48
CA PHE N 71 -23.43 4.81 18.70
C PHE N 71 -24.03 4.14 19.94
N TRP N 72 -23.21 4.03 20.98
CA TRP N 72 -23.66 3.68 22.35
C TRP N 72 -23.98 5.00 23.06
N GLN N 73 -25.23 5.14 23.52
CA GLN N 73 -25.72 6.34 24.21
C GLN N 73 -25.58 6.10 25.71
N GLN N 74 -24.37 6.30 26.24
CA GLN N 74 -24.08 6.14 27.68
C GLN N 74 -24.88 7.19 28.44
N THR N 75 -25.82 6.72 29.27
CA THR N 75 -26.79 7.57 30.02
C THR N 75 -26.71 7.15 31.47
N THR N 76 -26.50 8.10 32.38
CA THR N 76 -26.44 7.86 33.84
C THR N 76 -27.26 8.93 34.55
N TRP N 77 -27.87 8.54 35.65
CA TRP N 77 -28.66 9.42 36.53
C TRP N 77 -28.88 8.68 37.83
N SER N 78 -29.40 9.37 38.83
CA SER N 78 -29.67 8.82 40.17
C SER N 78 -31.19 8.75 40.35
N ASP N 79 -31.67 7.60 40.84
CA ASP N 79 -33.06 7.42 41.30
C ASP N 79 -32.97 6.75 42.68
N ARG N 80 -33.14 7.54 43.72
CA ARG N 80 -32.95 7.16 45.14
C ARG N 80 -34.03 6.12 45.52
N THR N 81 -35.18 6.08 44.83
CA THR N 81 -36.28 5.12 45.13
C THR N 81 -35.83 3.69 44.80
N LEU N 82 -34.77 3.51 44.01
CA LEU N 82 -34.23 2.17 43.63
C LEU N 82 -33.22 1.67 44.67
N ALA N 83 -32.73 2.54 45.56
CA ALA N 83 -31.58 2.25 46.44
C ALA N 83 -31.91 1.13 47.42
N TRP N 84 -30.92 0.31 47.78
CA TRP N 84 -31.04 -0.73 48.83
C TRP N 84 -29.76 -0.75 49.65
N ASN N 85 -29.82 -1.35 50.85
CA ASN N 85 -28.67 -1.55 51.77
C ASN N 85 -27.74 -2.60 51.14
N SER N 86 -26.52 -2.20 50.75
CA SER N 86 -25.55 -3.04 50.00
C SER N 86 -24.85 -4.05 50.94
N SER N 87 -24.94 -3.89 52.27
CA SER N 87 -24.32 -4.80 53.26
C SER N 87 -24.87 -6.22 53.02
N HIS N 88 -23.99 -7.18 52.73
CA HIS N 88 -24.31 -8.61 52.45
C HIS N 88 -25.34 -8.72 51.32
N SER N 89 -25.23 -7.85 50.31
CA SER N 89 -26.12 -7.81 49.12
C SER N 89 -25.29 -7.52 47.88
N PRO N 90 -25.82 -7.79 46.67
CA PRO N 90 -25.18 -7.34 45.43
C PRO N 90 -25.00 -5.81 45.42
N ASP N 91 -23.93 -5.33 44.79
CA ASP N 91 -23.67 -3.87 44.61
C ASP N 91 -24.50 -3.36 43.42
N GLN N 92 -24.84 -4.24 42.47
CA GLN N 92 -25.53 -3.88 41.20
C GLN N 92 -26.48 -4.99 40.75
N VAL N 93 -27.55 -4.64 40.06
CA VAL N 93 -28.43 -5.61 39.37
C VAL N 93 -28.75 -5.07 37.97
N SER N 94 -29.11 -5.99 37.07
CA SER N 94 -29.66 -5.68 35.71
C SER N 94 -31.17 -5.62 35.80
N VAL N 95 -31.77 -4.53 35.34
CA VAL N 95 -33.23 -4.27 35.42
C VAL N 95 -33.75 -3.92 34.03
N PRO N 96 -34.87 -4.53 33.58
CA PRO N 96 -35.50 -4.12 32.32
C PRO N 96 -35.94 -2.66 32.47
N ILE N 97 -35.73 -1.84 31.42
CA ILE N 97 -36.03 -0.37 31.49
C ILE N 97 -37.54 -0.16 31.63
N SER N 98 -38.38 -1.13 31.25
CA SER N 98 -39.85 -1.06 31.47
C SER N 98 -40.16 -0.96 32.97
N SER N 99 -39.23 -1.38 33.84
CA SER N 99 -39.41 -1.30 35.32
C SER N 99 -38.75 -0.05 35.91
N LEU N 100 -38.24 0.89 35.12
CA LEU N 100 -37.53 2.09 35.64
C LEU N 100 -38.06 3.34 34.96
N TRP N 101 -38.01 4.47 35.66
CA TRP N 101 -38.04 5.78 34.97
C TRP N 101 -36.76 5.90 34.16
N VAL N 102 -36.88 6.35 32.91
CA VAL N 102 -35.75 6.60 31.99
C VAL N 102 -35.93 8.00 31.42
N PRO N 103 -34.85 8.78 31.25
CA PRO N 103 -34.96 10.11 30.63
C PRO N 103 -35.56 10.00 29.21
N ASP N 104 -36.47 10.89 28.89
CA ASP N 104 -37.12 10.99 27.56
C ASP N 104 -36.18 11.71 26.58
N LEU N 105 -34.98 11.20 26.38
CA LEU N 105 -33.96 11.85 25.48
C LEU N 105 -34.39 11.68 24.03
N ALA N 106 -34.19 12.71 23.23
CA ALA N 106 -34.39 12.70 21.77
C ALA N 106 -33.26 13.49 21.11
N ALA N 107 -32.86 13.06 19.92
CA ALA N 107 -31.97 13.81 19.02
C ALA N 107 -32.83 14.80 18.23
N TYR N 108 -32.63 16.10 18.47
CA TYR N 108 -33.45 17.20 17.90
C TYR N 108 -33.32 17.23 16.37
N ASN N 109 -32.21 16.73 15.81
CA ASN N 109 -31.97 16.73 14.33
C ASN N 109 -32.00 15.29 13.77
N ALA N 110 -32.62 14.33 14.48
CA ALA N 110 -32.83 12.97 13.97
C ALA N 110 -33.88 13.00 12.84
N ILE N 111 -33.70 12.18 11.81
CA ILE N 111 -34.68 12.04 10.70
C ILE N 111 -35.14 10.59 10.59
N SER N 112 -34.79 9.74 11.56
CA SER N 112 -35.32 8.36 11.72
C SER N 112 -35.54 8.07 13.20
N LYS N 113 -36.41 7.11 13.51
CA LYS N 113 -36.63 6.61 14.89
C LYS N 113 -35.32 6.00 15.36
N PRO N 114 -34.92 6.15 16.64
CA PRO N 114 -33.75 5.42 17.15
C PRO N 114 -34.06 3.92 17.07
N GLU N 115 -33.21 3.16 16.36
CA GLU N 115 -33.28 1.68 16.28
C GLU N 115 -32.35 1.14 17.38
N VAL N 116 -32.91 0.61 18.46
CA VAL N 116 -32.14 0.06 19.60
C VAL N 116 -31.72 -1.37 19.23
N LEU N 117 -30.42 -1.64 19.21
CA LEU N 117 -29.83 -2.92 18.69
C LEU N 117 -29.60 -3.89 19.85
N THR N 118 -29.72 -3.43 21.09
CA THR N 118 -29.25 -4.17 22.29
C THR N 118 -30.42 -4.48 23.23
N PRO N 119 -30.26 -5.48 24.10
CA PRO N 119 -31.27 -5.77 25.13
C PRO N 119 -31.54 -4.51 25.97
N GLN N 120 -32.82 -4.25 26.23
CA GLN N 120 -33.33 -3.04 26.91
C GLN N 120 -33.25 -3.27 28.42
N LEU N 121 -32.03 -3.47 28.94
CA LEU N 121 -31.72 -3.59 30.38
C LEU N 121 -30.83 -2.43 30.79
N ALA N 122 -31.00 -1.92 32.00
CA ALA N 122 -30.08 -0.95 32.63
C ALA N 122 -29.42 -1.62 33.84
N ARG N 123 -28.26 -1.09 34.24
CA ARG N 123 -27.56 -1.48 35.48
C ARG N 123 -27.96 -0.51 36.58
N VAL N 124 -28.43 -1.02 37.71
CA VAL N 124 -28.80 -0.20 38.90
C VAL N 124 -27.81 -0.54 40.02
N VAL N 125 -27.13 0.48 40.55
CA VAL N 125 -26.20 0.37 41.70
C VAL N 125 -27.03 0.55 42.97
N SER N 126 -26.57 -0.03 44.08
CA SER N 126 -27.28 -0.06 45.40
C SER N 126 -27.60 1.36 45.90
N ASP N 127 -26.85 2.38 45.46
CA ASP N 127 -27.08 3.79 45.85
C ASP N 127 -28.14 4.44 44.95
N GLY N 128 -28.65 3.73 43.94
CA GLY N 128 -29.74 4.23 43.07
C GLY N 128 -29.22 4.88 41.80
N GLU N 129 -27.90 4.80 41.56
CA GLU N 129 -27.32 5.24 40.27
C GLU N 129 -27.74 4.23 39.20
N VAL N 130 -28.21 4.73 38.06
CA VAL N 130 -28.62 3.91 36.90
C VAL N 130 -27.63 4.17 35.77
N LEU N 131 -27.16 3.09 35.14
CA LEU N 131 -26.38 3.13 33.88
C LEU N 131 -27.19 2.44 32.78
N TYR N 132 -27.65 3.21 31.80
CA TYR N 132 -28.36 2.68 30.61
C TYR N 132 -27.54 3.09 29.39
N MET N 133 -27.08 2.11 28.62
CA MET N 133 -26.22 2.34 27.45
C MET N 133 -26.72 1.49 26.29
N PRO N 134 -27.81 1.91 25.61
CA PRO N 134 -28.25 1.24 24.41
C PRO N 134 -27.29 1.52 23.25
N SER N 135 -27.12 0.54 22.37
CA SER N 135 -26.55 0.72 21.03
C SER N 135 -27.70 1.12 20.10
N ILE N 136 -27.56 2.28 19.47
CA ILE N 136 -28.60 2.92 18.64
C ILE N 136 -28.05 3.13 17.23
N ARG N 137 -28.82 2.71 16.24
CA ARG N 137 -28.63 3.13 14.84
C ARG N 137 -29.69 4.19 14.52
N GLN N 138 -29.27 5.33 14.01
CA GLN N 138 -30.16 6.48 13.74
C GLN N 138 -29.57 7.35 12.61
N ARG N 139 -30.44 7.99 11.84
CA ARG N 139 -30.08 8.89 10.71
CA ARG N 139 -30.08 8.89 10.72
C ARG N 139 -30.27 10.33 11.18
N PHE N 140 -29.36 11.23 10.81
CA PHE N 140 -29.39 12.66 11.20
C PHE N 140 -29.23 13.56 9.98
N SER N 141 -29.86 14.74 10.07
CA SER N 141 -29.63 15.92 9.20
C SER N 141 -28.54 16.75 9.85
N CYS N 142 -27.36 16.82 9.23
CA CYS N 142 -26.19 17.58 9.75
C CYS N 142 -25.20 17.87 8.61
N ASP N 143 -24.19 18.70 8.92
CA ASP N 143 -23.23 19.21 7.92
C ASP N 143 -22.27 18.09 7.51
N VAL N 144 -22.46 17.55 6.31
CA VAL N 144 -21.61 16.47 5.72
C VAL N 144 -20.55 17.09 4.79
N SER N 145 -20.62 18.41 4.53
CA SER N 145 -19.70 19.11 3.61
C SER N 145 -18.25 18.91 4.09
N GLY N 146 -17.35 18.52 3.18
CA GLY N 146 -15.90 18.39 3.45
C GLY N 146 -15.53 17.00 3.95
N VAL N 147 -16.41 16.02 3.77
CA VAL N 147 -16.21 14.62 4.25
C VAL N 147 -15.01 14.00 3.52
N ASP N 148 -14.76 14.38 2.27
CA ASP N 148 -13.70 13.80 1.40
C ASP N 148 -12.40 14.60 1.51
N THR N 149 -12.36 15.65 2.34
CA THR N 149 -11.16 16.49 2.57
C THR N 149 -10.40 15.97 3.79
N GLU N 150 -9.24 16.57 4.08
CA GLU N 150 -8.34 16.18 5.19
C GLU N 150 -8.89 16.73 6.51
N SER N 151 -9.45 17.95 6.49
CA SER N 151 -10.14 18.58 7.66
C SER N 151 -11.40 17.78 8.02
N GLY N 152 -12.07 17.16 7.03
CA GLY N 152 -13.24 16.29 7.20
C GLY N 152 -14.51 17.09 7.42
N ALA N 153 -15.66 16.41 7.55
CA ALA N 153 -16.97 17.00 7.91
C ALA N 153 -17.06 17.11 9.43
N THR N 154 -17.82 18.10 9.92
CA THR N 154 -18.23 18.21 11.34
C THR N 154 -19.76 18.12 11.38
N CYS N 155 -20.28 16.97 11.81
CA CYS N 155 -21.73 16.66 11.94
C CYS N 155 -22.13 16.87 13.41
N ARG N 156 -23.01 17.83 13.68
CA ARG N 156 -23.48 18.18 15.04
C ARG N 156 -24.80 17.44 15.32
N ILE N 157 -24.82 16.64 16.38
CA ILE N 157 -26.02 15.90 16.88
C ILE N 157 -26.41 16.51 18.23
N LYS N 158 -27.65 16.97 18.37
CA LYS N 158 -28.16 17.63 19.60
C LYS N 158 -29.12 16.67 20.32
N ILE N 159 -28.80 16.30 21.56
CA ILE N 159 -29.61 15.34 22.37
C ILE N 159 -30.01 15.99 23.67
N GLY N 160 -31.31 16.05 23.96
CA GLY N 160 -31.86 16.52 25.24
C GLY N 160 -33.21 15.89 25.55
N SER N 161 -33.77 16.21 26.72
CA SER N 161 -35.12 15.76 27.12
C SER N 161 -36.13 16.34 26.15
N TRP N 162 -37.10 15.55 25.71
CA TRP N 162 -38.17 16.02 24.82
C TRP N 162 -39.18 16.87 25.58
N THR N 163 -39.49 16.55 26.84
CA THR N 163 -40.61 17.21 27.56
C THR N 163 -40.20 17.82 28.90
N HIS N 164 -39.00 17.53 29.41
CA HIS N 164 -38.55 18.06 30.73
C HIS N 164 -37.57 19.23 30.48
N HIS N 165 -37.88 20.41 31.00
CA HIS N 165 -37.05 21.64 30.88
C HIS N 165 -36.03 21.63 32.03
N SER N 166 -35.17 22.67 32.07
CA SER N 166 -33.98 22.78 32.94
C SER N 166 -34.30 22.60 34.42
N ARG N 167 -35.52 22.90 34.85
CA ARG N 167 -35.91 22.78 36.28
C ARG N 167 -36.16 21.31 36.67
N GLU N 168 -36.32 20.40 35.68
CA GLU N 168 -36.70 18.99 35.97
C GLU N 168 -35.56 18.05 35.56
N ILE N 169 -34.95 18.30 34.42
CA ILE N 169 -33.76 17.54 33.93
C ILE N 169 -32.66 18.53 33.56
N SER N 170 -31.44 18.27 34.02
CA SER N 170 -30.20 18.87 33.46
C SER N 170 -29.45 17.78 32.70
N VAL N 171 -28.90 18.11 31.53
CA VAL N 171 -28.13 17.15 30.70
C VAL N 171 -26.69 17.65 30.69
N ASP N 172 -25.75 16.82 31.14
CA ASP N 172 -24.32 17.19 31.22
C ASP N 172 -23.56 16.15 30.41
N PRO N 173 -22.57 16.56 29.58
CA PRO N 173 -21.69 15.60 28.92
C PRO N 173 -20.75 15.00 29.98
N THR N 174 -20.34 13.73 29.80
CA THR N 174 -19.46 13.01 30.74
C THR N 174 -18.05 13.54 30.59
N THR N 175 -17.48 13.58 29.36
CA THR N 175 -16.08 14.06 29.10
C THR N 175 -16.17 15.45 28.44
N ASP N 180 -11.47 8.84 21.60
CA ASP N 180 -12.62 8.92 20.68
C ASP N 180 -12.75 7.66 19.83
N SER N 181 -11.64 7.07 19.39
CA SER N 181 -11.61 5.88 18.53
C SER N 181 -11.42 4.62 19.37
N GLU N 182 -11.62 4.66 20.70
CA GLU N 182 -11.57 3.42 21.53
C GLU N 182 -12.68 2.43 21.11
N TYR N 183 -13.83 2.94 20.65
CA TYR N 183 -15.05 2.16 20.38
C TYR N 183 -15.28 1.99 18.87
N PHE N 184 -14.66 2.84 18.07
CA PHE N 184 -14.98 3.01 16.64
C PHE N 184 -14.44 1.81 15.87
N SER N 185 -15.23 1.31 14.92
CA SER N 185 -14.88 0.14 14.09
C SER N 185 -13.69 0.50 13.20
N GLN N 186 -12.64 -0.32 13.25
CA GLN N 186 -11.44 -0.18 12.37
C GLN N 186 -11.85 -0.47 10.92
N TYR N 187 -13.00 -1.10 10.68
CA TYR N 187 -13.41 -1.61 9.34
C TYR N 187 -14.34 -0.60 8.65
N SER N 188 -14.70 0.50 9.29
CA SER N 188 -15.50 1.59 8.68
C SER N 188 -14.74 2.18 7.47
N ARG N 189 -15.46 2.61 6.44
CA ARG N 189 -14.92 3.42 5.32
C ARG N 189 -14.47 4.79 5.84
N PHE N 190 -14.97 5.18 7.03
CA PHE N 190 -14.70 6.51 7.62
C PHE N 190 -13.77 6.35 8.82
N GLU N 191 -13.16 7.46 9.23
CA GLU N 191 -12.34 7.53 10.46
C GLU N 191 -12.73 8.80 11.21
N ILE N 192 -12.60 8.75 12.53
CA ILE N 192 -12.97 9.86 13.43
C ILE N 192 -11.71 10.68 13.69
N LEU N 193 -11.77 11.98 13.40
CA LEU N 193 -10.68 12.95 13.68
C LEU N 193 -10.86 13.47 15.10
N ASP N 194 -12.10 13.82 15.48
CA ASP N 194 -12.39 14.38 16.83
C ASP N 194 -13.89 14.25 17.14
N VAL N 195 -14.19 14.05 18.41
CA VAL N 195 -15.58 14.11 18.97
C VAL N 195 -15.53 15.08 20.15
N THR N 196 -16.27 16.18 20.07
CA THR N 196 -16.44 17.11 21.21
C THR N 196 -17.91 17.08 21.62
N GLN N 197 -18.16 17.08 22.92
CA GLN N 197 -19.52 16.99 23.51
C GLN N 197 -19.63 18.14 24.50
N LYS N 198 -20.47 19.13 24.20
CA LYS N 198 -20.59 20.38 24.98
C LYS N 198 -22.05 20.58 25.38
N LYS N 199 -22.26 21.07 26.59
CA LYS N 199 -23.61 21.45 27.10
C LYS N 199 -24.08 22.67 26.31
N ASN N 200 -25.35 22.70 25.97
CA ASN N 200 -26.02 23.89 25.38
C ASN N 200 -27.45 23.93 25.93
N SER N 201 -28.21 24.94 25.55
CA SER N 201 -29.64 25.13 25.86
C SER N 201 -30.32 25.61 24.58
N VAL N 202 -31.52 25.09 24.32
CA VAL N 202 -32.35 25.55 23.16
C VAL N 202 -33.66 26.11 23.73
N THR N 203 -34.03 27.28 23.21
CA THR N 203 -35.37 27.89 23.41
C THR N 203 -35.94 28.10 22.01
N TYR N 204 -37.20 27.71 21.79
CA TYR N 204 -37.99 27.96 20.56
C TYR N 204 -39.16 28.87 20.95
N SER N 205 -39.71 29.61 19.99
CA SER N 205 -40.90 30.49 20.12
C SER N 205 -42.14 29.71 20.60
N CYS N 206 -42.23 28.41 20.28
CA CYS N 206 -43.38 27.52 20.69
C CYS N 206 -43.50 27.45 22.21
N CYS N 207 -42.37 27.44 22.90
CA CYS N 207 -42.21 26.83 24.24
C CYS N 207 -41.41 27.77 25.15
N PRO N 208 -42.02 28.31 26.23
CA PRO N 208 -41.39 29.38 27.00
C PRO N 208 -40.17 28.98 27.83
N GLU N 209 -39.91 27.68 27.99
CA GLU N 209 -38.88 27.10 28.88
C GLU N 209 -37.60 26.85 28.07
N ALA N 210 -36.45 26.78 28.75
CA ALA N 210 -35.15 26.41 28.15
C ALA N 210 -34.94 24.90 28.36
N TYR N 211 -34.53 24.20 27.29
CA TYR N 211 -34.31 22.73 27.28
C TYR N 211 -32.81 22.51 27.14
N GLU N 212 -32.21 21.86 28.13
CA GLU N 212 -30.76 21.56 28.14
C GLU N 212 -30.52 20.41 27.15
N ASP N 213 -29.44 20.50 26.38
CA ASP N 213 -29.01 19.45 25.44
C ASP N 213 -27.50 19.28 25.55
N VAL N 214 -27.01 18.16 25.06
CA VAL N 214 -25.57 17.93 24.75
C VAL N 214 -25.46 18.03 23.23
N GLU N 215 -24.56 18.91 22.78
CA GLU N 215 -24.19 19.07 21.35
C GLU N 215 -22.96 18.20 21.11
N VAL N 216 -23.09 17.21 20.24
CA VAL N 216 -21.99 16.25 19.93
C VAL N 216 -21.50 16.61 18.53
N SER N 217 -20.25 17.09 18.43
CA SER N 217 -19.60 17.44 17.14
C SER N 217 -18.75 16.26 16.71
N LEU N 218 -19.20 15.56 15.67
CA LEU N 218 -18.51 14.39 15.09
C LEU N 218 -17.69 14.90 13.90
N ASN N 219 -16.39 15.08 14.11
CA ASN N 219 -15.42 15.47 13.04
C ASN N 219 -14.84 14.18 12.48
N PHE N 220 -15.20 13.85 11.25
CA PHE N 220 -14.86 12.56 10.59
C PHE N 220 -14.59 12.79 9.10
N ARG N 221 -13.96 11.83 8.43
CA ARG N 221 -13.68 11.91 6.97
C ARG N 221 -13.62 10.50 6.38
N LYS N 222 -13.82 10.41 5.07
CA LYS N 222 -13.60 9.16 4.29
C LYS N 222 -12.11 8.81 4.34
N LYS N 223 -11.78 7.53 4.37
CA LYS N 223 -10.38 7.04 4.31
C LYS N 223 -9.85 7.10 2.87
N LEU O 20 -49.48 18.64 46.59
CA LEU O 20 -49.39 17.38 45.80
C LEU O 20 -48.00 17.32 45.18
N ASP O 21 -47.40 16.13 45.11
CA ASP O 21 -46.12 15.90 44.39
C ASP O 21 -46.41 15.22 43.04
N ARG O 22 -45.37 15.09 42.20
CA ARG O 22 -45.48 14.52 40.84
C ARG O 22 -46.07 13.12 40.90
N ALA O 23 -45.60 12.29 41.85
CA ALA O 23 -46.01 10.88 41.97
C ALA O 23 -47.52 10.80 42.16
N ASP O 24 -48.10 11.66 43.00
CA ASP O 24 -49.55 11.66 43.32
C ASP O 24 -50.35 12.09 42.07
N ILE O 25 -49.92 13.16 41.41
CA ILE O 25 -50.61 13.70 40.21
C ILE O 25 -50.63 12.62 39.12
N LEU O 26 -49.48 11.98 38.87
CA LEU O 26 -49.35 10.95 37.81
C LEU O 26 -50.15 9.70 38.18
N TYR O 27 -50.19 9.35 39.47
CA TYR O 27 -51.04 8.25 39.98
C TYR O 27 -52.52 8.58 39.67
N ASN O 28 -52.97 9.77 40.06
CA ASN O 28 -54.37 10.22 39.88
C ASN O 28 -54.73 10.17 38.39
N ILE O 29 -53.87 10.70 37.53
CA ILE O 29 -54.11 10.73 36.06
C ILE O 29 -54.19 9.29 35.55
N ARG O 30 -53.21 8.45 35.90
CA ARG O 30 -53.19 7.03 35.41
C ARG O 30 -54.46 6.32 35.86
N GLN O 31 -54.94 6.55 37.08
CA GLN O 31 -56.06 5.77 37.67
C GLN O 31 -57.42 6.23 37.10
N THR O 32 -57.58 7.49 36.70
CA THR O 32 -58.90 8.09 36.39
C THR O 32 -59.00 8.64 34.97
N SER O 33 -57.87 8.64 34.22
CA SER O 33 -57.79 9.40 32.93
C SER O 33 -58.87 9.20 31.82
N ARG O 34 -59.42 8.01 31.60
CA ARG O 34 -60.37 7.61 30.54
CA ARG O 34 -60.38 7.60 30.53
C ARG O 34 -59.88 8.02 29.15
N PRO O 35 -58.81 7.37 28.64
CA PRO O 35 -58.21 7.76 27.35
C PRO O 35 -59.13 7.60 26.14
N ASP O 36 -60.21 6.82 26.26
CA ASP O 36 -61.17 6.57 25.16
C ASP O 36 -62.27 7.64 25.16
N VAL O 37 -62.29 8.54 26.16
CA VAL O 37 -63.41 9.50 26.35
C VAL O 37 -62.97 10.90 25.96
N ILE O 38 -63.49 11.40 24.83
CA ILE O 38 -63.31 12.80 24.38
C ILE O 38 -63.81 13.69 25.50
N PRO O 39 -63.01 14.65 26.00
CA PRO O 39 -63.43 15.47 27.14
C PRO O 39 -64.31 16.68 26.72
N THR O 40 -65.45 16.42 26.07
CA THR O 40 -66.42 17.48 25.71
C THR O 40 -66.99 18.05 27.02
N GLN O 41 -67.16 19.37 27.08
CA GLN O 41 -67.82 20.07 28.21
C GLN O 41 -69.18 20.55 27.71
N ARG O 42 -70.24 20.25 28.47
CA ARG O 42 -71.64 20.61 28.18
C ARG O 42 -71.91 20.63 26.66
N ASP O 43 -71.59 19.54 25.96
CA ASP O 43 -71.99 19.32 24.54
C ASP O 43 -71.35 20.39 23.63
N ARG O 44 -70.25 21.00 24.05
CA ARG O 44 -69.46 21.95 23.21
C ARG O 44 -68.23 21.22 22.72
N PRO O 45 -67.74 21.49 21.49
CA PRO O 45 -66.68 20.68 20.93
C PRO O 45 -65.39 20.88 21.72
N VAL O 46 -64.50 19.89 21.70
CA VAL O 46 -63.11 20.06 22.20
C VAL O 46 -62.36 20.87 21.15
N ALA O 47 -61.84 22.03 21.53
CA ALA O 47 -61.06 22.92 20.67
C ALA O 47 -59.63 22.41 20.64
N VAL O 48 -59.20 21.87 19.51
CA VAL O 48 -57.82 21.35 19.30
C VAL O 48 -57.07 22.36 18.43
N SER O 49 -55.96 22.89 18.94
CA SER O 49 -55.02 23.74 18.17
C SER O 49 -53.93 22.85 17.56
N VAL O 50 -53.67 23.03 16.27
CA VAL O 50 -52.64 22.27 15.51
C VAL O 50 -51.80 23.28 14.74
N SER O 51 -50.48 23.14 14.84
CA SER O 51 -49.50 23.92 14.06
C SER O 51 -48.31 23.00 13.75
N LEU O 52 -47.99 22.84 12.46
CA LEU O 52 -46.81 22.07 12.01
C LEU O 52 -45.59 23.00 11.97
N LYS O 53 -44.51 22.62 12.64
CA LYS O 53 -43.18 23.24 12.56
C LYS O 53 -42.31 22.34 11.69
N PHE O 54 -42.03 22.74 10.46
CA PHE O 54 -41.23 21.92 9.52
C PHE O 54 -39.78 21.94 9.99
N ILE O 55 -39.17 20.75 10.06
CA ILE O 55 -37.76 20.58 10.51
C ILE O 55 -36.91 20.22 9.29
N ASN O 56 -37.45 19.42 8.38
CA ASN O 56 -36.67 18.93 7.23
C ASN O 56 -37.62 18.50 6.11
N ILE O 57 -37.14 18.65 4.87
CA ILE O 57 -37.73 18.05 3.64
C ILE O 57 -36.65 17.11 3.09
N LEU O 58 -36.92 15.80 3.15
CA LEU O 58 -35.88 14.75 2.96
C LEU O 58 -35.87 14.29 1.50
N GLU O 59 -37.03 14.22 0.87
CA GLU O 59 -37.17 13.67 -0.49
C GLU O 59 -38.39 14.31 -1.13
N VAL O 60 -38.26 14.61 -2.42
CA VAL O 60 -39.30 15.29 -3.24
C VAL O 60 -39.26 14.61 -4.60
N ASN O 61 -40.41 14.33 -5.19
CA ASN O 61 -40.51 13.69 -6.52
C ASN O 61 -41.55 14.44 -7.33
N GLU O 62 -41.08 15.23 -8.30
CA GLU O 62 -41.93 16.11 -9.15
C GLU O 62 -42.78 15.24 -10.09
N ILE O 63 -42.28 14.05 -10.44
CA ILE O 63 -42.98 13.08 -11.33
C ILE O 63 -44.19 12.51 -10.59
N THR O 64 -44.00 11.97 -9.38
CA THR O 64 -45.05 11.25 -8.59
C THR O 64 -45.84 12.23 -7.72
N ASN O 65 -45.38 13.46 -7.53
CA ASN O 65 -46.02 14.47 -6.65
C ASN O 65 -46.08 13.92 -5.22
N GLU O 66 -44.93 13.49 -4.70
CA GLU O 66 -44.76 12.95 -3.33
C GLU O 66 -43.65 13.73 -2.62
N VAL O 67 -43.86 14.06 -1.36
CA VAL O 67 -42.83 14.66 -0.47
C VAL O 67 -42.69 13.79 0.79
N ASP O 68 -41.46 13.70 1.30
CA ASP O 68 -41.10 13.04 2.57
C ASP O 68 -40.58 14.15 3.48
N VAL O 69 -41.29 14.41 4.59
CA VAL O 69 -41.05 15.59 5.46
C VAL O 69 -40.95 15.14 6.93
N VAL O 70 -40.20 15.90 7.72
CA VAL O 70 -40.15 15.82 9.20
C VAL O 70 -40.70 17.13 9.75
N PHE O 71 -41.69 17.05 10.64
CA PHE O 71 -42.31 18.23 11.29
C PHE O 71 -42.64 17.91 12.75
N TRP O 72 -42.65 18.93 13.59
CA TRP O 72 -43.23 18.89 14.96
C TRP O 72 -44.70 19.27 14.86
N GLN O 73 -45.58 18.37 15.28
CA GLN O 73 -47.05 18.57 15.21
C GLN O 73 -47.50 19.12 16.57
N GLN O 74 -47.33 20.42 16.78
CA GLN O 74 -47.73 21.10 18.04
C GLN O 74 -49.25 21.01 18.16
N THR O 75 -49.73 20.31 19.18
CA THR O 75 -51.16 19.97 19.40
C THR O 75 -51.51 20.36 20.83
N THR O 76 -52.55 21.15 21.02
CA THR O 76 -53.01 21.59 22.35
C THR O 76 -54.53 21.47 22.43
N TRP O 77 -55.02 21.15 23.62
CA TRP O 77 -56.46 21.05 23.92
C TRP O 77 -56.58 21.02 25.44
N SER O 78 -57.80 21.13 25.94
CA SER O 78 -58.10 21.15 27.38
C SER O 78 -58.82 19.86 27.74
N ASP O 79 -58.41 19.22 28.83
CA ASP O 79 -59.14 18.10 29.46
C ASP O 79 -59.21 18.41 30.97
N ARG O 80 -60.34 18.93 31.42
CA ARG O 80 -60.56 19.41 32.82
C ARG O 80 -60.47 18.24 33.80
N THR O 81 -60.69 17.00 33.36
CA THR O 81 -60.62 15.80 34.25
C THR O 81 -59.17 15.56 34.69
N LEU O 82 -58.17 16.15 34.04
CA LEU O 82 -56.73 16.02 34.41
C LEU O 82 -56.33 17.07 35.46
N ALA O 83 -57.14 18.10 35.66
CA ALA O 83 -56.76 19.32 36.44
C ALA O 83 -56.47 18.97 37.91
N TRP O 84 -55.54 19.68 38.53
CA TRP O 84 -55.26 19.59 40.00
C TRP O 84 -54.99 20.99 40.56
N ASN O 85 -55.07 21.13 41.88
CA ASN O 85 -54.76 22.39 42.62
C ASN O 85 -53.24 22.62 42.57
N SER O 86 -52.79 23.68 41.88
CA SER O 86 -51.35 23.98 41.63
C SER O 86 -50.67 24.55 42.88
N SER O 87 -51.42 24.98 43.91
CA SER O 87 -50.83 25.55 45.15
C SER O 87 -49.94 24.49 45.80
N HIS O 88 -48.65 24.82 45.99
CA HIS O 88 -47.61 23.92 46.58
C HIS O 88 -47.52 22.60 45.80
N SER O 89 -47.68 22.67 44.48
CA SER O 89 -47.61 21.50 43.56
C SER O 89 -46.90 21.90 42.28
N PRO O 90 -46.40 20.94 41.48
CA PRO O 90 -45.92 21.24 40.13
C PRO O 90 -47.00 21.93 39.27
N ASP O 91 -46.60 22.81 38.38
CA ASP O 91 -47.51 23.50 37.42
C ASP O 91 -47.79 22.56 36.24
N GLN O 92 -46.87 21.64 35.94
CA GLN O 92 -46.90 20.74 34.76
C GLN O 92 -46.29 19.39 35.10
N VAL O 93 -46.77 18.32 34.46
CA VAL O 93 -46.14 16.97 34.51
C VAL O 93 -46.06 16.41 33.09
N SER O 94 -45.11 15.49 32.88
CA SER O 94 -44.97 14.68 31.65
C SER O 94 -45.78 13.39 31.83
N VAL O 95 -46.67 13.10 30.89
CA VAL O 95 -47.60 11.95 30.97
C VAL O 95 -47.50 11.15 29.68
N PRO O 96 -47.37 9.81 29.73
CA PRO O 96 -47.40 8.99 28.52
C PRO O 96 -48.79 9.16 27.88
N ILE O 97 -48.85 9.30 26.55
CA ILE O 97 -50.12 9.58 25.83
C ILE O 97 -51.08 8.39 25.97
N SER O 98 -50.57 7.18 26.25
CA SER O 98 -51.42 5.99 26.54
C SER O 98 -52.31 6.25 27.76
N SER O 99 -51.95 7.19 28.62
CA SER O 99 -52.74 7.54 29.84
C SER O 99 -53.67 8.74 29.60
N LEU O 100 -53.79 9.27 28.38
CA LEU O 100 -54.59 10.49 28.07
C LEU O 100 -55.50 10.23 26.89
N TRP O 101 -56.64 10.91 26.84
CA TRP O 101 -57.35 11.09 25.57
C TRP O 101 -56.48 11.97 24.68
N VAL O 102 -56.32 11.58 23.42
CA VAL O 102 -55.56 12.35 22.39
C VAL O 102 -56.47 12.48 21.16
N PRO O 103 -56.49 13.64 20.48
CA PRO O 103 -57.27 13.80 19.26
C PRO O 103 -56.87 12.76 18.22
N ASP O 104 -57.84 12.15 17.55
CA ASP O 104 -57.61 11.17 16.45
C ASP O 104 -57.29 11.93 15.16
N LEU O 105 -56.26 12.77 15.16
CA LEU O 105 -55.85 13.55 13.98
C LEU O 105 -55.24 12.61 12.93
N ALA O 106 -55.54 12.88 11.67
CA ALA O 106 -54.93 12.22 10.50
C ALA O 106 -54.70 13.27 9.42
N ALA O 107 -53.63 13.09 8.65
CA ALA O 107 -53.36 13.83 7.40
C ALA O 107 -54.13 13.13 6.27
N TYR O 108 -55.13 13.81 5.72
CA TYR O 108 -56.07 13.24 4.72
C TYR O 108 -55.33 12.84 3.44
N ASN O 109 -54.18 13.47 3.15
CA ASN O 109 -53.39 13.19 1.92
C ASN O 109 -52.05 12.52 2.28
N ALA O 110 -51.93 11.90 3.45
CA ALA O 110 -50.75 11.10 3.83
C ALA O 110 -50.75 9.81 3.01
N ILE O 111 -49.57 9.35 2.58
CA ILE O 111 -49.43 8.07 1.85
C ILE O 111 -48.48 7.14 2.61
N SER O 112 -48.11 7.49 3.84
CA SER O 112 -47.38 6.61 4.79
C SER O 112 -47.93 6.83 6.20
N LYS O 113 -47.74 5.84 7.08
CA LYS O 113 -48.08 5.94 8.52
C LYS O 113 -47.22 7.06 9.11
N PRO O 114 -47.74 7.89 10.03
CA PRO O 114 -46.87 8.84 10.74
C PRO O 114 -45.82 8.03 11.53
N GLU O 115 -44.54 8.29 11.28
CA GLU O 115 -43.41 7.69 12.02
C GLU O 115 -43.04 8.68 13.13
N VAL O 116 -43.39 8.37 14.38
CA VAL O 116 -43.13 9.26 15.54
C VAL O 116 -41.69 9.02 15.98
N LEU O 117 -40.87 10.07 15.98
CA LEU O 117 -39.40 9.98 16.19
C LEU O 117 -39.07 10.23 17.67
N THR O 118 -40.03 10.70 18.46
CA THR O 118 -39.80 11.23 19.82
C THR O 118 -40.54 10.40 20.86
N PRO O 119 -40.13 10.48 22.14
CA PRO O 119 -40.86 9.83 23.23
C PRO O 119 -42.34 10.26 23.22
N GLN O 120 -43.23 9.29 23.39
CA GLN O 120 -44.70 9.48 23.31
C GLN O 120 -45.22 10.00 24.65
N LEU O 121 -44.75 11.18 25.07
CA LEU O 121 -45.15 11.87 26.31
C LEU O 121 -45.80 13.20 25.90
N ALA O 122 -46.83 13.61 26.63
CA ALA O 122 -47.42 14.95 26.54
C ALA O 122 -47.15 15.70 27.85
N ARG O 123 -47.21 17.02 27.78
CA ARG O 123 -47.15 17.90 28.98
C ARG O 123 -48.59 18.21 29.39
N VAL O 124 -48.92 17.96 30.65
CA VAL O 124 -50.25 18.35 31.22
C VAL O 124 -50.02 19.48 32.22
N VAL O 125 -50.73 20.60 32.02
CA VAL O 125 -50.70 21.78 32.94
C VAL O 125 -51.79 21.54 34.00
N SER O 126 -51.61 22.12 35.19
CA SER O 126 -52.50 21.94 36.36
C SER O 126 -53.95 22.32 36.05
N ASP O 127 -54.18 23.17 35.05
CA ASP O 127 -55.55 23.60 34.64
C ASP O 127 -56.15 22.59 33.64
N GLY O 128 -55.41 21.55 33.24
CA GLY O 128 -55.92 20.48 32.37
C GLY O 128 -55.62 20.74 30.89
N GLU O 129 -54.83 21.77 30.60
CA GLU O 129 -54.32 22.00 29.23
C GLU O 129 -53.28 20.91 28.93
N VAL O 130 -53.39 20.30 27.75
CA VAL O 130 -52.42 19.26 27.28
C VAL O 130 -51.64 19.85 26.11
N LEU O 131 -50.32 19.70 26.16
CA LEU O 131 -49.41 20.05 25.03
C LEU O 131 -48.74 18.76 24.57
N TYR O 132 -49.08 18.30 23.37
CA TYR O 132 -48.48 17.11 22.74
C TYR O 132 -47.83 17.58 21.44
N MET O 133 -46.52 17.41 21.33
CA MET O 133 -45.74 17.87 20.15
C MET O 133 -44.79 16.76 19.72
N PRO O 134 -45.29 15.72 19.03
CA PRO O 134 -44.42 14.70 18.49
C PRO O 134 -43.65 15.24 17.27
N SER O 135 -42.42 14.78 17.09
CA SER O 135 -41.69 14.88 15.81
C SER O 135 -42.14 13.70 14.94
N ILE O 136 -42.66 14.02 13.77
CA ILE O 136 -43.25 13.03 12.83
C ILE O 136 -42.52 13.11 11.49
N ARG O 137 -42.10 11.96 10.98
CA ARG O 137 -41.70 11.78 9.57
C ARG O 137 -42.86 11.12 8.82
N GLN O 138 -43.31 11.72 7.73
CA GLN O 138 -44.47 11.23 6.96
C GLN O 138 -44.35 11.65 5.48
N ARG O 139 -44.89 10.83 4.58
CA ARG O 139 -44.90 11.07 3.12
C ARG O 139 -46.30 11.54 2.71
N PHE O 140 -46.39 12.53 1.82
CA PHE O 140 -47.69 13.10 1.36
C PHE O 140 -47.74 13.12 -0.17
N SER O 141 -48.96 12.98 -0.69
CA SER O 141 -49.37 13.27 -2.07
C SER O 141 -49.82 14.73 -2.12
N CYS O 142 -49.05 15.58 -2.81
CA CYS O 142 -49.33 17.03 -2.91
C CYS O 142 -48.58 17.63 -4.12
N ASP O 143 -48.88 18.88 -4.43
CA ASP O 143 -48.38 19.59 -5.64
C ASP O 143 -46.90 19.92 -5.47
N VAL O 144 -46.02 19.16 -6.14
CA VAL O 144 -44.55 19.35 -6.12
C VAL O 144 -44.11 20.18 -7.33
N SER O 145 -45.02 20.48 -8.27
CA SER O 145 -44.71 21.24 -9.51
C SER O 145 -44.11 22.59 -9.13
N GLY O 146 -42.98 22.95 -9.76
CA GLY O 146 -42.31 24.26 -9.62
C GLY O 146 -41.31 24.28 -8.48
N VAL O 147 -40.90 23.10 -7.99
CA VAL O 147 -39.96 22.96 -6.84
C VAL O 147 -38.60 23.56 -7.22
N ASP O 148 -38.21 23.49 -8.50
CA ASP O 148 -36.87 23.92 -8.99
C ASP O 148 -36.92 25.38 -9.48
N THR O 149 -38.06 26.05 -9.37
CA THR O 149 -38.25 27.47 -9.77
C THR O 149 -38.04 28.37 -8.55
N GLU O 150 -38.08 29.68 -8.78
CA GLU O 150 -37.87 30.71 -7.72
C GLU O 150 -39.14 30.87 -6.89
N SER O 151 -40.30 30.79 -7.52
CA SER O 151 -41.64 30.79 -6.85
C SER O 151 -41.80 29.54 -5.98
N GLY O 152 -41.19 28.41 -6.39
CA GLY O 152 -41.17 27.14 -5.64
C GLY O 152 -42.47 26.38 -5.76
N ALA O 153 -42.54 25.18 -5.17
CA ALA O 153 -43.77 24.35 -5.07
C ALA O 153 -44.59 24.82 -3.85
N THR O 154 -45.90 24.65 -3.92
CA THR O 154 -46.82 24.80 -2.76
C THR O 154 -47.48 23.43 -2.53
N CYS O 155 -47.04 22.73 -1.48
CA CYS O 155 -47.54 21.40 -1.05
C CYS O 155 -48.54 21.60 0.10
N ARG O 156 -49.80 21.25 -0.12
CA ARG O 156 -50.91 21.41 0.86
C ARG O 156 -51.09 20.09 1.63
N ILE O 157 -50.98 20.16 2.95
CA ILE O 157 -51.19 19.01 3.90
C ILE O 157 -52.45 19.33 4.71
N LYS O 158 -53.45 18.46 4.68
CA LYS O 158 -54.75 18.64 5.37
C LYS O 158 -54.82 17.71 6.59
N ILE O 159 -54.97 18.26 7.78
CA ILE O 159 -54.96 17.51 9.07
C ILE O 159 -56.26 17.80 9.82
N GLY O 160 -57.04 16.76 10.12
CA GLY O 160 -58.26 16.86 10.95
C GLY O 160 -58.56 15.57 11.68
N SER O 161 -59.60 15.57 12.51
CA SER O 161 -60.10 14.38 13.23
C SER O 161 -60.55 13.35 12.19
N TRP O 162 -60.21 12.09 12.39
CA TRP O 162 -60.64 11.00 11.48
C TRP O 162 -62.11 10.66 11.74
N THR O 163 -62.59 10.71 12.98
CA THR O 163 -63.94 10.18 13.31
C THR O 163 -64.83 11.20 14.03
N HIS O 164 -64.30 12.32 14.50
CA HIS O 164 -65.08 13.35 15.25
C HIS O 164 -65.42 14.51 14.31
N HIS O 165 -66.71 14.81 14.12
CA HIS O 165 -67.18 15.94 13.28
C HIS O 165 -67.15 17.24 14.11
N SER O 166 -67.53 18.36 13.48
CA SER O 166 -67.40 19.75 14.00
C SER O 166 -68.08 19.93 15.36
N ARG O 167 -69.10 19.14 15.67
CA ARG O 167 -69.85 19.27 16.96
C ARG O 167 -69.06 18.62 18.09
N GLU O 168 -68.02 17.82 17.81
CA GLU O 168 -67.27 17.10 18.87
C GLU O 168 -65.82 17.62 18.95
N ILE O 169 -65.19 17.84 17.81
CA ILE O 169 -63.83 18.45 17.71
C ILE O 169 -63.86 19.62 16.74
N SER O 170 -63.30 20.76 17.14
CA SER O 170 -62.93 21.85 16.21
C SER O 170 -61.40 21.90 16.13
N VAL O 171 -60.87 22.13 14.94
CA VAL O 171 -59.39 22.19 14.72
C VAL O 171 -59.10 23.62 14.30
N ASP O 172 -58.24 24.32 15.05
CA ASP O 172 -57.89 25.74 14.78
C ASP O 172 -56.38 25.81 14.64
N PRO O 173 -55.87 26.54 13.64
CA PRO O 173 -54.42 26.77 13.54
C PRO O 173 -54.01 27.76 14.65
N THR O 174 -52.80 27.63 15.20
CA THR O 174 -52.11 28.65 16.02
C THR O 174 -51.61 29.71 15.05
N ASP O 179 -43.24 31.44 7.43
CA ASP O 179 -41.99 30.65 7.25
C ASP O 179 -41.42 30.21 8.62
N ASP O 180 -41.38 28.91 8.84
CA ASP O 180 -40.75 28.23 10.01
C ASP O 180 -39.22 28.19 9.78
N SER O 181 -38.58 29.33 9.77
CA SER O 181 -37.10 29.45 9.71
C SER O 181 -36.44 29.07 11.05
N GLU O 182 -37.16 29.30 12.14
CA GLU O 182 -36.64 29.05 13.51
C GLU O 182 -36.36 27.55 13.70
N TYR O 183 -37.14 26.67 13.07
CA TYR O 183 -37.09 25.20 13.32
C TYR O 183 -36.41 24.47 12.15
N PHE O 184 -36.38 25.09 10.97
CA PHE O 184 -36.03 24.33 9.71
C PHE O 184 -34.52 24.12 9.68
N SER O 185 -34.10 22.94 9.25
CA SER O 185 -32.66 22.55 9.17
C SER O 185 -31.97 23.41 8.11
N GLN O 186 -30.88 24.07 8.48
CA GLN O 186 -30.03 24.85 7.54
C GLN O 186 -29.37 23.89 6.53
N TYR O 187 -29.32 22.58 6.81
CA TYR O 187 -28.56 21.59 6.01
C TYR O 187 -29.45 20.88 5.00
N SER O 188 -30.75 21.18 4.98
CA SER O 188 -31.68 20.67 3.94
C SER O 188 -31.22 21.13 2.55
N ARG O 189 -31.44 20.30 1.52
CA ARG O 189 -31.30 20.67 0.08
C ARG O 189 -32.35 21.72 -0.27
N PHE O 190 -33.42 21.81 0.53
CA PHE O 190 -34.57 22.71 0.26
C PHE O 190 -34.54 23.87 1.25
N GLU O 191 -35.30 24.92 0.92
CA GLU O 191 -35.53 26.07 1.81
C GLU O 191 -37.03 26.40 1.77
N ILE O 192 -37.53 26.95 2.86
CA ILE O 192 -38.95 27.29 3.03
C ILE O 192 -39.12 28.77 2.68
N LEU O 193 -40.00 29.06 1.73
CA LEU O 193 -40.36 30.44 1.32
C LEU O 193 -41.49 30.93 2.22
N ASP O 194 -42.49 30.09 2.46
CA ASP O 194 -43.67 30.46 3.30
C ASP O 194 -44.40 29.21 3.79
N VAL O 195 -44.97 29.29 4.98
CA VAL O 195 -45.91 28.27 5.54
C VAL O 195 -47.15 29.04 5.99
N THR O 196 -48.31 28.75 5.39
CA THR O 196 -49.61 29.30 5.84
C THR O 196 -50.45 28.13 6.34
N GLN O 197 -51.16 28.33 7.43
CA GLN O 197 -52.00 27.31 8.11
C GLN O 197 -53.38 27.93 8.29
N LYS O 198 -54.38 27.41 7.58
CA LYS O 198 -55.74 28.01 7.53
C LYS O 198 -56.77 26.93 7.87
N LYS O 199 -57.79 27.30 8.63
CA LYS O 199 -58.95 26.42 8.94
C LYS O 199 -59.73 26.17 7.66
N ASN O 200 -60.20 24.93 7.47
CA ASN O 200 -61.10 24.55 6.36
C ASN O 200 -62.04 23.48 6.89
N SER O 201 -62.95 22.97 6.06
CA SER O 201 -63.90 21.89 6.36
C SER O 201 -63.94 20.98 5.13
N VAL O 202 -64.03 19.66 5.35
CA VAL O 202 -64.38 18.70 4.25
C VAL O 202 -65.72 18.04 4.59
N THR O 203 -66.60 18.07 3.60
CA THR O 203 -67.95 17.48 3.61
C THR O 203 -68.01 16.58 2.38
N TYR O 204 -68.56 15.36 2.50
CA TYR O 204 -68.83 14.46 1.34
C TYR O 204 -70.34 14.31 1.20
N SER O 205 -70.83 14.10 -0.03
CA SER O 205 -72.28 13.96 -0.36
C SER O 205 -72.92 12.78 0.39
N CYS O 206 -72.14 11.74 0.70
CA CYS O 206 -72.58 10.50 1.41
C CYS O 206 -73.13 10.86 2.80
N CYS O 207 -72.52 11.83 3.46
CA CYS O 207 -72.42 11.91 4.95
C CYS O 207 -72.66 13.36 5.38
N PRO O 208 -73.75 13.64 6.14
CA PRO O 208 -74.18 15.01 6.40
C PRO O 208 -73.26 15.83 7.33
N GLU O 209 -72.28 15.19 8.00
CA GLU O 209 -71.43 15.95 8.96
C GLU O 209 -70.18 16.49 8.27
N ALA O 210 -69.79 17.70 8.69
CA ALA O 210 -68.58 18.42 8.24
C ALA O 210 -67.44 18.07 9.20
N TYR O 211 -66.25 17.79 8.66
CA TYR O 211 -65.01 17.50 9.42
C TYR O 211 -64.07 18.70 9.27
N GLU O 212 -63.75 19.34 10.38
CA GLU O 212 -62.84 20.51 10.40
C GLU O 212 -61.41 20.00 10.20
N ASP O 213 -60.63 20.73 9.41
CA ASP O 213 -59.20 20.44 9.21
C ASP O 213 -58.42 21.76 9.25
N VAL O 214 -57.11 21.65 9.44
CA VAL O 214 -56.14 22.73 9.20
C VAL O 214 -55.45 22.36 7.87
N GLU O 215 -55.48 23.29 6.92
CA GLU O 215 -54.76 23.19 5.64
C GLU O 215 -53.43 23.90 5.79
N VAL O 216 -52.34 23.16 5.66
CA VAL O 216 -50.95 23.69 5.83
C VAL O 216 -50.35 23.78 4.43
N SER O 217 -50.09 24.99 3.95
CA SER O 217 -49.49 25.25 2.62
C SER O 217 -47.98 25.46 2.82
N LEU O 218 -47.20 24.48 2.39
CA LEU O 218 -45.72 24.50 2.48
C LEU O 218 -45.19 25.00 1.13
N ASN O 219 -44.82 26.28 1.07
CA ASN O 219 -44.20 26.90 -0.13
C ASN O 219 -42.69 26.80 0.06
N PHE O 220 -42.04 25.96 -0.74
CA PHE O 220 -40.60 25.60 -0.59
C PHE O 220 -40.00 25.42 -1.99
N ARG O 221 -38.66 25.41 -2.07
CA ARG O 221 -37.93 25.20 -3.35
C ARG O 221 -36.56 24.58 -3.07
N LYS O 222 -35.99 23.91 -4.09
CA LYS O 222 -34.60 23.42 -4.06
C LYS O 222 -33.67 24.64 -3.98
N LYS O 223 -32.54 24.50 -3.28
CA LYS O 223 -31.45 25.50 -3.25
C LYS O 223 -30.62 25.33 -4.53
N LEU P 20 14.77 -0.80 -56.15
CA LEU P 20 13.49 -0.07 -56.11
C LEU P 20 13.31 0.52 -54.70
N ASP P 21 12.74 1.71 -54.60
CA ASP P 21 12.35 2.32 -53.30
C ASP P 21 10.82 2.19 -53.13
N ARG P 22 10.33 2.55 -51.94
CA ARG P 22 8.90 2.45 -51.57
C ARG P 22 8.04 3.22 -52.56
N ALA P 23 8.45 4.43 -52.92
CA ALA P 23 7.69 5.34 -53.81
C ALA P 23 7.42 4.64 -55.14
N ASP P 24 8.42 3.97 -55.71
CA ASP P 24 8.32 3.29 -57.03
C ASP P 24 7.38 2.09 -56.92
N ILE P 25 7.54 1.28 -55.87
CA ILE P 25 6.71 0.07 -55.65
C ILE P 25 5.24 0.49 -55.52
N LEU P 26 4.97 1.50 -54.70
CA LEU P 26 3.59 1.98 -54.44
C LEU P 26 3.01 2.63 -55.69
N TYR P 27 3.83 3.33 -56.48
CA TYR P 27 3.42 3.89 -57.79
C TYR P 27 2.98 2.73 -58.71
N ASN P 28 3.84 1.72 -58.85
CA ASN P 28 3.59 0.54 -59.72
C ASN P 28 2.29 -0.15 -59.29
N ILE P 29 2.11 -0.39 -58.01
CA ILE P 29 0.89 -1.07 -57.47
C ILE P 29 -0.32 -0.18 -57.77
N ARG P 30 -0.27 1.12 -57.47
CA ARG P 30 -1.42 2.03 -57.69
C ARG P 30 -1.78 2.03 -59.18
N GLN P 31 -0.80 2.02 -60.09
CA GLN P 31 -1.03 2.19 -61.55
C GLN P 31 -1.58 0.90 -62.18
N THR P 32 -1.24 -0.27 -61.68
CA THR P 32 -1.48 -1.57 -62.38
C THR P 32 -2.32 -2.54 -61.55
N SER P 33 -2.63 -2.19 -60.30
CA SER P 33 -3.23 -3.17 -59.32
C SER P 33 -4.50 -3.97 -59.71
N ARG P 34 -5.46 -3.40 -60.47
CA ARG P 34 -6.77 -3.97 -60.87
CA ARG P 34 -6.77 -3.98 -60.87
C ARG P 34 -7.54 -4.47 -59.64
N PRO P 35 -8.02 -3.56 -58.77
CA PRO P 35 -8.69 -3.97 -57.52
C PRO P 35 -9.99 -4.78 -57.70
N ASP P 36 -10.59 -4.71 -58.90
CA ASP P 36 -11.85 -5.43 -59.20
C ASP P 36 -11.56 -6.85 -59.72
N VAL P 37 -10.29 -7.20 -59.92
CA VAL P 37 -9.89 -8.48 -60.59
C VAL P 37 -9.31 -9.46 -59.55
N ILE P 38 -10.07 -10.50 -59.23
CA ILE P 38 -9.60 -11.63 -58.38
C ILE P 38 -8.36 -12.19 -59.05
N PRO P 39 -7.22 -12.31 -58.33
CA PRO P 39 -5.98 -12.77 -58.95
C PRO P 39 -5.87 -14.31 -59.03
N THR P 40 -6.81 -14.96 -59.70
CA THR P 40 -6.79 -16.42 -59.94
C THR P 40 -5.58 -16.74 -60.84
N GLN P 41 -4.88 -17.82 -60.56
CA GLN P 41 -3.78 -18.35 -61.42
C GLN P 41 -4.31 -19.62 -62.11
N ARG P 42 -4.17 -19.68 -63.43
CA ARG P 42 -4.66 -20.77 -64.30
C ARG P 42 -5.97 -21.37 -63.76
N ASP P 43 -6.98 -20.54 -63.49
CA ASP P 43 -8.36 -20.97 -63.14
C ASP P 43 -8.36 -21.84 -61.86
N ARG P 44 -7.35 -21.68 -60.99
CA ARG P 44 -7.30 -22.34 -59.66
C ARG P 44 -7.66 -21.30 -58.62
N PRO P 45 -8.35 -21.66 -57.53
CA PRO P 45 -8.96 -20.66 -56.66
C PRO P 45 -7.88 -19.86 -55.95
N VAL P 46 -8.20 -18.62 -55.56
CA VAL P 46 -7.34 -17.83 -54.65
C VAL P 46 -7.56 -18.42 -53.25
N ALA P 47 -6.47 -18.88 -52.63
CA ALA P 47 -6.49 -19.46 -51.28
C ALA P 47 -6.42 -18.30 -50.28
N VAL P 48 -7.52 -18.06 -49.57
CA VAL P 48 -7.61 -16.99 -48.55
C VAL P 48 -7.56 -17.66 -47.18
N SER P 49 -6.60 -17.26 -46.35
CA SER P 49 -6.52 -17.67 -44.92
C SER P 49 -7.22 -16.61 -44.08
N VAL P 50 -8.10 -17.06 -43.18
CA VAL P 50 -8.88 -16.19 -42.26
C VAL P 50 -8.74 -16.76 -40.85
N SER P 51 -8.42 -15.89 -39.90
CA SER P 51 -8.38 -16.22 -38.45
C SER P 51 -8.86 -14.99 -37.68
N LEU P 52 -9.90 -15.15 -36.86
CA LEU P 52 -10.39 -14.08 -35.96
C LEU P 52 -9.62 -14.13 -34.64
N LYS P 53 -9.01 -13.01 -34.24
CA LYS P 53 -8.41 -12.79 -32.91
C LYS P 53 -9.40 -11.94 -32.12
N PHE P 54 -10.09 -12.53 -31.15
CA PHE P 54 -11.09 -11.80 -30.34
C PHE P 54 -10.35 -10.86 -29.40
N ILE P 55 -10.78 -9.60 -29.35
CA ILE P 55 -10.16 -8.54 -28.51
C ILE P 55 -11.12 -8.23 -27.36
N ASN P 56 -12.41 -8.21 -27.63
CA ASN P 56 -13.40 -7.81 -26.62
C ASN P 56 -14.77 -8.36 -26.97
N ILE P 57 -15.57 -8.64 -25.93
CA ILE P 57 -17.02 -8.92 -26.01
C ILE P 57 -17.70 -7.80 -25.22
N LEU P 58 -18.43 -6.92 -25.91
CA LEU P 58 -18.89 -5.62 -25.35
C LEU P 58 -20.30 -5.76 -24.79
N GLU P 59 -21.14 -6.56 -25.44
CA GLU P 59 -22.56 -6.70 -25.07
C GLU P 59 -23.03 -8.08 -25.52
N VAL P 60 -23.85 -8.68 -24.67
CA VAL P 60 -24.42 -10.05 -24.85
C VAL P 60 -25.86 -9.97 -24.39
N ASN P 61 -26.77 -10.59 -25.13
CA ASN P 61 -28.21 -10.62 -24.78
C ASN P 61 -28.71 -12.05 -24.94
N GLU P 62 -28.94 -12.74 -23.82
CA GLU P 62 -29.36 -14.17 -23.78
C GLU P 62 -30.80 -14.28 -24.31
N ILE P 63 -31.60 -13.23 -24.13
CA ILE P 63 -33.02 -13.17 -24.59
C ILE P 63 -33.04 -13.15 -26.14
N THR P 64 -32.31 -12.20 -26.76
CA THR P 64 -32.34 -11.95 -28.23
C THR P 64 -31.31 -12.83 -28.96
N ASN P 65 -30.37 -13.46 -28.24
CA ASN P 65 -29.28 -14.28 -28.85
C ASN P 65 -28.46 -13.39 -29.79
N GLU P 66 -27.98 -12.26 -29.27
CA GLU P 66 -27.13 -11.28 -30.00
C GLU P 66 -25.88 -11.02 -29.18
N VAL P 67 -24.73 -10.95 -29.86
CA VAL P 67 -23.43 -10.53 -29.26
C VAL P 67 -22.87 -9.37 -30.05
N ASP P 68 -22.20 -8.44 -29.36
CA ASP P 68 -21.46 -7.30 -29.93
C ASP P 68 -19.98 -7.54 -29.58
N VAL P 69 -19.15 -7.75 -30.59
CA VAL P 69 -17.76 -8.24 -30.41
C VAL P 69 -16.79 -7.37 -31.23
N VAL P 70 -15.55 -7.26 -30.75
CA VAL P 70 -14.40 -6.65 -31.46
C VAL P 70 -13.38 -7.76 -31.71
N PHE P 71 -12.97 -7.94 -32.97
CA PHE P 71 -11.95 -8.95 -33.36
C PHE P 71 -11.05 -8.38 -34.45
N TRP P 72 -9.82 -8.87 -34.51
CA TRP P 72 -8.90 -8.66 -35.64
C TRP P 72 -9.13 -9.79 -36.64
N GLN P 73 -9.50 -9.44 -37.87
CA GLN P 73 -9.79 -10.41 -38.95
C GLN P 73 -8.52 -10.60 -39.77
N GLN P 74 -7.59 -11.42 -39.27
CA GLN P 74 -6.32 -11.72 -39.97
C GLN P 74 -6.64 -12.45 -41.28
N THR P 75 -6.32 -11.81 -42.40
CA THR P 75 -6.65 -12.27 -43.77
C THR P 75 -5.37 -12.25 -44.60
N THR P 76 -5.05 -13.36 -45.25
CA THR P 76 -3.85 -13.48 -46.11
C THR P 76 -4.23 -14.19 -47.40
N TRP P 77 -3.57 -13.80 -48.49
CA TRP P 77 -3.73 -14.40 -49.82
C TRP P 77 -2.56 -13.91 -50.67
N SER P 78 -2.41 -14.49 -51.85
CA SER P 78 -1.32 -14.17 -52.79
C SER P 78 -1.91 -13.45 -54.00
N ASP P 79 -1.28 -12.35 -54.41
CA ASP P 79 -1.57 -11.68 -55.69
C ASP P 79 -0.22 -11.43 -56.36
N ARG P 80 0.15 -12.27 -57.32
CA ARG P 80 1.47 -12.27 -57.99
C ARG P 80 1.65 -10.99 -58.81
N THR P 81 0.56 -10.32 -59.22
CA THR P 81 0.63 -9.05 -60.00
C THR P 81 1.23 -7.93 -59.13
N LEU P 82 1.27 -8.08 -57.81
CA LEU P 82 1.85 -7.06 -56.89
C LEU P 82 3.37 -7.28 -56.71
N ALA P 83 3.89 -8.44 -57.11
CA ALA P 83 5.26 -8.90 -56.74
C ALA P 83 6.32 -7.96 -57.36
N TRP P 84 7.44 -7.78 -56.67
CA TRP P 84 8.62 -7.03 -57.20
C TRP P 84 9.91 -7.76 -56.78
N ASN P 85 11.01 -7.45 -57.46
CA ASN P 85 12.38 -7.94 -57.14
C ASN P 85 12.85 -7.31 -55.83
N SER P 86 13.01 -8.11 -54.78
CA SER P 86 13.34 -7.65 -53.39
C SER P 86 14.81 -7.25 -53.28
N SER P 87 15.68 -7.62 -54.23
CA SER P 87 17.12 -7.28 -54.21
C SER P 87 17.27 -5.75 -54.15
N HIS P 88 17.93 -5.24 -53.11
CA HIS P 88 18.15 -3.79 -52.86
C HIS P 88 16.83 -3.02 -52.84
N SER P 89 15.78 -3.63 -52.30
CA SER P 89 14.42 -3.04 -52.18
C SER P 89 13.81 -3.42 -50.84
N PRO P 90 12.76 -2.71 -50.38
CA PRO P 90 11.98 -3.16 -49.21
C PRO P 90 11.41 -4.58 -49.44
N ASP P 91 11.30 -5.36 -48.37
CA ASP P 91 10.68 -6.71 -48.40
C ASP P 91 9.14 -6.57 -48.37
N GLN P 92 8.64 -5.46 -47.79
CA GLN P 92 7.19 -5.22 -47.56
C GLN P 92 6.88 -3.73 -47.70
N VAL P 93 5.66 -3.42 -48.14
CA VAL P 93 5.11 -2.03 -48.11
C VAL P 93 3.69 -2.06 -47.55
N SER P 94 3.25 -0.92 -47.02
CA SER P 94 1.86 -0.66 -46.59
C SER P 94 1.11 -0.04 -47.77
N VAL P 95 -0.02 -0.63 -48.15
CA VAL P 95 -0.82 -0.23 -49.34
C VAL P 95 -2.26 0.00 -48.89
N PRO P 96 -2.90 1.13 -49.27
CA PRO P 96 -4.32 1.32 -49.00
C PRO P 96 -5.09 0.23 -49.75
N ILE P 97 -6.12 -0.35 -49.11
CA ILE P 97 -6.86 -1.51 -49.69
C ILE P 97 -7.63 -1.05 -50.94
N SER P 98 -7.91 0.24 -51.10
CA SER P 98 -8.54 0.80 -52.33
C SER P 98 -7.64 0.54 -53.54
N SER P 99 -6.34 0.30 -53.34
CA SER P 99 -5.38 0.00 -54.44
C SER P 99 -5.16 -1.50 -54.64
N LEU P 100 -5.90 -2.38 -53.96
CA LEU P 100 -5.69 -3.85 -54.02
C LEU P 100 -7.01 -4.56 -54.27
N TRP P 101 -6.96 -5.70 -54.93
CA TRP P 101 -8.06 -6.68 -54.82
C TRP P 101 -8.06 -7.20 -53.37
N VAL P 102 -9.23 -7.25 -52.76
CA VAL P 102 -9.43 -7.77 -51.38
C VAL P 102 -10.57 -8.78 -51.45
N PRO P 103 -10.48 -9.91 -50.73
CA PRO P 103 -11.59 -10.87 -50.69
C PRO P 103 -12.87 -10.19 -50.19
N ASP P 104 -13.99 -10.47 -50.84
CA ASP P 104 -15.34 -9.96 -50.46
C ASP P 104 -15.89 -10.80 -49.30
N LEU P 105 -15.18 -10.89 -48.19
CA LEU P 105 -15.59 -11.68 -47.01
C LEU P 105 -16.78 -11.01 -46.33
N ALA P 106 -17.73 -11.81 -45.86
CA ALA P 106 -18.90 -11.37 -45.08
C ALA P 106 -19.18 -12.43 -44.01
N ALA P 107 -19.67 -11.98 -42.87
CA ALA P 107 -20.18 -12.84 -41.79
C ALA P 107 -21.65 -13.15 -42.10
N TYR P 108 -21.96 -14.40 -42.40
CA TYR P 108 -23.30 -14.86 -42.87
C TYR P 108 -24.36 -14.60 -41.79
N ASN P 109 -23.97 -14.57 -40.52
CA ASN P 109 -24.93 -14.37 -39.39
C ASN P 109 -24.71 -13.00 -38.72
N ALA P 110 -24.07 -12.04 -39.41
CA ALA P 110 -23.94 -10.65 -38.92
C ALA P 110 -25.29 -9.97 -38.98
N ILE P 111 -25.59 -9.12 -38.00
CA ILE P 111 -26.85 -8.31 -37.96
C ILE P 111 -26.50 -6.82 -37.91
N SER P 112 -25.22 -6.46 -38.10
CA SER P 112 -24.75 -5.06 -38.29
C SER P 112 -23.65 -5.05 -39.34
N LYS P 113 -23.45 -3.89 -39.98
CA LYS P 113 -22.32 -3.67 -40.92
C LYS P 113 -21.02 -3.82 -40.13
N PRO P 114 -19.97 -4.41 -40.69
CA PRO P 114 -18.67 -4.42 -40.02
C PRO P 114 -18.20 -2.96 -39.86
N GLU P 115 -17.94 -2.53 -38.62
CA GLU P 115 -17.36 -1.21 -38.30
C GLU P 115 -15.84 -1.40 -38.20
N VAL P 116 -15.10 -0.94 -39.20
CA VAL P 116 -13.61 -1.07 -39.25
C VAL P 116 -13.03 0.05 -38.39
N LEU P 117 -12.26 -0.30 -37.36
CA LEU P 117 -11.77 0.64 -36.33
C LEU P 117 -10.37 1.14 -36.68
N THR P 118 -9.72 0.53 -37.66
CA THR P 118 -8.27 0.72 -37.93
C THR P 118 -8.06 1.30 -39.31
N PRO P 119 -6.88 1.91 -39.57
CA PRO P 119 -6.51 2.37 -40.90
C PRO P 119 -6.64 1.24 -41.92
N GLN P 120 -7.23 1.55 -43.07
CA GLN P 120 -7.58 0.56 -44.12
C GLN P 120 -6.36 0.37 -45.03
N LEU P 121 -5.28 -0.13 -44.43
CA LEU P 121 -3.99 -0.44 -45.12
C LEU P 121 -3.75 -1.94 -44.98
N ALA P 122 -3.19 -2.56 -46.01
CA ALA P 122 -2.69 -3.95 -45.98
C ALA P 122 -1.17 -3.92 -46.14
N ARG P 123 -0.51 -4.98 -45.68
CA ARG P 123 0.93 -5.22 -45.89
C ARG P 123 1.09 -6.11 -47.13
N VAL P 124 1.89 -5.67 -48.10
CA VAL P 124 2.21 -6.47 -49.30
C VAL P 124 3.68 -6.85 -49.24
N VAL P 125 3.98 -8.15 -49.32
CA VAL P 125 5.35 -8.71 -49.35
C VAL P 125 5.79 -8.76 -50.81
N SER P 126 7.10 -8.67 -51.06
CA SER P 126 7.71 -8.61 -52.41
C SER P 126 7.30 -9.80 -53.28
N ASP P 127 6.91 -10.94 -52.68
CA ASP P 127 6.46 -12.14 -53.43
C ASP P 127 4.97 -12.04 -53.77
N GLY P 128 4.27 -10.98 -53.34
CA GLY P 128 2.85 -10.76 -53.69
C GLY P 128 1.90 -11.29 -52.64
N GLU P 129 2.42 -11.76 -51.51
CA GLU P 129 1.58 -12.13 -50.35
C GLU P 129 1.02 -10.85 -49.74
N VAL P 130 -0.28 -10.84 -49.46
CA VAL P 130 -0.98 -9.70 -48.81
C VAL P 130 -1.40 -10.13 -47.42
N LEU P 131 -1.14 -9.29 -46.42
CA LEU P 131 -1.65 -9.43 -45.05
C LEU P 131 -2.56 -8.24 -44.75
N TYR P 132 -3.86 -8.48 -44.60
CA TYR P 132 -4.86 -7.46 -44.23
C TYR P 132 -5.49 -7.92 -42.92
N MET P 133 -5.37 -7.11 -41.88
CA MET P 133 -5.88 -7.44 -40.53
C MET P 133 -6.61 -6.21 -39.97
N PRO P 134 -7.85 -5.94 -40.41
CA PRO P 134 -8.64 -4.90 -39.79
C PRO P 134 -9.12 -5.32 -38.40
N SER P 135 -9.22 -4.36 -37.49
CA SER P 135 -10.01 -4.49 -36.24
C SER P 135 -11.44 -4.13 -36.59
N ILE P 136 -12.36 -5.07 -36.33
CA ILE P 136 -13.80 -4.95 -36.69
C ILE P 136 -14.64 -5.07 -35.43
N ARG P 137 -15.57 -4.14 -35.25
CA ARG P 137 -16.68 -4.28 -34.28
C ARG P 137 -17.93 -4.64 -35.08
N GLN P 138 -18.61 -5.72 -34.70
CA GLN P 138 -19.79 -6.23 -35.41
C GLN P 138 -20.70 -7.00 -34.45
N ARG P 139 -22.01 -6.99 -34.72
CA ARG P 139 -23.05 -7.68 -33.92
C ARG P 139 -23.46 -8.94 -34.68
N PHE P 140 -23.67 -10.05 -33.97
CA PHE P 140 -24.05 -11.35 -34.57
C PHE P 140 -25.28 -11.92 -33.87
N SER P 141 -26.07 -12.67 -34.64
CA SER P 141 -27.12 -13.61 -34.18
C SER P 141 -26.46 -14.97 -34.00
N CYS P 142 -26.36 -15.43 -32.76
CA CYS P 142 -25.73 -16.74 -32.42
C CYS P 142 -26.19 -17.21 -31.03
N ASP P 143 -25.84 -18.45 -30.67
CA ASP P 143 -26.29 -19.11 -29.43
C ASP P 143 -25.59 -18.50 -28.23
N VAL P 144 -26.32 -17.68 -27.47
CA VAL P 144 -25.82 -17.00 -26.23
C VAL P 144 -26.24 -17.83 -24.99
N SER P 145 -27.06 -18.87 -25.16
CA SER P 145 -27.57 -19.71 -24.05
C SER P 145 -26.39 -20.29 -23.26
N GLY P 146 -26.42 -20.16 -21.93
CA GLY P 146 -25.42 -20.77 -21.02
C GLY P 146 -24.24 -19.84 -20.76
N VAL P 147 -24.39 -18.55 -21.08
CA VAL P 147 -23.31 -17.54 -20.93
C VAL P 147 -22.95 -17.38 -19.45
N ASP P 148 -23.92 -17.56 -18.55
CA ASP P 148 -23.75 -17.35 -17.07
C ASP P 148 -23.35 -18.66 -16.37
N THR P 149 -23.19 -19.75 -17.12
CA THR P 149 -22.79 -21.08 -16.58
C THR P 149 -21.27 -21.22 -16.69
N GLU P 150 -20.74 -22.33 -16.16
CA GLU P 150 -19.29 -22.65 -16.13
C GLU P 150 -18.86 -23.16 -17.51
N SER P 151 -19.69 -23.94 -18.17
CA SER P 151 -19.49 -24.44 -19.56
C SER P 151 -19.51 -23.26 -20.55
N GLY P 152 -20.30 -22.22 -20.25
CA GLY P 152 -20.38 -20.97 -21.04
C GLY P 152 -21.23 -21.14 -22.29
N ALA P 153 -21.42 -20.04 -23.05
CA ALA P 153 -22.09 -20.04 -24.37
C ALA P 153 -21.07 -20.44 -25.46
N THR P 154 -21.55 -21.05 -26.54
CA THR P 154 -20.77 -21.26 -27.78
C THR P 154 -21.50 -20.50 -28.90
N CYS P 155 -20.92 -19.35 -29.30
CA CYS P 155 -21.42 -18.47 -30.38
C CYS P 155 -20.63 -18.79 -31.67
N ARG P 156 -21.32 -19.27 -32.70
CA ARG P 156 -20.71 -19.64 -34.01
C ARG P 156 -20.84 -18.47 -34.97
N ILE P 157 -19.72 -17.99 -35.51
CA ILE P 157 -19.64 -16.91 -36.53
C ILE P 157 -19.12 -17.55 -37.83
N LYS P 158 -19.86 -17.42 -38.92
CA LYS P 158 -19.51 -18.02 -40.24
C LYS P 158 -19.05 -16.90 -41.19
N ILE P 159 -17.82 -16.98 -41.69
CA ILE P 159 -17.21 -15.95 -42.57
C ILE P 159 -16.75 -16.62 -43.86
N GLY P 160 -17.24 -16.13 -45.00
CA GLY P 160 -16.81 -16.56 -46.34
C GLY P 160 -17.02 -15.49 -47.40
N SER P 161 -16.60 -15.76 -48.62
CA SER P 161 -16.80 -14.86 -49.78
C SER P 161 -18.31 -14.69 -49.99
N TRP P 162 -18.76 -13.46 -50.24
CA TRP P 162 -20.18 -13.19 -50.53
C TRP P 162 -20.52 -13.62 -51.96
N THR P 163 -19.63 -13.49 -52.94
CA THR P 163 -19.99 -13.70 -54.36
C THR P 163 -19.08 -14.70 -55.08
N HIS P 164 -17.97 -15.12 -54.47
CA HIS P 164 -17.01 -16.07 -55.12
C HIS P 164 -17.22 -17.47 -54.52
N HIS P 165 -17.55 -18.45 -55.36
CA HIS P 165 -17.75 -19.87 -54.94
C HIS P 165 -16.40 -20.59 -54.90
N SER P 166 -16.41 -21.87 -54.52
CA SER P 166 -15.21 -22.71 -54.20
C SER P 166 -14.21 -22.75 -55.37
N ARG P 167 -14.65 -22.57 -56.60
CA ARG P 167 -13.74 -22.61 -57.77
C ARG P 167 -12.96 -21.31 -57.91
N GLU P 168 -13.33 -20.24 -57.19
CA GLU P 168 -12.69 -18.90 -57.35
C GLU P 168 -11.97 -18.52 -56.05
N ILE P 169 -12.60 -18.75 -54.91
CA ILE P 169 -11.99 -18.52 -53.58
C ILE P 169 -12.15 -19.78 -52.73
N SER P 170 -11.07 -20.21 -52.09
CA SER P 170 -11.12 -21.19 -50.96
C SER P 170 -10.76 -20.43 -49.68
N VAL P 171 -11.41 -20.77 -48.58
CA VAL P 171 -11.18 -20.12 -47.26
C VAL P 171 -10.60 -21.23 -46.36
N ASP P 172 -9.42 -21.01 -45.79
CA ASP P 172 -8.80 -21.95 -44.85
C ASP P 172 -8.55 -21.23 -43.54
N PRO P 173 -8.84 -21.85 -42.38
CA PRO P 173 -8.45 -21.27 -41.10
C PRO P 173 -6.93 -21.43 -40.94
N THR P 174 -6.24 -20.48 -40.29
CA THR P 174 -4.90 -20.76 -39.66
C THR P 174 -5.14 -20.96 -38.16
N THR P 175 -4.28 -21.77 -37.53
CA THR P 175 -4.22 -22.02 -36.06
C THR P 175 -2.97 -21.32 -35.52
N SER P 181 -5.51 -16.91 -26.81
CA SER P 181 -6.13 -15.70 -26.21
C SER P 181 -5.03 -14.76 -25.69
N GLU P 182 -3.98 -14.63 -26.48
CA GLU P 182 -2.94 -13.57 -26.31
C GLU P 182 -3.56 -12.17 -26.44
N TYR P 183 -4.64 -11.99 -27.16
CA TYR P 183 -5.18 -10.73 -27.68
C TYR P 183 -6.39 -10.25 -26.86
N PHE P 184 -7.03 -11.13 -26.06
CA PHE P 184 -8.33 -10.78 -25.44
C PHE P 184 -8.10 -9.80 -24.28
N SER P 185 -8.97 -8.82 -24.14
CA SER P 185 -8.87 -7.76 -23.09
C SER P 185 -9.09 -8.42 -21.72
N GLN P 186 -8.15 -8.20 -20.81
CA GLN P 186 -8.26 -8.65 -19.39
C GLN P 186 -9.40 -7.90 -18.69
N TYR P 187 -9.87 -6.78 -19.25
CA TYR P 187 -10.84 -5.87 -18.59
C TYR P 187 -12.27 -6.16 -19.04
N SER P 188 -12.47 -7.09 -19.97
CA SER P 188 -13.82 -7.55 -20.40
C SER P 188 -14.57 -8.14 -19.20
N ARG P 189 -15.90 -7.96 -19.15
CA ARG P 189 -16.81 -8.67 -18.21
C ARG P 189 -16.80 -10.16 -18.53
N PHE P 190 -16.37 -10.54 -19.73
CA PHE P 190 -16.40 -11.94 -20.22
C PHE P 190 -14.98 -12.48 -20.27
N GLU P 191 -14.87 -13.81 -20.33
CA GLU P 191 -13.58 -14.51 -20.54
C GLU P 191 -13.81 -15.60 -21.59
N ILE P 192 -12.76 -15.90 -22.34
CA ILE P 192 -12.79 -16.89 -23.44
C ILE P 192 -12.32 -18.22 -22.87
N LEU P 193 -13.14 -19.26 -23.02
CA LEU P 193 -12.82 -20.65 -22.62
C LEU P 193 -12.12 -21.34 -23.79
N ASP P 194 -12.63 -21.16 -25.01
CA ASP P 194 -12.06 -21.79 -26.23
C ASP P 194 -12.52 -21.05 -27.50
N VAL P 195 -11.65 -21.01 -28.49
CA VAL P 195 -11.98 -20.55 -29.87
C VAL P 195 -11.52 -21.64 -30.83
N THR P 196 -12.44 -22.26 -31.56
CA THR P 196 -12.12 -23.24 -32.61
C THR P 196 -12.56 -22.65 -33.95
N GLN P 197 -11.73 -22.81 -34.98
CA GLN P 197 -11.96 -22.24 -36.33
C GLN P 197 -11.80 -23.40 -37.31
N LYS P 198 -12.92 -23.81 -37.95
CA LYS P 198 -12.95 -24.99 -38.83
C LYS P 198 -13.51 -24.58 -40.19
N LYS P 199 -12.97 -25.17 -41.26
CA LYS P 199 -13.46 -25.02 -42.64
C LYS P 199 -14.84 -25.67 -42.74
N ASN P 200 -15.75 -25.03 -43.47
CA ASN P 200 -17.07 -25.61 -43.82
C ASN P 200 -17.41 -25.11 -45.22
N SER P 201 -18.55 -25.53 -45.75
CA SER P 201 -19.13 -25.10 -47.04
C SER P 201 -20.62 -24.92 -46.82
N VAL P 202 -21.19 -23.85 -47.38
CA VAL P 202 -22.66 -23.63 -47.35
C VAL P 202 -23.18 -23.60 -48.79
N THR P 203 -24.27 -24.31 -49.02
CA THR P 203 -25.04 -24.33 -50.29
C THR P 203 -26.48 -23.99 -49.90
N TYR P 204 -27.14 -23.10 -50.65
CA TYR P 204 -28.57 -22.78 -50.53
C TYR P 204 -29.30 -23.24 -51.79
N SER P 205 -30.60 -23.45 -51.70
CA SER P 205 -31.53 -23.84 -52.80
C SER P 205 -31.48 -22.83 -53.95
N CYS P 206 -31.20 -21.54 -53.68
CA CYS P 206 -31.13 -20.44 -54.68
C CYS P 206 -30.06 -20.74 -55.74
N CYS P 207 -28.95 -21.34 -55.31
CA CYS P 207 -27.62 -21.21 -55.95
C CYS P 207 -26.94 -22.56 -55.99
N PRO P 208 -26.63 -23.10 -57.20
CA PRO P 208 -26.06 -24.45 -57.31
C PRO P 208 -24.62 -24.61 -56.80
N GLU P 209 -23.93 -23.51 -56.49
CA GLU P 209 -22.49 -23.51 -56.12
C GLU P 209 -22.36 -23.58 -54.60
N ALA P 210 -21.26 -24.18 -54.14
CA ALA P 210 -20.84 -24.22 -52.71
C ALA P 210 -19.94 -23.01 -52.42
N TYR P 211 -20.18 -22.33 -51.30
CA TYR P 211 -19.38 -21.18 -50.80
C TYR P 211 -18.61 -21.66 -49.57
N GLU P 212 -17.29 -21.61 -49.65
CA GLU P 212 -16.40 -22.03 -48.53
C GLU P 212 -16.45 -20.94 -47.47
N ASP P 213 -16.50 -21.35 -46.19
CA ASP P 213 -16.49 -20.43 -45.05
C ASP P 213 -15.55 -21.01 -43.99
N VAL P 214 -15.15 -20.15 -43.05
CA VAL P 214 -14.55 -20.55 -41.77
C VAL P 214 -15.63 -20.36 -40.71
N GLU P 215 -15.91 -21.42 -39.96
CA GLU P 215 -16.85 -21.42 -38.82
C GLU P 215 -16.02 -21.21 -37.56
N VAL P 216 -16.27 -20.11 -36.87
CA VAL P 216 -15.50 -19.70 -35.66
C VAL P 216 -16.42 -19.92 -34.46
N SER P 217 -16.09 -20.89 -33.60
CA SER P 217 -16.86 -21.21 -32.39
C SER P 217 -16.23 -20.50 -31.20
N LEU P 218 -16.91 -19.47 -30.71
CA LEU P 218 -16.46 -18.65 -29.56
C LEU P 218 -17.13 -19.20 -28.30
N ASN P 219 -16.39 -19.99 -27.53
CA ASN P 219 -16.86 -20.54 -26.23
C ASN P 219 -16.38 -19.56 -25.16
N PHE P 220 -17.32 -18.85 -24.55
CA PHE P 220 -17.04 -17.74 -23.59
C PHE P 220 -18.10 -17.75 -22.48
N ARG P 221 -17.84 -17.06 -21.38
CA ARG P 221 -18.80 -16.93 -20.24
C ARG P 221 -18.57 -15.61 -19.51
N LYS P 222 -19.59 -15.15 -18.79
CA LYS P 222 -19.49 -13.99 -17.85
C LYS P 222 -18.54 -14.38 -16.73
N LYS P 223 -17.76 -13.42 -16.21
CA LYS P 223 -16.77 -13.66 -15.13
C LYS P 223 -17.53 -13.56 -13.82
N LEU Q 20 -11.45 -14.88 -73.58
CA LEU Q 20 -11.39 -13.68 -72.69
C LEU Q 20 -11.11 -14.15 -71.27
N ASP Q 21 -10.31 -13.41 -70.51
CA ASP Q 21 -10.09 -13.67 -69.06
C ASP Q 21 -10.90 -12.66 -68.24
N ARG Q 22 -10.94 -12.84 -66.92
CA ARG Q 22 -11.71 -12.00 -65.97
C ARG Q 22 -11.30 -10.54 -66.12
N ALA Q 23 -10.00 -10.28 -66.19
CA ALA Q 23 -9.44 -8.90 -66.24
C ALA Q 23 -10.02 -8.16 -67.44
N ASP Q 24 -10.11 -8.81 -68.61
CA ASP Q 24 -10.61 -8.20 -69.87
C ASP Q 24 -12.11 -7.92 -69.75
N ILE Q 25 -12.88 -8.89 -69.24
CA ILE Q 25 -14.35 -8.75 -69.08
C ILE Q 25 -14.64 -7.57 -68.15
N LEU Q 26 -13.95 -7.52 -67.01
CA LEU Q 26 -14.16 -6.46 -65.99
C LEU Q 26 -13.70 -5.10 -66.51
N TYR Q 27 -12.63 -5.07 -67.31
CA TYR Q 27 -12.16 -3.85 -68.00
C TYR Q 27 -13.28 -3.36 -68.94
N ASN Q 28 -13.79 -4.24 -69.79
CA ASN Q 28 -14.84 -3.91 -70.79
C ASN Q 28 -16.08 -3.35 -70.07
N ILE Q 29 -16.52 -4.03 -69.00
CA ILE Q 29 -17.71 -3.60 -68.22
C ILE Q 29 -17.42 -2.23 -67.60
N ARG Q 30 -16.28 -2.05 -66.94
CA ARG Q 30 -15.92 -0.76 -66.28
C ARG Q 30 -15.90 0.37 -67.33
N GLN Q 31 -15.37 0.11 -68.51
CA GLN Q 31 -15.14 1.17 -69.54
C GLN Q 31 -16.44 1.57 -70.25
N THR Q 32 -17.42 0.67 -70.37
CA THR Q 32 -18.63 0.89 -71.22
C THR Q 32 -19.92 0.81 -70.41
N SER Q 33 -19.84 0.46 -69.15
CA SER Q 33 -20.74 0.75 -68.02
C SER Q 33 -21.31 2.18 -68.12
N ARG Q 34 -22.59 2.19 -68.38
CA ARG Q 34 -23.56 3.34 -68.31
C ARG Q 34 -24.47 3.05 -67.13
N PRO Q 35 -23.99 3.20 -65.87
CA PRO Q 35 -24.80 2.83 -64.70
C PRO Q 35 -26.10 3.65 -64.52
N ASP Q 36 -26.22 4.78 -65.19
CA ASP Q 36 -27.40 5.68 -65.10
C ASP Q 36 -28.43 5.28 -66.16
N VAL Q 37 -28.12 4.33 -67.05
CA VAL Q 37 -28.98 3.99 -68.23
C VAL Q 37 -29.66 2.63 -68.01
N ILE Q 38 -30.98 2.66 -67.76
CA ILE Q 38 -31.81 1.44 -67.70
C ILE Q 38 -31.62 0.68 -69.01
N PRO Q 39 -31.24 -0.62 -68.97
CA PRO Q 39 -30.94 -1.37 -70.19
C PRO Q 39 -32.19 -1.93 -70.87
N THR Q 40 -33.14 -1.07 -71.26
CA THR Q 40 -34.32 -1.46 -72.04
C THR Q 40 -33.86 -1.95 -73.41
N GLN Q 41 -34.44 -3.04 -73.91
CA GLN Q 41 -34.14 -3.61 -75.24
C GLN Q 41 -35.39 -3.38 -76.09
N ARG Q 42 -35.20 -2.81 -77.28
CA ARG Q 42 -36.30 -2.49 -78.24
C ARG Q 42 -37.56 -2.03 -77.50
N ASP Q 43 -37.44 -1.06 -76.58
CA ASP Q 43 -38.57 -0.36 -75.93
C ASP Q 43 -39.44 -1.35 -75.12
N ARG Q 44 -38.88 -2.50 -74.70
CA ARG Q 44 -39.58 -3.45 -73.82
C ARG Q 44 -39.05 -3.29 -72.41
N PRO Q 45 -39.88 -3.44 -71.36
CA PRO Q 45 -39.46 -3.11 -70.01
C PRO Q 45 -38.36 -4.08 -69.55
N VAL Q 46 -37.51 -3.63 -68.64
CA VAL Q 46 -36.53 -4.52 -67.95
C VAL Q 46 -37.32 -5.31 -66.92
N ALA Q 47 -37.31 -6.62 -67.02
CA ALA Q 47 -37.96 -7.55 -66.07
C ALA Q 47 -37.04 -7.74 -64.87
N VAL Q 48 -37.42 -7.19 -63.73
CA VAL Q 48 -36.67 -7.32 -62.45
C VAL Q 48 -37.39 -8.33 -61.56
N SER Q 49 -36.71 -9.41 -61.19
CA SER Q 49 -37.21 -10.41 -60.21
C SER Q 49 -36.69 -10.03 -58.83
N VAL Q 50 -37.57 -10.02 -57.84
CA VAL Q 50 -37.27 -9.67 -56.43
C VAL Q 50 -37.85 -10.77 -55.55
N SER Q 51 -37.06 -11.27 -54.63
CA SER Q 51 -37.47 -12.25 -53.60
C SER Q 51 -36.72 -11.94 -52.30
N LEU Q 52 -37.41 -11.67 -51.21
CA LEU Q 52 -36.77 -11.47 -49.87
C LEU Q 52 -36.61 -12.82 -49.18
N LYS Q 53 -35.38 -13.13 -48.76
CA LYS Q 53 -35.05 -14.28 -47.88
C LYS Q 53 -34.81 -13.71 -46.48
N PHE Q 54 -35.75 -13.91 -45.57
CA PHE Q 54 -35.67 -13.37 -44.20
C PHE Q 54 -34.60 -14.16 -43.45
N ILE Q 55 -33.68 -13.45 -42.79
CA ILE Q 55 -32.56 -14.06 -42.03
C ILE Q 55 -32.82 -13.88 -40.54
N ASN Q 56 -33.39 -12.74 -40.15
CA ASN Q 56 -33.60 -12.44 -38.72
C ASN Q 56 -34.69 -11.38 -38.58
N ILE Q 57 -35.41 -11.47 -37.46
CA ILE Q 57 -36.32 -10.41 -36.94
C ILE Q 57 -35.73 -9.97 -35.60
N LEU Q 58 -35.23 -8.74 -35.55
CA LEU Q 58 -34.35 -8.26 -34.45
C LEU Q 58 -35.18 -7.56 -33.38
N GLU Q 59 -36.20 -6.82 -33.79
CA GLU Q 59 -37.03 -6.01 -32.88
C GLU Q 59 -38.41 -5.87 -33.49
N VAL Q 60 -39.41 -5.92 -32.63
CA VAL Q 60 -40.86 -5.86 -32.98
C VAL Q 60 -41.51 -5.00 -31.91
N ASN Q 61 -42.40 -4.10 -32.30
CA ASN Q 61 -43.11 -3.22 -31.36
C ASN Q 61 -44.59 -3.21 -31.74
N GLU Q 62 -45.41 -3.89 -30.94
CA GLU Q 62 -46.86 -4.08 -31.20
C GLU Q 62 -47.58 -2.73 -30.98
N ILE Q 63 -47.03 -1.87 -30.12
CA ILE Q 63 -47.58 -0.52 -29.82
C ILE Q 63 -47.41 0.37 -31.06
N THR Q 64 -46.19 0.49 -31.60
CA THR Q 64 -45.84 1.42 -32.72
C THR Q 64 -46.07 0.77 -34.08
N ASN Q 65 -46.26 -0.55 -34.14
CA ASN Q 65 -46.42 -1.31 -35.41
C ASN Q 65 -45.16 -1.11 -36.27
N GLU Q 66 -44.00 -1.40 -35.69
CA GLU Q 66 -42.67 -1.29 -36.35
C GLU Q 66 -41.94 -2.63 -36.19
N VAL Q 67 -41.28 -3.08 -37.25
CA VAL Q 67 -40.38 -4.27 -37.20
C VAL Q 67 -39.01 -3.85 -37.72
N ASP Q 68 -37.97 -4.45 -37.16
CA ASP Q 68 -36.55 -4.32 -37.58
C ASP Q 68 -36.12 -5.69 -38.05
N VAL Q 69 -35.80 -5.83 -39.33
CA VAL Q 69 -35.59 -7.15 -40.00
C VAL Q 69 -34.28 -7.12 -40.80
N VAL Q 70 -33.66 -8.31 -40.92
CA VAL Q 70 -32.52 -8.57 -41.83
C VAL Q 70 -33.00 -9.57 -42.88
N PHE Q 71 -32.84 -9.23 -44.15
CA PHE Q 71 -33.21 -10.10 -45.29
C PHE Q 71 -32.18 -9.98 -46.40
N TRP Q 72 -32.04 -11.04 -47.19
CA TRP Q 72 -31.32 -11.04 -48.48
C TRP Q 72 -32.31 -10.66 -49.56
N GLN Q 73 -32.05 -9.57 -50.27
CA GLN Q 73 -32.94 -9.03 -51.33
C GLN Q 73 -32.43 -9.59 -52.65
N GLN Q 74 -32.79 -10.84 -52.97
CA GLN Q 74 -32.41 -11.51 -54.23
C GLN Q 74 -33.03 -10.76 -55.39
N THR Q 75 -32.20 -10.15 -56.24
CA THR Q 75 -32.61 -9.25 -57.35
C THR Q 75 -31.91 -9.75 -58.60
N THR Q 76 -32.68 -9.99 -59.67
CA THR Q 76 -32.14 -10.46 -60.97
C THR Q 76 -32.79 -9.65 -62.09
N TRP Q 77 -32.02 -9.41 -63.14
CA TRP Q 77 -32.47 -8.72 -64.35
C TRP Q 77 -31.42 -8.96 -65.43
N SER Q 78 -31.74 -8.60 -66.66
CA SER Q 78 -30.86 -8.80 -67.82
C SER Q 78 -30.35 -7.44 -68.28
N ASP Q 79 -29.06 -7.34 -68.52
CA ASP Q 79 -28.42 -6.17 -69.20
C ASP Q 79 -27.52 -6.74 -70.30
N ARG Q 80 -28.02 -6.74 -71.54
CA ARG Q 80 -27.37 -7.37 -72.72
C ARG Q 80 -26.05 -6.63 -73.03
N THR Q 81 -25.90 -5.36 -72.63
CA THR Q 81 -24.67 -4.57 -72.88
C THR Q 81 -23.50 -5.16 -72.08
N LEU Q 82 -23.74 -5.99 -71.07
CA LEU Q 82 -22.68 -6.64 -70.25
C LEU Q 82 -22.23 -7.96 -70.88
N ALA Q 83 -22.97 -8.51 -71.84
CA ALA Q 83 -22.81 -9.89 -72.34
C ALA Q 83 -21.44 -10.04 -73.01
N TRP Q 84 -20.85 -11.23 -72.92
CA TRP Q 84 -19.61 -11.58 -73.65
C TRP Q 84 -19.72 -13.02 -74.16
N ASN Q 85 -18.86 -13.36 -75.13
CA ASN Q 85 -18.73 -14.72 -75.70
C ASN Q 85 -18.10 -15.64 -74.64
N SER Q 86 -18.85 -16.62 -74.13
CA SER Q 86 -18.46 -17.50 -73.00
C SER Q 86 -17.46 -18.57 -73.46
N SER Q 87 -17.29 -18.80 -74.77
CA SER Q 87 -16.34 -19.82 -75.30
C SER Q 87 -14.92 -19.48 -74.81
N HIS Q 88 -14.29 -20.40 -74.09
CA HIS Q 88 -12.93 -20.27 -73.49
C HIS Q 88 -12.86 -19.03 -72.59
N SER Q 89 -13.94 -18.73 -71.86
CA SER Q 89 -14.04 -17.57 -70.94
C SER Q 89 -14.79 -17.98 -69.69
N PRO Q 90 -14.67 -17.23 -68.58
CA PRO Q 90 -15.54 -17.44 -67.42
C PRO Q 90 -17.02 -17.34 -67.78
N ASP Q 91 -17.88 -18.11 -67.11
CA ASP Q 91 -19.35 -18.04 -67.28
C ASP Q 91 -19.91 -16.85 -66.48
N GLN Q 92 -19.21 -16.44 -65.42
CA GLN Q 92 -19.68 -15.39 -64.47
C GLN Q 92 -18.48 -14.59 -63.94
N VAL Q 93 -18.70 -13.33 -63.61
CA VAL Q 93 -17.71 -12.49 -62.87
C VAL Q 93 -18.44 -11.72 -61.77
N SER Q 94 -17.69 -11.33 -60.73
CA SER Q 94 -18.13 -10.41 -59.65
C SER Q 94 -17.80 -8.98 -60.07
N VAL Q 95 -18.80 -8.10 -60.04
CA VAL Q 95 -18.69 -6.69 -60.51
C VAL Q 95 -19.19 -5.78 -59.41
N PRO Q 96 -18.45 -4.70 -59.05
CA PRO Q 96 -18.97 -3.71 -58.12
C PRO Q 96 -20.22 -3.07 -58.73
N ILE Q 97 -21.27 -2.85 -57.93
CA ILE Q 97 -22.57 -2.33 -58.45
C ILE Q 97 -22.39 -0.88 -58.93
N SER Q 98 -21.36 -0.16 -58.48
CA SER Q 98 -21.03 1.19 -58.99
C SER Q 98 -20.71 1.13 -60.49
N SER Q 99 -20.34 -0.04 -61.02
CA SER Q 99 -20.06 -0.23 -62.47
C SER Q 99 -21.29 -0.74 -63.24
N LEU Q 100 -22.47 -0.86 -62.64
CA LEU Q 100 -23.67 -1.44 -63.30
C LEU Q 100 -24.87 -0.52 -63.09
N TRP Q 101 -25.80 -0.52 -64.03
CA TRP Q 101 -27.18 -0.08 -63.73
C TRP Q 101 -27.79 -1.07 -62.74
N VAL Q 102 -28.45 -0.53 -61.72
CA VAL Q 102 -29.17 -1.33 -60.68
C VAL Q 102 -30.59 -0.76 -60.58
N PRO Q 103 -31.62 -1.62 -60.43
CA PRO Q 103 -32.98 -1.14 -60.25
C PRO Q 103 -33.11 -0.19 -59.07
N ASP Q 104 -33.84 0.91 -59.25
CA ASP Q 104 -34.09 1.91 -58.17
C ASP Q 104 -35.23 1.40 -57.26
N LEU Q 105 -35.07 0.22 -56.68
CA LEU Q 105 -36.10 -0.39 -55.81
C LEU Q 105 -36.15 0.39 -54.48
N ALA Q 106 -37.36 0.58 -53.97
CA ALA Q 106 -37.61 1.13 -52.62
C ALA Q 106 -38.73 0.31 -51.97
N ALA Q 107 -38.65 0.16 -50.66
CA ALA Q 107 -39.74 -0.36 -49.82
C ALA Q 107 -40.65 0.84 -49.48
N TYR Q 108 -41.88 0.84 -49.99
CA TYR Q 108 -42.83 1.97 -49.88
C TYR Q 108 -43.20 2.22 -48.41
N ASN Q 109 -43.09 1.21 -47.54
CA ASN Q 109 -43.44 1.34 -46.09
C ASN Q 109 -42.18 1.24 -45.21
N ALA Q 110 -40.98 1.47 -45.76
CA ALA Q 110 -39.73 1.54 -44.96
C ALA Q 110 -39.74 2.83 -44.13
N ILE Q 111 -39.23 2.77 -42.90
CA ILE Q 111 -39.10 3.96 -42.01
C ILE Q 111 -37.63 4.17 -41.63
N SER Q 112 -36.70 3.42 -42.26
CA SER Q 112 -35.25 3.63 -42.15
C SER Q 112 -34.60 3.40 -43.52
N LYS Q 113 -33.44 3.98 -43.74
CA LYS Q 113 -32.60 3.72 -44.95
C LYS Q 113 -32.23 2.26 -44.96
N PRO Q 114 -32.20 1.56 -46.10
CA PRO Q 114 -31.67 0.21 -46.14
C PRO Q 114 -30.18 0.24 -45.72
N GLU Q 115 -29.82 -0.50 -44.68
CA GLU Q 115 -28.42 -0.67 -44.22
C GLU Q 115 -27.89 -1.93 -44.89
N VAL Q 116 -27.03 -1.78 -45.89
CA VAL Q 116 -26.43 -2.92 -46.64
C VAL Q 116 -25.26 -3.47 -45.81
N LEU Q 117 -25.31 -4.75 -45.45
CA LEU Q 117 -24.36 -5.37 -44.49
C LEU Q 117 -23.22 -6.04 -45.25
N THR Q 118 -23.35 -6.20 -46.57
CA THR Q 118 -22.49 -7.09 -47.38
C THR Q 118 -21.73 -6.27 -48.42
N PRO Q 119 -20.62 -6.82 -48.95
CA PRO Q 119 -19.90 -6.20 -50.06
C PRO Q 119 -20.84 -5.91 -51.24
N GLN Q 120 -20.71 -4.70 -51.81
CA GLN Q 120 -21.59 -4.18 -52.87
C GLN Q 120 -21.13 -4.70 -54.23
N LEU Q 121 -21.14 -6.02 -54.40
CA LEU Q 121 -20.77 -6.72 -55.65
C LEU Q 121 -22.01 -7.45 -56.16
N ALA Q 122 -22.19 -7.52 -57.47
CA ALA Q 122 -23.19 -8.37 -58.14
C ALA Q 122 -22.44 -9.42 -58.95
N ARG Q 123 -23.14 -10.51 -59.27
CA ARG Q 123 -22.67 -11.56 -60.20
C ARG Q 123 -23.24 -11.22 -61.58
N VAL Q 124 -22.38 -11.15 -62.60
CA VAL Q 124 -22.81 -10.98 -64.01
C VAL Q 124 -22.50 -12.28 -64.76
N VAL Q 125 -23.52 -12.86 -65.40
CA VAL Q 125 -23.40 -14.07 -66.25
C VAL Q 125 -23.08 -13.61 -67.67
N SER Q 126 -22.41 -14.45 -68.45
CA SER Q 126 -21.91 -14.13 -69.83
C SER Q 126 -23.06 -13.70 -70.75
N ASP Q 127 -24.30 -14.11 -70.46
CA ASP Q 127 -25.50 -13.72 -71.26
C ASP Q 127 -26.05 -12.36 -70.81
N GLY Q 128 -25.47 -11.74 -69.78
CA GLY Q 128 -25.86 -10.39 -69.33
C GLY Q 128 -26.87 -10.42 -68.21
N GLU Q 129 -27.18 -11.60 -67.68
CA GLU Q 129 -28.00 -11.73 -66.46
C GLU Q 129 -27.18 -11.22 -65.27
N VAL Q 130 -27.80 -10.37 -64.45
CA VAL Q 130 -27.19 -9.83 -63.21
C VAL Q 130 -27.92 -10.44 -62.02
N LEU Q 131 -27.15 -10.94 -61.06
CA LEU Q 131 -27.67 -11.42 -59.75
C LEU Q 131 -27.05 -10.53 -58.66
N TYR Q 132 -27.88 -9.73 -58.02
CA TYR Q 132 -27.47 -8.83 -56.91
C TYR Q 132 -28.31 -9.24 -55.71
N MET Q 133 -27.65 -9.67 -54.63
CA MET Q 133 -28.35 -10.14 -53.42
C MET Q 133 -27.65 -9.54 -52.21
N PRO Q 134 -27.93 -8.26 -51.89
CA PRO Q 134 -27.39 -7.66 -50.67
C PRO Q 134 -28.14 -8.22 -49.45
N SER Q 135 -27.43 -8.35 -48.33
CA SER Q 135 -28.06 -8.48 -46.99
C SER Q 135 -28.38 -7.08 -46.49
N ILE Q 136 -29.65 -6.85 -46.18
CA ILE Q 136 -30.19 -5.52 -45.80
C ILE Q 136 -30.82 -5.64 -44.41
N ARG Q 137 -30.46 -4.71 -43.52
CA ARG Q 137 -31.22 -4.46 -42.28
C ARG Q 137 -32.03 -3.19 -42.49
N GLN Q 138 -33.33 -3.25 -42.24
CA GLN Q 138 -34.27 -2.13 -42.48
C GLN Q 138 -35.47 -2.24 -41.54
N ARG Q 139 -36.04 -1.09 -41.15
CA ARG Q 139 -37.21 -0.98 -40.26
C ARG Q 139 -38.43 -0.66 -41.11
N PHE Q 140 -39.59 -1.27 -40.80
CA PHE Q 140 -40.84 -1.07 -41.56
C PHE Q 140 -41.99 -0.74 -40.61
N SER Q 141 -42.92 0.06 -41.12
CA SER Q 141 -44.28 0.29 -40.55
C SER Q 141 -45.21 -0.75 -41.18
N CYS Q 142 -45.69 -1.69 -40.36
CA CYS Q 142 -46.58 -2.79 -40.82
C CYS Q 142 -47.35 -3.39 -39.63
N ASP Q 143 -48.30 -4.26 -39.92
CA ASP Q 143 -49.24 -4.83 -38.92
C ASP Q 143 -48.49 -5.85 -38.05
N VAL Q 144 -48.19 -5.46 -36.81
CA VAL Q 144 -47.49 -6.30 -35.81
C VAL Q 144 -48.54 -6.97 -34.88
N SER Q 145 -49.82 -6.60 -34.99
CA SER Q 145 -50.90 -7.12 -34.12
C SER Q 145 -50.95 -8.65 -34.22
N GLY Q 146 -50.97 -9.34 -33.08
CA GLY Q 146 -51.13 -10.81 -33.00
C GLY Q 146 -49.80 -11.53 -33.03
N VAL Q 147 -48.70 -10.82 -32.80
CA VAL Q 147 -47.31 -11.39 -32.84
C VAL Q 147 -47.16 -12.44 -31.73
N ASP Q 148 -47.86 -12.29 -30.61
CA ASP Q 148 -47.73 -13.18 -29.42
C ASP Q 148 -48.78 -14.30 -29.45
N THR Q 149 -49.60 -14.36 -30.51
CA THR Q 149 -50.64 -15.41 -30.70
C THR Q 149 -50.06 -16.55 -31.55
N GLU Q 150 -50.84 -17.60 -31.74
CA GLU Q 150 -50.46 -18.82 -32.49
C GLU Q 150 -50.58 -18.55 -33.99
N SER Q 151 -51.60 -17.79 -34.41
CA SER Q 151 -51.80 -17.32 -35.80
C SER Q 151 -50.67 -16.36 -36.21
N GLY Q 152 -50.13 -15.59 -35.25
CA GLY Q 152 -48.99 -14.67 -35.45
C GLY Q 152 -49.39 -13.37 -36.14
N ALA Q 153 -48.45 -12.45 -36.30
CA ALA Q 153 -48.63 -11.18 -37.07
C ALA Q 153 -48.39 -11.46 -38.56
N THR Q 154 -49.04 -10.69 -39.43
CA THR Q 154 -48.74 -10.64 -40.88
C THR Q 154 -48.29 -9.21 -41.20
N CYS Q 155 -46.98 -9.05 -41.42
CA CYS Q 155 -46.31 -7.76 -41.76
C CYS Q 155 -46.10 -7.73 -43.29
N ARG Q 156 -46.74 -6.79 -43.98
CA ARG Q 156 -46.68 -6.66 -45.46
C ARG Q 156 -45.64 -5.58 -45.80
N ILE Q 157 -44.64 -5.96 -46.61
CA ILE Q 157 -43.55 -5.08 -47.12
C ILE Q 157 -43.77 -4.94 -48.63
N LYS Q 158 -43.90 -3.72 -49.13
CA LYS Q 158 -44.15 -3.41 -50.55
C LYS Q 158 -42.86 -2.85 -51.19
N ILE Q 159 -42.34 -3.52 -52.22
CA ILE Q 159 -41.07 -3.15 -52.90
C ILE Q 159 -41.35 -2.96 -54.39
N GLY Q 160 -41.02 -1.78 -54.93
CA GLY Q 160 -41.08 -1.49 -56.37
C GLY Q 160 -40.10 -0.40 -56.79
N SER Q 161 -40.01 -0.14 -58.09
CA SER Q 161 -39.19 0.94 -58.66
C SER Q 161 -39.73 2.26 -58.12
N TRP Q 162 -38.83 3.16 -57.72
CA TRP Q 162 -39.25 4.50 -57.22
C TRP Q 162 -39.64 5.40 -58.41
N THR Q 163 -38.97 5.29 -59.56
CA THR Q 163 -39.16 6.29 -60.66
C THR Q 163 -39.50 5.65 -62.00
N HIS Q 164 -39.41 4.34 -62.15
CA HIS Q 164 -39.68 3.65 -63.45
C HIS Q 164 -41.08 3.01 -63.40
N HIS Q 165 -41.97 3.41 -64.32
CA HIS Q 165 -43.34 2.84 -64.39
C HIS Q 165 -43.29 1.55 -65.24
N SER Q 166 -44.45 0.90 -65.39
CA SER Q 166 -44.62 -0.46 -65.98
C SER Q 166 -44.02 -0.58 -67.38
N ARG Q 167 -43.93 0.51 -68.13
CA ARG Q 167 -43.37 0.47 -69.52
C ARG Q 167 -41.83 0.38 -69.48
N GLU Q 168 -41.19 0.64 -68.35
CA GLU Q 168 -39.70 0.68 -68.27
C GLU Q 168 -39.19 -0.46 -67.37
N ILE Q 169 -39.85 -0.69 -66.24
CA ILE Q 169 -39.53 -1.81 -65.31
C ILE Q 169 -40.80 -2.60 -65.03
N SER Q 170 -40.73 -3.92 -65.09
CA SER Q 170 -41.72 -4.82 -64.43
C SER Q 170 -41.04 -5.49 -63.24
N VAL Q 171 -41.74 -5.62 -62.12
CA VAL Q 171 -41.20 -6.28 -60.90
C VAL Q 171 -42.01 -7.56 -60.70
N ASP Q 172 -41.36 -8.71 -60.68
CA ASP Q 172 -42.03 -10.02 -60.57
C ASP Q 172 -41.43 -10.73 -59.37
N PRO Q 173 -42.26 -11.39 -58.53
CA PRO Q 173 -41.72 -12.24 -57.46
C PRO Q 173 -41.16 -13.51 -58.11
N THR Q 174 -40.13 -14.12 -57.56
CA THR Q 174 -39.27 -15.12 -58.25
C THR Q 174 -40.08 -16.35 -58.65
N THR Q 175 -39.70 -16.95 -59.80
CA THR Q 175 -40.35 -18.15 -60.37
C THR Q 175 -39.39 -19.33 -60.09
N GLU Q 176 -39.89 -20.31 -59.33
CA GLU Q 176 -39.10 -21.24 -58.47
C GLU Q 176 -39.01 -20.59 -57.08
N ASN Q 177 -39.75 -21.20 -56.15
CA ASN Q 177 -40.03 -20.69 -54.78
C ASN Q 177 -39.64 -21.79 -53.78
N SER Q 178 -38.93 -21.39 -52.71
CA SER Q 178 -38.59 -22.22 -51.52
C SER Q 178 -38.97 -21.49 -50.21
N ASP Q 179 -38.95 -22.21 -49.10
CA ASP Q 179 -39.40 -21.77 -47.77
C ASP Q 179 -38.25 -21.17 -46.93
N ASP Q 180 -38.44 -19.94 -46.41
CA ASP Q 180 -37.56 -19.15 -45.56
C ASP Q 180 -37.33 -19.73 -44.18
N SER Q 181 -37.59 -20.99 -43.86
CA SER Q 181 -36.87 -21.77 -42.81
C SER Q 181 -35.41 -22.06 -43.22
N GLU Q 182 -35.16 -22.18 -44.53
CA GLU Q 182 -33.82 -22.48 -45.07
C GLU Q 182 -32.81 -21.40 -44.69
N TYR Q 183 -33.24 -20.13 -44.62
CA TYR Q 183 -32.32 -18.97 -44.43
C TYR Q 183 -32.45 -18.41 -43.01
N PHE Q 184 -33.57 -18.65 -42.34
CA PHE Q 184 -33.94 -17.91 -41.11
C PHE Q 184 -33.08 -18.42 -39.95
N SER Q 185 -32.63 -17.51 -39.10
CA SER Q 185 -31.77 -17.80 -37.92
C SER Q 185 -32.56 -18.64 -36.91
N GLN Q 186 -32.01 -19.79 -36.52
CA GLN Q 186 -32.56 -20.67 -35.48
C GLN Q 186 -32.55 -19.93 -34.13
N TYR Q 187 -31.74 -18.87 -33.98
CA TYR Q 187 -31.49 -18.21 -32.68
C TYR Q 187 -32.39 -16.98 -32.49
N SER Q 188 -33.20 -16.64 -33.49
CA SER Q 188 -34.22 -15.55 -33.38
C SER Q 188 -35.20 -15.86 -32.25
N ARG Q 189 -35.68 -14.83 -31.53
CA ARG Q 189 -36.83 -14.93 -30.58
C ARG Q 189 -38.10 -15.26 -31.36
N PHE Q 190 -38.11 -15.01 -32.67
CA PHE Q 190 -39.29 -15.18 -33.54
C PHE Q 190 -39.10 -16.40 -34.43
N GLU Q 191 -40.20 -16.87 -35.00
CA GLU Q 191 -40.20 -17.94 -36.03
C GLU Q 191 -41.15 -17.52 -37.15
N ILE Q 192 -40.87 -17.98 -38.35
CA ILE Q 192 -41.64 -17.66 -39.58
C ILE Q 192 -42.66 -18.78 -39.77
N LEU Q 193 -43.94 -18.41 -39.86
CA LEU Q 193 -45.06 -19.35 -40.16
C LEU Q 193 -45.21 -19.45 -41.68
N ASP Q 194 -45.16 -18.31 -42.38
CA ASP Q 194 -45.36 -18.27 -43.86
C ASP Q 194 -44.80 -16.96 -44.43
N VAL Q 195 -44.29 -17.03 -45.65
CA VAL Q 195 -43.90 -15.86 -46.48
C VAL Q 195 -44.58 -16.02 -47.83
N THR Q 196 -45.47 -15.10 -48.21
CA THR Q 196 -46.06 -15.06 -49.56
C THR Q 196 -45.59 -13.77 -50.24
N GLN Q 197 -45.26 -13.85 -51.53
CA GLN Q 197 -44.75 -12.72 -52.33
C GLN Q 197 -45.61 -12.64 -53.58
N LYS Q 198 -46.43 -11.59 -53.71
CA LYS Q 198 -47.41 -11.45 -54.80
C LYS Q 198 -47.20 -10.12 -55.52
N LYS Q 199 -47.32 -10.15 -56.85
CA LYS Q 199 -47.25 -8.94 -57.71
C LYS Q 199 -48.46 -8.08 -57.43
N ASN Q 200 -48.28 -6.77 -57.40
CA ASN Q 200 -49.37 -5.76 -57.36
C ASN Q 200 -48.95 -4.57 -58.20
N SER Q 201 -49.83 -3.61 -58.36
CA SER Q 201 -49.59 -2.31 -59.06
C SER Q 201 -50.24 -1.22 -58.21
N VAL Q 202 -49.50 -0.16 -57.94
CA VAL Q 202 -49.99 0.95 -57.06
C VAL Q 202 -49.98 2.24 -57.88
N THR Q 203 -51.13 2.90 -57.88
CA THR Q 203 -51.36 4.19 -58.58
C THR Q 203 -51.80 5.20 -57.52
N TYR Q 204 -51.15 6.36 -57.53
CA TYR Q 204 -51.42 7.52 -56.65
C TYR Q 204 -51.92 8.66 -57.53
N SER Q 205 -52.64 9.60 -56.91
CA SER Q 205 -53.18 10.85 -57.50
C SER Q 205 -52.07 11.70 -58.12
N CYS Q 206 -50.82 11.63 -57.61
CA CYS Q 206 -49.64 12.39 -58.11
C CYS Q 206 -49.38 12.08 -59.59
N CYS Q 207 -49.59 10.83 -60.00
CA CYS Q 207 -48.90 10.21 -61.15
C CYS Q 207 -49.91 9.38 -61.94
N PRO Q 208 -50.15 9.71 -63.23
CA PRO Q 208 -51.07 8.91 -64.06
C PRO Q 208 -50.60 7.49 -64.42
N GLU Q 209 -49.35 7.17 -64.16
CA GLU Q 209 -48.71 5.88 -64.63
C GLU Q 209 -48.77 4.88 -63.44
N ALA Q 210 -48.77 3.58 -63.76
CA ALA Q 210 -48.85 2.48 -62.80
C ALA Q 210 -47.43 2.01 -62.44
N TYR Q 211 -47.17 1.83 -61.12
CA TYR Q 211 -45.89 1.34 -60.60
C TYR Q 211 -46.08 -0.07 -60.08
N GLU Q 212 -45.36 -1.03 -60.67
CA GLU Q 212 -45.41 -2.45 -60.28
C GLU Q 212 -44.64 -2.58 -58.96
N ASP Q 213 -45.16 -3.37 -58.04
CA ASP Q 213 -44.48 -3.72 -56.77
C ASP Q 213 -44.65 -5.21 -56.51
N VAL Q 214 -43.84 -5.75 -55.63
CA VAL Q 214 -44.03 -7.08 -54.99
C VAL Q 214 -44.48 -6.77 -53.56
N GLU Q 215 -45.58 -7.38 -53.15
CA GLU Q 215 -46.08 -7.38 -51.74
C GLU Q 215 -45.55 -8.65 -51.08
N VAL Q 216 -44.72 -8.50 -50.05
CA VAL Q 216 -44.15 -9.62 -49.27
C VAL Q 216 -44.88 -9.68 -47.93
N SER Q 217 -45.66 -10.73 -47.71
CA SER Q 217 -46.43 -10.95 -46.44
C SER Q 217 -45.61 -11.88 -45.54
N LEU Q 218 -45.05 -11.31 -44.48
CA LEU Q 218 -44.24 -12.04 -43.47
C LEU Q 218 -45.18 -12.41 -42.32
N ASN Q 219 -45.65 -13.66 -42.30
CA ASN Q 219 -46.46 -14.24 -41.20
C ASN Q 219 -45.49 -14.88 -40.21
N PHE Q 220 -45.34 -14.28 -39.03
CA PHE Q 220 -44.34 -14.68 -38.00
C PHE Q 220 -44.96 -14.51 -36.61
N ARG Q 221 -44.33 -15.10 -35.59
CA ARG Q 221 -44.78 -14.98 -34.17
C ARG Q 221 -43.59 -15.14 -33.24
N LYS Q 222 -43.72 -14.62 -32.01
CA LYS Q 222 -42.76 -14.87 -30.90
C LYS Q 222 -42.79 -16.36 -30.57
N LYS Q 223 -41.65 -16.93 -30.18
CA LYS Q 223 -41.53 -18.32 -29.69
C LYS Q 223 -42.00 -18.38 -28.23
N LEU R 20 -34.22 9.67 -80.73
CA LEU R 20 -33.24 9.55 -79.62
C LEU R 20 -33.67 8.41 -78.71
N ASP R 21 -32.72 7.64 -78.17
CA ASP R 21 -32.99 6.61 -77.13
C ASP R 21 -32.57 7.15 -75.75
N ARG R 22 -32.89 6.40 -74.70
CA ARG R 22 -32.63 6.77 -73.29
C ARG R 22 -31.14 7.06 -73.10
N ALA R 23 -30.27 6.20 -73.63
CA ALA R 23 -28.81 6.31 -73.45
C ALA R 23 -28.31 7.68 -73.96
N ASP R 24 -28.81 8.12 -75.11
CA ASP R 24 -28.39 9.41 -75.74
C ASP R 24 -28.90 10.58 -74.88
N ILE R 25 -30.15 10.54 -74.46
CA ILE R 25 -30.78 11.62 -73.64
C ILE R 25 -30.00 11.75 -72.33
N LEU R 26 -29.71 10.64 -71.66
CA LEU R 26 -29.00 10.63 -70.35
C LEU R 26 -27.55 11.08 -70.54
N TYR R 27 -26.93 10.71 -71.66
CA TYR R 27 -25.56 11.20 -72.02
C TYR R 27 -25.62 12.74 -72.16
N ASN R 28 -26.55 13.24 -72.96
CA ASN R 28 -26.72 14.70 -73.22
C ASN R 28 -26.94 15.45 -71.90
N ILE R 29 -27.82 14.95 -71.05
CA ILE R 29 -28.12 15.58 -69.73
C ILE R 29 -26.87 15.55 -68.87
N ARG R 30 -26.18 14.42 -68.75
CA ARG R 30 -24.95 14.31 -67.92
C ARG R 30 -23.90 15.31 -68.43
N GLN R 31 -23.75 15.47 -69.74
CA GLN R 31 -22.66 16.29 -70.34
C GLN R 31 -22.95 17.79 -70.23
N THR R 32 -24.21 18.23 -70.23
CA THR R 32 -24.59 19.66 -70.43
C THR R 32 -25.43 20.19 -69.29
N SER R 33 -25.84 19.34 -68.34
CA SER R 33 -26.89 19.73 -67.34
C SER R 33 -26.66 21.00 -66.48
N ARG R 34 -25.42 21.32 -66.08
CA ARG R 34 -24.98 22.40 -65.17
C ARG R 34 -25.74 22.34 -63.85
N PRO R 35 -25.48 21.33 -63.00
CA PRO R 35 -26.21 21.16 -61.75
C PRO R 35 -26.09 22.31 -60.74
N ASP R 36 -25.07 23.15 -60.90
CA ASP R 36 -24.83 24.29 -59.97
C ASP R 36 -25.58 25.54 -60.46
N VAL R 37 -26.22 25.48 -61.63
CA VAL R 37 -26.83 26.67 -62.29
C VAL R 37 -28.35 26.62 -62.20
N ILE R 38 -28.93 27.47 -61.36
CA ILE R 38 -30.40 27.66 -61.28
C ILE R 38 -30.88 28.04 -62.68
N PRO R 39 -31.87 27.34 -63.25
CA PRO R 39 -32.31 27.61 -64.62
C PRO R 39 -33.31 28.77 -64.72
N THR R 40 -32.92 29.96 -64.29
CA THR R 40 -33.75 31.20 -64.40
C THR R 40 -33.92 31.52 -65.88
N GLN R 41 -35.12 31.93 -66.29
CA GLN R 41 -35.41 32.38 -67.68
C GLN R 41 -35.65 33.90 -67.60
N ARG R 42 -34.98 34.65 -68.49
CA ARG R 42 -35.12 36.12 -68.62
C ARG R 42 -35.32 36.77 -67.25
N ASP R 43 -34.45 36.49 -66.27
CA ASP R 43 -34.39 37.18 -64.96
C ASP R 43 -35.71 37.01 -64.18
N ARG R 44 -36.49 35.96 -64.47
CA ARG R 44 -37.74 35.63 -63.72
C ARG R 44 -37.40 34.45 -62.83
N PRO R 45 -38.02 34.35 -61.63
CA PRO R 45 -37.67 33.30 -60.70
C PRO R 45 -38.03 31.92 -61.28
N VAL R 46 -37.34 30.88 -60.84
CA VAL R 46 -37.75 29.47 -61.11
C VAL R 46 -38.93 29.18 -60.20
N ALA R 47 -40.07 28.82 -60.78
CA ALA R 47 -41.29 28.46 -60.04
C ALA R 47 -41.17 27.00 -59.61
N VAL R 48 -41.00 26.77 -58.31
CA VAL R 48 -40.91 25.43 -57.70
C VAL R 48 -42.24 25.13 -57.01
N SER R 49 -42.88 24.03 -57.38
CA SER R 49 -44.08 23.49 -56.67
C SER R 49 -43.62 22.48 -55.63
N VAL R 50 -44.14 22.61 -54.40
CA VAL R 50 -43.82 21.74 -53.25
C VAL R 50 -45.12 21.30 -52.61
N SER R 51 -45.27 20.01 -52.36
CA SER R 51 -46.42 19.41 -51.63
C SER R 51 -45.90 18.20 -50.83
N LEU R 52 -46.12 18.19 -49.52
CA LEU R 52 -45.80 17.05 -48.64
C LEU R 52 -46.97 16.07 -48.63
N LYS R 53 -46.70 14.80 -48.93
CA LYS R 53 -47.64 13.67 -48.74
C LYS R 53 -47.17 12.91 -47.48
N PHE R 54 -47.90 13.04 -46.39
CA PHE R 54 -47.52 12.38 -45.11
C PHE R 54 -47.78 10.88 -45.26
N ILE R 55 -46.79 10.07 -44.87
CA ILE R 55 -46.85 8.60 -44.93
C ILE R 55 -46.96 8.03 -43.53
N ASN R 56 -46.29 8.66 -42.56
CA ASN R 56 -46.26 8.12 -41.18
C ASN R 56 -45.90 9.23 -40.20
N ILE R 57 -46.42 9.11 -38.99
CA ILE R 57 -46.02 9.87 -37.78
C ILE R 57 -45.51 8.82 -36.80
N LEU R 58 -44.21 8.80 -36.53
CA LEU R 58 -43.50 7.68 -35.85
C LEU R 58 -43.40 7.96 -34.35
N GLU R 59 -43.19 9.21 -33.98
CA GLU R 59 -42.97 9.60 -32.57
C GLU R 59 -43.41 11.04 -32.40
N VAL R 60 -44.02 11.31 -31.26
CA VAL R 60 -44.60 12.63 -30.90
C VAL R 60 -44.29 12.81 -29.41
N ASN R 61 -43.88 14.02 -29.03
CA ASN R 61 -43.55 14.34 -27.62
C ASN R 61 -44.20 15.69 -27.29
N GLU R 62 -45.28 15.65 -26.50
CA GLU R 62 -46.09 16.84 -26.13
C GLU R 62 -45.27 17.72 -25.18
N ILE R 63 -44.35 17.12 -24.41
CA ILE R 63 -43.46 17.83 -23.44
C ILE R 63 -42.47 18.68 -24.24
N THR R 64 -41.73 18.08 -25.19
CA THR R 64 -40.61 18.73 -25.94
C THR R 64 -41.14 19.45 -27.19
N ASN R 65 -42.37 19.18 -27.62
CA ASN R 65 -42.97 19.73 -28.86
C ASN R 65 -42.10 19.31 -30.06
N GLU R 66 -41.86 18.01 -30.18
CA GLU R 66 -41.07 17.39 -31.28
C GLU R 66 -41.90 16.29 -31.92
N VAL R 67 -41.88 16.21 -33.25
CA VAL R 67 -42.50 15.12 -34.04
C VAL R 67 -41.43 14.50 -34.94
N ASP R 68 -41.52 13.19 -35.14
CA ASP R 68 -40.71 12.39 -36.09
C ASP R 68 -41.69 11.88 -37.16
N VAL R 69 -41.50 12.31 -38.40
CA VAL R 69 -42.48 12.10 -39.50
C VAL R 69 -41.77 11.55 -40.74
N VAL R 70 -42.49 10.80 -41.56
CA VAL R 70 -42.10 10.34 -42.92
C VAL R 70 -43.08 10.98 -43.89
N PHE R 71 -42.57 11.67 -44.92
CA PHE R 71 -43.38 12.30 -45.97
C PHE R 71 -42.66 12.18 -47.33
N TRP R 72 -43.44 12.17 -48.39
CA TRP R 72 -42.95 12.34 -49.78
C TRP R 72 -42.98 13.82 -50.09
N GLN R 73 -41.83 14.40 -50.44
CA GLN R 73 -41.68 15.83 -50.76
C GLN R 73 -41.80 16.00 -52.27
N GLN R 74 -43.03 16.03 -52.78
CA GLN R 74 -43.31 16.20 -54.23
C GLN R 74 -42.82 17.59 -54.64
N THR R 75 -41.82 17.63 -55.50
CA THR R 75 -41.13 18.87 -55.97
C THR R 75 -41.13 18.86 -57.49
N THR R 76 -41.60 19.94 -58.11
CA THR R 76 -41.63 20.09 -59.58
C THR R 76 -41.15 21.49 -59.95
N TRP R 77 -40.48 21.59 -61.10
CA TRP R 77 -39.97 22.85 -61.68
C TRP R 77 -39.60 22.55 -63.12
N SER R 78 -39.32 23.59 -63.87
CA SER R 78 -38.96 23.49 -65.31
C SER R 78 -37.49 23.86 -65.45
N ASP R 79 -36.73 23.05 -66.19
CA ASP R 79 -35.34 23.38 -66.61
C ASP R 79 -35.28 23.08 -68.11
N ARG R 80 -35.38 24.13 -68.93
CA ARG R 80 -35.48 24.04 -70.41
C ARG R 80 -34.17 23.49 -70.99
N THR R 81 -33.05 23.60 -70.29
CA THR R 81 -31.73 23.08 -70.76
C THR R 81 -31.76 21.54 -70.81
N LEU R 82 -32.71 20.89 -70.14
CA LEU R 82 -32.85 19.41 -70.15
C LEU R 82 -33.70 18.92 -71.32
N ALA R 83 -34.43 19.82 -71.99
CA ALA R 83 -35.49 19.47 -72.97
C ALA R 83 -34.88 18.74 -74.17
N TRP R 84 -35.64 17.81 -74.77
CA TRP R 84 -35.27 17.14 -76.05
C TRP R 84 -36.52 16.98 -76.92
N ASN R 85 -36.31 16.75 -78.22
CA ASN R 85 -37.39 16.47 -79.21
C ASN R 85 -37.98 15.09 -78.91
N SER R 86 -39.25 15.03 -78.49
CA SER R 86 -39.93 13.78 -78.05
C SER R 86 -40.31 12.90 -79.24
N SER R 87 -40.31 13.41 -80.47
CA SER R 87 -40.66 12.64 -81.69
C SER R 87 -39.75 11.41 -81.79
N HIS R 88 -40.33 10.20 -81.79
CA HIS R 88 -39.62 8.90 -81.84
C HIS R 88 -38.59 8.78 -80.71
N SER R 89 -38.93 9.30 -79.54
CA SER R 89 -38.06 9.28 -78.32
C SER R 89 -38.92 9.03 -77.09
N PRO R 90 -38.34 8.61 -75.96
CA PRO R 90 -39.06 8.55 -74.69
C PRO R 90 -39.63 9.93 -74.32
N ASP R 91 -40.78 9.95 -73.65
CA ASP R 91 -41.43 11.18 -73.14
C ASP R 91 -40.75 11.60 -71.82
N GLN R 92 -40.17 10.64 -71.09
CA GLN R 92 -39.59 10.84 -69.74
C GLN R 92 -38.39 9.93 -69.54
N VAL R 93 -37.41 10.37 -68.74
CA VAL R 93 -36.29 9.52 -68.27
C VAL R 93 -36.10 9.74 -66.76
N SER R 94 -35.50 8.74 -66.10
CA SER R 94 -35.04 8.79 -64.70
C SER R 94 -33.59 9.25 -64.70
N VAL R 95 -33.29 10.31 -63.94
CA VAL R 95 -31.94 10.96 -63.92
C VAL R 95 -31.49 11.06 -62.47
N PRO R 96 -30.25 10.66 -62.15
CA PRO R 96 -29.70 10.86 -60.80
C PRO R 96 -29.65 12.36 -60.53
N ILE R 97 -30.03 12.80 -59.33
CA ILE R 97 -30.13 14.25 -59.00
C ILE R 97 -28.74 14.91 -59.05
N SER R 98 -27.66 14.14 -58.90
CA SER R 98 -26.28 14.65 -59.04
C SER R 98 -26.06 15.20 -60.46
N SER R 99 -26.86 14.79 -61.44
CA SER R 99 -26.78 15.27 -62.85
C SER R 99 -27.75 16.42 -63.14
N LEU R 100 -28.47 16.96 -62.13
CA LEU R 100 -29.48 18.02 -62.35
C LEU R 100 -29.29 19.16 -61.37
N TRP R 101 -29.67 20.37 -61.76
CA TRP R 101 -29.95 21.41 -60.75
C TRP R 101 -31.21 20.98 -60.00
N VAL R 102 -31.16 21.07 -58.66
CA VAL R 102 -32.28 20.74 -57.76
C VAL R 102 -32.45 21.91 -56.82
N PRO R 103 -33.69 22.32 -56.49
CA PRO R 103 -33.90 23.39 -55.50
C PRO R 103 -33.27 22.99 -54.15
N ASP R 104 -32.60 23.94 -53.53
CA ASP R 104 -31.93 23.79 -52.21
C ASP R 104 -32.98 23.96 -51.10
N LEU R 105 -34.02 23.10 -51.11
CA LEU R 105 -35.12 23.20 -50.11
C LEU R 105 -34.62 22.74 -48.74
N ALA R 106 -35.06 23.42 -47.69
CA ALA R 106 -34.83 23.03 -46.29
C ALA R 106 -36.08 23.33 -45.47
N ALA R 107 -36.32 22.52 -44.45
CA ALA R 107 -37.36 22.75 -43.43
C ALA R 107 -36.76 23.66 -42.36
N TYR R 108 -37.28 24.88 -42.24
CA TYR R 108 -36.74 25.95 -41.35
C TYR R 108 -36.86 25.52 -39.88
N ASN R 109 -37.80 24.63 -39.54
CA ASN R 109 -38.00 24.18 -38.13
C ASN R 109 -37.60 22.70 -37.97
N ALA R 110 -36.77 22.16 -38.87
CA ALA R 110 -36.20 20.80 -38.72
C ALA R 110 -35.18 20.80 -37.58
N ILE R 111 -35.13 19.71 -36.82
CA ILE R 111 -34.13 19.52 -35.73
C ILE R 111 -33.31 18.26 -36.00
N SER R 112 -33.45 17.65 -37.18
CA SER R 112 -32.58 16.54 -37.66
C SER R 112 -32.34 16.72 -39.16
N LYS R 113 -31.26 16.12 -39.67
CA LYS R 113 -30.95 16.08 -41.12
C LYS R 113 -32.08 15.33 -41.81
N PRO R 114 -32.53 15.73 -43.01
CA PRO R 114 -33.47 14.91 -43.77
C PRO R 114 -32.80 13.57 -44.07
N GLU R 115 -33.43 12.47 -43.66
CA GLU R 115 -33.00 11.08 -43.99
C GLU R 115 -33.79 10.67 -45.25
N VAL R 116 -33.13 10.65 -46.40
CA VAL R 116 -33.77 10.27 -47.69
C VAL R 116 -33.81 8.74 -47.76
N LEU R 117 -35.01 8.17 -47.88
CA LEU R 117 -35.24 6.70 -47.77
C LEU R 117 -35.24 6.07 -49.16
N THR R 118 -35.27 6.88 -50.22
CA THR R 118 -35.54 6.41 -51.60
C THR R 118 -34.33 6.69 -52.49
N PRO R 119 -34.22 5.97 -53.62
CA PRO R 119 -33.19 6.27 -54.62
C PRO R 119 -33.26 7.73 -55.05
N GLN R 120 -32.10 8.37 -55.15
CA GLN R 120 -31.94 9.82 -55.44
C GLN R 120 -32.01 10.03 -56.96
N LEU R 121 -33.15 9.69 -57.55
CA LEU R 121 -33.46 9.87 -58.99
C LEU R 121 -34.64 10.84 -59.11
N ALA R 122 -34.63 11.67 -60.13
CA ALA R 122 -35.79 12.51 -60.52
C ALA R 122 -36.27 12.06 -61.89
N ARG R 123 -37.52 12.36 -62.21
CA ARG R 123 -38.14 12.14 -63.54
C ARG R 123 -38.01 13.44 -64.33
N VAL R 124 -37.44 13.37 -65.52
CA VAL R 124 -37.34 14.54 -66.45
C VAL R 124 -38.23 14.25 -67.66
N VAL R 125 -39.16 15.16 -67.94
CA VAL R 125 -40.07 15.11 -69.13
C VAL R 125 -39.35 15.80 -70.28
N SER R 126 -39.65 15.42 -71.52
CA SER R 126 -38.99 15.92 -72.76
C SER R 126 -39.09 17.44 -72.87
N ASP R 127 -40.08 18.07 -72.23
CA ASP R 127 -40.25 19.56 -72.24
C ASP R 127 -39.38 20.22 -71.16
N GLY R 128 -38.66 19.44 -70.34
CA GLY R 128 -37.73 19.98 -69.33
C GLY R 128 -38.38 20.12 -67.96
N GLU R 129 -39.61 19.65 -67.80
CA GLU R 129 -40.26 19.57 -66.46
C GLU R 129 -39.55 18.46 -65.66
N VAL R 130 -39.20 18.77 -64.41
CA VAL R 130 -38.56 17.79 -63.49
C VAL R 130 -39.54 17.48 -62.37
N LEU R 131 -39.71 16.20 -62.07
CA LEU R 131 -40.45 15.70 -60.90
C LEU R 131 -39.47 14.98 -59.97
N TYR R 132 -39.20 15.53 -58.80
CA TYR R 132 -38.36 14.92 -57.75
C TYR R 132 -39.23 14.74 -56.51
N MET R 133 -39.39 13.49 -56.07
CA MET R 133 -40.26 13.16 -54.92
C MET R 133 -39.52 12.19 -54.01
N PRO R 134 -38.57 12.66 -53.18
CA PRO R 134 -37.93 11.80 -52.20
C PRO R 134 -38.89 11.48 -51.05
N SER R 135 -38.80 10.28 -50.50
CA SER R 135 -39.36 9.93 -49.19
C SER R 135 -38.35 10.34 -48.13
N ILE R 136 -38.77 11.19 -47.21
CA ILE R 136 -37.90 11.80 -46.17
C ILE R 136 -38.45 11.47 -44.80
N ARG R 137 -37.59 10.98 -43.91
CA ARG R 137 -37.84 10.92 -42.46
C ARG R 137 -37.07 12.06 -41.81
N GLN R 138 -37.76 12.89 -41.02
CA GLN R 138 -37.17 14.08 -40.38
C GLN R 138 -37.92 14.43 -39.09
N ARG R 139 -37.22 15.02 -38.13
CA ARG R 139 -37.78 15.47 -36.82
C ARG R 139 -37.97 16.98 -36.87
N PHE R 140 -39.07 17.48 -36.32
CA PHE R 140 -39.41 18.93 -36.31
C PHE R 140 -39.75 19.39 -34.90
N SER R 141 -39.46 20.67 -34.64
CA SER R 141 -39.97 21.47 -33.51
C SER R 141 -41.25 22.14 -33.98
N CYS R 142 -42.40 21.75 -33.42
CA CYS R 142 -43.73 22.32 -33.77
C CYS R 142 -44.73 22.06 -32.64
N ASP R 143 -45.92 22.67 -32.76
CA ASP R 143 -46.98 22.64 -31.73
C ASP R 143 -47.62 21.25 -31.68
N VAL R 144 -47.27 20.46 -30.66
CA VAL R 144 -47.80 19.08 -30.43
C VAL R 144 -48.97 19.15 -29.42
N SER R 145 -49.25 20.32 -28.82
CA SER R 145 -50.31 20.49 -27.80
C SER R 145 -51.65 20.06 -28.40
N GLY R 146 -52.40 19.23 -27.66
CA GLY R 146 -53.78 18.81 -28.03
C GLY R 146 -53.79 17.56 -28.88
N VAL R 147 -52.66 16.82 -28.93
CA VAL R 147 -52.51 15.60 -29.76
C VAL R 147 -53.49 14.52 -29.28
N ASP R 148 -53.80 14.49 -27.99
CA ASP R 148 -54.66 13.44 -27.35
C ASP R 148 -56.13 13.87 -27.32
N THR R 149 -56.46 15.06 -27.86
CA THR R 149 -57.83 15.60 -27.91
C THR R 149 -58.47 15.23 -29.26
N GLU R 150 -59.74 15.57 -29.43
CA GLU R 150 -60.54 15.28 -30.65
C GLU R 150 -60.17 16.28 -31.74
N SER R 151 -59.95 17.55 -31.39
CA SER R 151 -59.47 18.62 -32.30
C SER R 151 -58.05 18.31 -32.80
N GLY R 152 -57.24 17.64 -31.97
CA GLY R 152 -55.87 17.19 -32.31
C GLY R 152 -54.86 18.32 -32.26
N ALA R 153 -53.58 18.00 -32.50
CA ALA R 153 -52.48 18.98 -32.62
C ALA R 153 -52.45 19.53 -34.06
N THR R 154 -51.99 20.77 -34.22
CA THR R 154 -51.64 21.36 -35.53
C THR R 154 -50.14 21.68 -35.52
N CYS R 155 -49.36 20.85 -36.21
CA CYS R 155 -47.87 20.97 -36.36
C CYS R 155 -47.58 21.67 -37.69
N ARG R 156 -46.96 22.86 -37.64
CA ARG R 156 -46.59 23.65 -38.84
C ARG R 156 -45.14 23.32 -39.24
N ILE R 157 -44.95 22.89 -40.48
CA ILE R 157 -43.61 22.63 -41.09
C ILE R 157 -43.42 23.67 -42.21
N LYS R 158 -42.34 24.45 -42.15
CA LYS R 158 -42.04 25.52 -43.13
C LYS R 158 -40.88 25.07 -44.03
N ILE R 159 -41.12 25.00 -45.34
CA ILE R 159 -40.11 24.50 -46.33
C ILE R 159 -39.92 25.57 -47.40
N GLY R 160 -38.67 26.00 -47.60
CA GLY R 160 -38.29 26.93 -48.68
C GLY R 160 -36.83 26.78 -49.08
N SER R 161 -36.40 27.53 -50.08
CA SER R 161 -35.00 27.59 -50.52
C SER R 161 -34.13 28.09 -49.36
N TRP R 162 -32.98 27.46 -49.14
CA TRP R 162 -32.02 27.91 -48.10
C TRP R 162 -31.27 29.15 -48.57
N THR R 163 -30.94 29.29 -49.85
CA THR R 163 -30.02 30.38 -50.30
C THR R 163 -30.60 31.22 -51.44
N HIS R 164 -31.71 30.82 -52.04
CA HIS R 164 -32.33 31.58 -53.16
C HIS R 164 -33.53 32.37 -52.65
N HIS R 165 -33.52 33.69 -52.78
CA HIS R 165 -34.63 34.57 -52.32
C HIS R 165 -35.69 34.64 -53.42
N SER R 166 -36.77 35.39 -53.17
CA SER R 166 -38.02 35.46 -53.98
C SER R 166 -37.73 35.82 -55.45
N ARG R 167 -36.67 36.55 -55.73
CA ARG R 167 -36.32 36.96 -57.12
C ARG R 167 -35.70 35.80 -57.90
N GLU R 168 -35.29 34.72 -57.25
CA GLU R 168 -34.58 33.60 -57.92
C GLU R 168 -35.42 32.33 -57.88
N ILE R 169 -36.04 32.04 -56.73
CA ILE R 169 -36.97 30.90 -56.56
C ILE R 169 -38.28 31.41 -55.96
N SER R 170 -39.41 31.02 -56.55
CA SER R 170 -40.74 31.12 -55.89
C SER R 170 -41.19 29.70 -55.56
N VAL R 171 -41.82 29.53 -54.39
CA VAL R 171 -42.31 28.21 -53.93
C VAL R 171 -43.83 28.32 -53.86
N ASP R 172 -44.54 27.46 -54.58
CA ASP R 172 -46.01 27.47 -54.64
C ASP R 172 -46.49 26.09 -54.20
N PRO R 173 -47.52 26.01 -53.33
CA PRO R 173 -48.10 24.71 -52.98
C PRO R 173 -48.91 24.20 -54.18
N THR R 174 -48.99 22.89 -54.34
CA THR R 174 -49.90 22.24 -55.34
C THR R 174 -51.35 22.43 -54.91
N THR R 175 -51.71 22.04 -53.68
CA THR R 175 -53.09 22.07 -53.12
C THR R 175 -53.22 23.23 -52.12
N ASP R 179 -55.97 16.32 -46.54
CA ASP R 179 -56.46 14.95 -46.18
C ASP R 179 -55.31 13.93 -45.95
N ASP R 180 -54.58 13.63 -47.05
CA ASP R 180 -53.51 12.61 -47.13
C ASP R 180 -53.95 11.26 -46.59
N SER R 181 -55.19 10.84 -46.82
CA SER R 181 -55.65 9.45 -46.50
C SER R 181 -55.07 8.44 -47.52
N GLU R 182 -54.89 8.91 -48.75
CA GLU R 182 -54.41 8.08 -49.87
C GLU R 182 -53.01 7.54 -49.58
N TYR R 183 -52.16 8.31 -48.86
CA TYR R 183 -50.73 7.96 -48.69
C TYR R 183 -50.47 7.50 -47.26
N PHE R 184 -51.32 7.89 -46.30
CA PHE R 184 -50.95 7.75 -44.85
C PHE R 184 -51.09 6.29 -44.43
N SER R 185 -50.17 5.80 -43.63
CA SER R 185 -50.13 4.41 -43.12
C SER R 185 -51.32 4.17 -42.20
N GLN R 186 -52.10 3.12 -42.50
CA GLN R 186 -53.22 2.66 -41.65
C GLN R 186 -52.68 2.15 -40.31
N TYR R 187 -51.39 1.84 -40.20
CA TYR R 187 -50.80 1.18 -39.01
C TYR R 187 -50.18 2.18 -38.04
N SER R 188 -50.20 3.47 -38.38
CA SER R 188 -49.77 4.56 -37.47
C SER R 188 -50.63 4.55 -36.19
N ARG R 189 -50.04 4.90 -35.04
CA ARG R 189 -50.78 5.19 -33.79
C ARG R 189 -51.62 6.47 -33.97
N PHE R 190 -51.28 7.27 -34.98
CA PHE R 190 -51.91 8.60 -35.22
C PHE R 190 -52.79 8.51 -36.47
N GLU R 191 -53.67 9.49 -36.61
CA GLU R 191 -54.50 9.68 -37.83
C GLU R 191 -54.47 11.16 -38.19
N ILE R 192 -54.63 11.44 -39.47
CA ILE R 192 -54.59 12.82 -40.01
C ILE R 192 -56.02 13.32 -40.12
N LEU R 193 -56.30 14.47 -39.50
CA LEU R 193 -57.61 15.16 -39.57
C LEU R 193 -57.59 16.08 -40.79
N ASP R 194 -56.51 16.82 -41.00
CA ASP R 194 -56.39 17.78 -42.13
C ASP R 194 -54.92 18.13 -42.39
N VAL R 195 -54.60 18.38 -43.67
CA VAL R 195 -53.29 18.95 -44.10
C VAL R 195 -53.61 20.15 -44.98
N THR R 196 -53.19 21.35 -44.58
CA THR R 196 -53.30 22.57 -45.41
C THR R 196 -51.89 23.06 -45.72
N GLN R 197 -51.68 23.49 -46.96
CA GLN R 197 -50.36 23.91 -47.49
C GLN R 197 -50.56 25.29 -48.10
N LYS R 198 -49.96 26.31 -47.50
CA LYS R 198 -50.17 27.73 -47.90
C LYS R 198 -48.80 28.38 -48.16
N LYS R 199 -48.73 29.23 -49.17
CA LYS R 199 -47.55 30.08 -49.47
C LYS R 199 -47.37 31.09 -48.35
N ASN R 200 -46.12 31.32 -47.97
CA ASN R 200 -45.74 32.41 -47.02
C ASN R 200 -44.37 32.93 -47.46
N SER R 201 -43.78 33.85 -46.69
CA SER R 201 -42.40 34.35 -46.81
C SER R 201 -41.81 34.41 -45.39
N VAL R 202 -40.51 34.13 -45.26
CA VAL R 202 -39.74 34.41 -44.01
C VAL R 202 -38.66 35.44 -44.34
N THR R 203 -38.56 36.45 -43.48
CA THR R 203 -37.45 37.43 -43.43
C THR R 203 -36.90 37.36 -42.00
N TYR R 204 -35.58 37.29 -41.84
CA TYR R 204 -34.87 37.44 -40.56
C TYR R 204 -34.04 38.71 -40.61
N SER R 205 -33.70 39.27 -39.44
CA SER R 205 -32.84 40.47 -39.24
C SER R 205 -31.45 40.26 -39.85
N CYS R 206 -30.94 39.02 -39.94
CA CYS R 206 -29.62 38.67 -40.54
C CYS R 206 -29.52 39.13 -41.99
N CYS R 207 -30.63 39.02 -42.72
CA CYS R 207 -30.65 38.83 -44.19
C CYS R 207 -31.74 39.73 -44.79
N PRO R 208 -31.38 40.72 -45.64
CA PRO R 208 -32.34 41.71 -46.11
C PRO R 208 -33.42 41.20 -47.08
N GLU R 209 -33.26 39.98 -47.60
CA GLU R 209 -34.16 39.39 -48.63
C GLU R 209 -35.29 38.59 -47.99
N ALA R 210 -36.41 38.46 -48.69
CA ALA R 210 -37.53 37.56 -48.33
C ALA R 210 -37.33 36.21 -49.03
N TYR R 211 -37.51 35.11 -48.29
CA TYR R 211 -37.39 33.71 -48.78
C TYR R 211 -38.81 33.13 -48.78
N GLU R 212 -39.30 32.74 -49.96
CA GLU R 212 -40.63 32.12 -50.10
C GLU R 212 -40.60 30.70 -49.53
N ASP R 213 -41.66 30.34 -48.80
CA ASP R 213 -41.80 29.00 -48.21
C ASP R 213 -43.23 28.52 -48.44
N VAL R 214 -43.40 27.20 -48.30
CA VAL R 214 -44.73 26.57 -48.14
C VAL R 214 -44.84 26.22 -46.65
N GLU R 215 -45.92 26.69 -46.01
CA GLU R 215 -46.27 26.36 -44.62
C GLU R 215 -47.25 25.19 -44.67
N VAL R 216 -46.87 24.06 -44.11
CA VAL R 216 -47.68 22.81 -44.13
C VAL R 216 -48.21 22.63 -42.71
N SER R 217 -49.54 22.74 -42.56
CA SER R 217 -50.23 22.56 -41.25
C SER R 217 -50.75 21.13 -41.18
N LEU R 218 -50.11 20.31 -40.35
CA LEU R 218 -50.47 18.89 -40.14
C LEU R 218 -51.36 18.84 -38.90
N ASN R 219 -52.68 18.73 -39.13
CA ASN R 219 -53.68 18.56 -38.05
C ASN R 219 -53.90 17.05 -37.88
N PHE R 220 -53.43 16.50 -36.76
CA PHE R 220 -53.41 15.04 -36.49
C PHE R 220 -53.70 14.80 -35.01
N ARG R 221 -54.04 13.56 -34.65
CA ARG R 221 -54.30 13.17 -33.23
C ARG R 221 -53.97 11.69 -33.03
N LYS R 222 -53.73 11.28 -31.78
CA LYS R 222 -53.60 9.87 -31.37
C LYS R 222 -54.95 9.17 -31.62
N LYS R 223 -54.92 7.89 -32.01
CA LYS R 223 -56.15 7.07 -32.17
C LYS R 223 -56.68 6.62 -30.80
N LEU S 20 -22.36 39.39 -67.79
CA LEU S 20 -22.17 37.95 -67.45
C LEU S 20 -23.50 37.42 -66.89
N ASP S 21 -23.85 36.18 -67.19
CA ASP S 21 -25.01 35.48 -66.57
C ASP S 21 -24.51 34.52 -65.48
N ARG S 22 -25.45 33.93 -64.74
CA ARG S 22 -25.19 33.02 -63.59
C ARG S 22 -24.29 31.86 -64.05
N ALA S 23 -24.59 31.26 -65.20
CA ALA S 23 -23.88 30.08 -65.72
C ALA S 23 -22.40 30.40 -65.87
N ASP S 24 -22.07 31.58 -66.42
CA ASP S 24 -20.67 32.00 -66.69
C ASP S 24 -19.95 32.24 -65.34
N ILE S 25 -20.59 32.95 -64.41
CA ILE S 25 -20.00 33.26 -63.08
C ILE S 25 -19.68 31.95 -62.35
N LEU S 26 -20.63 31.02 -62.34
CA LEU S 26 -20.48 29.72 -61.61
C LEU S 26 -19.44 28.86 -62.32
N TYR S 27 -19.36 28.91 -63.65
CA TYR S 27 -18.29 28.24 -64.42
C TYR S 27 -16.92 28.80 -63.98
N ASN S 28 -16.78 30.12 -64.00
CA ASN S 28 -15.52 30.82 -63.64
C ASN S 28 -15.11 30.44 -62.21
N ILE S 29 -16.04 30.48 -61.26
CA ILE S 29 -15.76 30.13 -59.85
C ILE S 29 -15.33 28.66 -59.77
N ARG S 30 -16.08 27.75 -60.40
CA ARG S 30 -15.74 26.29 -60.34
C ARG S 30 -14.34 26.06 -60.93
N GLN S 31 -13.99 26.75 -62.02
CA GLN S 31 -12.72 26.50 -62.76
C GLN S 31 -11.50 27.08 -62.01
N THR S 32 -11.64 28.16 -61.25
CA THR S 32 -10.50 28.95 -60.72
C THR S 32 -10.51 29.06 -59.20
N SER S 33 -11.56 28.56 -58.54
CA SER S 33 -11.80 28.84 -57.09
C SER S 33 -10.67 28.61 -56.03
N ARG S 34 -9.82 27.58 -56.13
CA ARG S 34 -8.75 27.14 -55.19
C ARG S 34 -9.29 27.01 -53.74
N PRO S 35 -10.15 26.01 -53.48
CA PRO S 35 -10.79 25.87 -52.17
C PRO S 35 -9.81 25.59 -51.01
N ASP S 36 -8.59 25.17 -51.31
CA ASP S 36 -7.55 24.86 -50.30
C ASP S 36 -6.74 26.11 -49.98
N VAL S 37 -6.98 27.24 -50.64
CA VAL S 37 -6.15 28.47 -50.51
C VAL S 37 -6.91 29.54 -49.75
N ILE S 38 -6.49 29.79 -48.50
CA ILE S 38 -7.00 30.93 -47.68
C ILE S 38 -6.73 32.19 -48.49
N PRO S 39 -7.76 33.05 -48.74
CA PRO S 39 -7.57 34.24 -49.56
C PRO S 39 -6.97 35.44 -48.78
N THR S 40 -5.81 35.27 -48.16
CA THR S 40 -5.09 36.37 -47.47
C THR S 40 -4.66 37.37 -48.56
N GLN S 41 -4.72 38.67 -48.23
CA GLN S 41 -3.99 39.75 -48.93
C GLN S 41 -2.74 40.17 -48.12
N ARG S 42 -1.64 40.57 -48.77
CA ARG S 42 -0.74 41.71 -48.31
C ARG S 42 -1.21 42.39 -46.95
N ASP S 43 -0.57 41.87 -45.89
CA ASP S 43 -0.61 42.43 -44.53
C ASP S 43 -2.01 42.33 -43.95
N ARG S 44 -2.87 41.46 -44.48
CA ARG S 44 -4.21 41.18 -43.89
C ARG S 44 -4.37 39.66 -43.56
N PRO S 45 -4.84 39.37 -42.32
CA PRO S 45 -5.65 38.18 -42.05
C PRO S 45 -6.96 38.27 -42.85
N VAL S 46 -7.57 37.14 -43.11
CA VAL S 46 -8.98 37.07 -43.60
C VAL S 46 -9.87 37.35 -42.39
N ALA S 47 -10.67 38.40 -42.47
CA ALA S 47 -11.61 38.81 -41.40
C ALA S 47 -12.88 37.98 -41.56
N VAL S 48 -13.11 37.06 -40.64
CA VAL S 48 -14.30 36.17 -40.60
C VAL S 48 -15.25 36.69 -39.52
N SER S 49 -16.47 37.02 -39.89
CA SER S 49 -17.57 37.35 -38.95
C SER S 49 -18.37 36.08 -38.66
N VAL S 50 -18.60 35.81 -37.38
CA VAL S 50 -19.35 34.62 -36.90
C VAL S 50 -20.39 35.11 -35.89
N SER S 51 -21.64 34.68 -36.07
CA SER S 51 -22.75 34.93 -35.13
C SER S 51 -23.66 33.69 -35.12
N LEU S 52 -23.87 33.09 -33.95
CA LEU S 52 -24.81 31.96 -33.78
C LEU S 52 -26.21 32.49 -33.51
N LYS S 53 -27.19 32.06 -34.31
CA LYS S 53 -28.64 32.28 -34.09
C LYS S 53 -29.21 30.97 -33.56
N PHE S 54 -29.52 30.92 -32.27
CA PHE S 54 -30.07 29.69 -31.63
C PHE S 54 -31.50 29.48 -32.12
N ILE S 55 -31.80 28.26 -32.55
CA ILE S 55 -33.13 27.89 -33.08
C ILE S 55 -33.83 27.01 -32.06
N ASN S 56 -33.08 26.13 -31.40
CA ASN S 56 -33.68 25.15 -30.48
C ASN S 56 -32.63 24.65 -29.50
N ILE S 57 -33.08 24.32 -28.28
CA ILE S 57 -32.31 23.56 -27.27
C ILE S 57 -33.08 22.25 -27.06
N LEU S 58 -32.49 21.13 -27.48
CA LEU S 58 -33.21 19.84 -27.64
C LEU S 58 -33.06 19.01 -26.36
N GLU S 59 -31.89 19.06 -25.74
CA GLU S 59 -31.58 18.22 -24.57
C GLU S 59 -30.54 18.93 -23.72
N VAL S 60 -30.68 18.81 -22.41
CA VAL S 60 -29.84 19.47 -21.39
C VAL S 60 -29.66 18.45 -20.28
N ASN S 61 -28.45 18.33 -19.75
CA ASN S 61 -28.16 17.37 -18.64
C ASN S 61 -27.31 18.12 -17.61
N GLU S 62 -27.94 18.45 -16.47
CA GLU S 62 -27.33 19.25 -15.37
C GLU S 62 -26.26 18.39 -14.68
N ILE S 63 -26.42 17.07 -14.69
CA ILE S 63 -25.46 16.09 -14.08
C ILE S 63 -24.17 16.11 -14.90
N THR S 64 -24.25 15.90 -16.22
CA THR S 64 -23.08 15.72 -17.13
C THR S 64 -22.59 17.07 -17.66
N ASN S 65 -23.36 18.14 -17.51
CA ASN S 65 -23.04 19.49 -18.06
C ASN S 65 -22.88 19.38 -19.58
N GLU S 66 -23.90 18.84 -20.24
CA GLU S 66 -23.96 18.68 -21.72
C GLU S 66 -25.26 19.30 -22.23
N VAL S 67 -25.18 20.02 -23.35
CA VAL S 67 -26.36 20.57 -24.07
C VAL S 67 -26.32 20.08 -25.52
N ASP S 68 -27.49 19.83 -26.09
CA ASP S 68 -27.72 19.47 -27.51
C ASP S 68 -28.53 20.62 -28.10
N VAL S 69 -27.95 21.35 -29.05
CA VAL S 69 -28.51 22.64 -29.55
C VAL S 69 -28.54 22.63 -31.10
N VAL S 70 -29.50 23.36 -31.66
CA VAL S 70 -29.57 23.69 -33.11
C VAL S 70 -29.39 25.20 -33.25
N PHE S 71 -28.44 25.62 -34.07
CA PHE S 71 -28.17 27.06 -34.35
C PHE S 71 -27.80 27.26 -35.81
N TRP S 72 -28.09 28.45 -36.33
CA TRP S 72 -27.59 28.93 -37.63
C TRP S 72 -26.26 29.64 -37.39
N GLN S 73 -25.19 29.15 -38.00
CA GLN S 73 -23.82 29.68 -37.82
C GLN S 73 -23.56 30.68 -38.96
N GLN S 74 -24.07 31.91 -38.80
CA GLN S 74 -23.89 33.00 -39.80
C GLN S 74 -22.40 33.33 -39.89
N THR S 75 -21.82 33.08 -41.06
CA THR S 75 -20.37 33.20 -41.32
C THR S 75 -20.19 34.06 -42.58
N THR S 76 -19.39 35.12 -42.50
CA THR S 76 -19.10 36.01 -43.65
C THR S 76 -17.60 36.30 -43.68
N TRP S 77 -17.07 36.46 -44.88
CA TRP S 77 -15.67 36.81 -45.15
C TRP S 77 -15.57 37.25 -46.60
N SER S 78 -14.42 37.79 -46.99
CA SER S 78 -14.18 38.28 -48.36
C SER S 78 -13.16 37.35 -49.03
N ASP S 79 -13.44 36.94 -50.26
CA ASP S 79 -12.48 36.27 -51.16
C ASP S 79 -12.52 37.01 -52.51
N ARG S 80 -11.55 37.88 -52.73
CA ARG S 80 -11.49 38.78 -53.91
C ARG S 80 -11.32 37.97 -55.20
N THR S 81 -10.80 36.74 -55.13
CA THR S 81 -10.60 35.87 -56.32
C THR S 81 -11.96 35.44 -56.88
N LEU S 82 -13.06 35.55 -56.13
CA LEU S 82 -14.43 35.19 -56.58
C LEU S 82 -15.11 36.38 -57.28
N ALA S 83 -14.57 37.59 -57.16
CA ALA S 83 -15.26 38.86 -57.53
C ALA S 83 -15.48 38.89 -59.05
N TRP S 84 -16.56 39.53 -59.49
CA TRP S 84 -16.83 39.79 -60.92
C TRP S 84 -17.44 41.19 -61.06
N ASN S 85 -17.41 41.73 -62.28
CA ASN S 85 -18.03 43.05 -62.64
C ASN S 85 -19.56 42.87 -62.60
N SER S 86 -20.24 43.55 -61.65
CA SER S 86 -21.70 43.41 -61.42
C SER S 86 -22.52 44.14 -62.49
N SER S 87 -21.91 45.02 -63.30
CA SER S 87 -22.58 45.76 -64.39
C SER S 87 -23.21 44.73 -65.36
N HIS S 88 -24.52 44.81 -65.55
CA HIS S 88 -25.35 43.91 -66.41
C HIS S 88 -25.15 42.44 -66.00
N SER S 89 -25.00 42.16 -64.71
CA SER S 89 -24.77 40.79 -64.17
C SER S 89 -25.54 40.64 -62.86
N PRO S 90 -25.78 39.39 -62.39
CA PRO S 90 -26.30 39.17 -61.04
C PRO S 90 -25.39 39.80 -59.97
N ASP S 91 -25.98 40.26 -58.87
CA ASP S 91 -25.25 40.80 -57.71
C ASP S 91 -24.73 39.64 -56.84
N GLN S 92 -25.39 38.48 -56.89
CA GLN S 92 -25.09 37.32 -56.01
C GLN S 92 -25.37 36.01 -56.75
N VAL S 93 -24.62 34.95 -56.41
CA VAL S 93 -24.92 33.56 -56.86
C VAL S 93 -24.82 32.61 -55.67
N SER S 94 -25.50 31.46 -55.77
CA SER S 94 -25.41 30.33 -54.82
C SER S 94 -24.34 29.37 -55.32
N VAL S 95 -23.36 29.05 -54.47
CA VAL S 95 -22.18 28.21 -54.83
C VAL S 95 -22.06 27.08 -53.82
N PRO S 96 -21.87 25.83 -54.26
CA PRO S 96 -21.60 24.73 -53.33
C PRO S 96 -20.28 25.03 -52.62
N ILE S 97 -20.19 24.79 -51.30
CA ILE S 97 -19.00 25.17 -50.50
C ILE S 97 -17.80 24.33 -50.93
N SER S 98 -18.00 23.17 -51.56
CA SER S 98 -16.90 22.35 -52.13
C SER S 98 -16.16 23.14 -53.21
N SER S 99 -16.77 24.17 -53.79
CA SER S 99 -16.12 25.05 -54.81
C SER S 99 -15.52 26.32 -54.21
N LEU S 100 -15.49 26.49 -52.89
CA LEU S 100 -14.99 27.71 -52.22
C LEU S 100 -14.01 27.37 -51.11
N TRP S 101 -13.07 28.26 -50.85
CA TRP S 101 -12.37 28.24 -49.54
C TRP S 101 -13.41 28.62 -48.48
N VAL S 102 -13.45 27.87 -47.39
CA VAL S 102 -14.34 28.11 -46.22
C VAL S 102 -13.47 28.10 -44.97
N PRO S 103 -13.71 29.00 -44.00
CA PRO S 103 -12.96 28.97 -42.74
C PRO S 103 -13.12 27.61 -42.05
N ASP S 104 -12.01 27.08 -41.53
CA ASP S 104 -11.96 25.80 -40.77
C ASP S 104 -12.42 26.06 -39.33
N LEU S 105 -13.63 26.57 -39.14
CA LEU S 105 -14.16 26.89 -37.78
C LEU S 105 -14.48 25.60 -37.04
N ALA S 106 -14.19 25.58 -35.75
CA ALA S 106 -14.50 24.47 -34.84
C ALA S 106 -14.95 25.05 -33.49
N ALA S 107 -15.88 24.38 -32.84
CA ALA S 107 -16.28 24.66 -31.45
C ALA S 107 -15.31 23.92 -30.54
N TYR S 108 -14.49 24.66 -29.78
CA TYR S 108 -13.40 24.11 -28.93
C TYR S 108 -13.97 23.22 -27.83
N ASN S 109 -15.23 23.41 -27.43
CA ASN S 109 -15.87 22.60 -26.34
C ASN S 109 -17.00 21.73 -26.92
N ALA S 110 -16.98 21.44 -28.22
CA ALA S 110 -17.93 20.49 -28.85
C ALA S 110 -17.56 19.07 -28.42
N ILE S 111 -18.58 18.23 -28.19
CA ILE S 111 -18.37 16.79 -27.86
C ILE S 111 -19.05 15.91 -28.90
N SER S 112 -19.54 16.49 -30.00
CA SER S 112 -20.06 15.76 -31.18
C SER S 112 -19.63 16.50 -32.46
N LYS S 113 -19.60 15.80 -33.59
CA LYS S 113 -19.35 16.39 -34.93
C LYS S 113 -20.49 17.36 -35.21
N PRO S 114 -20.24 18.53 -35.84
CA PRO S 114 -21.34 19.38 -36.28
C PRO S 114 -22.17 18.60 -37.32
N GLU S 115 -23.47 18.44 -37.06
CA GLU S 115 -24.44 17.80 -37.98
C GLU S 115 -25.09 18.93 -38.78
N VAL S 116 -24.71 19.08 -40.05
CA VAL S 116 -25.24 20.17 -40.93
C VAL S 116 -26.59 19.71 -41.48
N LEU S 117 -27.65 20.47 -41.20
CA LEU S 117 -29.05 20.08 -41.49
C LEU S 117 -29.49 20.64 -42.84
N THR S 118 -28.71 21.55 -43.43
CA THR S 118 -29.14 22.38 -44.59
C THR S 118 -28.26 22.12 -45.80
N PRO S 119 -28.74 22.47 -47.00
CA PRO S 119 -27.93 22.36 -48.22
C PRO S 119 -26.61 23.12 -48.07
N GLN S 120 -25.52 22.51 -48.48
CA GLN S 120 -24.14 23.03 -48.30
C GLN S 120 -23.82 24.03 -49.42
N LEU S 121 -24.59 25.11 -49.50
CA LEU S 121 -24.42 26.22 -50.47
C LEU S 121 -24.11 27.49 -49.68
N ALA S 122 -23.23 28.33 -50.23
CA ALA S 122 -22.98 29.70 -49.73
C ALA S 122 -23.46 30.69 -50.78
N ARG S 123 -23.71 31.92 -50.36
CA ARG S 123 -24.01 33.07 -51.25
C ARG S 123 -22.70 33.82 -51.50
N VAL S 124 -22.36 34.04 -52.76
CA VAL S 124 -21.18 34.87 -53.14
C VAL S 124 -21.69 36.16 -53.79
N VAL S 125 -21.30 37.30 -53.25
CA VAL S 125 -21.63 38.66 -53.78
C VAL S 125 -20.55 39.02 -54.81
N SER S 126 -20.90 39.86 -55.79
CA SER S 126 -20.01 40.25 -56.93
C SER S 126 -18.70 40.86 -56.43
N ASP S 127 -18.67 41.43 -55.22
CA ASP S 127 -17.45 42.03 -54.63
C ASP S 127 -16.58 40.97 -53.95
N GLY S 128 -17.03 39.71 -53.91
CA GLY S 128 -16.23 38.59 -53.36
C GLY S 128 -16.56 38.32 -51.90
N GLU S 129 -17.56 39.00 -51.35
CA GLU S 129 -18.10 38.67 -50.01
C GLU S 129 -18.83 37.33 -50.10
N VAL S 130 -18.55 36.43 -49.16
CA VAL S 130 -19.21 35.11 -49.04
C VAL S 130 -20.06 35.10 -47.78
N LEU S 131 -21.30 34.66 -47.90
CA LEU S 131 -22.25 34.46 -46.78
C LEU S 131 -22.59 32.97 -46.71
N TYR S 132 -22.13 32.29 -45.67
CA TYR S 132 -22.39 30.85 -45.44
C TYR S 132 -23.07 30.76 -44.08
N MET S 133 -24.29 30.22 -44.05
CA MET S 133 -25.09 30.10 -42.82
C MET S 133 -25.71 28.71 -42.76
N PRO S 134 -24.93 27.68 -42.38
CA PRO S 134 -25.49 26.35 -42.16
C PRO S 134 -26.32 26.33 -40.87
N SER S 135 -27.38 25.54 -40.86
CA SER S 135 -28.07 25.08 -39.62
C SER S 135 -27.31 23.86 -39.12
N ILE S 136 -26.84 23.94 -37.88
CA ILE S 136 -25.98 22.91 -37.24
C ILE S 136 -26.66 22.42 -35.97
N ARG S 137 -26.75 21.11 -35.82
CA ARG S 137 -27.05 20.45 -34.53
C ARG S 137 -25.73 19.91 -33.96
N GLN S 138 -25.42 20.27 -32.72
CA GLN S 138 -24.14 19.88 -32.08
C GLN S 138 -24.32 19.84 -30.56
N ARG S 139 -23.55 18.97 -29.90
CA ARG S 139 -23.56 18.78 -28.43
C ARG S 139 -22.32 19.44 -27.86
N PHE S 140 -22.44 20.12 -26.71
CA PHE S 140 -21.33 20.85 -26.06
C PHE S 140 -21.22 20.45 -24.58
N SER S 141 -19.99 20.49 -24.07
CA SER S 141 -19.64 20.51 -22.64
C SER S 141 -19.59 21.96 -22.18
N CYS S 142 -20.52 22.36 -21.32
CA CYS S 142 -20.63 23.74 -20.79
C CYS S 142 -21.47 23.76 -19.50
N ASP S 143 -21.50 24.91 -18.82
CA ASP S 143 -22.12 25.09 -17.49
C ASP S 143 -23.65 25.07 -17.65
N VAL S 144 -24.27 23.96 -17.25
CA VAL S 144 -25.75 23.76 -17.28
C VAL S 144 -26.35 24.08 -15.89
N SER S 145 -25.52 24.33 -14.88
CA SER S 145 -25.98 24.57 -13.48
C SER S 145 -26.92 25.78 -13.48
N GLY S 146 -28.08 25.64 -12.82
CA GLY S 146 -29.06 26.72 -12.62
C GLY S 146 -30.07 26.81 -13.75
N VAL S 147 -30.19 25.77 -14.56
CA VAL S 147 -31.09 25.73 -15.75
C VAL S 147 -32.55 25.84 -15.28
N ASP S 148 -32.87 25.31 -14.09
CA ASP S 148 -34.26 25.24 -13.56
C ASP S 148 -34.58 26.46 -12.68
N THR S 149 -33.63 27.40 -12.53
CA THR S 149 -33.80 28.64 -11.74
C THR S 149 -34.25 29.78 -12.66
N GLU S 150 -34.53 30.94 -12.07
CA GLU S 150 -35.03 32.15 -12.78
C GLU S 150 -33.86 32.84 -13.50
N SER S 151 -32.68 32.88 -12.86
CA SER S 151 -31.42 33.39 -13.46
C SER S 151 -30.99 32.51 -14.66
N GLY S 152 -31.29 31.22 -14.60
CA GLY S 152 -31.01 30.24 -15.67
C GLY S 152 -29.55 29.82 -15.72
N ALA S 153 -29.22 28.90 -16.62
CA ALA S 153 -27.83 28.47 -16.91
C ALA S 153 -27.18 29.45 -17.90
N THR S 154 -25.87 29.61 -17.83
CA THR S 154 -25.05 30.31 -18.84
C THR S 154 -24.07 29.29 -19.43
N CYS S 155 -24.36 28.82 -20.65
CA CYS S 155 -23.54 27.85 -21.43
C CYS S 155 -22.65 28.62 -22.42
N ARG S 156 -21.34 28.55 -22.25
CA ARG S 156 -20.35 29.26 -23.10
C ARG S 156 -19.86 28.31 -24.20
N ILE S 157 -20.03 28.71 -25.46
CA ILE S 157 -19.56 27.97 -26.67
C ILE S 157 -18.46 28.82 -27.32
N LYS S 158 -17.27 28.24 -27.51
CA LYS S 158 -16.09 28.94 -28.10
C LYS S 158 -15.87 28.43 -29.53
N ILE S 159 -15.93 29.32 -30.52
CA ILE S 159 -15.77 28.97 -31.95
C ILE S 159 -14.63 29.80 -32.55
N GLY S 160 -13.63 29.12 -33.13
CA GLY S 160 -12.53 29.77 -33.87
C GLY S 160 -11.95 28.84 -34.93
N SER S 161 -10.98 29.34 -35.69
CA SER S 161 -10.24 28.53 -36.69
C SER S 161 -9.51 27.41 -35.97
N TRP S 162 -9.54 26.20 -36.52
CA TRP S 162 -8.79 25.06 -35.94
C TRP S 162 -7.29 25.18 -36.24
N THR S 163 -6.90 25.68 -37.41
CA THR S 163 -5.46 25.63 -37.84
C THR S 163 -4.90 27.00 -38.22
N HIS S 164 -5.72 28.03 -38.36
CA HIS S 164 -5.23 29.38 -38.77
C HIS S 164 -5.18 30.29 -37.54
N HIS S 165 -4.00 30.83 -37.22
CA HIS S 165 -3.78 31.74 -36.06
C HIS S 165 -4.13 33.17 -36.46
N SER S 166 -4.01 34.12 -35.53
CA SER S 166 -4.47 35.53 -35.64
C SER S 166 -3.88 36.24 -36.88
N ARG S 167 -2.72 35.82 -37.37
CA ARG S 167 -2.06 36.46 -38.53
C ARG S 167 -2.73 36.03 -39.84
N GLU S 168 -3.55 34.97 -39.82
CA GLU S 168 -4.14 34.42 -41.07
C GLU S 168 -5.66 34.58 -41.05
N ILE S 169 -6.29 34.31 -39.92
CA ILE S 169 -7.76 34.51 -39.71
C ILE S 169 -7.97 35.35 -38.44
N SER S 170 -8.80 36.38 -38.53
CA SER S 170 -9.40 37.05 -37.35
C SER S 170 -10.88 36.70 -37.31
N VAL S 171 -11.41 36.45 -36.12
CA VAL S 171 -12.84 36.08 -35.95
C VAL S 171 -13.47 37.22 -35.14
N ASP S 172 -14.49 37.85 -35.68
CA ASP S 172 -15.19 39.00 -35.04
C ASP S 172 -16.66 38.61 -34.92
N PRO S 173 -17.31 38.87 -33.78
CA PRO S 173 -18.75 38.68 -33.67
C PRO S 173 -19.45 39.80 -34.48
N THR S 174 -20.61 39.52 -35.05
CA THR S 174 -21.55 40.61 -35.51
C THR S 174 -22.18 41.24 -34.27
N THR S 175 -23.52 41.34 -34.16
CA THR S 175 -24.27 41.96 -33.06
C THR S 175 -23.98 41.22 -31.75
N GLU S 176 -23.51 41.97 -30.73
CA GLU S 176 -22.83 41.45 -29.51
C GLU S 176 -23.86 40.94 -28.50
N ASN S 177 -24.96 41.69 -28.31
CA ASN S 177 -25.99 41.41 -27.28
C ASN S 177 -27.37 41.30 -27.97
N SER S 178 -28.10 40.23 -27.66
CA SER S 178 -29.47 39.95 -28.15
C SER S 178 -30.12 38.86 -27.29
N ASP S 179 -31.46 38.76 -27.34
CA ASP S 179 -32.26 37.71 -26.65
C ASP S 179 -32.57 36.58 -27.64
N ASP S 180 -32.23 36.74 -28.91
CA ASP S 180 -32.42 35.76 -30.01
C ASP S 180 -33.87 35.28 -30.08
N SER S 181 -34.83 36.16 -29.87
CA SER S 181 -36.27 35.83 -29.90
C SER S 181 -36.76 35.63 -31.35
N GLU S 182 -36.14 36.34 -32.29
CA GLU S 182 -36.55 36.31 -33.71
C GLU S 182 -36.39 34.90 -34.29
N TYR S 183 -35.37 34.15 -33.84
CA TYR S 183 -34.99 32.85 -34.47
C TYR S 183 -35.42 31.68 -33.59
N PHE S 184 -35.56 31.93 -32.26
CA PHE S 184 -35.68 30.76 -31.31
C PHE S 184 -37.09 30.18 -31.41
N SER S 185 -37.21 28.86 -31.38
CA SER S 185 -38.51 28.14 -31.45
C SER S 185 -39.36 28.47 -30.22
N GLN S 186 -40.59 28.95 -30.45
CA GLN S 186 -41.57 29.22 -29.36
C GLN S 186 -41.97 27.89 -28.70
N TYR S 187 -41.72 26.75 -29.36
CA TYR S 187 -42.23 25.42 -28.91
C TYR S 187 -41.17 24.67 -28.09
N SER S 188 -39.97 25.23 -27.93
CA SER S 188 -38.89 24.65 -27.09
C SER S 188 -39.40 24.57 -25.62
N ARG S 189 -38.99 23.55 -24.87
CA ARG S 189 -39.17 23.46 -23.40
C ARG S 189 -38.35 24.57 -22.71
N PHE S 190 -37.36 25.14 -23.43
CA PHE S 190 -36.46 26.17 -22.88
C PHE S 190 -36.82 27.52 -23.48
N GLU S 191 -36.35 28.58 -22.81
CA GLU S 191 -36.43 29.97 -23.33
C GLU S 191 -35.07 30.62 -23.14
N ILE S 192 -34.75 31.55 -24.03
CA ILE S 192 -33.47 32.29 -24.03
C ILE S 192 -33.69 33.59 -23.25
N LEU S 193 -32.87 33.81 -22.22
CA LEU S 193 -32.86 35.05 -21.42
C LEU S 193 -31.91 36.05 -22.11
N ASP S 194 -30.75 35.60 -22.54
CA ASP S 194 -29.73 36.47 -23.18
C ASP S 194 -28.71 35.63 -23.97
N VAL S 195 -28.23 36.19 -25.08
CA VAL S 195 -27.08 35.65 -25.86
C VAL S 195 -26.09 36.80 -26.03
N THR S 196 -24.89 36.66 -25.50
CA THR S 196 -23.79 37.63 -25.72
C THR S 196 -22.68 36.91 -26.49
N GLN S 197 -22.09 37.61 -27.45
CA GLN S 197 -21.05 37.05 -28.35
C GLN S 197 -19.89 38.04 -28.31
N LYS S 198 -18.76 37.62 -27.72
CA LYS S 198 -17.58 38.49 -27.52
C LYS S 198 -16.35 37.84 -28.14
N LYS S 199 -15.46 38.66 -28.71
CA LYS S 199 -14.15 38.23 -29.22
C LYS S 199 -13.27 37.82 -28.03
N ASN S 200 -12.50 36.76 -28.20
CA ASN S 200 -11.46 36.34 -27.24
C ASN S 200 -10.31 35.74 -28.05
N SER S 201 -9.26 35.27 -27.37
CA SER S 201 -8.09 34.58 -27.93
C SER S 201 -7.76 33.41 -26.99
N VAL S 202 -7.37 32.27 -27.54
CA VAL S 202 -6.87 31.11 -26.75
C VAL S 202 -5.43 30.85 -27.20
N THR S 203 -4.56 30.60 -26.22
CA THR S 203 -3.21 30.02 -26.42
C THR S 203 -3.15 28.77 -25.55
N TYR S 204 -2.69 27.64 -26.11
CA TYR S 204 -2.38 26.39 -25.39
C TYR S 204 -0.88 26.15 -25.47
N SER S 205 -0.32 25.41 -24.52
CA SER S 205 1.12 25.05 -24.41
C SER S 205 1.59 24.26 -25.65
N CYS S 206 0.69 23.51 -26.31
CA CYS S 206 0.96 22.71 -27.54
C CYS S 206 1.50 23.58 -28.67
N CYS S 207 0.97 24.80 -28.78
CA CYS S 207 0.90 25.57 -30.05
C CYS S 207 1.27 27.03 -29.77
N PRO S 208 2.41 27.52 -30.30
CA PRO S 208 2.99 28.80 -29.84
C PRO S 208 2.19 30.07 -30.22
N GLU S 209 1.21 29.94 -31.11
CA GLU S 209 0.43 31.05 -31.73
C GLU S 209 -0.85 31.30 -30.93
N ALA S 210 -1.45 32.48 -31.05
CA ALA S 210 -2.77 32.83 -30.48
C ALA S 210 -3.85 32.59 -31.55
N TYR S 211 -4.95 31.93 -31.15
CA TYR S 211 -6.11 31.62 -32.03
C TYR S 211 -7.28 32.48 -31.57
N GLU S 212 -7.78 33.33 -32.46
CA GLU S 212 -8.97 34.17 -32.19
C GLU S 212 -10.22 33.28 -32.20
N ASP S 213 -11.13 33.53 -31.25
CA ASP S 213 -12.42 32.84 -31.16
C ASP S 213 -13.50 33.87 -30.86
N VAL S 214 -14.75 33.47 -31.10
CA VAL S 214 -15.96 34.16 -30.56
C VAL S 214 -16.45 33.27 -29.42
N GLU S 215 -16.62 33.89 -28.25
CA GLU S 215 -17.22 33.25 -27.06
C GLU S 215 -18.70 33.61 -27.05
N VAL S 216 -19.57 32.61 -27.16
CA VAL S 216 -21.04 32.79 -27.21
C VAL S 216 -21.59 32.32 -25.86
N SER S 217 -22.13 33.25 -25.07
CA SER S 217 -22.76 32.96 -23.77
C SER S 217 -24.27 32.83 -23.96
N LEU S 218 -24.75 31.59 -23.86
CA LEU S 218 -26.19 31.26 -24.00
C LEU S 218 -26.79 31.20 -22.59
N ASN S 219 -27.47 32.26 -22.18
CA ASN S 219 -28.20 32.34 -20.89
C ASN S 219 -29.64 31.92 -21.17
N PHE S 220 -30.03 30.75 -20.67
CA PHE S 220 -31.33 30.10 -20.96
C PHE S 220 -31.84 29.39 -19.70
N ARG S 221 -33.13 29.03 -19.68
CA ARG S 221 -33.73 28.29 -18.54
C ARG S 221 -34.90 27.44 -19.05
N LYS S 222 -35.24 26.39 -18.30
CA LYS S 222 -36.47 25.58 -18.51
C LYS S 222 -37.69 26.49 -18.26
N LYS S 223 -38.77 26.29 -19.01
CA LYS S 223 -40.04 27.03 -18.82
C LYS S 223 -40.83 26.41 -17.65
N GLY S 224 -41.60 27.23 -16.95
CA GLY S 224 -42.70 26.80 -16.05
C GLY S 224 -43.83 26.09 -16.80
N ARG S 225 -44.74 25.41 -16.09
CA ARG S 225 -45.91 24.70 -16.69
C ARG S 225 -47.14 24.81 -15.78
N LEU T 20 7.67 32.85 -52.64
CA LEU T 20 6.51 31.97 -52.91
C LEU T 20 5.32 32.45 -52.08
N ASP T 21 4.10 32.38 -52.63
CA ASP T 21 2.87 32.67 -51.86
C ASP T 21 2.17 31.35 -51.49
N ARG T 22 1.14 31.44 -50.65
CA ARG T 22 0.38 30.27 -50.15
C ARG T 22 -0.14 29.43 -51.32
N ALA T 23 -0.72 30.08 -52.33
CA ALA T 23 -1.35 29.41 -53.48
C ALA T 23 -0.34 28.49 -54.17
N ASP T 24 0.90 28.97 -54.37
CA ASP T 24 1.97 28.21 -55.07
C ASP T 24 2.40 27.01 -54.20
N ILE T 25 2.60 27.23 -52.91
CA ILE T 25 3.05 26.16 -51.97
C ILE T 25 1.98 25.06 -51.94
N LEU T 26 0.72 25.44 -51.82
CA LEU T 26 -0.42 24.48 -51.71
C LEU T 26 -0.60 23.75 -53.04
N TYR T 27 -0.39 24.45 -54.17
CA TYR T 27 -0.41 23.82 -55.52
C TYR T 27 0.69 22.76 -55.59
N ASN T 28 1.92 23.13 -55.23
CA ASN T 28 3.11 22.23 -55.27
C ASN T 28 2.85 20.99 -54.41
N ILE T 29 2.35 21.18 -53.19
CA ILE T 29 2.07 20.05 -52.26
C ILE T 29 0.98 19.17 -52.88
N ARG T 30 -0.13 19.76 -53.35
CA ARG T 30 -1.24 18.96 -53.93
C ARG T 30 -0.72 18.14 -55.13
N GLN T 31 0.14 18.73 -55.97
CA GLN T 31 0.57 18.11 -57.24
C GLN T 31 1.60 17.00 -57.04
N THR T 32 2.43 17.08 -55.98
N THR T 32 2.33 16.97 -55.91
CA THR T 32 3.62 16.19 -55.83
CA THR T 32 3.52 16.08 -55.75
C THR T 32 3.57 15.39 -54.53
C THR T 32 3.60 15.21 -54.47
N SER T 33 2.57 15.64 -53.69
N SER T 33 2.79 15.43 -53.44
CA SER T 33 2.33 14.92 -52.44
CA SER T 33 3.12 15.07 -52.02
C SER T 33 1.91 13.52 -52.93
C SER T 33 3.13 13.56 -51.75
N ARG T 34 2.63 12.56 -52.44
N ARG T 34 2.44 12.74 -52.56
CA ARG T 34 2.48 11.08 -52.52
CA ARG T 34 2.47 11.25 -52.49
C ARG T 34 1.95 10.62 -51.17
C ARG T 34 1.97 10.75 -51.13
N PRO T 35 0.64 10.77 -50.89
CA PRO T 35 0.06 10.44 -49.60
C PRO T 35 0.18 8.97 -49.18
N ASP T 36 0.44 8.07 -50.12
CA ASP T 36 0.55 6.61 -49.87
C ASP T 36 2.00 6.26 -49.52
N VAL T 37 2.94 7.21 -49.60
CA VAL T 37 4.40 6.94 -49.47
C VAL T 37 4.92 7.48 -48.13
N ILE T 38 5.22 6.58 -47.20
CA ILE T 38 5.90 6.92 -45.92
C ILE T 38 7.19 7.65 -46.28
N PRO T 39 7.44 8.85 -45.75
CA PRO T 39 8.63 9.63 -46.13
C PRO T 39 9.88 9.23 -45.34
N THR T 40 10.30 7.96 -45.44
CA THR T 40 11.55 7.48 -44.83
C THR T 40 12.71 8.18 -45.53
N GLN T 41 13.74 8.58 -44.79
CA GLN T 41 14.99 9.15 -45.36
C GLN T 41 16.09 8.11 -45.14
N ARG T 42 16.83 7.78 -46.20
CA ARG T 42 18.00 6.88 -46.16
C ARG T 42 17.77 5.72 -45.19
N ASP T 43 16.65 5.02 -45.32
CA ASP T 43 16.36 3.73 -44.62
C ASP T 43 16.31 3.95 -43.10
N ARG T 44 16.05 5.18 -42.64
CA ARG T 44 15.84 5.48 -41.20
C ARG T 44 14.35 5.64 -40.98
N PRO T 45 13.80 5.20 -39.82
CA PRO T 45 12.36 5.24 -39.61
C PRO T 45 11.88 6.69 -39.57
N VAL T 46 10.61 6.91 -39.89
CA VAL T 46 9.94 8.22 -39.64
C VAL T 46 9.66 8.28 -38.15
N ALA T 47 10.21 9.29 -37.48
CA ALA T 47 9.99 9.56 -36.04
C ALA T 47 8.65 10.30 -35.90
N VAL T 48 7.65 9.63 -35.34
CA VAL T 48 6.31 10.21 -35.10
C VAL T 48 6.19 10.50 -33.59
N SER T 49 5.94 11.77 -33.24
CA SER T 49 5.62 12.17 -31.86
C SER T 49 4.11 12.20 -31.68
N VAL T 50 3.64 11.61 -30.59
CA VAL T 50 2.19 11.49 -30.25
C VAL T 50 2.02 11.91 -28.80
N SER T 51 1.08 12.79 -28.54
CA SER T 51 0.68 13.23 -27.18
C SER T 51 -0.82 13.49 -27.18
N LEU T 52 -1.56 12.81 -26.30
CA LEU T 52 -3.02 13.03 -26.12
C LEU T 52 -3.23 14.13 -25.09
N LYS T 53 -3.99 15.16 -25.45
CA LYS T 53 -4.49 16.23 -24.55
C LYS T 53 -5.95 15.91 -24.26
N PHE T 54 -6.27 15.44 -23.06
CA PHE T 54 -7.65 15.07 -22.70
C PHE T 54 -8.46 16.35 -22.53
N ILE T 55 -9.64 16.38 -23.14
CA ILE T 55 -10.56 17.56 -23.11
C ILE T 55 -11.75 17.20 -22.24
N ASN T 56 -12.22 15.96 -22.31
CA ASN T 56 -13.44 15.56 -21.60
C ASN T 56 -13.46 14.04 -21.42
N ILE T 57 -14.08 13.60 -20.33
CA ILE T 57 -14.47 12.19 -20.05
C ILE T 57 -15.99 12.21 -19.95
N LEU T 58 -16.68 11.61 -20.93
CA LEU T 58 -18.13 11.78 -21.15
C LEU T 58 -18.91 10.67 -20.44
N GLU T 59 -18.37 9.46 -20.43
CA GLU T 59 -19.07 8.28 -19.88
C GLU T 59 -18.01 7.28 -19.42
N VAL T 60 -18.30 6.64 -18.30
CA VAL T 60 -17.41 5.67 -17.62
C VAL T 60 -18.31 4.56 -17.09
N ASN T 61 -17.90 3.31 -17.24
CA ASN T 61 -18.69 2.15 -16.77
C ASN T 61 -17.74 1.19 -16.06
N GLU T 62 -17.84 1.15 -14.73
CA GLU T 62 -16.93 0.34 -13.86
C GLU T 62 -17.26 -1.14 -14.05
N ILE T 63 -18.51 -1.47 -14.42
CA ILE T 63 -18.97 -2.87 -14.66
C ILE T 63 -18.29 -3.39 -15.94
N THR T 64 -18.40 -2.66 -17.06
CA THR T 64 -17.94 -3.10 -18.41
C THR T 64 -16.46 -2.71 -18.64
N ASN T 65 -15.89 -1.84 -17.81
CA ASN T 65 -14.50 -1.32 -17.97
C ASN T 65 -14.39 -0.63 -19.34
N GLU T 66 -15.29 0.32 -19.59
CA GLU T 66 -15.33 1.14 -20.84
C GLU T 66 -15.34 2.61 -20.47
N VAL T 67 -14.58 3.42 -21.20
CA VAL T 67 -14.59 4.90 -21.08
C VAL T 67 -14.87 5.49 -22.47
N ASP T 68 -15.60 6.61 -22.48
CA ASP T 68 -15.88 7.44 -23.67
C ASP T 68 -15.20 8.79 -23.41
N VAL T 69 -14.21 9.13 -24.23
CA VAL T 69 -13.30 10.29 -23.98
C VAL T 69 -13.18 11.15 -25.24
N VAL T 70 -12.93 12.44 -25.05
CA VAL T 70 -12.55 13.41 -26.12
C VAL T 70 -11.14 13.87 -25.81
N PHE T 71 -10.24 13.77 -26.79
CA PHE T 71 -8.83 14.21 -26.67
C PHE T 71 -8.35 14.81 -27.99
N TRP T 72 -7.39 15.72 -27.89
CA TRP T 72 -6.62 16.22 -29.05
C TRP T 72 -5.40 15.32 -29.22
N GLN T 73 -5.27 14.68 -30.37
CA GLN T 73 -4.17 13.73 -30.67
C GLN T 73 -3.05 14.51 -31.38
N GLN T 74 -2.23 15.23 -30.62
CA GLN T 74 -1.10 16.02 -31.15
C GLN T 74 -0.09 15.04 -31.78
N THR T 75 0.09 15.14 -33.09
CA THR T 75 0.90 14.23 -33.91
C THR T 75 1.86 15.09 -34.75
N THR T 76 3.15 14.80 -34.69
CA THR T 76 4.18 15.52 -35.46
C THR T 76 5.15 14.51 -36.08
N TRP T 77 5.66 14.87 -37.26
CA TRP T 77 6.66 14.08 -38.00
C TRP T 77 7.20 15.00 -39.09
N SER T 78 8.26 14.56 -39.75
CA SER T 78 8.93 15.33 -40.82
C SER T 78 8.68 14.62 -42.16
N ASP T 79 8.32 15.38 -43.18
CA ASP T 79 8.28 14.93 -44.59
C ASP T 79 9.00 15.98 -45.42
N ARG T 80 10.26 15.72 -45.76
CA ARG T 80 11.17 16.66 -46.46
C ARG T 80 10.64 16.97 -47.87
N THR T 81 9.82 16.10 -48.46
CA THR T 81 9.25 16.31 -49.83
C THR T 81 8.27 17.49 -49.80
N LEU T 82 7.78 17.91 -48.62
CA LEU T 82 6.85 19.07 -48.49
C LEU T 82 7.61 20.39 -48.37
N ALA T 83 8.94 20.36 -48.11
CA ALA T 83 9.73 21.55 -47.72
C ALA T 83 9.76 22.58 -48.85
N TRP T 84 9.82 23.86 -48.50
CA TRP T 84 10.04 24.98 -49.46
C TRP T 84 10.98 26.01 -48.83
N ASN T 85 11.56 26.87 -49.66
CA ASN T 85 12.43 28.01 -49.25
C ASN T 85 11.54 29.06 -48.56
N SER T 86 11.74 29.27 -47.25
CA SER T 86 10.89 30.15 -46.40
C SER T 86 11.21 31.64 -46.64
N SER T 87 12.34 31.97 -47.30
CA SER T 87 12.72 33.39 -47.57
C SER T 87 11.61 34.06 -48.40
N HIS T 88 11.03 35.14 -47.87
CA HIS T 88 9.92 35.91 -48.50
C HIS T 88 8.73 35.00 -48.83
N SER T 89 8.46 34.03 -47.95
CA SER T 89 7.34 33.06 -48.09
C SER T 89 6.72 32.84 -46.72
N PRO T 90 5.49 32.28 -46.65
CA PRO T 90 4.93 31.83 -45.38
C PRO T 90 5.84 30.79 -44.71
N ASP T 91 5.87 30.79 -43.37
CA ASP T 91 6.60 29.77 -42.57
C ASP T 91 5.78 28.47 -42.50
N GLN T 92 4.45 28.57 -42.61
CA GLN T 92 3.50 27.46 -42.43
C GLN T 92 2.30 27.61 -43.34
N VAL T 93 1.71 26.50 -43.76
CA VAL T 93 0.39 26.48 -44.47
C VAL T 93 -0.49 25.39 -43.85
N SER T 94 -1.80 25.54 -44.00
CA SER T 94 -2.82 24.53 -43.65
C SER T 94 -3.10 23.68 -44.89
N VAL T 95 -2.99 22.36 -44.76
CA VAL T 95 -3.10 21.38 -45.87
C VAL T 95 -4.12 20.32 -45.48
N PRO T 96 -5.08 19.98 -46.36
CA PRO T 96 -5.99 18.87 -46.09
C PRO T 96 -5.16 17.59 -46.00
N ILE T 97 -5.46 16.71 -45.03
CA ILE T 97 -4.65 15.49 -44.78
C ILE T 97 -4.76 14.53 -45.96
N SER T 98 -5.80 14.63 -46.78
CA SER T 98 -5.92 13.82 -48.04
C SER T 98 -4.76 14.14 -48.98
N SER T 99 -4.09 15.29 -48.83
CA SER T 99 -2.92 15.67 -49.67
C SER T 99 -1.59 15.33 -49.01
N LEU T 100 -1.56 14.63 -47.87
CA LEU T 100 -0.31 14.30 -47.13
C LEU T 100 -0.27 12.82 -46.78
N TRP T 101 0.92 12.26 -46.68
CA TRP T 101 1.11 11.00 -45.92
C TRP T 101 0.84 11.32 -44.45
N VAL T 102 0.07 10.47 -43.79
CA VAL T 102 -0.25 10.57 -42.34
C VAL T 102 0.06 9.21 -41.70
N PRO T 103 0.64 9.18 -40.49
CA PRO T 103 0.88 7.92 -39.79
C PRO T 103 -0.41 7.12 -39.62
N ASP T 104 -0.36 5.82 -39.86
CA ASP T 104 -1.53 4.91 -39.69
C ASP T 104 -1.68 4.53 -38.21
N LEU T 105 -1.80 5.52 -37.32
CA LEU T 105 -1.90 5.28 -35.86
C LEU T 105 -3.27 4.67 -35.55
N ALA T 106 -3.29 3.73 -34.61
CA ALA T 106 -4.53 3.15 -34.06
C ALA T 106 -4.33 2.95 -32.55
N ALA T 107 -5.41 3.08 -31.80
CA ALA T 107 -5.51 2.70 -30.40
C ALA T 107 -5.82 1.20 -30.34
N TYR T 108 -4.88 0.40 -29.84
CA TYR T 108 -4.95 -1.08 -29.82
C TYR T 108 -6.13 -1.54 -28.95
N ASN T 109 -6.57 -0.74 -27.98
CA ASN T 109 -7.69 -1.09 -27.07
C ASN T 109 -8.93 -0.21 -27.33
N ALA T 110 -9.05 0.40 -28.51
CA ALA T 110 -10.27 1.14 -28.91
C ALA T 110 -11.40 0.14 -29.18
N ILE T 111 -12.62 0.49 -28.81
CA ILE T 111 -13.83 -0.36 -29.08
C ILE T 111 -14.84 0.44 -29.92
N SER T 112 -14.46 1.63 -30.42
CA SER T 112 -15.25 2.42 -31.39
C SER T 112 -14.28 3.04 -32.40
N LYS T 113 -14.81 3.39 -33.59
CA LYS T 113 -14.04 4.13 -34.63
C LYS T 113 -13.69 5.50 -34.04
N PRO T 114 -12.49 6.04 -34.30
CA PRO T 114 -12.21 7.43 -33.89
C PRO T 114 -13.18 8.36 -34.62
N GLU T 115 -13.95 9.14 -33.88
CA GLU T 115 -14.88 10.17 -34.41
C GLU T 115 -14.10 11.50 -34.41
N VAL T 116 -13.67 11.95 -35.58
CA VAL T 116 -12.89 13.22 -35.72
C VAL T 116 -13.88 14.38 -35.72
N LEU T 117 -13.75 15.30 -34.76
CA LEU T 117 -14.74 16.38 -34.51
C LEU T 117 -14.33 17.65 -35.25
N THR T 118 -13.11 17.70 -35.78
CA THR T 118 -12.49 18.95 -36.27
C THR T 118 -12.21 18.85 -37.77
N PRO T 119 -12.03 19.99 -38.45
CA PRO T 119 -11.60 19.99 -39.86
C PRO T 119 -10.31 19.18 -40.04
N GLN T 120 -10.27 18.36 -41.07
CA GLN T 120 -9.17 17.41 -41.36
C GLN T 120 -8.03 18.13 -42.09
N LEU T 121 -7.46 19.14 -41.44
CA LEU T 121 -6.31 19.94 -41.95
C LEU T 121 -5.13 19.71 -41.01
N ALA T 122 -3.94 19.64 -41.57
CA ALA T 122 -2.67 19.66 -40.82
C ALA T 122 -1.92 20.96 -41.14
N ARG T 123 -1.01 21.34 -40.26
CA ARG T 123 -0.08 22.47 -40.45
C ARG T 123 1.23 21.89 -41.00
N VAL T 124 1.70 22.42 -42.12
CA VAL T 124 3.03 22.06 -42.69
C VAL T 124 3.94 23.28 -42.55
N VAL T 125 5.10 23.08 -41.91
CA VAL T 125 6.17 24.10 -41.74
C VAL T 125 7.08 24.00 -42.97
N SER T 126 7.73 25.11 -43.34
CA SER T 126 8.58 25.23 -44.55
C SER T 126 9.71 24.19 -44.56
N ASP T 127 10.12 23.69 -43.40
CA ASP T 127 11.18 22.65 -43.29
C ASP T 127 10.60 21.24 -43.47
N GLY T 128 9.28 21.10 -43.64
CA GLY T 128 8.63 19.81 -43.92
C GLY T 128 8.12 19.14 -42.66
N GLU T 129 8.18 19.82 -41.51
CA GLU T 129 7.54 19.34 -40.27
C GLU T 129 6.02 19.46 -40.44
N VAL T 130 5.31 18.40 -40.09
CA VAL T 130 3.82 18.35 -40.13
C VAL T 130 3.32 18.30 -38.68
N LEU T 131 2.34 19.16 -38.38
CA LEU T 131 1.59 19.14 -37.11
C LEU T 131 0.13 18.83 -37.43
N TYR T 132 -0.33 17.64 -37.02
CA TYR T 132 -1.74 17.20 -37.18
C TYR T 132 -2.27 16.95 -35.78
N MET T 133 -3.32 17.68 -35.40
CA MET T 133 -3.93 17.59 -34.06
C MET T 133 -5.44 17.55 -34.21
N PRO T 134 -6.02 16.38 -34.57
CA PRO T 134 -7.48 16.27 -34.60
C PRO T 134 -8.01 16.17 -33.16
N SER T 135 -9.22 16.69 -32.94
CA SER T 135 -10.04 16.38 -31.76
C SER T 135 -10.81 15.10 -32.07
N ILE T 136 -10.63 14.09 -31.23
CA ILE T 136 -11.19 12.73 -31.43
C ILE T 136 -12.06 12.36 -30.22
N ARG T 137 -13.26 11.89 -30.48
CA ARG T 137 -14.09 11.17 -29.50
C ARG T 137 -13.99 9.68 -29.80
N GLN T 138 -13.62 8.88 -28.80
CA GLN T 138 -13.42 7.42 -28.97
C GLN T 138 -13.69 6.70 -27.63
N ARG T 139 -14.16 5.45 -27.71
CA ARG T 139 -14.46 4.57 -26.56
C ARG T 139 -13.33 3.55 -26.43
N PHE T 140 -12.90 3.25 -25.20
CA PHE T 140 -11.79 2.30 -24.93
C PHE T 140 -12.22 1.27 -23.88
N SER T 141 -11.66 0.08 -24.01
CA SER T 141 -11.63 -0.99 -22.98
C SER T 141 -10.37 -0.79 -22.14
N CYS T 142 -10.54 -0.42 -20.88
CA CYS T 142 -9.41 -0.15 -19.95
C CYS T 142 -9.88 -0.23 -18.49
N ASP T 143 -8.95 -0.19 -17.56
CA ASP T 143 -9.19 -0.39 -16.10
C ASP T 143 -9.90 0.83 -15.53
N VAL T 144 -11.20 0.70 -15.27
CA VAL T 144 -12.06 1.76 -14.69
C VAL T 144 -12.19 1.56 -13.17
N SER T 145 -11.66 0.45 -12.63
CA SER T 145 -11.76 0.11 -11.18
C SER T 145 -11.14 1.24 -10.36
N GLY T 146 -11.87 1.71 -9.33
CA GLY T 146 -11.38 2.71 -8.36
C GLY T 146 -11.69 4.14 -8.80
N VAL T 147 -12.60 4.30 -9.77
CA VAL T 147 -12.96 5.63 -10.34
C VAL T 147 -13.60 6.49 -9.26
N ASP T 148 -14.31 5.89 -8.30
CA ASP T 148 -15.08 6.60 -7.23
C ASP T 148 -14.22 6.77 -5.96
N THR T 149 -12.97 6.33 -5.98
CA THR T 149 -12.01 6.45 -4.85
C THR T 149 -11.17 7.72 -5.03
N GLU T 150 -10.33 8.02 -4.05
CA GLU T 150 -9.46 9.22 -4.00
C GLU T 150 -8.24 8.98 -4.90
N SER T 151 -7.70 7.77 -4.92
CA SER T 151 -6.59 7.33 -5.81
C SER T 151 -7.06 7.35 -7.28
N GLY T 152 -8.35 7.08 -7.52
CA GLY T 152 -8.98 7.12 -8.86
C GLY T 152 -8.65 5.90 -9.69
N ALA T 153 -9.22 5.81 -10.90
CA ALA T 153 -8.91 4.76 -11.90
C ALA T 153 -7.67 5.18 -12.70
N THR T 154 -6.91 4.20 -13.18
CA THR T 154 -5.84 4.40 -14.18
C THR T 154 -6.23 3.61 -15.43
N CYS T 155 -6.67 4.34 -16.47
CA CYS T 155 -7.09 3.81 -17.80
C CYS T 155 -5.91 3.97 -18.76
N ARG T 156 -5.36 2.85 -19.27
CA ARG T 156 -4.20 2.82 -20.19
C ARG T 156 -4.72 2.72 -21.62
N ILE T 157 -4.33 3.68 -22.47
CA ILE T 157 -4.63 3.73 -23.92
C ILE T 157 -3.32 3.53 -24.67
N LYS T 158 -3.24 2.51 -25.53
CA LYS T 158 -2.02 2.16 -26.29
C LYS T 158 -2.20 2.56 -27.75
N ILE T 159 -1.33 3.43 -28.26
CA ILE T 159 -1.43 4.00 -29.64
C ILE T 159 -0.11 3.72 -30.36
N GLY T 160 -0.17 3.03 -31.50
CA GLY T 160 0.99 2.80 -32.39
C GLY T 160 0.54 2.65 -33.85
N SER T 161 1.50 2.51 -34.76
CA SER T 161 1.26 2.26 -36.19
C SER T 161 0.55 0.91 -36.32
N TRP T 162 -0.47 0.82 -37.16
CA TRP T 162 -1.18 -0.45 -37.42
C TRP T 162 -0.34 -1.37 -38.30
N THR T 163 0.42 -0.85 -39.27
CA THR T 163 1.08 -1.70 -40.29
C THR T 163 2.58 -1.44 -40.41
N HIS T 164 3.12 -0.39 -39.81
CA HIS T 164 4.56 -0.05 -39.92
C HIS T 164 5.28 -0.48 -38.63
N HIS T 165 6.28 -1.35 -38.74
CA HIS T 165 7.09 -1.82 -37.59
C HIS T 165 8.24 -0.83 -37.36
N SER T 166 9.07 -1.11 -36.33
CA SER T 166 10.10 -0.20 -35.76
C SER T 166 11.08 0.32 -36.81
N ARG T 167 11.32 -0.43 -37.90
CA ARG T 167 12.29 -0.02 -38.93
C ARG T 167 11.68 1.07 -39.84
N GLU T 168 10.37 1.28 -39.81
CA GLU T 168 9.69 2.24 -40.73
C GLU T 168 9.10 3.41 -39.94
N ILE T 169 8.48 3.14 -38.80
CA ILE T 169 7.94 4.18 -37.89
C ILE T 169 8.47 3.92 -36.47
N SER T 170 8.97 4.97 -35.80
CA SER T 170 9.13 4.99 -34.33
C SER T 170 8.10 5.96 -33.75
N VAL T 171 7.49 5.60 -32.62
CA VAL T 171 6.47 6.45 -31.95
C VAL T 171 7.07 6.85 -30.61
N ASP T 172 7.20 8.16 -30.38
CA ASP T 172 7.80 8.72 -29.15
C ASP T 172 6.77 9.67 -28.55
N PRO T 173 6.58 9.67 -27.22
CA PRO T 173 5.75 10.66 -26.56
C PRO T 173 6.49 12.01 -26.59
N THR T 174 5.75 13.12 -26.67
CA THR T 174 6.25 14.51 -26.65
C THR T 174 6.47 14.82 -25.19
N SER T 178 1.26 14.93 -18.32
CA SER T 178 1.38 15.91 -17.19
C SER T 178 0.13 15.87 -16.31
N ASP T 179 -0.38 17.01 -15.81
CA ASP T 179 -1.60 17.08 -14.98
C ASP T 179 -2.82 17.39 -15.88
N ASP T 180 -2.58 17.82 -17.13
CA ASP T 180 -3.58 18.13 -18.16
C ASP T 180 -4.71 19.03 -17.63
N SER T 181 -4.37 20.00 -16.81
CA SER T 181 -5.33 21.06 -16.35
C SER T 181 -5.63 22.04 -17.51
N GLU T 182 -4.64 22.27 -18.35
CA GLU T 182 -4.68 23.37 -19.35
C GLU T 182 -5.80 23.10 -20.36
N TYR T 183 -6.07 21.83 -20.69
CA TYR T 183 -7.00 21.46 -21.79
C TYR T 183 -8.31 20.90 -21.23
N PHE T 184 -8.28 20.36 -19.99
CA PHE T 184 -9.43 19.51 -19.54
C PHE T 184 -10.61 20.42 -19.16
N SER T 185 -11.81 20.01 -19.51
CA SER T 185 -13.06 20.77 -19.23
C SER T 185 -13.29 20.83 -17.71
N GLN T 186 -13.46 22.04 -17.18
CA GLN T 186 -13.82 22.27 -15.75
C GLN T 186 -15.23 21.71 -15.47
N TYR T 187 -16.04 21.48 -16.51
CA TYR T 187 -17.48 21.12 -16.38
C TYR T 187 -17.69 19.61 -16.45
N SER T 188 -16.62 18.83 -16.66
CA SER T 188 -16.67 17.34 -16.59
C SER T 188 -17.12 16.90 -15.19
N ARG T 189 -17.86 15.80 -15.09
CA ARG T 189 -18.16 15.08 -13.82
C ARG T 189 -16.87 14.50 -13.24
N PHE T 190 -15.83 14.37 -14.07
CA PHE T 190 -14.54 13.75 -13.67
C PHE T 190 -13.47 14.83 -13.58
N GLU T 191 -12.36 14.49 -12.92
CA GLU T 191 -11.15 15.33 -12.86
C GLU T 191 -9.95 14.44 -13.11
N ILE T 192 -8.90 15.03 -13.68
CA ILE T 192 -7.66 14.32 -14.01
C ILE T 192 -6.68 14.52 -12.85
N LEU T 193 -6.17 13.41 -12.30
CA LEU T 193 -5.15 13.40 -11.23
C LEU T 193 -3.78 13.43 -11.90
N ASP T 194 -3.58 12.62 -12.94
CA ASP T 194 -2.29 12.54 -13.66
C ASP T 194 -2.47 11.89 -15.04
N VAL T 195 -1.67 12.35 -16.00
CA VAL T 195 -1.52 11.69 -17.33
C VAL T 195 -0.03 11.44 -17.56
N THR T 196 0.37 10.18 -17.68
CA THR T 196 1.74 9.81 -18.05
C THR T 196 1.70 9.13 -19.43
N GLN T 197 2.67 9.48 -20.27
CA GLN T 197 2.78 8.97 -21.67
C GLN T 197 4.17 8.40 -21.80
N LYS T 198 4.29 7.09 -21.96
CA LYS T 198 5.59 6.38 -22.00
C LYS T 198 5.67 5.54 -23.28
N LYS T 199 6.84 5.45 -23.88
CA LYS T 199 7.12 4.54 -25.00
C LYS T 199 7.08 3.10 -24.49
N ASN T 200 6.49 2.19 -25.27
CA ASN T 200 6.42 0.76 -24.94
C ASN T 200 6.50 0.01 -26.26
N SER T 201 6.48 -1.34 -26.20
CA SER T 201 6.44 -2.25 -27.35
C SER T 201 5.38 -3.32 -27.06
N VAL T 202 4.65 -3.73 -28.09
CA VAL T 202 3.76 -4.92 -28.02
C VAL T 202 4.26 -5.95 -29.05
N THR T 203 4.27 -7.22 -28.66
CA THR T 203 4.45 -8.37 -29.59
C THR T 203 3.21 -9.27 -29.48
N TYR T 204 2.63 -9.65 -30.61
CA TYR T 204 1.55 -10.66 -30.68
C TYR T 204 2.09 -11.88 -31.44
N SER T 205 1.51 -13.05 -31.13
CA SER T 205 1.83 -14.36 -31.74
C SER T 205 1.58 -14.32 -33.26
N CYS T 206 0.66 -13.48 -33.76
CA CYS T 206 0.30 -13.35 -35.21
C CYS T 206 1.53 -12.95 -36.02
N CYS T 207 2.38 -12.10 -35.44
CA CYS T 207 3.25 -11.14 -36.17
C CYS T 207 4.66 -11.17 -35.56
N PRO T 208 5.68 -11.53 -36.38
CA PRO T 208 7.04 -11.73 -35.86
C PRO T 208 7.76 -10.46 -35.40
N GLU T 209 7.23 -9.27 -35.73
CA GLU T 209 7.89 -7.97 -35.37
C GLU T 209 7.33 -7.47 -34.04
N ALA T 210 8.11 -6.65 -33.33
CA ALA T 210 7.68 -5.80 -32.19
C ALA T 210 7.20 -4.43 -32.71
N TYR T 211 6.03 -3.98 -32.23
CA TYR T 211 5.37 -2.73 -32.63
C TYR T 211 5.52 -1.71 -31.49
N GLU T 212 6.11 -0.58 -31.83
CA GLU T 212 6.31 0.53 -30.88
C GLU T 212 4.95 1.22 -30.70
N ASP T 213 4.64 1.56 -29.44
CA ASP T 213 3.41 2.29 -29.09
C ASP T 213 3.78 3.34 -28.06
N VAL T 214 2.89 4.30 -27.87
CA VAL T 214 2.87 5.21 -26.70
C VAL T 214 1.73 4.70 -25.81
N GLU T 215 2.07 4.42 -24.54
CA GLU T 215 1.11 4.02 -23.50
C GLU T 215 0.72 5.28 -22.74
N VAL T 216 -0.56 5.64 -22.79
CA VAL T 216 -1.09 6.86 -22.13
C VAL T 216 -1.88 6.40 -20.92
N SER T 217 -1.40 6.70 -19.72
CA SER T 217 -2.03 6.31 -18.44
C SER T 217 -2.84 7.50 -17.94
N LEU T 218 -4.16 7.39 -18.03
CA LEU T 218 -5.12 8.45 -17.62
C LEU T 218 -5.58 8.10 -16.20
N ASN T 219 -5.00 8.78 -15.21
CA ASN T 219 -5.37 8.63 -13.78
C ASN T 219 -6.40 9.72 -13.50
N PHE T 220 -7.65 9.32 -13.28
CA PHE T 220 -8.81 10.23 -13.14
C PHE T 220 -9.78 9.66 -12.10
N ARG T 221 -10.71 10.49 -11.62
CA ARG T 221 -11.75 10.04 -10.65
C ARG T 221 -13.00 10.92 -10.80
N LYS T 222 -14.15 10.40 -10.35
CA LYS T 222 -15.41 11.18 -10.24
C LYS T 222 -15.20 12.29 -9.20
N LYS T 223 -15.81 13.46 -9.42
CA LYS T 223 -15.60 14.64 -8.53
C LYS T 223 -16.48 14.53 -7.28
N GLY T 224 -15.97 15.05 -6.15
CA GLY T 224 -16.75 15.32 -4.93
C GLY T 224 -17.82 16.38 -5.19
N ARG T 225 -18.95 16.34 -4.47
CA ARG T 225 -20.11 17.25 -4.66
C ARG T 225 -20.30 18.11 -3.42
C1 NAG U . 5.96 -23.26 4.16
C2 NAG U . 5.68 -24.73 4.49
C3 NAG U . 4.20 -25.05 4.16
C4 NAG U . 3.26 -24.09 4.90
C5 NAG U . 3.59 -22.67 4.42
C6 NAG U . 2.65 -21.57 4.97
C7 NAG U . 7.37 -26.49 4.29
C8 NAG U . 8.19 -27.30 3.34
N2 NAG U . 6.55 -25.61 3.73
O3 NAG U . 3.90 -26.42 4.50
O4 NAG U . 1.89 -24.43 4.68
O5 NAG U . 4.96 -22.42 4.80
O6 NAG U . 2.93 -21.27 6.34
O7 NAG U . 7.45 -26.63 5.50
N1 WCW V . 48.59 21.20 -1.42
C1 WCW V . 49.54 21.93 -2.34
C2 WCW V . 48.88 23.31 -2.64
O1 WCW V . 49.25 24.27 -2.00
O2 WCW V . 48.03 23.43 -3.50
C3 WCW V . 50.90 22.11 -1.64
C4 WCW V . 51.94 22.69 -2.60
N2 WCW V . 52.08 21.86 -3.83
C5 WCW V . 53.31 21.37 -4.31
C6 WCW V . 53.36 20.58 -5.46
C7 WCW V . 54.58 20.14 -5.94
C8 WCW V . 55.75 20.46 -5.30
C9 WCW V . 55.71 21.23 -4.17
C10 WCW V . 54.50 21.70 -3.68
C11 WCW V . 50.78 21.64 -4.52
C12 WCW V . 49.77 21.03 -3.57
C1 NAG W . 63.21 -1.43 28.60
C2 NAG W . 62.03 -1.04 29.52
C3 NAG W . 62.61 -0.21 30.67
C4 NAG W . 63.68 -1.05 31.38
C5 NAG W . 64.78 -1.49 30.42
C6 NAG W . 65.85 -2.35 31.13
C7 NAG W . 59.64 -0.74 28.75
C8 NAG W . 58.79 0.06 27.78
N2 NAG W . 60.95 -0.38 28.76
O3 NAG W . 61.57 0.22 31.56
O4 NAG W . 64.30 -0.35 32.45
O5 NAG W . 64.19 -2.19 29.32
O6 NAG W . 65.26 -3.24 32.08
O7 NAG W . 59.14 -1.63 29.45
C1 NAG X . 14.42 -31.16 4.36
C2 NAG X . 14.06 -30.81 2.92
C3 NAG X . 13.50 -32.05 2.22
C4 NAG X . 14.63 -33.09 2.13
C5 NAG X . 15.11 -33.44 3.54
C6 NAG X . 16.35 -34.35 3.52
C7 NAG X . 13.42 -28.58 2.09
C8 NAG X . 12.27 -27.65 1.86
N2 NAG X . 13.14 -29.69 2.79
O3 NAG X . 12.99 -31.75 0.92
O4 NAG X . 14.21 -34.26 1.43
O5 NAG X . 15.38 -32.25 4.33
O6 NAG X . 17.56 -33.65 3.17
O7 NAG X . 14.53 -28.34 1.64
N1 WCW Y . 16.23 23.69 39.39
C1 WCW Y . 16.73 23.12 38.10
C2 WCW Y . 15.53 22.30 37.57
O1 WCW Y . 14.80 21.85 38.43
O2 WCW Y . 15.31 22.16 36.38
C3 WCW Y . 17.18 24.28 37.18
C4 WCW Y . 17.89 23.80 35.93
N2 WCW Y . 18.96 22.82 36.21
C5 WCW Y . 20.19 22.82 35.55
C6 WCW Y . 21.38 23.04 36.24
C7 WCW Y . 22.59 22.99 35.57
C8 WCW Y . 22.62 22.74 34.21
C9 WCW Y . 21.45 22.52 33.53
C10 WCW Y . 20.24 22.56 34.19
C11 WCW Y . 18.57 21.72 37.12
C12 WCW Y . 17.95 22.24 38.39
N1 WCW Z . 41.03 -19.05 45.91
C1 WCW Z . 40.30 -20.28 45.46
C2 WCW Z . 40.50 -21.23 46.67
O1 WCW Z . 39.84 -21.01 47.64
O2 WCW Z . 41.36 -22.11 46.62
C3 WCW Z . 38.84 -19.92 45.13
C4 WCW Z . 38.10 -20.93 44.26
N2 WCW Z . 38.90 -21.34 43.08
C5 WCW Z . 38.43 -21.31 41.74
C6 WCW Z . 38.71 -22.36 40.86
C7 WCW Z . 38.25 -22.31 39.55
C8 WCW Z . 37.55 -21.22 39.09
C9 WCW Z . 37.25 -20.20 39.96
C10 WCW Z . 37.71 -20.21 41.26
C11 WCW Z . 40.19 -21.89 43.48
C12 WCW Z . 41.00 -20.82 44.20
C1 NAG AA . 62.93 8.09 24.99
C2 NAG AA . 63.93 6.98 24.75
C3 NAG AA . 65.33 7.56 25.01
C4 NAG AA . 65.57 8.90 24.28
C5 NAG AA . 64.35 9.87 24.27
C6 NAG AA . 64.57 11.00 23.23
C7 NAG AA . 63.40 4.60 25.34
C8 NAG AA . 63.78 4.11 23.97
N2 NAG AA . 63.56 5.89 25.66
O3 NAG AA . 66.34 6.64 24.59
O4 NAG AA . 66.75 9.51 24.85
O5 NAG AA . 63.13 9.14 24.02
O6 NAG AA . 63.51 11.98 23.16
O7 NAG AA . 62.93 3.85 26.17
C1 NAG BA . 51.86 -30.20 19.69
C2 NAG BA . 51.41 -31.10 18.52
C3 NAG BA . 52.47 -32.18 18.24
C4 NAG BA . 53.87 -31.56 18.09
C5 NAG BA . 54.17 -30.76 19.36
C6 NAG BA . 55.59 -30.18 19.43
C7 NAG BA . 48.96 -31.13 18.79
C8 NAG BA . 47.80 -31.97 19.24
N2 NAG BA . 50.15 -31.76 18.82
O3 NAG BA . 52.11 -32.90 17.05
O4 NAG BA . 54.85 -32.59 17.86
O5 NAG BA . 53.19 -29.70 19.48
O6 NAG BA . 55.96 -29.50 18.23
O7 NAG BA . 48.85 -29.96 18.44
C1 NAG CA . -85.67 5.25 26.38
C2 NAG CA . -86.86 4.27 26.25
C3 NAG CA . -88.18 4.71 26.95
C4 NAG CA . -88.08 5.98 27.85
C5 NAG CA . -87.08 6.99 27.28
C6 NAG CA . -87.03 8.36 28.01
C7 NAG CA . -87.70 4.38 23.79
C8 NAG CA . -88.80 5.41 23.93
N2 NAG CA . -86.97 3.89 24.83
O3 NAG CA . -88.60 3.59 27.74
O4 NAG CA . -89.37 6.57 28.02
O5 NAG CA . -85.82 6.33 27.33
O6 NAG CA . -86.44 8.28 29.31
O7 NAG CA . -87.44 4.00 22.66
C1 NAG DA . -74.47 -34.00 24.09
C2 NAG DA . -74.20 -35.03 25.17
C3 NAG DA . -75.03 -36.29 24.88
C4 NAG DA . -76.48 -36.00 24.43
C5 NAG DA . -76.72 -34.66 23.70
C6 NAG DA . -78.16 -34.20 23.91
C7 NAG DA . -71.95 -34.82 26.19
C8 NAG DA . -70.49 -34.68 25.86
N2 NAG DA . -72.74 -35.20 25.17
O3 NAG DA . -75.12 -37.08 26.07
O4 NAG DA . -76.89 -37.04 23.55
O5 NAG DA . -75.83 -33.61 24.13
O6 NAG DA . -78.39 -33.91 25.30
O7 NAG DA . -72.36 -34.53 27.30
C1 NAG EA . -38.89 -38.40 42.44
C2 NAG EA . -38.04 -38.49 43.70
C3 NAG EA . -38.10 -39.92 44.34
C4 NAG EA . -39.43 -40.69 44.15
C5 NAG EA . -39.92 -40.57 42.70
C6 NAG EA . -41.19 -41.34 42.28
C7 NAG EA . -35.49 -38.30 43.69
C8 NAG EA . -34.38 -37.58 42.99
N2 NAG EA . -36.73 -37.96 43.29
O3 NAG EA . -37.86 -39.84 45.76
O4 NAG EA . -39.25 -42.06 44.52
O5 NAG EA . -40.11 -39.17 42.51
O6 NAG EA . -42.36 -41.12 43.08
O7 NAG EA . -35.25 -39.12 44.56
C1 NAG FA . -27.68 -1.73 56.64
C2 NAG FA . -28.37 -0.88 57.71
C3 NAG FA . -27.95 -1.16 59.16
C4 NAG FA . -27.75 -2.65 59.42
C5 NAG FA . -26.75 -3.19 58.42
C6 NAG FA . -26.35 -4.65 58.71
C7 NAG FA . -29.07 1.45 57.64
C8 NAG FA . -28.71 2.87 57.33
N2 NAG FA . -28.14 0.53 57.42
O3 NAG FA . -28.95 -0.66 60.07
O4 NAG FA . -27.31 -2.85 60.77
O5 NAG FA . -27.31 -3.06 57.10
O6 NAG FA . -27.27 -5.37 59.55
O7 NAG FA . -30.18 1.15 58.07
C1 NAG GA . -58.34 23.79 45.62
C2 NAG GA . -59.49 22.78 45.68
C3 NAG GA . -60.83 23.56 45.72
C4 NAG GA . -60.80 24.91 46.46
C5 NAG GA . -59.42 25.60 46.63
C6 NAG GA . -59.36 26.54 47.84
C7 NAG GA . -59.16 20.45 44.81
C8 NAG GA . -59.41 19.54 43.63
N2 NAG GA . -59.54 21.74 44.63
O3 NAG GA . -61.83 22.73 46.34
O4 NAG GA . -61.66 25.79 45.73
O5 NAG GA . -58.38 24.64 46.77
O6 NAG GA . -58.81 27.82 47.48
O7 NAG GA . -58.66 20.02 45.85
C1 NAG HA . -17.82 -16.80 -80.14
C2 NAG HA . -18.21 -16.16 -81.50
C3 NAG HA . -18.11 -17.24 -82.59
C4 NAG HA . -16.73 -17.90 -82.58
C5 NAG HA . -16.51 -18.56 -81.22
C6 NAG HA . -15.18 -19.31 -81.15
C7 NAG HA . -19.86 -14.26 -81.45
C8 NAG HA . -21.25 -13.88 -81.89
N2 NAG HA . -19.55 -15.57 -81.59
O3 NAG HA . -18.36 -16.65 -83.85
O4 NAG HA . -16.62 -18.87 -83.63
O5 NAG HA . -16.57 -17.53 -80.22
O6 NAG HA . -14.08 -18.40 -81.14
O7 NAG HA . -19.08 -13.40 -81.06
C1 NAG IA . -38.44 17.29 -84.02
C2 NAG IA . -38.25 18.65 -84.71
C3 NAG IA . -38.91 18.74 -86.10
C4 NAG IA . -38.84 17.45 -86.90
C5 NAG IA . -39.29 16.28 -86.03
C6 NAG IA . -39.47 14.98 -86.83
C7 NAG IA . -38.18 20.87 -83.60
C8 NAG IA . -38.81 21.75 -82.57
N2 NAG IA . -38.76 19.69 -83.80
O3 NAG IA . -38.27 19.74 -86.88
O4 NAG IA . -39.63 17.59 -88.10
O5 NAG IA . -38.35 16.18 -84.95
O6 NAG IA . -38.25 14.56 -87.49
O7 NAG IA . -37.18 21.22 -84.20
C1 NAG JA . 16.52 30.41 -50.72
C2 NAG JA . 17.93 29.84 -50.84
C3 NAG JA . 18.82 30.78 -49.99
C4 NAG JA . 18.67 32.24 -50.49
C5 NAG JA . 17.23 32.67 -50.88
C6 NAG JA . 17.22 33.91 -51.80
C7 NAG JA . 18.45 27.46 -51.25
C8 NAG JA . 18.54 26.10 -50.61
N2 NAG JA . 18.03 28.44 -50.44
O3 NAG JA . 20.21 30.40 -49.94
O4 NAG JA . 19.14 33.12 -49.47
O5 NAG JA . 16.51 31.60 -51.52
O6 NAG JA . 16.11 34.78 -51.53
O7 NAG JA . 18.77 27.62 -52.41
#